data_2L5L
#
_entry.id   2L5L
#
_entity_poly.entity_id   1
_entity_poly.type   'polypeptide(L)'
_entity_poly.pdbx_seq_one_letter_code
;MSLATEGNGKVIHLTKAEFLAKVYNFEKNPEEWKYEGDKPAIVDFYADWCGPCKMVAPILDELAKEYDGQIVIYKVDTEK
EQELAGAFGIRSIPSILFIPMEGKPEMAQGAMPKASFKKAIDEFLLKKEGHHHHHH
;
_entity_poly.pdbx_strand_id   A
#
# COMPACT_ATOMS: atom_id res chain seq x y z
N MET A 1 5.21 -18.65 -20.59
CA MET A 1 6.29 -18.08 -19.75
C MET A 1 5.76 -17.70 -18.38
N SER A 2 4.79 -16.81 -18.33
CA SER A 2 4.23 -16.35 -17.07
C SER A 2 2.90 -17.04 -16.78
N LEU A 3 2.98 -18.27 -16.26
CA LEU A 3 1.80 -19.03 -15.89
C LEU A 3 1.52 -18.89 -14.41
N ALA A 4 2.59 -18.79 -13.62
CA ALA A 4 2.48 -18.64 -12.19
C ALA A 4 3.69 -17.89 -11.65
N THR A 5 3.61 -16.57 -11.65
CA THR A 5 4.72 -15.73 -11.21
C THR A 5 4.41 -15.07 -9.87
N GLU A 6 3.44 -15.63 -9.15
CA GLU A 6 3.00 -15.10 -7.87
C GLU A 6 2.56 -13.64 -8.04
N GLY A 7 3.02 -12.76 -7.16
CA GLY A 7 2.67 -11.35 -7.26
C GLY A 7 1.30 -11.06 -6.66
N ASN A 8 0.29 -11.72 -7.17
CA ASN A 8 -1.06 -11.60 -6.64
C ASN A 8 -1.12 -12.30 -5.30
N GLY A 9 -1.72 -11.65 -4.30
CA GLY A 9 -1.74 -12.22 -2.96
C GLY A 9 -0.36 -12.22 -2.34
N LYS A 10 0.47 -11.27 -2.74
CA LYS A 10 1.83 -11.18 -2.26
C LYS A 10 2.18 -9.74 -1.92
N VAL A 11 3.36 -9.53 -1.34
CA VAL A 11 3.85 -8.20 -1.05
C VAL A 11 5.21 -7.98 -1.74
N ILE A 12 5.21 -7.16 -2.77
CA ILE A 12 6.42 -6.91 -3.55
C ILE A 12 6.96 -5.50 -3.31
N HIS A 13 8.26 -5.40 -3.05
CA HIS A 13 8.88 -4.08 -2.90
C HIS A 13 9.34 -3.57 -4.25
N LEU A 14 8.94 -2.36 -4.58
CA LEU A 14 9.16 -1.81 -5.91
C LEU A 14 9.81 -0.44 -5.85
N THR A 15 10.06 0.13 -7.02
CA THR A 15 10.63 1.46 -7.14
C THR A 15 9.55 2.46 -7.53
N LYS A 16 9.90 3.75 -7.57
CA LYS A 16 8.96 4.79 -7.97
C LYS A 16 8.55 4.62 -9.42
N ALA A 17 9.42 4.01 -10.21
CA ALA A 17 9.10 3.69 -11.61
C ALA A 17 7.98 2.67 -11.69
N GLU A 18 8.04 1.69 -10.79
CA GLU A 18 7.04 0.64 -10.71
C GLU A 18 5.75 1.21 -10.13
N PHE A 19 5.92 2.16 -9.23
CA PHE A 19 4.83 2.91 -8.66
C PHE A 19 4.08 3.63 -9.75
N LEU A 20 4.85 4.37 -10.51
CA LEU A 20 4.35 5.16 -11.61
C LEU A 20 3.40 4.37 -12.49
N ALA A 21 3.91 3.29 -13.06
CA ALA A 21 3.21 2.53 -14.09
C ALA A 21 1.93 1.87 -13.59
N LYS A 22 2.00 1.17 -12.46
CA LYS A 22 0.87 0.33 -12.04
C LYS A 22 0.08 0.97 -10.90
N VAL A 23 0.51 2.11 -10.42
CA VAL A 23 -0.12 2.70 -9.25
C VAL A 23 -0.50 4.16 -9.46
N TYR A 24 0.45 4.99 -9.88
CA TYR A 24 0.26 6.43 -9.77
C TYR A 24 1.30 7.21 -10.58
N ASN A 25 0.82 8.07 -11.46
CA ASN A 25 1.71 8.85 -12.32
C ASN A 25 1.99 10.21 -11.70
N PHE A 26 3.07 10.33 -10.91
CA PHE A 26 3.44 11.62 -10.32
C PHE A 26 4.18 12.50 -11.32
N GLU A 27 4.12 12.11 -12.59
CA GLU A 27 4.68 12.91 -13.66
C GLU A 27 3.58 13.78 -14.25
N LYS A 28 2.49 13.11 -14.61
CA LYS A 28 1.32 13.78 -15.16
C LYS A 28 0.46 14.30 -14.02
N ASN A 29 0.59 13.67 -12.85
CA ASN A 29 -0.16 14.07 -11.66
C ASN A 29 0.79 14.42 -10.53
N PRO A 30 1.51 15.54 -10.68
CA PRO A 30 2.35 16.11 -9.64
C PRO A 30 1.57 16.39 -8.36
N GLU A 31 0.34 16.85 -8.52
CA GLU A 31 -0.48 17.28 -7.40
C GLU A 31 -1.56 16.25 -7.05
N GLU A 32 -2.21 15.69 -8.07
CA GLU A 32 -3.33 14.81 -7.82
C GLU A 32 -2.92 13.34 -7.81
N TRP A 33 -3.89 12.48 -7.55
CA TRP A 33 -3.65 11.05 -7.45
C TRP A 33 -4.56 10.28 -8.40
N LYS A 34 -3.97 9.74 -9.44
CA LYS A 34 -4.70 8.85 -10.33
C LYS A 34 -4.17 7.44 -10.16
N TYR A 35 -5.01 6.57 -9.63
CA TYR A 35 -4.63 5.18 -9.39
C TYR A 35 -4.75 4.37 -10.68
N GLU A 36 -3.65 3.72 -11.06
CA GLU A 36 -3.59 2.92 -12.28
C GLU A 36 -3.74 1.43 -11.99
N GLY A 37 -4.06 1.10 -10.74
CA GLY A 37 -4.19 -0.29 -10.34
C GLY A 37 -5.57 -0.84 -10.57
N ASP A 38 -5.66 -2.14 -10.82
CA ASP A 38 -6.93 -2.80 -11.09
C ASP A 38 -7.54 -3.35 -9.81
N LYS A 39 -6.68 -3.74 -8.87
CA LYS A 39 -7.12 -4.25 -7.58
C LYS A 39 -6.68 -3.29 -6.47
N PRO A 40 -7.39 -3.29 -5.32
CA PRO A 40 -7.00 -2.50 -4.15
C PRO A 40 -5.58 -2.85 -3.71
N ALA A 41 -4.77 -1.83 -3.47
CA ALA A 41 -3.37 -2.04 -3.14
C ALA A 41 -3.05 -1.53 -1.75
N ILE A 42 -2.02 -2.10 -1.17
CA ILE A 42 -1.52 -1.69 0.12
C ILE A 42 -0.01 -1.43 0.02
N VAL A 43 0.39 -0.18 0.10
CA VAL A 43 1.80 0.16 -0.08
C VAL A 43 2.48 0.37 1.27
N ASP A 44 3.42 -0.50 1.58
CA ASP A 44 4.19 -0.40 2.80
C ASP A 44 5.45 0.41 2.57
N PHE A 45 5.54 1.57 3.20
CA PHE A 45 6.77 2.33 3.22
C PHE A 45 7.64 1.82 4.36
N TYR A 46 8.74 1.17 4.02
CA TYR A 46 9.60 0.58 5.03
C TYR A 46 11.06 0.95 4.79
N ALA A 47 11.83 0.85 5.86
CA ALA A 47 13.27 0.97 5.79
C ALA A 47 13.88 -0.24 6.48
N ASP A 48 14.81 -0.91 5.81
CA ASP A 48 15.29 -2.20 6.30
C ASP A 48 15.99 -2.06 7.65
N TRP A 49 16.58 -0.91 7.90
CA TRP A 49 17.30 -0.67 9.15
C TRP A 49 16.32 -0.43 10.32
N CYS A 50 15.03 -0.42 10.04
CA CYS A 50 14.03 -0.21 11.07
C CYS A 50 13.36 -1.52 11.45
N GLY A 51 13.34 -1.81 12.76
CA GLY A 51 12.75 -3.04 13.27
C GLY A 51 11.30 -3.24 12.84
N PRO A 52 10.38 -2.33 13.22
CA PRO A 52 8.98 -2.39 12.78
C PRO A 52 8.84 -2.62 11.28
N CYS A 53 9.58 -1.85 10.50
CA CYS A 53 9.56 -1.93 9.05
C CYS A 53 9.89 -3.36 8.56
N LYS A 54 10.70 -4.07 9.33
CA LYS A 54 11.00 -5.46 9.03
C LYS A 54 9.81 -6.36 9.35
N MET A 55 9.15 -6.13 10.49
CA MET A 55 8.06 -6.99 10.95
C MET A 55 6.92 -7.02 9.95
N VAL A 56 6.63 -5.87 9.37
CA VAL A 56 5.44 -5.71 8.53
C VAL A 56 5.51 -6.58 7.27
N ALA A 57 6.71 -6.84 6.76
CA ALA A 57 6.87 -7.66 5.57
C ALA A 57 6.27 -9.07 5.74
N PRO A 58 6.68 -9.87 6.76
CA PRO A 58 6.03 -11.16 7.04
C PRO A 58 4.54 -11.03 7.32
N ILE A 59 4.16 -9.98 8.05
CA ILE A 59 2.75 -9.74 8.35
C ILE A 59 1.97 -9.52 7.06
N LEU A 60 2.51 -8.64 6.24
CA LEU A 60 1.92 -8.28 4.96
C LEU A 60 1.87 -9.47 4.01
N ASP A 61 2.91 -10.31 4.05
CA ASP A 61 2.95 -11.52 3.23
C ASP A 61 1.81 -12.45 3.65
N GLU A 62 1.64 -12.58 4.95
CA GLU A 62 0.57 -13.39 5.52
C GLU A 62 -0.80 -12.91 5.06
N LEU A 63 -1.09 -11.64 5.30
CA LEU A 63 -2.40 -11.06 4.99
C LEU A 63 -2.64 -11.03 3.49
N ALA A 64 -1.58 -10.82 2.72
CA ALA A 64 -1.68 -10.81 1.27
C ALA A 64 -2.17 -12.17 0.77
N LYS A 65 -1.58 -13.22 1.31
CA LYS A 65 -1.94 -14.59 0.95
C LYS A 65 -3.34 -14.93 1.49
N GLU A 66 -3.69 -14.33 2.62
CA GLU A 66 -4.97 -14.58 3.25
C GLU A 66 -6.11 -13.92 2.47
N TYR A 67 -5.82 -12.76 1.91
CA TYR A 67 -6.78 -12.01 1.14
C TYR A 67 -6.43 -12.04 -0.34
N ASP A 68 -5.74 -13.09 -0.77
CA ASP A 68 -5.36 -13.27 -2.16
C ASP A 68 -6.56 -13.16 -3.09
N GLY A 69 -6.31 -12.68 -4.30
CA GLY A 69 -7.37 -12.54 -5.28
C GLY A 69 -8.02 -11.18 -5.25
N GLN A 70 -8.31 -10.68 -4.06
CA GLN A 70 -9.01 -9.41 -3.93
C GLN A 70 -8.04 -8.24 -3.77
N ILE A 71 -6.96 -8.43 -3.04
CA ILE A 71 -6.01 -7.34 -2.81
C ILE A 71 -4.63 -7.67 -3.35
N VAL A 72 -3.83 -6.63 -3.57
CA VAL A 72 -2.43 -6.78 -3.95
C VAL A 72 -1.58 -5.85 -3.09
N ILE A 73 -0.63 -6.41 -2.36
CA ILE A 73 0.16 -5.61 -1.44
C ILE A 73 1.56 -5.34 -1.99
N TYR A 74 2.02 -4.13 -1.80
CA TYR A 74 3.35 -3.73 -2.21
C TYR A 74 4.09 -3.10 -1.04
N LYS A 75 5.36 -2.82 -1.26
CA LYS A 75 6.14 -2.04 -0.33
C LYS A 75 7.19 -1.28 -1.11
N VAL A 76 7.70 -0.21 -0.54
CA VAL A 76 8.65 0.62 -1.23
C VAL A 76 9.83 0.95 -0.32
N ASP A 77 11.02 0.84 -0.88
CA ASP A 77 12.24 1.11 -0.14
C ASP A 77 12.47 2.61 -0.07
N THR A 78 12.02 3.23 1.02
CA THR A 78 12.04 4.68 1.18
C THR A 78 13.45 5.26 1.07
N GLU A 79 14.44 4.51 1.55
CA GLU A 79 15.84 4.94 1.51
C GLU A 79 16.27 5.34 0.10
N LYS A 80 15.69 4.71 -0.91
CA LYS A 80 16.02 5.04 -2.30
C LYS A 80 14.88 5.82 -2.93
N GLU A 81 13.66 5.53 -2.50
CA GLU A 81 12.48 6.18 -3.01
C GLU A 81 12.12 7.40 -2.18
N GLN A 82 13.14 8.19 -1.87
CA GLN A 82 12.98 9.38 -1.03
C GLN A 82 12.03 10.38 -1.67
N GLU A 83 12.09 10.51 -3.00
CA GLU A 83 11.26 11.47 -3.71
C GLU A 83 9.80 11.03 -3.67
N LEU A 84 9.61 9.72 -3.79
CA LEU A 84 8.28 9.14 -3.81
C LEU A 84 7.63 9.28 -2.43
N ALA A 85 8.36 8.89 -1.39
CA ALA A 85 7.87 8.99 -0.03
C ALA A 85 7.71 10.46 0.39
N GLY A 86 8.65 11.29 -0.03
CA GLY A 86 8.61 12.70 0.32
C GLY A 86 7.43 13.43 -0.29
N ALA A 87 7.01 12.99 -1.47
CA ALA A 87 5.90 13.62 -2.18
C ALA A 87 4.61 13.54 -1.39
N PHE A 88 4.37 12.39 -0.74
CA PHE A 88 3.16 12.20 0.05
C PHE A 88 3.34 12.74 1.46
N GLY A 89 4.53 13.25 1.75
CA GLY A 89 4.82 13.76 3.08
C GLY A 89 5.14 12.66 4.06
N ILE A 90 5.43 11.48 3.54
CA ILE A 90 5.72 10.31 4.37
C ILE A 90 7.00 10.51 5.17
N ARG A 91 7.88 11.37 4.65
CA ARG A 91 9.17 11.67 5.26
C ARG A 91 10.13 10.50 5.12
N SER A 92 9.82 9.41 5.79
CA SER A 92 10.62 8.20 5.71
C SER A 92 9.74 6.99 5.98
N ILE A 93 9.62 6.60 7.24
CA ILE A 93 8.99 5.33 7.61
C ILE A 93 8.62 5.30 9.09
N PRO A 94 7.68 4.42 9.49
CA PRO A 94 6.92 3.54 8.60
C PRO A 94 5.56 4.14 8.23
N SER A 95 5.09 3.88 7.02
CA SER A 95 3.78 4.34 6.61
C SER A 95 3.09 3.28 5.76
N ILE A 96 1.81 3.09 5.97
CA ILE A 96 1.06 2.09 5.23
C ILE A 96 -0.05 2.76 4.43
N LEU A 97 0.07 2.73 3.13
CA LEU A 97 -0.88 3.40 2.25
C LEU A 97 -1.92 2.41 1.74
N PHE A 98 -3.16 2.59 2.16
CA PHE A 98 -4.25 1.74 1.72
C PHE A 98 -4.99 2.41 0.56
N ILE A 99 -4.83 1.84 -0.63
CA ILE A 99 -5.38 2.44 -1.84
C ILE A 99 -6.67 1.75 -2.27
N PRO A 100 -7.81 2.41 -2.06
CA PRO A 100 -9.11 1.89 -2.49
C PRO A 100 -9.33 2.10 -3.98
N MET A 101 -10.29 1.37 -4.54
CA MET A 101 -10.66 1.53 -5.94
C MET A 101 -11.67 2.66 -6.09
N GLU A 102 -12.00 3.28 -4.96
CA GLU A 102 -12.93 4.38 -4.92
C GLU A 102 -12.42 5.44 -3.95
N GLY A 103 -12.01 6.57 -4.49
CA GLY A 103 -11.53 7.65 -3.66
C GLY A 103 -10.02 7.74 -3.66
N LYS A 104 -9.47 8.38 -2.64
CA LYS A 104 -8.03 8.51 -2.51
C LYS A 104 -7.54 7.71 -1.30
N PRO A 105 -6.28 7.28 -1.30
CA PRO A 105 -5.76 6.34 -0.30
C PRO A 105 -5.50 6.95 1.07
N GLU A 106 -5.82 6.18 2.10
CA GLU A 106 -5.53 6.54 3.48
C GLU A 106 -4.17 5.96 3.87
N MET A 107 -3.66 6.36 5.03
CA MET A 107 -2.37 5.84 5.48
C MET A 107 -2.37 5.63 6.99
N ALA A 108 -1.69 4.58 7.42
CA ALA A 108 -1.49 4.29 8.84
C ALA A 108 -0.01 4.19 9.13
N GLN A 109 0.47 4.95 10.11
CA GLN A 109 1.90 5.02 10.37
C GLN A 109 2.35 3.90 11.30
N GLY A 110 3.35 3.17 10.85
CA GLY A 110 3.94 2.13 11.67
C GLY A 110 3.45 0.74 11.33
N ALA A 111 4.28 -0.25 11.65
CA ALA A 111 3.96 -1.64 11.36
C ALA A 111 3.15 -2.27 12.47
N MET A 112 1.84 -2.10 12.36
CA MET A 112 0.90 -2.75 13.27
C MET A 112 0.89 -4.26 13.03
N PRO A 113 0.36 -5.06 13.99
CA PRO A 113 0.44 -6.52 13.93
C PRO A 113 -0.52 -7.13 12.91
N LYS A 114 -0.47 -8.46 12.80
CA LYS A 114 -1.35 -9.21 11.93
C LYS A 114 -2.82 -8.89 12.23
N ALA A 115 -3.12 -8.67 13.51
CA ALA A 115 -4.48 -8.38 13.93
C ALA A 115 -4.95 -7.00 13.48
N SER A 116 -4.17 -5.97 13.78
CA SER A 116 -4.57 -4.61 13.41
C SER A 116 -4.57 -4.46 11.89
N PHE A 117 -3.63 -5.14 11.22
CA PHE A 117 -3.55 -5.09 9.78
C PHE A 117 -4.80 -5.70 9.15
N LYS A 118 -5.25 -6.82 9.68
CA LYS A 118 -6.44 -7.46 9.14
C LYS A 118 -7.61 -6.50 9.17
N LYS A 119 -7.72 -5.75 10.26
CA LYS A 119 -8.81 -4.80 10.41
C LYS A 119 -8.70 -3.67 9.39
N ALA A 120 -7.48 -3.19 9.17
CA ALA A 120 -7.25 -2.10 8.22
C ALA A 120 -7.44 -2.56 6.78
N ILE A 121 -7.02 -3.79 6.50
CA ILE A 121 -7.15 -4.34 5.15
C ILE A 121 -8.60 -4.70 4.86
N ASP A 122 -9.15 -5.54 5.71
CA ASP A 122 -10.49 -6.08 5.50
C ASP A 122 -11.55 -5.02 5.76
N GLU A 123 -11.62 -4.58 7.01
CA GLU A 123 -12.71 -3.74 7.50
C GLU A 123 -12.55 -2.27 7.11
N PHE A 124 -11.62 -1.98 6.21
CA PHE A 124 -11.41 -0.62 5.74
C PHE A 124 -11.18 -0.56 4.23
N LEU A 125 -10.26 -1.38 3.73
CA LEU A 125 -9.94 -1.38 2.30
C LEU A 125 -11.07 -2.03 1.51
N LEU A 126 -11.61 -3.13 2.03
CA LEU A 126 -12.75 -3.77 1.38
C LEU A 126 -14.04 -3.20 1.95
N LYS A 127 -14.15 -3.23 3.27
CA LYS A 127 -15.25 -2.61 3.96
C LYS A 127 -14.98 -1.12 4.11
N LYS A 128 -15.03 -0.41 2.99
CA LYS A 128 -14.74 1.02 2.96
C LYS A 128 -15.93 1.82 3.49
N GLU A 129 -16.19 1.69 4.78
CA GLU A 129 -17.34 2.32 5.41
C GLU A 129 -17.11 3.84 5.54
N GLY A 130 -15.86 4.25 5.40
CA GLY A 130 -15.53 5.66 5.50
C GLY A 130 -15.36 6.31 4.13
N HIS A 131 -15.69 5.58 3.08
CA HIS A 131 -15.54 6.10 1.73
C HIS A 131 -16.88 6.15 1.01
N HIS A 132 -17.39 7.37 0.87
CA HIS A 132 -18.66 7.65 0.16
C HIS A 132 -19.87 7.08 0.90
N HIS A 133 -19.65 6.58 2.11
CA HIS A 133 -20.71 5.94 2.86
C HIS A 133 -21.29 6.89 3.92
N HIS A 134 -22.49 7.37 3.64
CA HIS A 134 -23.23 8.19 4.61
C HIS A 134 -24.47 7.45 5.09
N HIS A 135 -24.87 6.46 4.28
CA HIS A 135 -26.03 5.61 4.52
C HIS A 135 -26.28 4.85 3.24
N HIS A 136 -26.25 5.61 2.17
CA HIS A 136 -26.16 5.11 0.82
C HIS A 136 -25.42 6.15 -0.01
N MET A 1 13.00 -14.45 -20.79
CA MET A 1 12.20 -13.20 -20.87
C MET A 1 11.61 -12.84 -19.51
N SER A 2 10.90 -13.77 -18.89
CA SER A 2 10.33 -13.57 -17.57
C SER A 2 9.77 -14.88 -17.06
N LEU A 3 9.64 -15.01 -15.75
CA LEU A 3 9.07 -16.21 -15.15
C LEU A 3 7.62 -15.93 -14.76
N ALA A 4 7.44 -15.14 -13.71
CA ALA A 4 6.12 -14.76 -13.23
C ALA A 4 6.21 -13.52 -12.36
N THR A 5 5.30 -12.59 -12.56
CA THR A 5 5.24 -11.37 -11.77
C THR A 5 3.83 -10.79 -11.79
N GLU A 6 3.07 -11.08 -10.76
CA GLU A 6 1.69 -10.60 -10.65
C GLU A 6 1.54 -9.62 -9.49
N GLY A 7 2.17 -9.95 -8.36
CA GLY A 7 2.12 -9.08 -7.20
C GLY A 7 0.87 -9.31 -6.36
N ASN A 8 -0.19 -9.77 -7.00
CA ASN A 8 -1.45 -10.04 -6.32
C ASN A 8 -1.28 -11.21 -5.37
N GLY A 9 -1.79 -11.05 -4.15
CA GLY A 9 -1.66 -12.09 -3.15
C GLY A 9 -0.33 -12.05 -2.43
N LYS A 10 0.56 -11.21 -2.91
CA LYS A 10 1.90 -11.14 -2.36
C LYS A 10 2.27 -9.69 -2.09
N VAL A 11 3.44 -9.48 -1.48
CA VAL A 11 3.97 -8.14 -1.30
C VAL A 11 5.26 -7.95 -2.12
N ILE A 12 5.25 -6.93 -2.98
CA ILE A 12 6.40 -6.67 -3.85
C ILE A 12 6.90 -5.23 -3.68
N HIS A 13 8.16 -5.07 -3.28
CA HIS A 13 8.75 -3.73 -3.18
C HIS A 13 9.33 -3.32 -4.52
N LEU A 14 8.96 -2.12 -4.96
CA LEU A 14 9.30 -1.66 -6.30
C LEU A 14 10.06 -0.34 -6.27
N THR A 15 10.44 0.15 -7.45
CA THR A 15 11.09 1.44 -7.60
C THR A 15 10.07 2.54 -7.87
N LYS A 16 10.50 3.80 -7.85
CA LYS A 16 9.61 4.92 -8.12
C LYS A 16 8.97 4.81 -9.51
N ALA A 17 9.75 4.33 -10.48
CA ALA A 17 9.25 4.18 -11.83
C ALA A 17 8.11 3.16 -11.87
N GLU A 18 8.25 2.12 -11.06
CA GLU A 18 7.23 1.10 -10.95
C GLU A 18 6.03 1.63 -10.18
N PHE A 19 6.28 2.48 -9.19
CA PHE A 19 5.20 3.14 -8.46
C PHE A 19 4.32 3.85 -9.44
N LEU A 20 4.99 4.62 -10.26
CA LEU A 20 4.38 5.43 -11.26
C LEU A 20 3.48 4.61 -12.18
N ALA A 21 4.06 3.61 -12.84
CA ALA A 21 3.36 2.88 -13.91
C ALA A 21 2.52 1.71 -13.39
N LYS A 22 2.73 1.30 -12.14
CA LYS A 22 1.98 0.17 -11.58
C LYS A 22 1.00 0.63 -10.52
N VAL A 23 1.03 1.91 -10.17
CA VAL A 23 0.22 2.41 -9.08
C VAL A 23 -0.36 3.80 -9.36
N TYR A 24 0.51 4.76 -9.67
CA TYR A 24 0.10 6.17 -9.62
C TYR A 24 1.12 7.08 -10.28
N ASN A 25 0.65 7.87 -11.24
CA ASN A 25 1.53 8.80 -11.94
C ASN A 25 1.62 10.13 -11.18
N PHE A 26 2.59 10.24 -10.27
CA PHE A 26 2.73 11.45 -9.46
C PHE A 26 3.55 12.53 -10.17
N GLU A 27 3.81 12.35 -11.46
CA GLU A 27 4.50 13.38 -12.23
C GLU A 27 3.47 14.26 -12.91
N LYS A 28 2.59 13.61 -13.64
CA LYS A 28 1.57 14.29 -14.41
C LYS A 28 0.35 14.50 -13.54
N ASN A 29 0.22 13.67 -12.52
CA ASN A 29 -0.92 13.73 -11.61
C ASN A 29 -0.46 13.99 -10.18
N PRO A 30 0.07 15.17 -9.91
CA PRO A 30 0.38 15.62 -8.56
C PRO A 30 -0.86 15.70 -7.68
N GLU A 31 -1.95 16.24 -8.23
CA GLU A 31 -3.17 16.46 -7.47
C GLU A 31 -4.20 15.37 -7.77
N GLU A 32 -4.13 14.84 -8.97
CA GLU A 32 -5.18 13.96 -9.47
C GLU A 32 -4.85 12.53 -9.10
N TRP A 33 -5.81 11.85 -8.48
CA TRP A 33 -5.58 10.48 -8.04
C TRP A 33 -5.95 9.50 -9.13
N LYS A 34 -5.00 9.20 -9.98
CA LYS A 34 -5.19 8.20 -11.01
C LYS A 34 -4.44 6.93 -10.65
N TYR A 35 -5.16 5.97 -10.08
CA TYR A 35 -4.59 4.69 -9.74
C TYR A 35 -4.64 3.77 -10.95
N GLU A 36 -3.47 3.32 -11.39
CA GLU A 36 -3.37 2.46 -12.54
C GLU A 36 -2.89 1.08 -12.12
N GLY A 37 -3.84 0.25 -11.72
CA GLY A 37 -3.52 -1.07 -11.21
C GLY A 37 -4.59 -2.07 -11.55
N ASP A 38 -4.69 -3.11 -10.73
CA ASP A 38 -5.62 -4.18 -10.95
C ASP A 38 -6.67 -4.24 -9.84
N LYS A 39 -6.20 -4.40 -8.61
CA LYS A 39 -7.08 -4.50 -7.46
C LYS A 39 -6.54 -3.65 -6.31
N PRO A 40 -7.33 -3.46 -5.22
CA PRO A 40 -6.92 -2.63 -4.07
C PRO A 40 -5.49 -2.90 -3.64
N ALA A 41 -4.74 -1.84 -3.44
CA ALA A 41 -3.31 -1.95 -3.20
C ALA A 41 -2.92 -1.42 -1.83
N ILE A 42 -1.94 -2.05 -1.23
CA ILE A 42 -1.41 -1.61 0.05
C ILE A 42 0.07 -1.27 -0.11
N VAL A 43 0.41 0.00 0.05
CA VAL A 43 1.78 0.43 -0.14
C VAL A 43 2.51 0.55 1.18
N ASP A 44 3.45 -0.35 1.40
CA ASP A 44 4.24 -0.37 2.62
C ASP A 44 5.59 0.31 2.40
N PHE A 45 5.76 1.46 3.02
CA PHE A 45 7.05 2.15 3.00
C PHE A 45 7.89 1.68 4.18
N TYR A 46 8.97 0.98 3.89
CA TYR A 46 9.79 0.38 4.92
C TYR A 46 11.28 0.65 4.64
N ALA A 47 12.14 0.17 5.54
CA ALA A 47 13.58 0.31 5.39
C ALA A 47 14.30 -0.80 6.15
N ASP A 48 15.62 -0.88 6.00
CA ASP A 48 16.39 -1.96 6.61
C ASP A 48 16.68 -1.69 8.08
N TRP A 49 17.13 -0.48 8.39
CA TRP A 49 17.57 -0.14 9.73
C TRP A 49 16.41 -0.05 10.73
N CYS A 50 15.21 -0.30 10.25
CA CYS A 50 14.04 -0.28 11.12
C CYS A 50 13.45 -1.68 11.25
N GLY A 51 13.52 -2.24 12.46
CA GLY A 51 13.01 -3.56 12.72
C GLY A 51 11.52 -3.71 12.41
N PRO A 52 10.64 -2.83 12.94
CA PRO A 52 9.21 -2.84 12.63
C PRO A 52 8.92 -2.94 11.13
N CYS A 53 9.74 -2.28 10.33
CA CYS A 53 9.63 -2.33 8.88
C CYS A 53 9.77 -3.76 8.36
N LYS A 54 10.69 -4.50 8.95
CA LYS A 54 10.93 -5.88 8.59
C LYS A 54 9.88 -6.78 9.23
N MET A 55 9.39 -6.34 10.38
CA MET A 55 8.39 -7.06 11.14
C MET A 55 7.08 -7.19 10.35
N VAL A 56 6.67 -6.07 9.76
CA VAL A 56 5.41 -6.01 9.03
C VAL A 56 5.46 -6.79 7.71
N ALA A 57 6.65 -6.94 7.15
CA ALA A 57 6.84 -7.59 5.86
C ALA A 57 6.22 -9.00 5.80
N PRO A 58 6.59 -9.95 6.70
CA PRO A 58 6.00 -11.29 6.70
C PRO A 58 4.48 -11.25 6.90
N ILE A 59 4.06 -10.48 7.89
CA ILE A 59 2.63 -10.34 8.20
C ILE A 59 1.87 -9.81 6.99
N LEU A 60 2.46 -8.82 6.33
CA LEU A 60 1.84 -8.21 5.16
C LEU A 60 1.72 -9.19 4.00
N ASP A 61 2.76 -9.95 3.72
CA ASP A 61 2.73 -10.91 2.62
C ASP A 61 1.74 -12.03 2.93
N GLU A 62 1.75 -12.49 4.18
CA GLU A 62 0.82 -13.51 4.63
C GLU A 62 -0.61 -13.00 4.50
N LEU A 63 -0.82 -11.75 4.93
CA LEU A 63 -2.13 -11.14 4.89
C LEU A 63 -2.60 -10.93 3.46
N ALA A 64 -1.65 -10.64 2.57
CA ALA A 64 -1.95 -10.53 1.16
C ALA A 64 -2.39 -11.87 0.60
N LYS A 65 -1.80 -12.93 1.13
CA LYS A 65 -2.13 -14.28 0.71
C LYS A 65 -3.49 -14.71 1.31
N GLU A 66 -3.79 -14.22 2.50
CA GLU A 66 -5.12 -14.42 3.10
C GLU A 66 -6.20 -13.99 2.13
N TYR A 67 -6.00 -12.81 1.55
CA TYR A 67 -6.93 -12.24 0.59
C TYR A 67 -6.39 -12.35 -0.82
N ASP A 68 -5.57 -13.38 -1.02
CA ASP A 68 -5.00 -13.70 -2.33
C ASP A 68 -6.09 -13.72 -3.39
N GLY A 69 -5.83 -13.03 -4.50
CA GLY A 69 -6.83 -12.94 -5.53
C GLY A 69 -7.65 -11.66 -5.42
N GLN A 70 -7.64 -11.05 -4.24
CA GLN A 70 -8.45 -9.87 -3.98
C GLN A 70 -7.60 -8.60 -3.96
N ILE A 71 -6.50 -8.63 -3.21
CA ILE A 71 -5.70 -7.43 -3.00
C ILE A 71 -4.25 -7.62 -3.44
N VAL A 72 -3.58 -6.50 -3.68
CA VAL A 72 -2.17 -6.48 -4.06
C VAL A 72 -1.39 -5.59 -3.09
N ILE A 73 -0.31 -6.10 -2.52
CA ILE A 73 0.47 -5.31 -1.60
C ILE A 73 1.85 -5.00 -2.20
N TYR A 74 2.21 -3.73 -2.16
CA TYR A 74 3.50 -3.30 -2.64
C TYR A 74 4.33 -2.77 -1.48
N LYS A 75 5.61 -2.61 -1.73
CA LYS A 75 6.50 -2.00 -0.77
C LYS A 75 7.35 -0.95 -1.47
N VAL A 76 7.77 0.03 -0.71
CA VAL A 76 8.68 1.04 -1.21
C VAL A 76 9.88 1.16 -0.30
N ASP A 77 11.05 0.94 -0.88
CA ASP A 77 12.29 1.06 -0.13
C ASP A 77 12.61 2.54 0.01
N THR A 78 12.09 3.16 1.07
CA THR A 78 12.25 4.60 1.29
C THR A 78 13.71 5.02 1.22
N GLU A 79 14.57 4.10 1.60
CA GLU A 79 16.02 4.26 1.49
C GLU A 79 16.42 4.71 0.08
N LYS A 80 15.85 4.08 -0.93
CA LYS A 80 16.21 4.39 -2.31
C LYS A 80 15.14 5.26 -2.98
N GLU A 81 13.95 5.24 -2.39
CA GLU A 81 12.83 6.03 -2.85
C GLU A 81 12.70 7.33 -2.06
N GLN A 82 13.83 7.98 -1.80
CA GLN A 82 13.84 9.24 -1.03
C GLN A 82 12.95 10.29 -1.70
N GLU A 83 13.05 10.37 -3.02
CA GLU A 83 12.31 11.35 -3.80
C GLU A 83 10.82 11.04 -3.77
N LEU A 84 10.50 9.74 -3.79
CA LEU A 84 9.12 9.29 -3.80
C LEU A 84 8.45 9.68 -2.49
N ALA A 85 9.12 9.40 -1.38
CA ALA A 85 8.62 9.77 -0.07
C ALA A 85 8.53 11.28 0.07
N GLY A 86 9.62 11.96 -0.29
CA GLY A 86 9.67 13.40 -0.15
C GLY A 86 8.59 14.13 -0.93
N ALA A 87 8.20 13.57 -2.08
CA ALA A 87 7.18 14.18 -2.92
C ALA A 87 5.82 14.23 -2.23
N PHE A 88 5.50 13.16 -1.49
CA PHE A 88 4.20 13.08 -0.82
C PHE A 88 4.30 13.59 0.61
N GLY A 89 5.45 14.13 0.97
CA GLY A 89 5.64 14.65 2.32
C GLY A 89 5.84 13.53 3.33
N ILE A 90 6.22 12.36 2.83
CA ILE A 90 6.46 11.20 3.68
C ILE A 90 7.79 11.36 4.40
N ARG A 91 7.82 11.02 5.68
CA ARG A 91 9.04 11.12 6.46
C ARG A 91 10.01 10.02 6.02
N SER A 92 9.59 8.78 6.25
CA SER A 92 10.38 7.61 5.93
C SER A 92 9.59 6.36 6.28
N ILE A 93 9.68 5.94 7.54
CA ILE A 93 9.20 4.63 7.94
C ILE A 93 8.72 4.60 9.38
N PRO A 94 7.71 3.78 9.68
CA PRO A 94 6.93 3.02 8.69
C PRO A 94 5.78 3.87 8.14
N SER A 95 5.39 3.61 6.91
CA SER A 95 4.27 4.33 6.31
C SER A 95 3.44 3.36 5.49
N ILE A 96 2.13 3.32 5.71
CA ILE A 96 1.30 2.32 5.07
C ILE A 96 0.12 2.97 4.37
N LEU A 97 0.10 2.88 3.04
CA LEU A 97 -0.93 3.51 2.24
C LEU A 97 -1.96 2.49 1.78
N PHE A 98 -3.19 2.62 2.28
CA PHE A 98 -4.28 1.73 1.91
C PHE A 98 -5.05 2.33 0.74
N ILE A 99 -4.81 1.81 -0.46
CA ILE A 99 -5.41 2.35 -1.68
C ILE A 99 -6.64 1.56 -2.08
N PRO A 100 -7.82 2.21 -2.02
CA PRO A 100 -9.06 1.62 -2.51
C PRO A 100 -9.26 1.90 -4.00
N MET A 101 -10.18 1.18 -4.61
CA MET A 101 -10.52 1.40 -6.01
C MET A 101 -11.63 2.44 -6.11
N GLU A 102 -12.02 2.94 -4.96
CA GLU A 102 -13.12 3.89 -4.83
C GLU A 102 -12.78 4.95 -3.79
N GLY A 103 -12.32 6.10 -4.26
CA GLY A 103 -12.01 7.20 -3.36
C GLY A 103 -10.53 7.43 -3.19
N LYS A 104 -10.15 8.15 -2.14
CA LYS A 104 -8.76 8.43 -1.84
C LYS A 104 -8.24 7.46 -0.79
N PRO A 105 -6.93 7.15 -0.83
CA PRO A 105 -6.30 6.24 0.11
C PRO A 105 -5.99 6.87 1.46
N GLU A 106 -5.90 6.04 2.48
CA GLU A 106 -5.49 6.48 3.81
C GLU A 106 -4.10 5.97 4.10
N MET A 107 -3.46 6.53 5.10
CA MET A 107 -2.12 6.08 5.47
C MET A 107 -1.94 6.11 6.98
N ALA A 108 -1.46 5.00 7.51
CA ALA A 108 -1.11 4.90 8.92
C ALA A 108 0.38 4.61 9.02
N GLN A 109 0.98 4.94 10.16
CA GLN A 109 2.41 4.71 10.32
C GLN A 109 2.68 3.72 11.44
N GLY A 110 3.61 2.82 11.19
CA GLY A 110 4.01 1.84 12.19
C GLY A 110 3.47 0.46 11.91
N ALA A 111 4.21 -0.56 12.34
CA ALA A 111 3.85 -1.93 12.09
C ALA A 111 2.86 -2.44 13.13
N MET A 112 1.58 -2.24 12.87
CA MET A 112 0.52 -2.81 13.68
C MET A 112 0.47 -4.33 13.47
N PRO A 113 -0.21 -5.09 14.35
CA PRO A 113 -0.26 -6.53 14.23
C PRO A 113 -1.18 -6.99 13.11
N LYS A 114 -1.13 -8.27 12.79
CA LYS A 114 -2.00 -8.84 11.76
C LYS A 114 -3.47 -8.58 12.10
N ALA A 115 -3.78 -8.52 13.39
CA ALA A 115 -5.14 -8.27 13.85
C ALA A 115 -5.57 -6.82 13.61
N SER A 116 -4.72 -5.85 13.98
CA SER A 116 -5.06 -4.46 13.70
C SER A 116 -5.11 -4.23 12.20
N PHE A 117 -4.24 -4.94 11.48
CA PHE A 117 -4.28 -4.94 10.03
C PHE A 117 -5.61 -5.48 9.53
N LYS A 118 -6.12 -6.52 10.19
CA LYS A 118 -7.39 -7.12 9.79
C LYS A 118 -8.50 -6.07 9.73
N LYS A 119 -8.65 -5.32 10.80
CA LYS A 119 -9.71 -4.32 10.87
C LYS A 119 -9.48 -3.22 9.82
N ALA A 120 -8.22 -2.92 9.55
CA ALA A 120 -7.88 -1.91 8.55
C ALA A 120 -8.17 -2.42 7.14
N ILE A 121 -7.87 -3.68 6.88
CA ILE A 121 -8.09 -4.26 5.57
C ILE A 121 -9.57 -4.49 5.33
N ASP A 122 -10.20 -5.23 6.23
CA ASP A 122 -11.60 -5.56 6.09
C ASP A 122 -12.46 -4.31 6.18
N GLU A 123 -12.50 -3.74 7.38
CA GLU A 123 -13.45 -2.68 7.70
C GLU A 123 -13.05 -1.32 7.13
N PHE A 124 -12.07 -1.28 6.23
CA PHE A 124 -11.72 -0.04 5.58
C PHE A 124 -11.32 -0.26 4.12
N LEU A 125 -10.37 -1.16 3.88
CA LEU A 125 -9.92 -1.42 2.52
C LEU A 125 -11.00 -2.13 1.72
N LEU A 126 -11.71 -3.05 2.36
CA LEU A 126 -12.82 -3.74 1.70
C LEU A 126 -14.10 -2.94 1.91
N LYS A 127 -14.46 -2.76 3.17
CA LYS A 127 -15.66 -2.01 3.53
C LYS A 127 -15.26 -0.62 4.04
N LYS A 128 -15.00 0.30 3.12
CA LYS A 128 -14.65 1.66 3.51
C LYS A 128 -15.80 2.31 4.27
N GLU A 129 -15.51 2.77 5.48
CA GLU A 129 -16.54 3.32 6.33
C GLU A 129 -17.08 4.65 5.83
N GLY A 130 -18.21 5.05 6.38
CA GLY A 130 -18.89 6.24 5.92
C GLY A 130 -19.73 5.96 4.68
N HIS A 131 -19.18 5.17 3.78
CA HIS A 131 -19.81 4.85 2.51
C HIS A 131 -20.58 3.53 2.60
N HIS A 132 -20.73 3.00 3.82
CA HIS A 132 -21.42 1.73 4.00
C HIS A 132 -22.92 1.89 3.72
N HIS A 133 -23.38 1.17 2.70
CA HIS A 133 -24.80 1.14 2.30
C HIS A 133 -25.40 2.54 2.24
N HIS A 134 -24.97 3.32 1.26
CA HIS A 134 -25.51 4.65 1.03
C HIS A 134 -25.76 4.86 -0.46
N HIS A 135 -26.25 6.04 -0.81
CA HIS A 135 -26.49 6.36 -2.20
C HIS A 135 -25.27 7.10 -2.78
N HIS A 136 -24.27 7.28 -1.93
CA HIS A 136 -23.03 7.93 -2.31
C HIS A 136 -22.03 7.78 -1.17
N MET A 1 -5.16 -7.55 -13.98
CA MET A 1 -4.51 -7.01 -15.20
C MET A 1 -5.27 -7.46 -16.45
N SER A 2 -5.95 -8.60 -16.35
CA SER A 2 -6.78 -9.13 -17.44
C SER A 2 -5.89 -9.65 -18.57
N LEU A 3 -4.63 -9.89 -18.26
CA LEU A 3 -3.68 -10.41 -19.24
C LEU A 3 -3.51 -11.92 -19.06
N ALA A 4 -2.84 -12.28 -17.97
CA ALA A 4 -2.58 -13.68 -17.64
C ALA A 4 -1.99 -13.76 -16.24
N THR A 5 -0.83 -13.14 -16.08
CA THR A 5 -0.20 -13.04 -14.78
C THR A 5 -0.78 -11.85 -14.01
N GLU A 6 -1.76 -12.12 -13.17
CA GLU A 6 -2.40 -11.08 -12.37
C GLU A 6 -1.47 -10.53 -11.30
N GLY A 7 -0.46 -11.32 -10.95
CA GLY A 7 0.48 -10.91 -9.93
C GLY A 7 -0.11 -11.08 -8.54
N ASN A 8 -1.00 -12.05 -8.41
CA ASN A 8 -1.67 -12.29 -7.14
C ASN A 8 -0.86 -13.21 -6.23
N GLY A 9 -1.27 -13.27 -4.97
CA GLY A 9 -0.54 -14.00 -3.96
C GLY A 9 0.87 -13.48 -3.84
N LYS A 10 1.02 -12.17 -3.89
CA LYS A 10 2.33 -11.58 -4.06
C LYS A 10 2.44 -10.21 -3.41
N VAL A 11 3.66 -9.89 -3.02
CA VAL A 11 4.01 -8.60 -2.50
C VAL A 11 5.31 -8.13 -3.15
N ILE A 12 5.25 -7.02 -3.84
CA ILE A 12 6.39 -6.54 -4.63
C ILE A 12 6.90 -5.20 -4.12
N HIS A 13 8.14 -5.17 -3.65
CA HIS A 13 8.76 -3.90 -3.29
C HIS A 13 9.33 -3.28 -4.56
N LEU A 14 8.86 -2.11 -4.89
CA LEU A 14 9.19 -1.50 -6.17
C LEU A 14 9.70 -0.08 -5.98
N THR A 15 10.19 0.52 -7.05
CA THR A 15 10.72 1.86 -7.00
C THR A 15 9.69 2.87 -7.49
N LYS A 16 10.03 4.15 -7.46
CA LYS A 16 9.12 5.20 -7.91
C LYS A 16 8.73 5.00 -9.38
N ALA A 17 9.58 4.33 -10.13
CA ALA A 17 9.30 4.05 -11.53
C ALA A 17 8.14 3.07 -11.65
N GLU A 18 8.18 2.03 -10.83
CA GLU A 18 7.12 1.05 -10.80
C GLU A 18 5.89 1.66 -10.13
N PHE A 19 6.15 2.54 -9.17
CA PHE A 19 5.11 3.30 -8.51
C PHE A 19 4.30 4.04 -9.54
N LEU A 20 5.04 4.70 -10.39
CA LEU A 20 4.48 5.47 -11.47
C LEU A 20 3.48 4.67 -12.29
N ALA A 21 3.96 3.58 -12.88
CA ALA A 21 3.18 2.82 -13.86
C ALA A 21 2.20 1.84 -13.23
N LYS A 22 2.29 1.66 -11.92
CA LYS A 22 1.39 0.73 -11.25
C LYS A 22 0.37 1.43 -10.37
N VAL A 23 0.76 2.54 -9.77
CA VAL A 23 -0.06 3.16 -8.74
C VAL A 23 -0.38 4.63 -9.05
N TYR A 24 0.60 5.39 -9.55
CA TYR A 24 0.43 6.84 -9.58
C TYR A 24 1.45 7.49 -10.50
N ASN A 25 0.95 8.16 -11.53
CA ASN A 25 1.81 8.82 -12.51
C ASN A 25 2.06 10.27 -12.10
N PHE A 26 3.10 10.51 -11.31
CA PHE A 26 3.39 11.87 -10.83
C PHE A 26 4.11 12.70 -11.89
N GLU A 27 4.26 12.17 -13.09
CA GLU A 27 4.86 12.91 -14.18
C GLU A 27 3.79 13.73 -14.87
N LYS A 28 2.73 13.03 -15.25
CA LYS A 28 1.61 13.64 -15.95
C LYS A 28 0.61 14.15 -14.94
N ASN A 29 0.65 13.57 -13.75
CA ASN A 29 -0.26 13.94 -12.66
C ASN A 29 0.51 14.48 -11.45
N PRO A 30 1.25 15.59 -11.63
CA PRO A 30 1.91 16.27 -10.53
C PRO A 30 0.93 16.66 -9.43
N GLU A 31 -0.21 17.21 -9.82
CA GLU A 31 -1.20 17.66 -8.85
C GLU A 31 -2.41 16.74 -8.82
N GLU A 32 -2.54 15.87 -9.81
CA GLU A 32 -3.67 14.95 -9.85
C GLU A 32 -3.32 13.66 -9.14
N TRP A 33 -4.30 13.07 -8.46
CA TRP A 33 -4.13 11.74 -7.91
C TRP A 33 -4.98 10.76 -8.70
N LYS A 34 -4.32 9.93 -9.47
CA LYS A 34 -5.01 8.92 -10.26
C LYS A 34 -4.31 7.58 -10.10
N TYR A 35 -5.03 6.61 -9.56
CA TYR A 35 -4.48 5.31 -9.25
C TYR A 35 -4.64 4.37 -10.45
N GLU A 36 -3.51 4.03 -11.06
CA GLU A 36 -3.49 3.19 -12.26
C GLU A 36 -3.51 1.72 -11.88
N GLY A 37 -4.32 1.37 -10.90
CA GLY A 37 -4.29 0.03 -10.34
C GLY A 37 -5.37 -0.88 -10.89
N ASP A 38 -5.20 -2.17 -10.64
CA ASP A 38 -6.15 -3.18 -11.09
C ASP A 38 -7.04 -3.61 -9.92
N LYS A 39 -6.40 -4.07 -8.85
CA LYS A 39 -7.10 -4.42 -7.63
C LYS A 39 -6.64 -3.50 -6.50
N PRO A 40 -7.37 -3.49 -5.36
CA PRO A 40 -6.95 -2.71 -4.20
C PRO A 40 -5.54 -3.11 -3.74
N ALA A 41 -4.74 -2.11 -3.40
CA ALA A 41 -3.34 -2.35 -3.09
C ALA A 41 -2.98 -1.89 -1.70
N ILE A 42 -2.06 -2.61 -1.08
CA ILE A 42 -1.49 -2.22 0.19
C ILE A 42 -0.02 -1.89 -0.01
N VAL A 43 0.33 -0.63 0.16
CA VAL A 43 1.71 -0.20 -0.07
C VAL A 43 2.47 -0.10 1.25
N ASP A 44 3.46 -0.97 1.40
CA ASP A 44 4.30 -1.01 2.59
C ASP A 44 5.55 -0.15 2.40
N PHE A 45 5.61 0.98 3.09
CA PHE A 45 6.82 1.77 3.13
C PHE A 45 7.68 1.27 4.28
N TYR A 46 8.78 0.64 3.95
CA TYR A 46 9.63 0.03 4.98
C TYR A 46 11.08 0.45 4.78
N ALA A 47 11.84 0.30 5.84
CA ALA A 47 13.27 0.42 5.77
C ALA A 47 13.87 -0.91 6.22
N ASP A 48 14.82 -1.42 5.46
CA ASP A 48 15.35 -2.76 5.71
C ASP A 48 16.16 -2.80 7.00
N TRP A 49 16.46 -1.63 7.54
CA TRP A 49 17.16 -1.52 8.81
C TRP A 49 16.20 -1.20 9.96
N CYS A 50 14.94 -0.94 9.62
CA CYS A 50 13.96 -0.50 10.60
C CYS A 50 13.26 -1.69 11.24
N GLY A 51 13.43 -1.81 12.56
CA GLY A 51 12.81 -2.88 13.32
C GLY A 51 11.31 -2.99 13.09
N PRO A 52 10.54 -1.91 13.35
CA PRO A 52 9.09 -1.88 13.11
C PRO A 52 8.68 -2.42 11.74
N CYS A 53 9.37 -2.00 10.70
CA CYS A 53 9.05 -2.45 9.35
C CYS A 53 9.40 -3.93 9.17
N LYS A 54 10.50 -4.35 9.78
CA LYS A 54 10.87 -5.76 9.82
C LYS A 54 9.75 -6.60 10.39
N MET A 55 8.95 -6.00 11.26
CA MET A 55 7.79 -6.67 11.85
C MET A 55 6.65 -6.78 10.83
N VAL A 56 6.29 -5.65 10.21
CA VAL A 56 5.11 -5.62 9.34
C VAL A 56 5.35 -6.36 8.02
N ALA A 57 6.53 -6.24 7.45
CA ALA A 57 6.83 -6.84 6.15
C ALA A 57 6.43 -8.32 6.05
N PRO A 58 6.92 -9.22 6.94
CA PRO A 58 6.55 -10.65 6.88
C PRO A 58 5.06 -10.85 7.15
N ILE A 59 4.52 -10.02 8.03
CA ILE A 59 3.10 -10.03 8.33
C ILE A 59 2.29 -9.64 7.09
N LEU A 60 2.79 -8.64 6.39
CA LEU A 60 2.19 -8.15 5.17
C LEU A 60 2.32 -9.16 4.04
N ASP A 61 3.43 -9.88 4.01
CA ASP A 61 3.61 -10.99 3.08
C ASP A 61 2.57 -12.06 3.36
N GLU A 62 2.40 -12.37 4.64
CA GLU A 62 1.39 -13.31 5.11
C GLU A 62 0.01 -12.89 4.62
N LEU A 63 -0.30 -11.61 4.79
CA LEU A 63 -1.60 -11.07 4.42
C LEU A 63 -1.78 -11.05 2.91
N ALA A 64 -0.70 -10.91 2.15
CA ALA A 64 -0.77 -10.96 0.70
C ALA A 64 -1.34 -12.31 0.25
N LYS A 65 -0.90 -13.37 0.90
CA LYS A 65 -1.41 -14.71 0.60
C LYS A 65 -2.80 -14.92 1.19
N GLU A 66 -3.10 -14.24 2.28
CA GLU A 66 -4.35 -14.43 3.00
C GLU A 66 -5.50 -13.68 2.35
N TYR A 67 -5.25 -12.46 1.92
CA TYR A 67 -6.26 -11.64 1.28
C TYR A 67 -6.14 -11.68 -0.23
N ASP A 68 -5.56 -12.76 -0.73
CA ASP A 68 -5.30 -12.89 -2.16
C ASP A 68 -6.60 -12.94 -2.98
N GLY A 69 -6.46 -12.72 -4.27
CA GLY A 69 -7.61 -12.72 -5.16
C GLY A 69 -8.25 -11.35 -5.26
N GLN A 70 -8.53 -10.76 -4.12
CA GLN A 70 -9.20 -9.47 -4.08
C GLN A 70 -8.21 -8.31 -4.09
N ILE A 71 -7.10 -8.45 -3.36
CA ILE A 71 -6.12 -7.37 -3.28
C ILE A 71 -4.72 -7.86 -3.62
N VAL A 72 -3.81 -6.91 -3.83
CA VAL A 72 -2.40 -7.21 -4.07
C VAL A 72 -1.55 -6.27 -3.23
N ILE A 73 -0.48 -6.77 -2.63
CA ILE A 73 0.33 -5.94 -1.74
C ILE A 73 1.66 -5.58 -2.38
N TYR A 74 2.10 -4.35 -2.13
CA TYR A 74 3.37 -3.88 -2.64
C TYR A 74 4.20 -3.31 -1.49
N LYS A 75 5.47 -3.10 -1.75
CA LYS A 75 6.36 -2.47 -0.80
C LYS A 75 7.16 -1.41 -1.52
N VAL A 76 7.81 -0.55 -0.76
CA VAL A 76 8.70 0.43 -1.35
C VAL A 76 9.88 0.69 -0.43
N ASP A 77 11.06 0.70 -0.99
CA ASP A 77 12.27 0.90 -0.22
C ASP A 77 12.47 2.40 0.01
N THR A 78 11.94 2.88 1.12
CA THR A 78 11.81 4.31 1.36
C THR A 78 13.17 4.99 1.51
N GLU A 79 14.17 4.25 1.97
CA GLU A 79 15.53 4.78 2.08
C GLU A 79 16.00 5.35 0.75
N LYS A 80 15.66 4.68 -0.34
CA LYS A 80 16.04 5.15 -1.66
C LYS A 80 14.90 5.97 -2.28
N GLU A 81 13.68 5.55 -1.99
CA GLU A 81 12.49 6.22 -2.48
C GLU A 81 12.12 7.43 -1.62
N GLN A 82 13.14 8.08 -1.05
CA GLN A 82 12.93 9.31 -0.30
C GLN A 82 12.38 10.39 -1.22
N GLU A 83 12.71 10.28 -2.50
CA GLU A 83 12.18 11.18 -3.52
C GLU A 83 10.66 11.05 -3.58
N LEU A 84 10.20 9.79 -3.58
CA LEU A 84 8.78 9.49 -3.65
C LEU A 84 8.09 9.88 -2.34
N ALA A 85 8.61 9.37 -1.23
CA ALA A 85 8.07 9.68 0.10
C ALA A 85 8.00 11.19 0.33
N GLY A 86 9.10 11.88 0.10
CA GLY A 86 9.17 13.32 0.35
C GLY A 86 8.17 14.11 -0.46
N ALA A 87 7.80 13.60 -1.63
CA ALA A 87 6.87 14.29 -2.52
C ALA A 87 5.48 14.37 -1.91
N PHE A 88 5.14 13.42 -1.04
CA PHE A 88 3.83 13.40 -0.40
C PHE A 88 3.93 13.95 1.02
N GLY A 89 5.14 14.24 1.46
CA GLY A 89 5.34 14.69 2.82
C GLY A 89 5.66 13.55 3.76
N ILE A 90 5.80 12.36 3.18
CA ILE A 90 6.12 11.16 3.95
C ILE A 90 7.52 11.30 4.54
N ARG A 91 7.64 11.06 5.83
CA ARG A 91 8.92 11.16 6.50
C ARG A 91 9.84 10.02 6.05
N SER A 92 9.32 8.80 6.17
CA SER A 92 10.05 7.61 5.78
C SER A 92 9.20 6.37 6.09
N ILE A 93 9.42 5.78 7.25
CA ILE A 93 8.79 4.53 7.62
C ILE A 93 8.49 4.49 9.11
N PRO A 94 7.53 3.66 9.56
CA PRO A 94 6.68 2.83 8.69
C PRO A 94 5.49 3.61 8.14
N SER A 95 5.24 3.47 6.86
CA SER A 95 4.09 4.13 6.24
C SER A 95 3.27 3.10 5.48
N ILE A 96 2.01 2.93 5.83
CA ILE A 96 1.19 1.92 5.19
C ILE A 96 0.07 2.58 4.38
N LEU A 97 0.12 2.40 3.07
CA LEU A 97 -0.85 3.03 2.18
C LEU A 97 -1.95 2.04 1.78
N PHE A 98 -3.16 2.33 2.22
CA PHE A 98 -4.31 1.49 1.91
C PHE A 98 -5.08 2.06 0.72
N ILE A 99 -4.91 1.46 -0.44
CA ILE A 99 -5.52 1.98 -1.66
C ILE A 99 -6.69 1.11 -2.11
N PRO A 100 -7.93 1.59 -1.93
CA PRO A 100 -9.13 0.93 -2.45
C PRO A 100 -9.43 1.36 -3.88
N MET A 101 -10.31 0.61 -4.55
CA MET A 101 -10.68 0.93 -5.94
C MET A 101 -11.83 1.94 -5.98
N GLU A 102 -12.30 2.31 -4.81
CA GLU A 102 -13.38 3.30 -4.70
C GLU A 102 -13.27 4.01 -3.36
N GLY A 103 -12.95 5.28 -3.41
CA GLY A 103 -12.71 6.05 -2.21
C GLY A 103 -11.40 6.80 -2.30
N LYS A 104 -10.64 6.77 -1.23
CA LYS A 104 -9.31 7.37 -1.24
C LYS A 104 -8.33 6.46 -0.52
N PRO A 105 -7.05 6.52 -0.92
CA PRO A 105 -5.99 5.79 -0.25
C PRO A 105 -5.57 6.47 1.03
N GLU A 106 -5.82 5.80 2.15
CA GLU A 106 -5.48 6.32 3.45
C GLU A 106 -4.13 5.75 3.88
N MET A 107 -3.54 6.31 4.92
CA MET A 107 -2.22 5.86 5.35
C MET A 107 -2.11 5.81 6.87
N ALA A 108 -1.63 4.68 7.37
CA ALA A 108 -1.38 4.51 8.80
C ALA A 108 0.10 4.25 9.02
N GLN A 109 0.66 4.81 10.09
CA GLN A 109 2.09 4.70 10.34
C GLN A 109 2.38 3.71 11.47
N GLY A 110 3.37 2.86 11.24
CA GLY A 110 3.90 2.03 12.32
C GLY A 110 3.67 0.55 12.16
N ALA A 111 4.21 -0.20 13.11
CA ALA A 111 4.21 -1.65 13.07
C ALA A 111 3.03 -2.24 13.82
N MET A 112 1.92 -2.38 13.13
CA MET A 112 0.78 -3.10 13.66
C MET A 112 0.81 -4.55 13.16
N PRO A 113 0.26 -5.51 13.93
CA PRO A 113 0.23 -6.92 13.54
C PRO A 113 -0.83 -7.17 12.48
N LYS A 114 -0.86 -8.39 11.92
CA LYS A 114 -1.87 -8.74 10.94
C LYS A 114 -3.25 -8.68 11.57
N ALA A 115 -3.30 -8.81 12.89
CA ALA A 115 -4.55 -8.65 13.63
C ALA A 115 -5.06 -7.21 13.53
N SER A 116 -4.20 -6.25 13.87
CA SER A 116 -4.59 -4.85 13.75
C SER A 116 -4.76 -4.46 12.28
N PHE A 117 -3.95 -5.06 11.41
CA PHE A 117 -4.09 -4.87 9.98
C PHE A 117 -5.47 -5.33 9.53
N LYS A 118 -5.89 -6.51 9.98
CA LYS A 118 -7.20 -7.04 9.61
C LYS A 118 -8.30 -6.06 9.97
N LYS A 119 -8.13 -5.36 11.07
CA LYS A 119 -9.11 -4.35 11.47
C LYS A 119 -9.16 -3.21 10.44
N ALA A 120 -8.01 -2.59 10.19
CA ALA A 120 -7.94 -1.44 9.28
C ALA A 120 -8.29 -1.84 7.84
N ILE A 121 -7.77 -2.99 7.41
CA ILE A 121 -8.05 -3.51 6.08
C ILE A 121 -9.55 -3.73 5.91
N ASP A 122 -10.17 -4.31 6.92
CA ASP A 122 -11.60 -4.53 6.90
C ASP A 122 -12.31 -3.20 6.85
N GLU A 123 -12.11 -2.42 7.91
CA GLU A 123 -12.90 -1.22 8.20
C GLU A 123 -12.78 -0.12 7.15
N PHE A 124 -11.99 -0.32 6.11
CA PHE A 124 -11.93 0.65 5.04
C PHE A 124 -11.58 0.03 3.70
N LEU A 125 -10.54 -0.79 3.66
CA LEU A 125 -10.07 -1.35 2.40
C LEU A 125 -11.11 -2.29 1.80
N LEU A 126 -11.88 -2.95 2.66
CA LEU A 126 -12.92 -3.85 2.19
C LEU A 126 -14.28 -3.23 2.47
N LYS A 127 -14.50 -2.94 3.73
CA LYS A 127 -15.74 -2.36 4.19
C LYS A 127 -15.53 -0.90 4.55
N LYS A 128 -15.52 -0.05 3.56
CA LYS A 128 -15.33 1.38 3.78
C LYS A 128 -16.65 2.01 4.22
N GLU A 129 -16.67 2.44 5.48
CA GLU A 129 -17.83 3.14 6.03
C GLU A 129 -18.11 4.45 5.30
N GLY A 130 -17.08 4.99 4.66
CA GLY A 130 -17.24 6.20 3.86
C GLY A 130 -17.34 7.44 4.72
N HIS A 131 -18.57 7.94 4.89
CA HIS A 131 -18.88 9.07 5.78
C HIS A 131 -17.95 10.27 5.56
N HIS A 132 -16.82 10.25 6.25
CA HIS A 132 -15.83 11.33 6.17
C HIS A 132 -15.16 11.38 4.80
N HIS A 133 -15.41 10.37 3.97
CA HIS A 133 -14.93 10.39 2.60
C HIS A 133 -16.10 10.18 1.64
N HIS A 134 -16.45 8.93 1.40
CA HIS A 134 -17.62 8.62 0.57
C HIS A 134 -18.89 8.81 1.40
N HIS A 135 -19.51 9.97 1.27
CA HIS A 135 -20.69 10.31 2.05
C HIS A 135 -21.86 9.39 1.72
N HIS A 136 -22.21 9.32 0.44
CA HIS A 136 -23.27 8.45 -0.03
C HIS A 136 -23.08 8.14 -1.50
N MET A 1 1.77 -13.61 -23.84
CA MET A 1 3.19 -13.37 -24.20
C MET A 1 4.09 -14.22 -23.32
N SER A 2 4.21 -13.82 -22.06
CA SER A 2 4.91 -14.61 -21.08
C SER A 2 3.95 -15.64 -20.47
N LEU A 3 4.39 -16.32 -19.42
CA LEU A 3 3.54 -17.30 -18.74
C LEU A 3 2.38 -16.60 -18.06
N ALA A 4 2.67 -15.83 -17.02
CA ALA A 4 1.65 -15.09 -16.29
C ALA A 4 2.29 -14.08 -15.34
N THR A 5 2.73 -14.57 -14.18
CA THR A 5 3.30 -13.72 -13.13
C THR A 5 2.25 -12.75 -12.62
N GLU A 6 1.50 -13.19 -11.62
CA GLU A 6 0.36 -12.43 -11.12
C GLU A 6 0.71 -11.62 -9.89
N GLY A 7 0.61 -10.30 -10.02
CA GLY A 7 0.73 -9.43 -8.87
C GLY A 7 -0.58 -9.40 -8.10
N ASN A 8 -0.91 -10.54 -7.50
CA ASN A 8 -2.21 -10.71 -6.87
C ASN A 8 -2.08 -11.59 -5.63
N GLY A 9 -2.24 -11.00 -4.45
CA GLY A 9 -2.11 -11.75 -3.21
C GLY A 9 -0.68 -11.78 -2.70
N LYS A 10 0.20 -11.12 -3.42
CA LYS A 10 1.60 -11.04 -3.01
C LYS A 10 2.12 -9.62 -3.16
N VAL A 11 3.35 -9.41 -2.72
CA VAL A 11 3.91 -8.08 -2.64
C VAL A 11 5.08 -7.89 -3.61
N ILE A 12 5.16 -6.70 -4.18
CA ILE A 12 6.30 -6.31 -5.00
C ILE A 12 6.92 -5.03 -4.43
N HIS A 13 8.09 -5.13 -3.82
CA HIS A 13 8.82 -3.94 -3.40
C HIS A 13 9.60 -3.39 -4.58
N LEU A 14 9.24 -2.19 -5.00
CA LEU A 14 9.68 -1.67 -6.28
C LEU A 14 10.21 -0.25 -6.17
N THR A 15 10.63 0.32 -7.30
CA THR A 15 11.15 1.67 -7.34
C THR A 15 10.05 2.66 -7.70
N LYS A 16 10.37 3.95 -7.69
CA LYS A 16 9.40 4.98 -8.07
C LYS A 16 8.91 4.78 -9.49
N ALA A 17 9.78 4.26 -10.35
CA ALA A 17 9.41 4.02 -11.75
C ALA A 17 8.30 2.99 -11.82
N GLU A 18 8.42 1.96 -11.00
CA GLU A 18 7.41 0.92 -10.93
C GLU A 18 6.16 1.43 -10.24
N PHE A 19 6.35 2.29 -9.25
CA PHE A 19 5.24 2.96 -8.58
C PHE A 19 4.42 3.71 -9.57
N LEU A 20 5.13 4.48 -10.35
CA LEU A 20 4.57 5.33 -11.35
C LEU A 20 3.61 4.59 -12.25
N ALA A 21 4.10 3.55 -12.92
CA ALA A 21 3.32 2.87 -13.94
C ALA A 21 2.37 1.81 -13.38
N LYS A 22 2.60 1.36 -12.15
CA LYS A 22 1.77 0.29 -11.59
C LYS A 22 0.88 0.78 -10.46
N VAL A 23 0.96 2.06 -10.11
CA VAL A 23 0.21 2.58 -8.98
C VAL A 23 -0.36 3.97 -9.27
N TYR A 24 0.49 4.88 -9.74
CA TYR A 24 0.13 6.29 -9.80
C TYR A 24 1.24 7.10 -10.49
N ASN A 25 0.89 7.68 -11.63
CA ASN A 25 1.86 8.42 -12.42
C ASN A 25 1.94 9.88 -11.97
N PHE A 26 2.84 10.18 -11.02
CA PHE A 26 3.00 11.54 -10.51
C PHE A 26 3.80 12.43 -11.46
N GLU A 27 3.97 11.99 -12.70
CA GLU A 27 4.53 12.85 -13.74
C GLU A 27 3.39 13.54 -14.43
N LYS A 28 2.39 12.74 -14.75
CA LYS A 28 1.25 13.16 -15.53
C LYS A 28 0.11 13.53 -14.61
N ASN A 29 0.15 13.01 -13.39
CA ASN A 29 -0.86 13.33 -12.37
C ASN A 29 -0.22 13.96 -11.13
N PRO A 30 0.39 15.13 -11.28
CA PRO A 30 0.90 15.91 -10.16
C PRO A 30 -0.21 16.33 -9.20
N GLU A 31 -1.34 16.75 -9.75
CA GLU A 31 -2.45 17.25 -8.96
C GLU A 31 -3.56 16.21 -8.84
N GLU A 32 -3.62 15.29 -9.80
CA GLU A 32 -4.65 14.26 -9.78
C GLU A 32 -4.17 13.03 -9.03
N TRP A 33 -5.12 12.34 -8.41
CA TRP A 33 -4.84 11.03 -7.86
C TRP A 33 -5.66 9.99 -8.63
N LYS A 34 -5.03 9.41 -9.64
CA LYS A 34 -5.64 8.32 -10.37
C LYS A 34 -4.79 7.08 -10.20
N TYR A 35 -5.27 6.14 -9.40
CA TYR A 35 -4.58 4.88 -9.22
C TYR A 35 -4.62 4.07 -10.51
N GLU A 36 -3.50 4.03 -11.19
CA GLU A 36 -3.36 3.30 -12.43
C GLU A 36 -2.91 1.87 -12.13
N GLY A 37 -3.87 1.02 -11.82
CA GLY A 37 -3.57 -0.34 -11.41
C GLY A 37 -4.65 -1.32 -11.80
N ASP A 38 -5.00 -2.20 -10.86
CA ASP A 38 -5.94 -3.28 -11.13
C ASP A 38 -6.86 -3.51 -9.94
N LYS A 39 -6.27 -3.75 -8.78
CA LYS A 39 -7.04 -4.03 -7.57
C LYS A 39 -6.59 -3.15 -6.42
N PRO A 40 -7.34 -3.11 -5.29
CA PRO A 40 -6.96 -2.33 -4.11
C PRO A 40 -5.51 -2.59 -3.72
N ALA A 41 -4.77 -1.52 -3.51
CA ALA A 41 -3.34 -1.63 -3.33
C ALA A 41 -2.92 -1.20 -1.94
N ILE A 42 -1.93 -1.88 -1.40
CA ILE A 42 -1.38 -1.55 -0.11
C ILE A 42 0.10 -1.23 -0.27
N VAL A 43 0.52 -0.04 0.13
CA VAL A 43 1.91 0.35 -0.02
C VAL A 43 2.63 0.34 1.32
N ASP A 44 3.62 -0.54 1.42
CA ASP A 44 4.41 -0.69 2.63
C ASP A 44 5.72 0.09 2.52
N PHE A 45 5.81 1.19 3.25
CA PHE A 45 7.04 1.97 3.30
C PHE A 45 7.91 1.47 4.44
N TYR A 46 9.02 0.86 4.11
CA TYR A 46 9.85 0.20 5.11
C TYR A 46 11.33 0.28 4.75
N ALA A 47 12.13 -0.28 5.65
CA ALA A 47 13.54 -0.50 5.44
C ALA A 47 13.96 -1.65 6.35
N ASP A 48 14.55 -2.68 5.76
CA ASP A 48 14.80 -3.92 6.49
C ASP A 48 15.75 -3.73 7.67
N TRP A 49 16.57 -2.70 7.62
CA TRP A 49 17.53 -2.45 8.70
C TRP A 49 16.82 -1.89 9.93
N CYS A 50 15.58 -1.44 9.76
CA CYS A 50 14.82 -0.86 10.84
C CYS A 50 13.86 -1.88 11.43
N GLY A 51 13.85 -1.96 12.76
CA GLY A 51 13.05 -2.95 13.48
C GLY A 51 11.59 -3.03 13.04
N PRO A 52 10.79 -2.00 13.30
CA PRO A 52 9.36 -2.02 13.01
C PRO A 52 9.05 -2.25 11.53
N CYS A 53 9.90 -1.73 10.66
CA CYS A 53 9.69 -1.82 9.22
C CYS A 53 9.95 -3.23 8.70
N LYS A 54 10.91 -3.91 9.30
CA LYS A 54 11.21 -5.29 8.91
C LYS A 54 10.17 -6.20 9.54
N MET A 55 9.63 -5.74 10.66
CA MET A 55 8.58 -6.43 11.37
C MET A 55 7.28 -6.45 10.55
N VAL A 56 6.85 -5.26 10.12
CA VAL A 56 5.58 -5.12 9.42
C VAL A 56 5.56 -5.88 8.09
N ALA A 57 6.70 -5.90 7.39
CA ALA A 57 6.78 -6.53 6.08
C ALA A 57 6.17 -7.93 6.05
N PRO A 58 6.65 -8.92 6.86
CA PRO A 58 6.04 -10.25 6.87
C PRO A 58 4.59 -10.22 7.34
N ILE A 59 4.25 -9.23 8.16
CA ILE A 59 2.91 -9.13 8.73
C ILE A 59 1.87 -8.85 7.64
N LEU A 60 2.07 -7.76 6.91
CA LEU A 60 1.11 -7.37 5.89
C LEU A 60 1.16 -8.32 4.69
N ASP A 61 2.34 -8.88 4.42
CA ASP A 61 2.51 -9.84 3.32
C ASP A 61 1.72 -11.11 3.61
N GLU A 62 1.80 -11.55 4.87
CA GLU A 62 0.99 -12.66 5.37
C GLU A 62 -0.48 -12.37 5.13
N LEU A 63 -0.88 -11.14 5.40
CA LEU A 63 -2.25 -10.71 5.26
C LEU A 63 -2.65 -10.60 3.78
N ALA A 64 -1.68 -10.28 2.93
CA ALA A 64 -1.90 -10.14 1.49
C ALA A 64 -2.43 -11.43 0.88
N LYS A 65 -1.67 -12.51 1.02
CA LYS A 65 -2.04 -13.80 0.44
C LYS A 65 -3.31 -14.34 1.09
N GLU A 66 -3.58 -13.91 2.32
CA GLU A 66 -4.82 -14.26 3.01
C GLU A 66 -6.02 -13.79 2.18
N TYR A 67 -5.82 -12.71 1.46
CA TYR A 67 -6.85 -12.13 0.61
C TYR A 67 -6.45 -12.24 -0.86
N ASP A 68 -5.61 -13.23 -1.16
CA ASP A 68 -5.13 -13.46 -2.53
C ASP A 68 -6.32 -13.53 -3.48
N GLY A 69 -6.40 -12.56 -4.38
CA GLY A 69 -7.51 -12.52 -5.32
C GLY A 69 -8.19 -11.17 -5.35
N GLN A 70 -8.05 -10.40 -4.27
CA GLN A 70 -8.75 -9.13 -4.17
C GLN A 70 -7.81 -7.96 -3.83
N ILE A 71 -6.65 -8.23 -3.24
CA ILE A 71 -5.74 -7.15 -2.90
C ILE A 71 -4.35 -7.37 -3.48
N VAL A 72 -3.67 -6.26 -3.76
CA VAL A 72 -2.30 -6.28 -4.26
C VAL A 72 -1.43 -5.39 -3.38
N ILE A 73 -0.27 -5.87 -2.96
CA ILE A 73 0.58 -5.07 -2.10
C ILE A 73 1.89 -4.72 -2.78
N TYR A 74 2.29 -3.47 -2.64
CA TYR A 74 3.58 -3.01 -3.10
C TYR A 74 4.40 -2.55 -1.91
N LYS A 75 5.69 -2.46 -2.07
CA LYS A 75 6.54 -1.93 -1.01
C LYS A 75 7.45 -0.86 -1.56
N VAL A 76 7.76 0.09 -0.72
CA VAL A 76 8.68 1.15 -1.07
C VAL A 76 9.85 1.15 -0.11
N ASP A 77 11.01 0.80 -0.63
CA ASP A 77 12.24 0.88 0.13
C ASP A 77 12.64 2.35 0.22
N THR A 78 12.14 3.02 1.26
CA THR A 78 12.20 4.47 1.38
C THR A 78 13.62 5.01 1.22
N GLU A 79 14.57 4.26 1.74
CA GLU A 79 15.99 4.61 1.66
C GLU A 79 16.42 4.86 0.21
N LYS A 80 15.82 4.14 -0.74
CA LYS A 80 16.14 4.32 -2.14
C LYS A 80 15.05 5.13 -2.85
N GLU A 81 13.87 5.12 -2.26
CA GLU A 81 12.74 5.85 -2.77
C GLU A 81 12.53 7.17 -2.02
N GLN A 82 13.62 7.88 -1.75
CA GLN A 82 13.58 9.14 -1.00
C GLN A 82 12.61 10.13 -1.63
N GLU A 83 12.71 10.28 -2.94
CA GLU A 83 11.88 11.24 -3.68
C GLU A 83 10.41 10.86 -3.59
N LEU A 84 10.13 9.57 -3.65
CA LEU A 84 8.76 9.06 -3.62
C LEU A 84 8.17 9.27 -2.22
N ALA A 85 8.95 8.93 -1.21
CA ALA A 85 8.51 9.08 0.18
C ALA A 85 8.23 10.54 0.51
N GLY A 86 9.17 11.41 0.12
CA GLY A 86 9.04 12.83 0.41
C GLY A 86 7.82 13.46 -0.25
N ALA A 87 7.42 12.92 -1.39
CA ALA A 87 6.28 13.45 -2.13
C ALA A 87 4.97 13.22 -1.39
N PHE A 88 4.93 12.20 -0.56
CA PHE A 88 3.73 11.88 0.20
C PHE A 88 3.83 12.41 1.63
N GLY A 89 4.88 13.17 1.89
CA GLY A 89 5.08 13.73 3.22
C GLY A 89 5.59 12.69 4.21
N ILE A 90 6.09 11.59 3.68
CA ILE A 90 6.62 10.52 4.51
C ILE A 90 8.01 10.88 5.03
N ARG A 91 8.15 10.89 6.35
CA ARG A 91 9.44 11.16 6.97
C ARG A 91 10.47 10.15 6.50
N SER A 92 10.19 8.89 6.81
CA SER A 92 11.02 7.77 6.42
C SER A 92 10.20 6.50 6.52
N ILE A 93 10.07 5.99 7.75
CA ILE A 93 9.46 4.70 8.00
C ILE A 93 9.06 4.59 9.47
N PRO A 94 8.03 3.78 9.80
CA PRO A 94 7.18 3.03 8.85
C PRO A 94 5.97 3.82 8.40
N SER A 95 5.52 3.58 7.19
CA SER A 95 4.28 4.16 6.69
C SER A 95 3.54 3.15 5.83
N ILE A 96 2.23 3.08 5.92
CA ILE A 96 1.46 2.11 5.14
C ILE A 96 0.27 2.78 4.49
N LEU A 97 0.29 2.83 3.16
CA LEU A 97 -0.74 3.50 2.40
C LEU A 97 -1.78 2.50 1.91
N PHE A 98 -3.00 2.63 2.39
CA PHE A 98 -4.10 1.76 1.98
C PHE A 98 -4.89 2.42 0.88
N ILE A 99 -4.69 1.95 -0.35
CA ILE A 99 -5.32 2.56 -1.52
C ILE A 99 -6.52 1.74 -2.00
N PRO A 100 -7.75 2.19 -1.69
CA PRO A 100 -8.96 1.56 -2.18
C PRO A 100 -9.32 2.04 -3.58
N MET A 101 -10.06 1.24 -4.31
CA MET A 101 -10.54 1.63 -5.64
C MET A 101 -11.68 2.62 -5.49
N GLU A 102 -12.43 2.48 -4.40
CA GLU A 102 -13.51 3.41 -4.08
C GLU A 102 -13.08 4.30 -2.92
N GLY A 103 -13.41 5.57 -3.01
CA GLY A 103 -13.06 6.50 -1.97
C GLY A 103 -11.68 7.09 -2.17
N LYS A 104 -10.94 7.24 -1.08
CA LYS A 104 -9.58 7.75 -1.13
C LYS A 104 -8.69 6.97 -0.17
N PRO A 105 -7.37 6.92 -0.42
CA PRO A 105 -6.42 6.13 0.39
C PRO A 105 -6.21 6.70 1.79
N GLU A 106 -5.83 5.81 2.70
CA GLU A 106 -5.51 6.19 4.08
C GLU A 106 -4.08 5.83 4.39
N MET A 107 -3.60 6.30 5.52
CA MET A 107 -2.21 6.14 5.89
C MET A 107 -2.04 5.88 7.40
N ALA A 108 -1.74 4.64 7.72
CA ALA A 108 -1.38 4.28 9.08
C ALA A 108 0.12 4.07 9.14
N GLN A 109 0.76 4.56 10.18
CA GLN A 109 2.22 4.51 10.26
C GLN A 109 2.67 3.67 11.44
N GLY A 110 3.70 2.86 11.19
CA GLY A 110 4.26 2.03 12.24
C GLY A 110 3.84 0.58 12.14
N ALA A 111 4.47 -0.26 12.92
CA ALA A 111 4.22 -1.69 12.86
C ALA A 111 3.18 -2.14 13.87
N MET A 112 1.92 -1.97 13.50
CA MET A 112 0.83 -2.54 14.28
C MET A 112 0.70 -4.03 13.95
N PRO A 113 -0.05 -4.82 14.73
CA PRO A 113 -0.10 -6.27 14.54
C PRO A 113 -0.94 -6.67 13.32
N LYS A 114 -0.86 -7.95 12.97
CA LYS A 114 -1.68 -8.52 11.91
C LYS A 114 -3.16 -8.31 12.23
N ALA A 115 -3.46 -8.17 13.51
CA ALA A 115 -4.82 -7.90 13.96
C ALA A 115 -5.27 -6.50 13.56
N SER A 116 -4.47 -5.48 13.90
CA SER A 116 -4.83 -4.11 13.55
C SER A 116 -4.77 -3.90 12.03
N PHE A 117 -3.78 -4.52 11.39
CA PHE A 117 -3.68 -4.47 9.95
C PHE A 117 -4.91 -5.10 9.29
N LYS A 118 -5.34 -6.24 9.83
CA LYS A 118 -6.47 -6.96 9.24
C LYS A 118 -7.73 -6.10 9.25
N LYS A 119 -7.93 -5.35 10.32
CA LYS A 119 -9.09 -4.45 10.41
C LYS A 119 -9.03 -3.39 9.32
N ALA A 120 -7.85 -2.82 9.13
CA ALA A 120 -7.65 -1.78 8.12
C ALA A 120 -7.88 -2.34 6.71
N ILE A 121 -7.39 -3.55 6.46
CA ILE A 121 -7.52 -4.16 5.15
C ILE A 121 -8.95 -4.66 4.92
N ASP A 122 -9.44 -5.46 5.83
CA ASP A 122 -10.73 -6.12 5.68
C ASP A 122 -11.87 -5.11 5.74
N GLU A 123 -12.05 -4.51 6.89
CA GLU A 123 -13.17 -3.60 7.14
C GLU A 123 -13.10 -2.35 6.26
N PHE A 124 -11.94 -1.71 6.24
CA PHE A 124 -11.81 -0.41 5.61
C PHE A 124 -11.53 -0.50 4.10
N LEU A 125 -10.72 -1.47 3.69
CA LEU A 125 -10.27 -1.53 2.30
C LEU A 125 -11.21 -2.35 1.42
N LEU A 126 -11.76 -3.44 1.95
CA LEU A 126 -12.55 -4.37 1.14
C LEU A 126 -14.02 -3.98 1.13
N LYS A 127 -14.67 -4.09 2.27
CA LYS A 127 -16.07 -3.70 2.39
C LYS A 127 -16.13 -2.24 2.81
N LYS A 128 -15.97 -1.36 1.83
CA LYS A 128 -15.79 0.06 2.09
C LYS A 128 -16.88 0.61 3.02
N GLU A 129 -16.55 0.69 4.29
CA GLU A 129 -17.37 1.37 5.28
C GLU A 129 -17.65 2.82 4.89
N GLY A 130 -16.82 3.35 3.99
CA GLY A 130 -16.93 4.73 3.54
C GLY A 130 -18.27 5.05 2.92
N HIS A 131 -19.01 4.01 2.50
CA HIS A 131 -20.35 4.20 1.96
C HIS A 131 -21.24 4.89 2.98
N HIS A 132 -21.01 4.57 4.25
CA HIS A 132 -21.75 5.17 5.35
C HIS A 132 -20.85 5.28 6.57
N HIS A 133 -19.77 6.04 6.45
CA HIS A 133 -18.85 6.25 7.56
C HIS A 133 -19.44 7.26 8.54
N HIS A 134 -20.51 6.84 9.20
CA HIS A 134 -21.24 7.68 10.14
C HIS A 134 -22.22 6.77 10.89
N HIS A 135 -22.62 7.16 12.09
CA HIS A 135 -23.52 6.32 12.90
C HIS A 135 -24.97 6.37 12.41
N HIS A 136 -25.16 6.30 11.10
CA HIS A 136 -26.48 6.24 10.49
C HIS A 136 -26.34 6.24 8.96
N MET A 1 12.03 -11.69 -12.60
CA MET A 1 11.66 -10.41 -13.24
C MET A 1 11.12 -9.42 -12.22
N SER A 2 10.08 -9.84 -11.47
CA SER A 2 9.51 -9.06 -10.37
C SER A 2 8.64 -7.89 -10.86
N LEU A 3 8.97 -7.33 -12.02
CA LEU A 3 8.23 -6.19 -12.56
C LEU A 3 6.91 -6.63 -13.20
N ALA A 4 6.47 -7.85 -12.89
CA ALA A 4 5.22 -8.39 -13.41
C ALA A 4 4.04 -7.50 -13.01
N THR A 5 2.95 -7.59 -13.77
CA THR A 5 1.81 -6.72 -13.54
C THR A 5 0.71 -7.43 -12.75
N GLU A 6 1.07 -8.54 -12.13
CA GLU A 6 0.12 -9.32 -11.35
C GLU A 6 0.66 -9.47 -9.93
N GLY A 7 -0.14 -9.10 -8.94
CA GLY A 7 0.35 -9.08 -7.57
C GLY A 7 -0.68 -9.54 -6.55
N ASN A 8 -1.61 -10.40 -6.97
CA ASN A 8 -2.59 -10.95 -6.04
C ASN A 8 -1.95 -11.97 -5.12
N GLY A 9 -2.26 -11.87 -3.83
CA GLY A 9 -1.76 -12.82 -2.87
C GLY A 9 -0.27 -12.69 -2.63
N LYS A 10 0.26 -11.52 -2.93
CA LYS A 10 1.69 -11.27 -2.80
C LYS A 10 1.98 -9.78 -2.79
N VAL A 11 3.24 -9.46 -2.50
CA VAL A 11 3.70 -8.08 -2.52
C VAL A 11 4.70 -7.87 -3.65
N ILE A 12 4.66 -6.70 -4.24
CA ILE A 12 5.64 -6.33 -5.25
C ILE A 12 6.50 -5.17 -4.76
N HIS A 13 7.67 -5.50 -4.22
CA HIS A 13 8.61 -4.46 -3.79
C HIS A 13 9.30 -3.89 -5.03
N LEU A 14 9.18 -2.60 -5.24
CA LEU A 14 9.60 -1.99 -6.48
C LEU A 14 10.33 -0.66 -6.26
N THR A 15 10.77 -0.07 -7.35
CA THR A 15 11.38 1.25 -7.34
C THR A 15 10.36 2.32 -7.73
N LYS A 16 10.74 3.57 -7.57
CA LYS A 16 9.87 4.70 -7.94
C LYS A 16 9.41 4.62 -9.39
N ALA A 17 10.26 4.10 -10.26
CA ALA A 17 9.92 3.97 -11.68
C ALA A 17 8.79 2.98 -11.85
N GLU A 18 8.86 1.88 -11.12
CA GLU A 18 7.84 0.85 -11.16
C GLU A 18 6.57 1.36 -10.47
N PHE A 19 6.75 2.20 -9.45
CA PHE A 19 5.63 2.84 -8.77
C PHE A 19 4.82 3.60 -9.77
N LEU A 20 5.53 4.43 -10.47
CA LEU A 20 4.98 5.33 -11.45
C LEU A 20 4.06 4.61 -12.43
N ALA A 21 4.62 3.63 -13.14
CA ALA A 21 3.91 2.98 -14.24
C ALA A 21 2.95 1.89 -13.77
N LYS A 22 2.97 1.55 -12.49
CA LYS A 22 2.08 0.51 -11.97
C LYS A 22 0.98 1.07 -11.08
N VAL A 23 1.27 2.13 -10.36
CA VAL A 23 0.38 2.59 -9.31
C VAL A 23 -0.06 4.04 -9.49
N TYR A 24 0.84 4.91 -9.92
CA TYR A 24 0.56 6.35 -9.85
C TYR A 24 1.58 7.16 -10.65
N ASN A 25 1.08 7.91 -11.63
CA ASN A 25 1.95 8.71 -12.48
C ASN A 25 2.09 10.12 -11.92
N PHE A 26 3.10 10.35 -11.09
CA PHE A 26 3.32 11.69 -10.53
C PHE A 26 4.16 12.56 -11.47
N GLU A 27 4.22 12.16 -12.73
CA GLU A 27 4.84 12.99 -13.77
C GLU A 27 3.76 13.81 -14.42
N LYS A 28 2.72 13.09 -14.81
CA LYS A 28 1.61 13.67 -15.55
C LYS A 28 0.48 14.04 -14.61
N ASN A 29 0.48 13.42 -13.43
CA ASN A 29 -0.52 13.73 -12.40
C ASN A 29 0.16 14.18 -11.11
N PRO A 30 0.79 15.36 -11.15
CA PRO A 30 1.37 15.99 -9.98
C PRO A 30 0.35 16.26 -8.88
N GLU A 31 -0.89 16.52 -9.28
CA GLU A 31 -1.91 16.95 -8.36
C GLU A 31 -2.88 15.81 -8.01
N GLU A 32 -3.27 15.00 -8.99
CA GLU A 32 -4.26 14.00 -8.76
C GLU A 32 -3.64 12.62 -8.55
N TRP A 33 -4.09 11.95 -7.50
CA TRP A 33 -3.73 10.57 -7.26
C TRP A 33 -4.39 9.67 -8.32
N LYS A 34 -3.65 9.41 -9.38
CA LYS A 34 -4.12 8.53 -10.43
C LYS A 34 -3.64 7.11 -10.16
N TYR A 35 -4.50 6.32 -9.56
CA TYR A 35 -4.19 4.93 -9.28
C TYR A 35 -4.39 4.05 -10.50
N GLU A 36 -3.37 3.29 -10.85
CA GLU A 36 -3.50 2.23 -11.84
C GLU A 36 -3.40 0.89 -11.12
N GLY A 37 -4.03 -0.14 -11.67
CA GLY A 37 -3.98 -1.44 -11.03
C GLY A 37 -5.17 -2.30 -11.37
N ASP A 38 -5.82 -2.82 -10.34
CA ASP A 38 -6.91 -3.78 -10.50
C ASP A 38 -7.73 -3.90 -9.23
N LYS A 39 -7.07 -4.30 -8.14
CA LYS A 39 -7.75 -4.47 -6.87
C LYS A 39 -7.15 -3.55 -5.82
N PRO A 40 -7.84 -3.37 -4.67
CA PRO A 40 -7.34 -2.55 -3.56
C PRO A 40 -5.87 -2.81 -3.28
N ALA A 41 -5.10 -1.75 -3.17
CA ALA A 41 -3.66 -1.87 -3.09
C ALA A 41 -3.14 -1.44 -1.72
N ILE A 42 -2.08 -2.10 -1.28
CA ILE A 42 -1.40 -1.75 -0.06
C ILE A 42 0.06 -1.45 -0.37
N VAL A 43 0.52 -0.27 -0.04
CA VAL A 43 1.92 0.08 -0.28
C VAL A 43 2.70 0.11 1.03
N ASP A 44 3.57 -0.86 1.20
CA ASP A 44 4.40 -0.96 2.40
C ASP A 44 5.67 -0.13 2.21
N PHE A 45 5.73 1.01 2.89
CA PHE A 45 6.91 1.85 2.86
C PHE A 45 7.81 1.44 4.02
N TYR A 46 8.94 0.87 3.70
CA TYR A 46 9.80 0.27 4.69
C TYR A 46 11.26 0.54 4.39
N ALA A 47 12.11 0.02 5.26
CA ALA A 47 13.55 -0.01 5.07
C ALA A 47 14.13 -1.10 5.97
N ASP A 48 15.13 -1.80 5.48
CA ASP A 48 15.70 -2.95 6.20
C ASP A 48 16.26 -2.55 7.58
N TRP A 49 16.73 -1.32 7.71
CA TRP A 49 17.33 -0.90 8.98
C TRP A 49 16.25 -0.62 10.02
N CYS A 50 14.99 -0.59 9.60
CA CYS A 50 13.89 -0.32 10.52
C CYS A 50 13.23 -1.61 10.96
N GLY A 51 13.38 -1.92 12.23
CA GLY A 51 12.76 -3.11 12.80
C GLY A 51 11.25 -3.16 12.65
N PRO A 52 10.53 -2.11 13.10
CA PRO A 52 9.06 -2.03 12.98
C PRO A 52 8.56 -2.38 11.57
N CYS A 53 9.28 -1.95 10.54
CA CYS A 53 8.90 -2.25 9.17
C CYS A 53 9.04 -3.73 8.87
N LYS A 54 10.13 -4.33 9.33
CA LYS A 54 10.38 -5.74 9.10
C LYS A 54 9.45 -6.57 9.96
N MET A 55 9.03 -6.00 11.07
CA MET A 55 8.04 -6.62 11.94
C MET A 55 6.74 -6.85 11.18
N VAL A 56 6.27 -5.83 10.47
CA VAL A 56 4.98 -5.90 9.79
C VAL A 56 5.09 -6.51 8.41
N ALA A 57 6.28 -6.41 7.80
CA ALA A 57 6.53 -6.94 6.46
C ALA A 57 5.94 -8.34 6.25
N PRO A 58 6.35 -9.37 7.03
CA PRO A 58 5.86 -10.74 6.83
C PRO A 58 4.38 -10.87 7.17
N ILE A 59 3.91 -10.02 8.07
CA ILE A 59 2.51 -10.03 8.48
C ILE A 59 1.62 -9.63 7.31
N LEU A 60 1.90 -8.47 6.73
CA LEU A 60 1.10 -7.96 5.62
C LEU A 60 1.31 -8.82 4.37
N ASP A 61 2.51 -9.39 4.24
CA ASP A 61 2.79 -10.35 3.17
C ASP A 61 1.88 -11.57 3.27
N GLU A 62 1.80 -12.14 4.46
CA GLU A 62 0.98 -13.32 4.72
C GLU A 62 -0.49 -12.98 4.53
N LEU A 63 -0.87 -11.78 4.92
CA LEU A 63 -2.24 -11.31 4.76
C LEU A 63 -2.57 -11.04 3.30
N ALA A 64 -1.56 -10.63 2.53
CA ALA A 64 -1.73 -10.48 1.09
C ALA A 64 -2.20 -11.78 0.49
N LYS A 65 -1.59 -12.86 0.95
CA LYS A 65 -1.95 -14.20 0.52
C LYS A 65 -3.32 -14.59 1.10
N GLU A 66 -3.53 -14.25 2.36
CA GLU A 66 -4.81 -14.49 3.01
C GLU A 66 -5.94 -13.82 2.23
N TYR A 67 -5.69 -12.62 1.72
CA TYR A 67 -6.64 -11.90 0.89
C TYR A 67 -6.32 -12.06 -0.60
N ASP A 68 -5.67 -13.17 -0.94
CA ASP A 68 -5.32 -13.47 -2.34
C ASP A 68 -6.55 -13.40 -3.23
N GLY A 69 -6.44 -12.66 -4.33
CA GLY A 69 -7.56 -12.50 -5.23
C GLY A 69 -8.43 -11.31 -4.85
N GLN A 70 -8.12 -10.71 -3.71
CA GLN A 70 -8.89 -9.57 -3.22
C GLN A 70 -8.06 -8.29 -3.24
N ILE A 71 -6.81 -8.39 -2.81
CA ILE A 71 -5.95 -7.21 -2.73
C ILE A 71 -4.60 -7.47 -3.40
N VAL A 72 -3.93 -6.38 -3.77
CA VAL A 72 -2.61 -6.43 -4.37
C VAL A 72 -1.67 -5.52 -3.59
N ILE A 73 -0.56 -6.05 -3.09
CA ILE A 73 0.33 -5.23 -2.27
C ILE A 73 1.62 -4.90 -3.02
N TYR A 74 2.06 -3.66 -2.88
CA TYR A 74 3.33 -3.20 -3.40
C TYR A 74 4.20 -2.77 -2.24
N LYS A 75 5.50 -2.65 -2.47
CA LYS A 75 6.41 -2.23 -1.41
C LYS A 75 7.41 -1.22 -1.93
N VAL A 76 7.76 -0.27 -1.08
CA VAL A 76 8.62 0.83 -1.45
C VAL A 76 9.63 1.12 -0.35
N ASP A 77 10.88 1.30 -0.74
CA ASP A 77 11.93 1.65 0.22
C ASP A 77 12.09 3.16 0.25
N THR A 78 11.54 3.79 1.27
CA THR A 78 11.54 5.25 1.37
C THR A 78 12.95 5.83 1.21
N GLU A 79 13.90 5.12 1.76
CA GLU A 79 15.31 5.50 1.70
C GLU A 79 15.79 5.73 0.26
N LYS A 80 15.29 4.93 -0.68
CA LYS A 80 15.67 5.08 -2.07
C LYS A 80 14.58 5.83 -2.84
N GLU A 81 13.39 5.82 -2.28
CA GLU A 81 12.25 6.53 -2.80
C GLU A 81 12.05 7.86 -2.08
N GLN A 82 13.14 8.60 -1.89
CA GLN A 82 13.11 9.88 -1.18
C GLN A 82 12.12 10.85 -1.81
N GLU A 83 12.25 11.06 -3.11
CA GLU A 83 11.41 11.99 -3.85
C GLU A 83 9.95 11.54 -3.79
N LEU A 84 9.76 10.23 -3.84
CA LEU A 84 8.43 9.65 -3.81
C LEU A 84 7.77 9.88 -2.44
N ALA A 85 8.56 9.71 -1.38
CA ALA A 85 8.08 9.93 -0.03
C ALA A 85 7.78 11.41 0.19
N GLY A 86 8.70 12.26 -0.26
CA GLY A 86 8.53 13.69 -0.09
C GLY A 86 7.29 14.22 -0.79
N ALA A 87 6.93 13.60 -1.91
CA ALA A 87 5.76 14.02 -2.68
C ALA A 87 4.47 13.90 -1.87
N PHE A 88 4.41 12.88 -1.01
CA PHE A 88 3.23 12.67 -0.18
C PHE A 88 3.44 13.26 1.21
N GLY A 89 4.58 13.90 1.41
CA GLY A 89 4.92 14.43 2.71
C GLY A 89 5.12 13.34 3.74
N ILE A 90 5.54 12.17 3.28
CA ILE A 90 5.76 11.03 4.16
C ILE A 90 6.90 11.30 5.12
N ARG A 91 6.72 10.90 6.37
CA ARG A 91 7.79 11.01 7.36
C ARG A 91 8.95 10.13 6.95
N SER A 92 8.68 8.83 6.87
CA SER A 92 9.64 7.83 6.41
C SER A 92 9.05 6.43 6.54
N ILE A 93 9.28 5.82 7.69
CA ILE A 93 8.93 4.43 7.92
C ILE A 93 8.65 4.18 9.39
N PRO A 94 7.71 3.27 9.72
CA PRO A 94 6.87 2.55 8.74
C PRO A 94 5.72 3.41 8.23
N SER A 95 5.40 3.27 6.95
CA SER A 95 4.29 3.98 6.36
C SER A 95 3.54 3.05 5.42
N ILE A 96 2.32 2.69 5.76
CA ILE A 96 1.57 1.77 4.93
C ILE A 96 0.41 2.50 4.26
N LEU A 97 0.48 2.60 2.95
CA LEU A 97 -0.51 3.33 2.18
C LEU A 97 -1.62 2.39 1.70
N PHE A 98 -2.81 2.60 2.22
CA PHE A 98 -3.97 1.81 1.83
C PHE A 98 -4.74 2.52 0.73
N ILE A 99 -4.71 1.93 -0.46
CA ILE A 99 -5.34 2.53 -1.63
C ILE A 99 -6.70 1.89 -1.92
N PRO A 100 -7.79 2.58 -1.58
CA PRO A 100 -9.14 2.08 -1.80
C PRO A 100 -9.60 2.28 -3.23
N MET A 101 -10.64 1.56 -3.62
CA MET A 101 -11.23 1.72 -4.95
C MET A 101 -12.27 2.83 -4.93
N GLU A 102 -12.44 3.42 -3.75
CA GLU A 102 -13.35 4.54 -3.55
C GLU A 102 -12.68 5.56 -2.65
N GLY A 103 -12.57 6.79 -3.13
CA GLY A 103 -11.96 7.83 -2.35
C GLY A 103 -10.49 8.00 -2.66
N LYS A 104 -9.72 8.43 -1.67
CA LYS A 104 -8.28 8.61 -1.83
C LYS A 104 -7.56 7.76 -0.78
N PRO A 105 -6.27 7.44 -1.00
CA PRO A 105 -5.52 6.54 -0.12
C PRO A 105 -5.19 7.16 1.24
N GLU A 106 -5.01 6.31 2.24
CA GLU A 106 -4.65 6.74 3.58
C GLU A 106 -3.40 6.01 4.03
N MET A 107 -2.81 6.46 5.11
CA MET A 107 -1.56 5.88 5.58
C MET A 107 -1.61 5.53 7.05
N ALA A 108 -1.36 4.27 7.35
CA ALA A 108 -1.20 3.81 8.72
C ALA A 108 0.29 3.57 8.98
N GLN A 109 0.80 4.08 10.08
CA GLN A 109 2.24 4.04 10.32
C GLN A 109 2.60 3.18 11.52
N GLY A 110 3.64 2.38 11.34
CA GLY A 110 4.25 1.67 12.44
C GLY A 110 3.91 0.19 12.51
N ALA A 111 4.39 -0.45 13.58
CA ALA A 111 4.32 -1.90 13.71
C ALA A 111 3.06 -2.33 14.45
N MET A 112 1.99 -2.46 13.70
CA MET A 112 0.75 -3.02 14.23
C MET A 112 0.73 -4.53 14.00
N PRO A 113 -0.01 -5.29 14.82
CA PRO A 113 -0.05 -6.75 14.72
C PRO A 113 -0.88 -7.21 13.54
N LYS A 114 -0.94 -8.53 13.33
CA LYS A 114 -1.81 -9.08 12.29
C LYS A 114 -3.26 -8.68 12.55
N ALA A 115 -3.61 -8.59 13.83
CA ALA A 115 -4.96 -8.22 14.22
C ALA A 115 -5.32 -6.82 13.74
N SER A 116 -4.50 -5.83 14.06
CA SER A 116 -4.78 -4.45 13.63
C SER A 116 -4.68 -4.34 12.11
N PHE A 117 -3.68 -4.99 11.54
CA PHE A 117 -3.47 -4.97 10.11
C PHE A 117 -4.68 -5.57 9.38
N LYS A 118 -5.21 -6.65 9.94
CA LYS A 118 -6.36 -7.32 9.36
C LYS A 118 -7.55 -6.38 9.24
N LYS A 119 -7.88 -5.69 10.32
CA LYS A 119 -9.01 -4.75 10.30
C LYS A 119 -8.74 -3.60 9.35
N ALA A 120 -7.50 -3.13 9.35
CA ALA A 120 -7.09 -2.07 8.43
C ALA A 120 -7.31 -2.49 6.98
N ILE A 121 -7.04 -3.75 6.70
CA ILE A 121 -7.24 -4.28 5.36
C ILE A 121 -8.72 -4.52 5.07
N ASP A 122 -9.39 -5.31 5.91
CA ASP A 122 -10.76 -5.69 5.60
C ASP A 122 -11.74 -4.54 5.83
N GLU A 123 -11.80 -4.02 7.05
CA GLU A 123 -12.81 -3.04 7.45
C GLU A 123 -12.62 -1.69 6.77
N PHE A 124 -11.41 -1.40 6.32
CA PHE A 124 -11.13 -0.09 5.71
C PHE A 124 -10.88 -0.20 4.21
N LEU A 125 -10.06 -1.17 3.82
CA LEU A 125 -9.61 -1.26 2.43
C LEU A 125 -10.55 -2.13 1.59
N LEU A 126 -11.01 -3.25 2.13
CA LEU A 126 -11.79 -4.20 1.40
C LEU A 126 -13.26 -3.77 1.41
N LYS A 127 -13.77 -3.52 2.59
CA LYS A 127 -15.10 -2.97 2.74
C LYS A 127 -14.97 -1.49 3.01
N LYS A 128 -14.64 -0.75 1.96
CA LYS A 128 -14.38 0.69 2.06
C LYS A 128 -15.49 1.41 2.83
N GLU A 129 -15.22 1.68 4.09
CA GLU A 129 -16.15 2.42 4.94
C GLU A 129 -16.14 3.92 4.61
N GLY A 130 -16.89 4.68 5.41
CA GLY A 130 -17.08 6.08 5.14
C GLY A 130 -18.51 6.34 4.74
N HIS A 131 -19.33 5.32 4.86
CA HIS A 131 -20.75 5.40 4.52
C HIS A 131 -21.55 4.77 5.65
N HIS A 132 -21.40 5.32 6.84
CA HIS A 132 -21.92 4.68 8.04
C HIS A 132 -23.41 4.96 8.25
N HIS A 133 -24.23 4.44 7.35
CA HIS A 133 -25.66 4.35 7.61
C HIS A 133 -25.90 3.02 8.31
N HIS A 134 -25.37 1.97 7.69
CA HIS A 134 -25.18 0.69 8.33
C HIS A 134 -24.37 -0.21 7.43
N HIS A 135 -23.13 0.20 7.17
CA HIS A 135 -22.20 -0.60 6.41
C HIS A 135 -21.63 -1.69 7.32
N HIS A 136 -21.77 -1.44 8.62
CA HIS A 136 -21.44 -2.39 9.66
C HIS A 136 -22.01 -1.88 10.99
N MET A 1 7.57 -8.04 -17.13
CA MET A 1 6.64 -6.91 -16.92
C MET A 1 5.33 -7.39 -16.30
N SER A 2 4.57 -6.46 -15.75
CA SER A 2 3.31 -6.79 -15.12
C SER A 2 2.19 -6.89 -16.15
N LEU A 3 1.69 -8.09 -16.35
CA LEU A 3 0.65 -8.33 -17.34
C LEU A 3 -0.73 -8.36 -16.68
N ALA A 4 -0.87 -9.21 -15.67
CA ALA A 4 -2.16 -9.40 -15.00
C ALA A 4 -2.02 -9.20 -13.50
N THR A 5 -1.06 -8.37 -13.11
CA THR A 5 -0.79 -8.07 -11.70
C THR A 5 -0.26 -9.30 -10.97
N GLU A 6 1.05 -9.47 -11.01
CA GLU A 6 1.72 -10.62 -10.39
C GLU A 6 1.77 -10.49 -8.86
N GLY A 7 1.43 -9.31 -8.36
CA GLY A 7 1.41 -9.09 -6.91
C GLY A 7 0.09 -9.49 -6.28
N ASN A 8 -0.61 -10.41 -6.93
CA ASN A 8 -1.90 -10.87 -6.48
C ASN A 8 -1.76 -11.72 -5.21
N GLY A 9 -2.28 -11.20 -4.09
CA GLY A 9 -2.24 -11.94 -2.85
C GLY A 9 -0.85 -12.09 -2.28
N LYS A 10 -0.01 -11.10 -2.52
CA LYS A 10 1.34 -11.10 -1.98
C LYS A 10 1.98 -9.73 -2.14
N VAL A 11 3.14 -9.55 -1.54
CA VAL A 11 3.79 -8.25 -1.58
C VAL A 11 5.09 -8.27 -2.39
N ILE A 12 5.22 -7.30 -3.27
CA ILE A 12 6.44 -7.15 -4.05
C ILE A 12 7.04 -5.77 -3.80
N HIS A 13 8.34 -5.72 -3.47
CA HIS A 13 8.99 -4.43 -3.29
C HIS A 13 9.52 -3.93 -4.62
N LEU A 14 9.21 -2.70 -4.95
CA LEU A 14 9.59 -2.13 -6.22
C LEU A 14 10.19 -0.75 -6.04
N THR A 15 10.69 -0.19 -7.13
CA THR A 15 11.26 1.14 -7.10
C THR A 15 10.19 2.18 -7.43
N LYS A 16 10.50 3.44 -7.18
CA LYS A 16 9.57 4.53 -7.43
C LYS A 16 9.24 4.62 -8.91
N ALA A 17 10.15 4.15 -9.75
CA ALA A 17 9.92 4.12 -11.19
C ALA A 17 8.82 3.11 -11.51
N GLU A 18 8.80 2.00 -10.78
CA GLU A 18 7.76 0.99 -10.93
C GLU A 18 6.45 1.54 -10.43
N PHE A 19 6.49 2.21 -9.28
CA PHE A 19 5.32 2.84 -8.69
C PHE A 19 4.71 3.79 -9.68
N LEU A 20 5.58 4.64 -10.19
CA LEU A 20 5.23 5.66 -11.12
C LEU A 20 4.37 5.14 -12.27
N ALA A 21 4.92 4.21 -13.02
CA ALA A 21 4.33 3.78 -14.29
C ALA A 21 3.27 2.69 -14.10
N LYS A 22 3.31 2.04 -12.96
CA LYS A 22 2.45 0.87 -12.75
C LYS A 22 1.34 1.16 -11.75
N VAL A 23 1.47 2.24 -10.98
CA VAL A 23 0.55 2.50 -9.88
C VAL A 23 0.06 3.95 -9.89
N TYR A 24 0.96 4.91 -10.08
CA TYR A 24 0.63 6.31 -9.87
C TYR A 24 1.66 7.22 -10.50
N ASN A 25 1.24 8.00 -11.48
CA ASN A 25 2.13 8.89 -12.19
C ASN A 25 2.29 10.21 -11.43
N PHE A 26 3.25 10.27 -10.52
CA PHE A 26 3.51 11.49 -9.74
C PHE A 26 4.36 12.48 -10.53
N GLU A 27 4.62 12.12 -11.77
CA GLU A 27 5.41 12.93 -12.66
C GLU A 27 4.47 13.78 -13.53
N LYS A 28 3.51 13.11 -14.16
CA LYS A 28 2.52 13.81 -14.96
C LYS A 28 1.38 14.30 -14.08
N ASN A 29 1.14 13.60 -12.96
CA ASN A 29 0.05 13.95 -12.06
C ASN A 29 0.58 14.27 -10.66
N PRO A 30 1.28 15.39 -10.52
CA PRO A 30 1.69 15.94 -9.23
C PRO A 30 0.50 16.35 -8.38
N GLU A 31 -0.60 16.72 -9.03
CA GLU A 31 -1.78 17.23 -8.35
C GLU A 31 -2.90 16.20 -8.34
N GLU A 32 -2.96 15.37 -9.37
CA GLU A 32 -4.01 14.35 -9.46
C GLU A 32 -3.55 13.04 -8.86
N TRP A 33 -4.47 12.35 -8.23
CA TRP A 33 -4.21 10.99 -7.77
C TRP A 33 -4.62 10.01 -8.85
N LYS A 34 -3.69 9.69 -9.73
CA LYS A 34 -3.95 8.73 -10.79
C LYS A 34 -3.49 7.35 -10.35
N TYR A 35 -4.43 6.56 -9.88
CA TYR A 35 -4.13 5.19 -9.47
C TYR A 35 -4.53 4.22 -10.57
N GLU A 36 -3.56 3.48 -11.05
CA GLU A 36 -3.81 2.47 -12.08
C GLU A 36 -3.61 1.08 -11.50
N GLY A 37 -4.70 0.33 -11.45
CA GLY A 37 -4.65 -1.02 -10.92
C GLY A 37 -6.00 -1.70 -11.06
N ASP A 38 -6.02 -3.02 -10.94
CA ASP A 38 -7.26 -3.77 -11.10
C ASP A 38 -7.92 -4.04 -9.75
N LYS A 39 -7.11 -4.31 -8.73
CA LYS A 39 -7.62 -4.57 -7.38
C LYS A 39 -7.12 -3.50 -6.41
N PRO A 40 -7.73 -3.42 -5.21
CA PRO A 40 -7.25 -2.52 -4.14
C PRO A 40 -5.81 -2.84 -3.74
N ALA A 41 -5.02 -1.80 -3.48
CA ALA A 41 -3.60 -1.98 -3.23
C ALA A 41 -3.20 -1.49 -1.85
N ILE A 42 -2.21 -2.16 -1.29
CA ILE A 42 -1.58 -1.75 -0.04
C ILE A 42 -0.09 -1.53 -0.31
N VAL A 43 0.47 -0.42 0.16
CA VAL A 43 1.89 -0.14 -0.07
C VAL A 43 2.60 0.18 1.23
N ASP A 44 3.53 -0.66 1.65
CA ASP A 44 4.30 -0.40 2.86
C ASP A 44 5.68 0.16 2.52
N PHE A 45 5.89 1.39 2.94
CA PHE A 45 7.17 2.05 2.86
C PHE A 45 8.05 1.60 4.01
N TYR A 46 9.11 0.87 3.71
CA TYR A 46 9.97 0.33 4.75
C TYR A 46 11.44 0.64 4.49
N ALA A 47 12.24 0.38 5.51
CA ALA A 47 13.68 0.44 5.43
C ALA A 47 14.23 -0.73 6.24
N ASP A 48 15.15 -1.49 5.65
CA ASP A 48 15.61 -2.72 6.27
C ASP A 48 16.23 -2.49 7.64
N TRP A 49 16.91 -1.37 7.81
CA TRP A 49 17.59 -1.08 9.07
C TRP A 49 16.60 -0.76 10.19
N CYS A 50 15.34 -0.60 9.83
CA CYS A 50 14.31 -0.26 10.81
C CYS A 50 13.60 -1.52 11.31
N GLY A 51 13.62 -1.71 12.62
CA GLY A 51 12.98 -2.87 13.24
C GLY A 51 11.52 -3.04 12.85
N PRO A 52 10.65 -2.05 13.13
CA PRO A 52 9.24 -2.09 12.75
C PRO A 52 9.01 -2.48 11.28
N CYS A 53 9.90 -2.03 10.41
CA CYS A 53 9.82 -2.36 9.00
C CYS A 53 10.01 -3.86 8.76
N LYS A 54 11.00 -4.42 9.43
CA LYS A 54 11.25 -5.85 9.41
C LYS A 54 10.05 -6.62 9.94
N MET A 55 9.31 -6.01 10.86
CA MET A 55 8.09 -6.61 11.40
C MET A 55 6.98 -6.64 10.37
N VAL A 56 6.67 -5.47 9.82
CA VAL A 56 5.49 -5.30 8.97
C VAL A 56 5.62 -6.04 7.64
N ALA A 57 6.81 -6.07 7.06
CA ALA A 57 7.02 -6.68 5.75
C ALA A 57 6.48 -8.12 5.66
N PRO A 58 6.89 -9.06 6.55
CA PRO A 58 6.38 -10.43 6.53
C PRO A 58 4.91 -10.50 6.93
N ILE A 59 4.55 -9.75 7.98
CA ILE A 59 3.18 -9.73 8.46
C ILE A 59 2.22 -9.27 7.35
N LEU A 60 2.63 -8.28 6.59
CA LEU A 60 1.83 -7.76 5.51
C LEU A 60 1.64 -8.77 4.39
N ASP A 61 2.68 -9.54 4.07
CA ASP A 61 2.56 -10.58 3.05
C ASP A 61 1.65 -11.70 3.56
N GLU A 62 1.76 -11.98 4.85
CA GLU A 62 0.88 -12.93 5.52
C GLU A 62 -0.58 -12.57 5.30
N LEU A 63 -0.92 -11.30 5.47
CA LEU A 63 -2.27 -10.81 5.22
C LEU A 63 -2.55 -10.78 3.73
N ALA A 64 -1.54 -10.46 2.94
CA ALA A 64 -1.68 -10.40 1.49
C ALA A 64 -2.17 -11.73 0.94
N LYS A 65 -1.49 -12.81 1.31
CA LYS A 65 -1.82 -14.15 0.83
C LYS A 65 -3.13 -14.64 1.44
N GLU A 66 -3.45 -14.12 2.63
CA GLU A 66 -4.68 -14.50 3.31
C GLU A 66 -5.89 -13.90 2.59
N TYR A 67 -5.62 -12.87 1.80
CA TYR A 67 -6.61 -12.24 0.97
C TYR A 67 -6.24 -12.39 -0.50
N ASP A 68 -5.47 -13.44 -0.80
CA ASP A 68 -4.99 -13.69 -2.16
C ASP A 68 -6.17 -13.83 -3.11
N GLY A 69 -6.19 -12.98 -4.12
CA GLY A 69 -7.27 -12.99 -5.08
C GLY A 69 -8.04 -11.71 -5.10
N GLN A 70 -8.08 -11.02 -3.98
CA GLN A 70 -8.87 -9.79 -3.88
C GLN A 70 -8.00 -8.55 -3.65
N ILE A 71 -6.83 -8.71 -3.05
CA ILE A 71 -5.97 -7.55 -2.79
C ILE A 71 -4.59 -7.73 -3.40
N VAL A 72 -3.92 -6.61 -3.62
CA VAL A 72 -2.54 -6.60 -4.13
C VAL A 72 -1.69 -5.69 -3.26
N ILE A 73 -0.56 -6.19 -2.77
CA ILE A 73 0.27 -5.40 -1.89
C ILE A 73 1.68 -5.22 -2.46
N TYR A 74 2.17 -4.01 -2.40
CA TYR A 74 3.54 -3.69 -2.78
C TYR A 74 4.23 -3.06 -1.59
N LYS A 75 5.54 -3.01 -1.64
CA LYS A 75 6.29 -2.29 -0.62
C LYS A 75 7.38 -1.47 -1.26
N VAL A 76 7.72 -0.37 -0.63
CA VAL A 76 8.62 0.60 -1.22
C VAL A 76 9.83 0.84 -0.33
N ASP A 77 10.99 0.91 -0.95
CA ASP A 77 12.23 1.15 -0.24
C ASP A 77 12.45 2.64 -0.14
N THR A 78 11.89 3.25 0.91
CA THR A 78 11.81 4.71 1.04
C THR A 78 13.19 5.37 0.95
N GLU A 79 14.20 4.65 1.39
CA GLU A 79 15.59 5.10 1.31
C GLU A 79 15.98 5.53 -0.09
N LYS A 80 15.38 4.90 -1.11
CA LYS A 80 15.61 5.28 -2.49
C LYS A 80 14.38 5.96 -3.08
N GLU A 81 13.22 5.65 -2.50
CA GLU A 81 11.97 6.25 -2.86
C GLU A 81 11.73 7.56 -2.11
N GLN A 82 12.80 8.35 -1.96
CA GLN A 82 12.75 9.60 -1.20
C GLN A 82 11.78 10.59 -1.81
N GLU A 83 11.88 10.79 -3.12
CA GLU A 83 10.99 11.71 -3.82
C GLU A 83 9.55 11.25 -3.71
N LEU A 84 9.37 9.94 -3.78
CA LEU A 84 8.05 9.32 -3.65
C LEU A 84 7.45 9.63 -2.27
N ALA A 85 8.27 9.50 -1.24
CA ALA A 85 7.87 9.84 0.11
C ALA A 85 7.56 11.33 0.23
N GLY A 86 8.48 12.16 -0.26
CA GLY A 86 8.33 13.60 -0.17
C GLY A 86 7.08 14.10 -0.85
N ALA A 87 6.64 13.42 -1.90
CA ALA A 87 5.44 13.80 -2.64
C ALA A 87 4.19 13.77 -1.77
N PHE A 88 4.15 12.85 -0.81
CA PHE A 88 3.00 12.70 0.05
C PHE A 88 3.29 13.27 1.44
N GLY A 89 4.43 13.93 1.59
CA GLY A 89 4.83 14.46 2.89
C GLY A 89 5.20 13.35 3.85
N ILE A 90 5.72 12.26 3.30
CA ILE A 90 6.09 11.10 4.11
C ILE A 90 7.45 11.32 4.76
N ARG A 91 7.52 11.05 6.06
CA ARG A 91 8.76 11.09 6.80
C ARG A 91 9.78 10.16 6.16
N SER A 92 9.44 8.88 6.22
CA SER A 92 10.28 7.80 5.71
C SER A 92 9.60 6.47 6.02
N ILE A 93 9.97 5.87 7.14
CA ILE A 93 9.45 4.56 7.50
C ILE A 93 9.14 4.48 9.00
N PRO A 94 8.12 3.69 9.38
CA PRO A 94 7.26 2.96 8.44
C PRO A 94 6.11 3.83 7.96
N SER A 95 5.65 3.57 6.75
CA SER A 95 4.47 4.25 6.21
C SER A 95 3.66 3.25 5.42
N ILE A 96 2.34 3.29 5.51
CA ILE A 96 1.53 2.32 4.76
C ILE A 96 0.34 3.00 4.09
N LEU A 97 0.32 2.93 2.78
CA LEU A 97 -0.71 3.56 1.98
C LEU A 97 -1.78 2.53 1.59
N PHE A 98 -2.98 2.71 2.10
CA PHE A 98 -4.10 1.84 1.77
C PHE A 98 -4.92 2.48 0.66
N ILE A 99 -4.88 1.89 -0.53
CA ILE A 99 -5.51 2.49 -1.70
C ILE A 99 -6.83 1.81 -2.05
N PRO A 100 -7.96 2.49 -1.76
CA PRO A 100 -9.30 2.05 -2.17
C PRO A 100 -9.54 2.31 -3.64
N MET A 101 -10.50 1.59 -4.22
CA MET A 101 -10.80 1.72 -5.64
C MET A 101 -11.72 2.91 -5.89
N GLU A 102 -12.58 3.19 -4.93
CA GLU A 102 -13.54 4.27 -5.08
C GLU A 102 -13.18 5.44 -4.17
N GLY A 103 -12.59 5.09 -3.05
CA GLY A 103 -12.19 6.07 -2.07
C GLY A 103 -10.85 6.68 -2.38
N LYS A 104 -10.19 7.19 -1.36
CA LYS A 104 -8.87 7.78 -1.52
C LYS A 104 -7.92 7.18 -0.49
N PRO A 105 -6.63 7.06 -0.82
CA PRO A 105 -5.66 6.32 -0.02
C PRO A 105 -5.43 6.92 1.37
N GLU A 106 -5.42 6.05 2.37
CA GLU A 106 -5.14 6.44 3.75
C GLU A 106 -3.70 6.07 4.09
N MET A 107 -3.25 6.55 5.22
CA MET A 107 -1.87 6.37 5.63
C MET A 107 -1.74 5.98 7.10
N ALA A 108 -1.52 4.71 7.34
CA ALA A 108 -1.24 4.21 8.67
C ALA A 108 0.22 3.83 8.74
N GLN A 109 0.93 4.30 9.76
CA GLN A 109 2.37 4.14 9.81
C GLN A 109 2.81 3.31 11.00
N GLY A 110 3.61 2.29 10.72
CA GLY A 110 4.17 1.46 11.77
C GLY A 110 4.05 -0.01 11.49
N ALA A 111 4.34 -0.82 12.50
CA ALA A 111 4.30 -2.26 12.36
C ALA A 111 3.11 -2.85 13.08
N MET A 112 1.97 -2.78 12.41
CA MET A 112 0.74 -3.34 12.94
C MET A 112 0.71 -4.86 12.78
N PRO A 113 0.04 -5.56 13.72
CA PRO A 113 -0.11 -7.02 13.65
C PRO A 113 -1.16 -7.44 12.63
N LYS A 114 -1.41 -8.74 12.55
CA LYS A 114 -2.48 -9.26 11.69
C LYS A 114 -3.82 -8.69 12.12
N ALA A 115 -3.97 -8.48 13.42
CA ALA A 115 -5.21 -7.96 13.97
C ALA A 115 -5.53 -6.56 13.45
N SER A 116 -4.58 -5.64 13.58
CA SER A 116 -4.80 -4.28 13.14
C SER A 116 -4.85 -4.21 11.61
N PHE A 117 -4.12 -5.10 10.95
CA PHE A 117 -4.16 -5.17 9.49
C PHE A 117 -5.48 -5.73 8.99
N LYS A 118 -6.03 -6.70 9.70
CA LYS A 118 -7.31 -7.28 9.34
C LYS A 118 -8.38 -6.20 9.28
N LYS A 119 -8.37 -5.32 10.28
CA LYS A 119 -9.32 -4.22 10.32
C LYS A 119 -9.08 -3.27 9.16
N ALA A 120 -7.82 -3.05 8.83
CA ALA A 120 -7.46 -2.14 7.75
C ALA A 120 -7.89 -2.70 6.39
N ILE A 121 -7.62 -3.99 6.16
CA ILE A 121 -7.98 -4.61 4.89
C ILE A 121 -9.48 -4.83 4.81
N ASP A 122 -10.00 -5.57 5.78
CA ASP A 122 -11.41 -5.96 5.78
C ASP A 122 -12.30 -4.77 6.09
N GLU A 123 -12.18 -4.27 7.31
CA GLU A 123 -13.13 -3.30 7.84
C GLU A 123 -12.94 -1.90 7.24
N PHE A 124 -11.86 -1.70 6.49
CA PHE A 124 -11.61 -0.40 5.88
C PHE A 124 -11.52 -0.49 4.36
N LEU A 125 -10.68 -1.38 3.84
CA LEU A 125 -10.49 -1.48 2.41
C LEU A 125 -11.72 -2.11 1.74
N LEU A 126 -12.37 -3.01 2.45
CA LEU A 126 -13.55 -3.69 1.93
C LEU A 126 -14.82 -3.08 2.48
N LYS A 127 -14.97 -3.11 3.81
CA LYS A 127 -16.21 -2.70 4.46
C LYS A 127 -16.24 -1.20 4.74
N LYS A 128 -15.08 -0.57 4.56
CA LYS A 128 -14.88 0.86 4.82
C LYS A 128 -15.75 1.41 5.95
N GLU A 129 -15.28 1.21 7.17
CA GLU A 129 -15.99 1.59 8.38
C GLU A 129 -16.09 3.12 8.51
N GLY A 130 -17.04 3.57 9.33
CA GLY A 130 -17.22 4.98 9.56
C GLY A 130 -18.58 5.46 9.11
N HIS A 131 -19.30 4.60 8.41
CA HIS A 131 -20.58 4.97 7.82
C HIS A 131 -21.70 5.02 8.85
N HIS A 132 -21.67 6.06 9.67
CA HIS A 132 -22.77 6.35 10.59
C HIS A 132 -23.87 7.04 9.80
N HIS A 133 -23.46 7.68 8.72
CA HIS A 133 -24.39 8.16 7.71
C HIS A 133 -24.18 7.33 6.45
N HIS A 134 -25.26 7.04 5.74
CA HIS A 134 -25.18 6.15 4.59
C HIS A 134 -24.90 6.97 3.34
N HIS A 135 -25.86 7.77 2.94
CA HIS A 135 -25.68 8.74 1.87
C HIS A 135 -26.47 9.99 2.25
N HIS A 136 -26.78 10.05 3.53
CA HIS A 136 -27.59 11.08 4.12
C HIS A 136 -27.49 10.97 5.62
N MET A 1 4.17 -16.25 -12.12
CA MET A 1 2.97 -16.36 -12.98
C MET A 1 1.71 -16.30 -12.13
N SER A 2 0.73 -15.54 -12.58
CA SER A 2 -0.50 -15.36 -11.85
C SER A 2 -1.69 -15.30 -12.81
N LEU A 3 -2.85 -15.74 -12.36
CA LEU A 3 -4.05 -15.74 -13.19
C LEU A 3 -4.79 -14.42 -13.04
N ALA A 4 -4.69 -13.84 -11.85
CA ALA A 4 -5.31 -12.56 -11.56
C ALA A 4 -4.24 -11.53 -11.20
N THR A 5 -4.03 -10.56 -12.09
CA THR A 5 -2.98 -9.56 -11.92
C THR A 5 -1.62 -10.29 -11.77
N GLU A 6 -0.69 -9.75 -11.00
CA GLU A 6 0.59 -10.42 -10.79
C GLU A 6 0.97 -10.49 -9.32
N GLY A 7 0.94 -9.35 -8.63
CA GLY A 7 1.25 -9.31 -7.22
C GLY A 7 0.03 -9.52 -6.35
N ASN A 8 -0.98 -10.15 -6.94
CA ASN A 8 -2.22 -10.44 -6.24
C ASN A 8 -1.99 -11.54 -5.21
N GLY A 9 -2.23 -11.23 -3.94
CA GLY A 9 -1.97 -12.19 -2.87
C GLY A 9 -0.52 -12.17 -2.45
N LYS A 10 0.24 -11.30 -3.06
CA LYS A 10 1.67 -11.25 -2.83
C LYS A 10 2.09 -9.82 -2.55
N VAL A 11 3.35 -9.64 -2.18
CA VAL A 11 3.91 -8.31 -1.99
C VAL A 11 5.27 -8.19 -2.69
N ILE A 12 5.47 -7.10 -3.41
CA ILE A 12 6.71 -6.88 -4.15
C ILE A 12 7.26 -5.50 -3.82
N HIS A 13 8.56 -5.40 -3.55
CA HIS A 13 9.18 -4.10 -3.33
C HIS A 13 9.77 -3.59 -4.64
N LEU A 14 9.23 -2.48 -5.10
CA LEU A 14 9.62 -1.91 -6.38
C LEU A 14 10.25 -0.54 -6.18
N THR A 15 10.64 0.10 -7.27
CA THR A 15 11.22 1.42 -7.20
C THR A 15 10.18 2.47 -7.57
N LYS A 16 10.56 3.74 -7.46
CA LYS A 16 9.69 4.83 -7.88
C LYS A 16 9.23 4.67 -9.33
N ALA A 17 10.07 4.07 -10.14
CA ALA A 17 9.77 3.90 -11.56
C ALA A 17 8.62 2.93 -11.75
N GLU A 18 8.64 1.83 -11.01
CA GLU A 18 7.57 0.85 -11.07
C GLU A 18 6.30 1.40 -10.47
N PHE A 19 6.46 2.28 -9.47
CA PHE A 19 5.32 2.95 -8.86
C PHE A 19 4.67 3.83 -9.90
N LEU A 20 5.53 4.63 -10.50
CA LEU A 20 5.15 5.57 -11.50
C LEU A 20 4.34 4.92 -12.63
N ALA A 21 4.96 3.96 -13.29
CA ALA A 21 4.43 3.41 -14.53
C ALA A 21 3.23 2.52 -14.32
N LYS A 22 3.12 1.93 -13.14
CA LYS A 22 2.05 1.00 -12.86
C LYS A 22 0.88 1.65 -12.11
N VAL A 23 1.20 2.60 -11.23
CA VAL A 23 0.21 3.08 -10.28
C VAL A 23 -0.08 4.58 -10.44
N TYR A 24 0.96 5.39 -10.53
CA TYR A 24 0.79 6.84 -10.37
C TYR A 24 1.85 7.62 -11.15
N ASN A 25 1.39 8.39 -12.13
CA ASN A 25 2.27 9.19 -12.96
C ASN A 25 2.51 10.55 -12.32
N PHE A 26 3.54 10.68 -11.50
CA PHE A 26 3.85 11.95 -10.83
C PHE A 26 4.67 12.87 -11.74
N GLU A 27 4.76 12.50 -13.00
CA GLU A 27 5.40 13.34 -13.99
C GLU A 27 4.34 14.19 -14.68
N LYS A 28 3.25 13.52 -15.04
CA LYS A 28 2.16 14.18 -15.73
C LYS A 28 1.09 14.62 -14.74
N ASN A 29 1.01 13.94 -13.59
CA ASN A 29 0.04 14.30 -12.56
C ASN A 29 0.72 14.63 -11.24
N PRO A 30 1.46 15.74 -11.20
CA PRO A 30 2.02 16.28 -9.97
C PRO A 30 0.96 16.52 -8.92
N GLU A 31 -0.18 17.05 -9.33
CA GLU A 31 -1.22 17.46 -8.40
C GLU A 31 -2.28 16.38 -8.22
N GLU A 32 -2.57 15.62 -9.27
CA GLU A 32 -3.63 14.62 -9.17
C GLU A 32 -3.07 13.28 -8.73
N TRP A 33 -3.67 12.71 -7.70
CA TRP A 33 -3.36 11.35 -7.32
C TRP A 33 -4.14 10.39 -8.20
N LYS A 34 -3.46 9.83 -9.18
CA LYS A 34 -4.05 8.85 -10.05
C LYS A 34 -3.57 7.47 -9.66
N TYR A 35 -4.47 6.50 -9.69
CA TYR A 35 -4.14 5.14 -9.35
C TYR A 35 -4.59 4.20 -10.47
N GLU A 36 -3.62 3.56 -11.09
CA GLU A 36 -3.90 2.56 -12.10
C GLU A 36 -3.84 1.17 -11.48
N GLY A 37 -4.92 0.40 -11.61
CA GLY A 37 -4.97 -0.93 -11.03
C GLY A 37 -6.32 -1.58 -11.21
N ASP A 38 -6.47 -2.81 -10.73
CA ASP A 38 -7.73 -3.54 -10.86
C ASP A 38 -8.27 -4.00 -9.51
N LYS A 39 -7.37 -4.42 -8.62
CA LYS A 39 -7.76 -4.86 -7.29
C LYS A 39 -7.24 -3.89 -6.23
N PRO A 40 -7.90 -3.83 -5.06
CA PRO A 40 -7.49 -2.98 -3.94
C PRO A 40 -6.00 -3.12 -3.63
N ALA A 41 -5.32 -2.00 -3.48
CA ALA A 41 -3.88 -2.00 -3.38
C ALA A 41 -3.38 -1.50 -2.03
N ILE A 42 -2.24 -2.02 -1.61
CA ILE A 42 -1.60 -1.60 -0.37
C ILE A 42 -0.12 -1.36 -0.65
N VAL A 43 0.44 -0.30 -0.06
CA VAL A 43 1.86 -0.01 -0.27
C VAL A 43 2.59 0.10 1.07
N ASP A 44 3.54 -0.81 1.29
CA ASP A 44 4.35 -0.79 2.50
C ASP A 44 5.62 0.04 2.29
N PHE A 45 5.71 1.17 2.96
CA PHE A 45 6.90 1.99 2.94
C PHE A 45 7.79 1.60 4.11
N TYR A 46 8.91 0.98 3.82
CA TYR A 46 9.73 0.40 4.87
C TYR A 46 11.21 0.67 4.63
N ALA A 47 11.96 0.49 5.70
CA ALA A 47 13.41 0.49 5.66
C ALA A 47 13.88 -0.78 6.34
N ASP A 48 14.82 -1.49 5.72
CA ASP A 48 15.23 -2.80 6.21
C ASP A 48 15.78 -2.70 7.63
N TRP A 49 16.58 -1.67 7.90
CA TRP A 49 17.22 -1.51 9.19
C TRP A 49 16.21 -1.20 10.29
N CYS A 50 15.02 -0.77 9.89
CA CYS A 50 13.99 -0.41 10.84
C CYS A 50 13.26 -1.65 11.34
N GLY A 51 13.26 -1.84 12.65
CA GLY A 51 12.61 -2.99 13.24
C GLY A 51 11.14 -3.11 12.86
N PRO A 52 10.30 -2.11 13.20
CA PRO A 52 8.88 -2.10 12.82
C PRO A 52 8.66 -2.42 11.34
N CYS A 53 9.46 -1.79 10.48
CA CYS A 53 9.37 -1.98 9.04
C CYS A 53 9.61 -3.43 8.63
N LYS A 54 10.64 -4.06 9.19
CA LYS A 54 10.95 -5.44 8.83
C LYS A 54 9.97 -6.38 9.51
N MET A 55 9.45 -5.93 10.64
CA MET A 55 8.51 -6.71 11.43
C MET A 55 7.17 -6.88 10.70
N VAL A 56 6.64 -5.79 10.16
CA VAL A 56 5.33 -5.82 9.52
C VAL A 56 5.39 -6.43 8.12
N ALA A 57 6.56 -6.36 7.48
CA ALA A 57 6.72 -6.84 6.11
C ALA A 57 6.17 -8.26 5.91
N PRO A 58 6.59 -9.26 6.72
CA PRO A 58 6.06 -10.63 6.59
C PRO A 58 4.58 -10.71 6.96
N ILE A 59 4.16 -9.95 7.97
CA ILE A 59 2.79 -9.99 8.46
C ILE A 59 1.81 -9.47 7.41
N LEU A 60 2.12 -8.34 6.80
CA LEU A 60 1.24 -7.77 5.79
C LEU A 60 1.21 -8.63 4.54
N ASP A 61 2.34 -9.29 4.24
CA ASP A 61 2.37 -10.25 3.14
C ASP A 61 1.52 -11.47 3.46
N GLU A 62 1.56 -11.89 4.73
CA GLU A 62 0.74 -12.99 5.20
C GLU A 62 -0.72 -12.71 4.91
N LEU A 63 -1.17 -11.50 5.24
CA LEU A 63 -2.53 -11.07 4.95
C LEU A 63 -2.77 -10.99 3.45
N ALA A 64 -1.72 -10.68 2.70
CA ALA A 64 -1.82 -10.62 1.25
C ALA A 64 -2.35 -11.95 0.69
N LYS A 65 -1.70 -13.05 1.06
CA LYS A 65 -2.16 -14.36 0.60
C LYS A 65 -3.36 -14.85 1.41
N GLU A 66 -3.51 -14.35 2.64
CA GLU A 66 -4.72 -14.60 3.42
C GLU A 66 -5.94 -14.13 2.62
N TYR A 67 -5.74 -13.07 1.86
CA TYR A 67 -6.75 -12.51 0.98
C TYR A 67 -6.34 -12.73 -0.47
N ASP A 68 -5.54 -13.77 -0.71
CA ASP A 68 -5.03 -14.05 -2.06
C ASP A 68 -6.16 -14.16 -3.06
N GLY A 69 -6.02 -13.49 -4.19
CA GLY A 69 -7.07 -13.52 -5.19
C GLY A 69 -7.86 -12.23 -5.25
N GLN A 70 -7.85 -11.45 -4.17
CA GLN A 70 -8.66 -10.23 -4.13
C GLN A 70 -7.83 -8.97 -3.89
N ILE A 71 -6.78 -9.04 -3.07
CA ILE A 71 -5.98 -7.85 -2.79
C ILE A 71 -4.58 -7.95 -3.39
N VAL A 72 -4.04 -6.81 -3.78
CA VAL A 72 -2.69 -6.73 -4.34
C VAL A 72 -1.84 -5.81 -3.48
N ILE A 73 -0.76 -6.31 -2.92
CA ILE A 73 0.08 -5.50 -2.05
C ILE A 73 1.46 -5.31 -2.65
N TYR A 74 1.92 -4.07 -2.60
CA TYR A 74 3.28 -3.74 -2.98
C TYR A 74 3.98 -3.10 -1.80
N LYS A 75 5.26 -2.86 -1.95
CA LYS A 75 6.00 -2.16 -0.94
C LYS A 75 7.16 -1.44 -1.60
N VAL A 76 7.66 -0.41 -0.97
CA VAL A 76 8.67 0.42 -1.59
C VAL A 76 9.80 0.69 -0.61
N ASP A 77 11.00 0.83 -1.11
CA ASP A 77 12.16 1.05 -0.27
C ASP A 77 12.34 2.54 -0.08
N THR A 78 11.63 3.07 0.91
CA THR A 78 11.45 4.51 1.03
C THR A 78 12.78 5.25 1.24
N GLU A 79 13.74 4.55 1.81
CA GLU A 79 15.10 5.07 1.95
C GLU A 79 15.68 5.51 0.61
N LYS A 80 15.27 4.86 -0.47
CA LYS A 80 15.70 5.27 -1.81
C LYS A 80 14.57 5.99 -2.52
N GLU A 81 13.34 5.67 -2.13
CA GLU A 81 12.15 6.31 -2.65
C GLU A 81 11.84 7.61 -1.90
N GLN A 82 12.88 8.31 -1.47
CA GLN A 82 12.71 9.55 -0.71
C GLN A 82 11.98 10.60 -1.54
N GLU A 83 12.20 10.57 -2.85
CA GLU A 83 11.51 11.47 -3.77
C GLU A 83 10.01 11.22 -3.74
N LEU A 84 9.64 9.94 -3.68
CA LEU A 84 8.24 9.54 -3.66
C LEU A 84 7.62 9.93 -2.31
N ALA A 85 8.35 9.63 -1.24
CA ALA A 85 7.90 9.98 0.10
C ALA A 85 7.75 11.49 0.28
N GLY A 86 8.78 12.23 -0.12
CA GLY A 86 8.78 13.66 0.05
C GLY A 86 7.66 14.36 -0.70
N ALA A 87 7.24 13.77 -1.81
CA ALA A 87 6.19 14.35 -2.64
C ALA A 87 4.85 14.42 -1.89
N PHE A 88 4.61 13.44 -1.02
CA PHE A 88 3.35 13.40 -0.27
C PHE A 88 3.57 13.82 1.18
N GLY A 89 4.79 14.26 1.49
CA GLY A 89 5.10 14.64 2.85
C GLY A 89 5.18 13.43 3.77
N ILE A 90 5.54 12.29 3.20
CA ILE A 90 5.64 11.06 3.97
C ILE A 90 6.89 11.07 4.85
N ARG A 91 6.74 10.57 6.07
CA ARG A 91 7.83 10.53 7.05
C ARG A 91 8.84 9.46 6.72
N SER A 92 8.61 8.83 5.59
CA SER A 92 9.40 7.72 5.09
C SER A 92 8.94 6.41 5.72
N ILE A 93 9.52 6.08 6.86
CA ILE A 93 9.31 4.75 7.44
C ILE A 93 9.03 4.81 8.93
N PRO A 94 8.04 4.01 9.40
CA PRO A 94 7.16 3.19 8.56
C PRO A 94 5.97 3.98 8.03
N SER A 95 5.53 3.65 6.84
CA SER A 95 4.30 4.20 6.30
C SER A 95 3.59 3.12 5.51
N ILE A 96 2.27 3.06 5.61
CA ILE A 96 1.52 2.06 4.87
C ILE A 96 0.32 2.70 4.20
N LEU A 97 0.32 2.70 2.88
CA LEU A 97 -0.72 3.35 2.11
C LEU A 97 -1.77 2.34 1.67
N PHE A 98 -2.97 2.47 2.21
CA PHE A 98 -4.08 1.60 1.84
C PHE A 98 -4.95 2.30 0.80
N ILE A 99 -4.94 1.77 -0.42
CA ILE A 99 -5.65 2.41 -1.52
C ILE A 99 -6.95 1.68 -1.82
N PRO A 100 -8.09 2.28 -1.42
CA PRO A 100 -9.41 1.74 -1.71
C PRO A 100 -9.82 1.97 -3.16
N MET A 101 -10.79 1.19 -3.63
CA MET A 101 -11.27 1.33 -5.01
C MET A 101 -12.30 2.46 -5.10
N GLU A 102 -12.59 3.06 -3.96
CA GLU A 102 -13.53 4.17 -3.90
C GLU A 102 -13.02 5.20 -2.89
N GLY A 103 -12.64 6.36 -3.39
CA GLY A 103 -12.13 7.41 -2.53
C GLY A 103 -10.65 7.60 -2.69
N LYS A 104 -10.00 8.09 -1.64
CA LYS A 104 -8.57 8.31 -1.65
C LYS A 104 -7.91 7.41 -0.61
N PRO A 105 -6.60 7.10 -0.77
CA PRO A 105 -5.90 6.16 0.11
C PRO A 105 -5.61 6.73 1.50
N GLU A 106 -5.54 5.84 2.48
CA GLU A 106 -5.21 6.21 3.85
C GLU A 106 -3.80 5.76 4.19
N MET A 107 -3.21 6.39 5.20
CA MET A 107 -1.85 6.07 5.61
C MET A 107 -1.81 5.67 7.09
N ALA A 108 -1.43 4.43 7.33
CA ALA A 108 -1.21 3.95 8.69
C ALA A 108 0.29 3.70 8.89
N GLN A 109 0.83 4.08 10.02
CA GLN A 109 2.26 3.98 10.22
C GLN A 109 2.64 3.14 11.44
N GLY A 110 3.66 2.31 11.27
CA GLY A 110 4.25 1.60 12.38
C GLY A 110 3.92 0.12 12.44
N ALA A 111 4.49 -0.55 13.43
CA ALA A 111 4.37 -1.99 13.55
C ALA A 111 3.07 -2.41 14.23
N MET A 112 2.04 -2.58 13.42
CA MET A 112 0.77 -3.10 13.91
C MET A 112 0.71 -4.62 13.69
N PRO A 113 0.00 -5.36 14.57
CA PRO A 113 -0.10 -6.82 14.49
C PRO A 113 -1.05 -7.27 13.38
N LYS A 114 -1.24 -8.58 13.24
CA LYS A 114 -2.22 -9.12 12.31
C LYS A 114 -3.61 -8.58 12.63
N ALA A 115 -3.88 -8.39 13.91
CA ALA A 115 -5.18 -7.92 14.36
C ALA A 115 -5.46 -6.51 13.85
N SER A 116 -4.54 -5.58 14.09
CA SER A 116 -4.72 -4.22 13.61
C SER A 116 -4.64 -4.16 12.09
N PHE A 117 -3.77 -5.00 11.53
CA PHE A 117 -3.64 -5.08 10.08
C PHE A 117 -4.95 -5.56 9.46
N LYS A 118 -5.54 -6.59 10.04
CA LYS A 118 -6.78 -7.15 9.51
C LYS A 118 -7.89 -6.12 9.57
N LYS A 119 -7.85 -5.27 10.59
CA LYS A 119 -8.80 -4.17 10.69
C LYS A 119 -8.64 -3.23 9.48
N ALA A 120 -7.40 -2.94 9.12
CA ALA A 120 -7.11 -2.06 8.00
C ALA A 120 -7.44 -2.72 6.66
N ILE A 121 -7.01 -3.95 6.47
CA ILE A 121 -7.23 -4.65 5.20
C ILE A 121 -8.70 -5.02 5.04
N ASP A 122 -9.23 -5.75 6.00
CA ASP A 122 -10.61 -6.23 5.92
C ASP A 122 -11.58 -5.08 6.16
N GLU A 123 -11.50 -4.54 7.37
CA GLU A 123 -12.48 -3.59 7.88
C GLU A 123 -12.29 -2.17 7.32
N PHE A 124 -11.47 -2.02 6.30
CA PHE A 124 -11.29 -0.71 5.67
C PHE A 124 -11.10 -0.84 4.17
N LEU A 125 -10.22 -1.75 3.75
CA LEU A 125 -9.93 -1.91 2.33
C LEU A 125 -11.06 -2.67 1.64
N LEU A 126 -11.65 -3.62 2.35
CA LEU A 126 -12.81 -4.35 1.83
C LEU A 126 -14.08 -3.61 2.20
N LYS A 127 -14.37 -3.56 3.49
CA LYS A 127 -15.51 -2.79 3.97
C LYS A 127 -15.05 -1.41 4.35
N LYS A 128 -15.14 -0.48 3.40
CA LYS A 128 -14.72 0.91 3.60
C LYS A 128 -15.41 1.51 4.83
N GLU A 129 -14.68 1.55 5.93
CA GLU A 129 -15.18 2.09 7.18
C GLU A 129 -14.92 3.58 7.27
N GLY A 130 -13.79 4.00 6.71
CA GLY A 130 -13.38 5.38 6.84
C GLY A 130 -12.87 5.65 8.24
N HIS A 131 -11.59 5.38 8.47
CA HIS A 131 -10.99 5.58 9.78
C HIS A 131 -10.98 7.05 10.15
N HIS A 132 -12.02 7.45 10.85
CA HIS A 132 -12.17 8.81 11.32
C HIS A 132 -11.07 9.18 12.31
N HIS A 133 -10.10 9.95 11.84
CA HIS A 133 -8.94 10.34 12.65
C HIS A 133 -9.30 11.54 13.52
N HIS A 134 -10.53 11.55 14.02
CA HIS A 134 -11.06 12.69 14.77
C HIS A 134 -10.41 12.79 16.14
N HIS A 135 -10.10 14.02 16.53
CA HIS A 135 -9.58 14.29 17.87
C HIS A 135 -10.40 15.40 18.49
N HIS A 136 -10.65 15.27 19.79
CA HIS A 136 -11.57 16.16 20.54
C HIS A 136 -12.88 16.39 19.78
N MET A 1 -2.73 -26.11 -13.58
CA MET A 1 -3.24 -24.78 -13.16
C MET A 1 -2.15 -23.74 -13.34
N SER A 2 -2.37 -22.79 -14.24
CA SER A 2 -1.34 -21.81 -14.55
C SER A 2 -1.94 -20.41 -14.64
N LEU A 3 -1.85 -19.66 -13.55
CA LEU A 3 -2.29 -18.27 -13.54
C LEU A 3 -1.08 -17.34 -13.65
N ALA A 4 -0.33 -17.23 -12.55
CA ALA A 4 0.90 -16.42 -12.50
C ALA A 4 0.63 -14.95 -12.85
N THR A 5 -0.60 -14.52 -12.69
CA THR A 5 -0.99 -13.17 -13.04
C THR A 5 -0.84 -12.22 -11.84
N GLU A 6 -0.64 -10.94 -12.15
CA GLU A 6 -0.72 -9.85 -11.16
C GLU A 6 0.46 -9.83 -10.19
N GLY A 7 0.68 -10.93 -9.50
CA GLY A 7 1.54 -10.94 -8.35
C GLY A 7 0.70 -10.90 -7.09
N ASN A 8 -0.46 -11.54 -7.21
CA ASN A 8 -1.48 -11.51 -6.17
C ASN A 8 -1.11 -12.44 -5.02
N GLY A 9 -1.69 -12.20 -3.85
CA GLY A 9 -1.46 -13.07 -2.72
C GLY A 9 -0.20 -12.74 -1.95
N LYS A 10 0.42 -11.62 -2.29
CA LYS A 10 1.69 -11.28 -1.67
C LYS A 10 2.03 -9.80 -1.84
N VAL A 11 3.14 -9.41 -1.21
CA VAL A 11 3.64 -8.05 -1.33
C VAL A 11 4.90 -8.01 -2.20
N ILE A 12 4.91 -7.11 -3.17
CA ILE A 12 6.06 -6.90 -4.04
C ILE A 12 6.70 -5.54 -3.77
N HIS A 13 8.00 -5.51 -3.56
CA HIS A 13 8.68 -4.23 -3.35
C HIS A 13 9.14 -3.67 -4.69
N LEU A 14 8.85 -2.40 -4.92
CA LEU A 14 9.12 -1.79 -6.20
C LEU A 14 9.84 -0.46 -6.03
N THR A 15 10.20 0.14 -7.15
CA THR A 15 10.84 1.45 -7.15
C THR A 15 9.85 2.52 -7.58
N LYS A 16 10.27 3.77 -7.56
CA LYS A 16 9.42 4.87 -8.02
C LYS A 16 9.12 4.72 -9.51
N ALA A 17 10.06 4.15 -10.24
CA ALA A 17 9.84 3.89 -11.67
C ALA A 17 8.72 2.87 -11.85
N GLU A 18 8.70 1.89 -10.98
CA GLU A 18 7.66 0.86 -10.99
C GLU A 18 6.34 1.45 -10.52
N PHE A 19 6.43 2.32 -9.52
CA PHE A 19 5.29 3.04 -8.99
C PHE A 19 4.62 3.81 -10.10
N LEU A 20 5.46 4.53 -10.82
CA LEU A 20 5.03 5.42 -11.85
C LEU A 20 4.20 4.71 -12.91
N ALA A 21 4.81 3.73 -13.57
CA ALA A 21 4.24 3.11 -14.75
C ALA A 21 3.07 2.19 -14.43
N LYS A 22 3.03 1.66 -13.23
CA LYS A 22 2.03 0.67 -12.88
C LYS A 22 0.98 1.20 -11.88
N VAL A 23 1.28 2.30 -11.21
CA VAL A 23 0.42 2.74 -10.12
C VAL A 23 -0.01 4.22 -10.24
N TYR A 24 0.92 5.11 -10.56
CA TYR A 24 0.68 6.55 -10.39
C TYR A 24 1.82 7.39 -10.96
N ASN A 25 1.46 8.40 -11.75
CA ASN A 25 2.42 9.28 -12.43
C ASN A 25 2.47 10.65 -11.77
N PHE A 26 3.54 10.95 -11.01
CA PHE A 26 3.58 12.18 -10.20
C PHE A 26 4.19 13.37 -10.93
N GLU A 27 4.56 13.20 -12.19
CA GLU A 27 5.06 14.31 -12.98
C GLU A 27 3.88 14.95 -13.67
N LYS A 28 2.99 14.10 -14.14
CA LYS A 28 1.78 14.51 -14.80
C LYS A 28 0.64 14.65 -13.79
N ASN A 29 0.73 13.93 -12.67
CA ASN A 29 -0.30 14.01 -11.61
C ASN A 29 0.26 14.55 -10.30
N PRO A 30 0.88 15.74 -10.31
CA PRO A 30 1.36 16.39 -9.10
C PRO A 30 0.21 16.70 -8.15
N GLU A 31 -0.88 17.23 -8.70
CA GLU A 31 -2.06 17.56 -7.92
C GLU A 31 -3.19 16.57 -8.23
N GLU A 32 -2.97 15.75 -9.24
CA GLU A 32 -3.97 14.78 -9.65
C GLU A 32 -3.73 13.45 -8.94
N TRP A 33 -4.60 12.49 -9.19
CA TRP A 33 -4.45 11.17 -8.60
C TRP A 33 -5.07 10.12 -9.51
N LYS A 34 -4.27 9.61 -10.44
CA LYS A 34 -4.69 8.51 -11.29
C LYS A 34 -4.01 7.23 -10.85
N TYR A 35 -4.73 6.44 -10.08
CA TYR A 35 -4.22 5.17 -9.57
C TYR A 35 -4.56 4.04 -10.53
N GLU A 36 -3.53 3.40 -11.05
CA GLU A 36 -3.70 2.30 -11.96
C GLU A 36 -3.78 0.98 -11.19
N GLY A 37 -4.83 0.23 -11.42
CA GLY A 37 -4.98 -1.05 -10.75
C GLY A 37 -6.39 -1.58 -10.84
N ASP A 38 -6.52 -2.89 -10.92
CA ASP A 38 -7.84 -3.52 -10.98
C ASP A 38 -8.33 -3.87 -9.59
N LYS A 39 -7.39 -4.10 -8.68
CA LYS A 39 -7.71 -4.38 -7.29
C LYS A 39 -7.08 -3.32 -6.40
N PRO A 40 -7.59 -3.16 -5.16
CA PRO A 40 -7.02 -2.22 -4.19
C PRO A 40 -5.59 -2.60 -3.79
N ALA A 41 -4.76 -1.61 -3.54
CA ALA A 41 -3.36 -1.85 -3.25
C ALA A 41 -2.96 -1.32 -1.88
N ILE A 42 -1.98 -1.98 -1.29
CA ILE A 42 -1.42 -1.57 0.00
C ILE A 42 0.05 -1.27 -0.18
N VAL A 43 0.45 -0.02 0.04
CA VAL A 43 1.84 0.37 -0.17
C VAL A 43 2.58 0.50 1.16
N ASP A 44 3.49 -0.42 1.41
CA ASP A 44 4.30 -0.40 2.63
C ASP A 44 5.59 0.37 2.40
N PHE A 45 5.73 1.49 3.08
CA PHE A 45 6.96 2.26 3.07
C PHE A 45 7.88 1.73 4.17
N TYR A 46 8.97 1.09 3.78
CA TYR A 46 9.85 0.45 4.74
C TYR A 46 11.30 0.80 4.50
N ALA A 47 12.12 0.42 5.47
CA ALA A 47 13.56 0.40 5.34
C ALA A 47 14.05 -0.88 5.98
N ASP A 48 14.84 -1.67 5.26
CA ASP A 48 15.22 -3.00 5.75
C ASP A 48 15.99 -2.89 7.06
N TRP A 49 16.78 -1.85 7.21
CA TRP A 49 17.57 -1.65 8.42
C TRP A 49 16.70 -1.21 9.60
N CYS A 50 15.41 -1.05 9.35
CA CYS A 50 14.48 -0.64 10.40
C CYS A 50 13.70 -1.84 10.92
N GLY A 51 13.85 -2.11 12.22
CA GLY A 51 13.20 -3.23 12.86
C GLY A 51 11.69 -3.28 12.64
N PRO A 52 10.95 -2.20 13.00
CA PRO A 52 9.49 -2.12 12.78
C PRO A 52 9.06 -2.53 11.37
N CYS A 53 9.85 -2.17 10.37
CA CYS A 53 9.56 -2.55 8.99
C CYS A 53 9.76 -4.04 8.77
N LYS A 54 10.88 -4.55 9.26
CA LYS A 54 11.19 -5.97 9.19
C LYS A 54 10.08 -6.85 9.76
N MET A 55 9.32 -6.35 10.73
CA MET A 55 8.23 -7.13 11.29
C MET A 55 6.93 -6.93 10.53
N VAL A 56 6.62 -5.70 10.12
CA VAL A 56 5.35 -5.44 9.45
C VAL A 56 5.31 -6.06 8.06
N ALA A 57 6.45 -6.03 7.36
CA ALA A 57 6.54 -6.55 5.99
C ALA A 57 6.02 -8.00 5.89
N PRO A 58 6.52 -8.96 6.69
CA PRO A 58 6.02 -10.34 6.66
C PRO A 58 4.60 -10.46 7.20
N ILE A 59 4.27 -9.64 8.20
CA ILE A 59 2.93 -9.67 8.78
C ILE A 59 1.87 -9.26 7.75
N LEU A 60 2.11 -8.16 7.05
CA LEU A 60 1.18 -7.71 6.03
C LEU A 60 1.19 -8.67 4.84
N ASP A 61 2.34 -9.28 4.59
CA ASP A 61 2.46 -10.31 3.54
C ASP A 61 1.59 -11.52 3.91
N GLU A 62 1.57 -11.83 5.20
CA GLU A 62 0.70 -12.87 5.74
C GLU A 62 -0.75 -12.59 5.36
N LEU A 63 -1.21 -11.37 5.62
CA LEU A 63 -2.57 -10.97 5.27
C LEU A 63 -2.79 -11.03 3.77
N ALA A 64 -1.75 -10.79 3.00
CA ALA A 64 -1.84 -10.87 1.54
C ALA A 64 -2.15 -12.29 1.11
N LYS A 65 -1.57 -13.25 1.82
CA LYS A 65 -1.81 -14.67 1.55
C LYS A 65 -3.20 -15.08 2.03
N GLU A 66 -3.65 -14.48 3.11
CA GLU A 66 -4.98 -14.73 3.64
C GLU A 66 -6.05 -14.12 2.75
N TYR A 67 -5.77 -12.91 2.28
CA TYR A 67 -6.67 -12.19 1.39
C TYR A 67 -6.25 -12.34 -0.07
N ASP A 68 -5.59 -13.46 -0.38
CA ASP A 68 -5.16 -13.75 -1.74
C ASP A 68 -6.33 -13.64 -2.73
N GLY A 69 -6.02 -13.15 -3.92
CA GLY A 69 -7.01 -13.07 -4.97
C GLY A 69 -7.75 -11.75 -5.00
N GLN A 70 -7.80 -11.05 -3.88
CA GLN A 70 -8.61 -9.84 -3.78
C GLN A 70 -7.78 -8.59 -3.51
N ILE A 71 -6.61 -8.74 -2.92
CA ILE A 71 -5.76 -7.59 -2.64
C ILE A 71 -4.35 -7.77 -3.21
N VAL A 72 -3.76 -6.68 -3.65
CA VAL A 72 -2.40 -6.70 -4.15
C VAL A 72 -1.55 -5.73 -3.33
N ILE A 73 -0.52 -6.25 -2.65
CA ILE A 73 0.26 -5.40 -1.76
C ILE A 73 1.62 -5.10 -2.36
N TYR A 74 2.05 -3.87 -2.21
CA TYR A 74 3.37 -3.44 -2.64
C TYR A 74 4.11 -2.83 -1.47
N LYS A 75 5.38 -2.58 -1.67
CA LYS A 75 6.17 -1.86 -0.70
C LYS A 75 7.30 -1.15 -1.41
N VAL A 76 7.73 -0.02 -0.89
CA VAL A 76 8.73 0.78 -1.57
C VAL A 76 9.88 1.12 -0.63
N ASP A 77 11.08 1.03 -1.18
CA ASP A 77 12.30 1.34 -0.43
C ASP A 77 12.38 2.86 -0.18
N THR A 78 11.80 3.29 0.93
CA THR A 78 11.59 4.70 1.23
C THR A 78 12.89 5.50 1.35
N GLU A 79 13.92 4.90 1.90
CA GLU A 79 15.16 5.61 2.19
C GLU A 79 15.92 5.94 0.90
N LYS A 80 15.62 5.20 -0.16
CA LYS A 80 16.24 5.47 -1.45
C LYS A 80 15.23 6.13 -2.40
N GLU A 81 13.97 5.72 -2.27
CA GLU A 81 12.87 6.33 -3.00
C GLU A 81 12.38 7.59 -2.31
N GLN A 82 13.33 8.44 -1.92
CA GLN A 82 13.04 9.66 -1.17
C GLN A 82 12.06 10.57 -1.90
N GLU A 83 12.20 10.67 -3.23
CA GLU A 83 11.33 11.53 -4.02
C GLU A 83 9.92 10.98 -4.04
N LEU A 84 9.82 9.66 -4.11
CA LEU A 84 8.55 8.97 -4.11
C LEU A 84 7.86 9.15 -2.77
N ALA A 85 8.63 8.95 -1.70
CA ALA A 85 8.13 9.13 -0.34
C ALA A 85 7.70 10.58 -0.11
N GLY A 86 8.57 11.52 -0.49
CA GLY A 86 8.29 12.93 -0.27
C GLY A 86 7.02 13.40 -0.96
N ALA A 87 6.68 12.76 -2.08
CA ALA A 87 5.48 13.12 -2.84
C ALA A 87 4.22 12.88 -2.02
N PHE A 88 4.28 11.93 -1.10
CA PHE A 88 3.13 11.59 -0.27
C PHE A 88 3.30 12.17 1.14
N GLY A 89 4.32 12.99 1.32
CA GLY A 89 4.59 13.57 2.62
C GLY A 89 5.16 12.55 3.60
N ILE A 90 5.69 11.46 3.05
CA ILE A 90 6.25 10.40 3.87
C ILE A 90 7.59 10.82 4.45
N ARG A 91 7.62 11.08 5.75
CA ARG A 91 8.86 11.38 6.46
C ARG A 91 9.87 10.26 6.28
N SER A 92 9.43 9.08 6.65
CA SER A 92 10.29 7.92 6.70
C SER A 92 9.43 6.68 6.92
N ILE A 93 9.89 5.79 7.77
CA ILE A 93 9.24 4.51 7.95
C ILE A 93 9.03 4.20 9.43
N PRO A 94 8.04 3.35 9.77
CA PRO A 94 7.11 2.72 8.82
C PRO A 94 5.91 3.60 8.49
N SER A 95 5.50 3.57 7.23
CA SER A 95 4.28 4.25 6.81
C SER A 95 3.58 3.37 5.78
N ILE A 96 2.26 3.24 5.86
CA ILE A 96 1.56 2.32 4.98
C ILE A 96 0.37 3.00 4.34
N LEU A 97 0.38 3.05 3.01
CA LEU A 97 -0.67 3.72 2.28
C LEU A 97 -1.67 2.71 1.73
N PHE A 98 -2.88 2.74 2.25
CA PHE A 98 -3.93 1.85 1.79
C PHE A 98 -4.77 2.54 0.73
N ILE A 99 -4.64 2.10 -0.51
CA ILE A 99 -5.29 2.79 -1.63
C ILE A 99 -6.56 2.05 -2.06
N PRO A 100 -7.73 2.63 -1.74
CA PRO A 100 -9.02 2.10 -2.17
C PRO A 100 -9.32 2.45 -3.61
N MET A 101 -10.29 1.77 -4.21
CA MET A 101 -10.71 2.06 -5.57
C MET A 101 -11.78 3.14 -5.57
N GLU A 102 -12.20 3.51 -4.37
CA GLU A 102 -13.18 4.56 -4.18
C GLU A 102 -12.71 5.50 -3.09
N GLY A 103 -12.56 6.77 -3.42
CA GLY A 103 -12.12 7.76 -2.47
C GLY A 103 -10.66 8.09 -2.62
N LYS A 104 -9.98 8.26 -1.50
CA LYS A 104 -8.55 8.55 -1.49
C LYS A 104 -7.85 7.64 -0.48
N PRO A 105 -6.56 7.35 -0.71
CA PRO A 105 -5.79 6.43 0.13
C PRO A 105 -5.61 6.93 1.58
N GLU A 106 -5.64 5.98 2.51
CA GLU A 106 -5.42 6.26 3.93
C GLU A 106 -4.02 5.80 4.31
N MET A 107 -3.56 6.15 5.48
CA MET A 107 -2.18 5.89 5.86
C MET A 107 -2.03 5.50 7.33
N ALA A 108 -1.87 4.21 7.57
CA ALA A 108 -1.57 3.70 8.89
C ALA A 108 -0.06 3.48 9.00
N GLN A 109 0.54 3.93 10.09
CA GLN A 109 1.99 3.92 10.18
C GLN A 109 2.48 3.10 11.37
N GLY A 110 3.53 2.31 11.11
CA GLY A 110 4.25 1.65 12.18
C GLY A 110 3.93 0.19 12.37
N ALA A 111 4.41 -0.35 13.48
CA ALA A 111 4.37 -1.77 13.74
C ALA A 111 3.04 -2.19 14.37
N MET A 112 2.08 -2.51 13.51
CA MET A 112 0.81 -3.08 13.98
C MET A 112 0.74 -4.57 13.63
N PRO A 113 0.02 -5.37 14.43
CA PRO A 113 -0.02 -6.83 14.27
C PRO A 113 -0.90 -7.28 13.11
N LYS A 114 -1.01 -8.59 12.94
CA LYS A 114 -1.91 -9.16 11.93
C LYS A 114 -3.33 -8.70 12.17
N ALA A 115 -3.70 -8.55 13.45
CA ALA A 115 -5.05 -8.13 13.80
C ALA A 115 -5.35 -6.72 13.31
N SER A 116 -4.45 -5.77 13.57
CA SER A 116 -4.65 -4.41 13.11
C SER A 116 -4.62 -4.34 11.59
N PHE A 117 -3.69 -5.08 10.98
CA PHE A 117 -3.62 -5.17 9.52
C PHE A 117 -4.93 -5.72 8.97
N LYS A 118 -5.39 -6.82 9.54
CA LYS A 118 -6.61 -7.47 9.10
C LYS A 118 -7.77 -6.48 9.10
N LYS A 119 -7.94 -5.74 10.19
CA LYS A 119 -9.05 -4.80 10.31
C LYS A 119 -8.91 -3.66 9.31
N ALA A 120 -7.68 -3.25 9.05
CA ALA A 120 -7.40 -2.17 8.09
C ALA A 120 -7.70 -2.62 6.66
N ILE A 121 -7.28 -3.82 6.32
CA ILE A 121 -7.52 -4.35 4.98
C ILE A 121 -8.99 -4.67 4.79
N ASP A 122 -9.53 -5.42 5.73
CA ASP A 122 -10.92 -5.88 5.66
C ASP A 122 -11.88 -4.70 5.73
N GLU A 123 -11.94 -4.08 6.89
CA GLU A 123 -12.99 -3.12 7.22
C GLU A 123 -12.74 -1.74 6.65
N PHE A 124 -11.78 -1.60 5.74
CA PHE A 124 -11.55 -0.32 5.10
C PHE A 124 -11.25 -0.49 3.62
N LEU A 125 -10.31 -1.38 3.30
CA LEU A 125 -9.87 -1.55 1.92
C LEU A 125 -10.91 -2.33 1.12
N LEU A 126 -11.62 -3.24 1.79
CA LEU A 126 -12.66 -4.03 1.14
C LEU A 126 -14.03 -3.53 1.56
N LYS A 127 -14.29 -3.54 2.86
CA LYS A 127 -15.52 -3.02 3.40
C LYS A 127 -15.40 -1.53 3.59
N LYS A 128 -15.83 -0.78 2.59
CA LYS A 128 -15.75 0.67 2.61
C LYS A 128 -16.56 1.23 3.80
N GLU A 129 -15.83 1.57 4.86
CA GLU A 129 -16.44 2.03 6.09
C GLU A 129 -16.44 3.54 6.16
N GLY A 130 -17.19 4.09 7.11
CA GLY A 130 -17.31 5.53 7.25
C GLY A 130 -18.76 5.97 7.22
N HIS A 131 -19.65 5.01 7.07
CA HIS A 131 -21.08 5.28 6.96
C HIS A 131 -21.74 5.43 8.33
N HIS A 132 -21.20 6.34 9.14
CA HIS A 132 -21.74 6.65 10.46
C HIS A 132 -20.89 7.72 11.14
N HIS A 133 -21.44 8.92 11.25
CA HIS A 133 -20.73 10.03 11.90
C HIS A 133 -20.89 9.93 13.42
N HIS A 134 -22.04 9.43 13.86
CA HIS A 134 -22.33 9.23 15.29
C HIS A 134 -23.76 8.75 15.47
N HIS A 135 -24.62 9.16 14.56
CA HIS A 135 -26.01 8.72 14.49
C HIS A 135 -26.50 8.95 13.08
N HIS A 136 -25.87 9.91 12.44
CA HIS A 136 -25.94 10.10 11.00
C HIS A 136 -24.56 10.43 10.51
N MET A 1 8.36 -13.79 -22.22
CA MET A 1 7.43 -14.48 -21.30
C MET A 1 7.45 -13.81 -19.94
N SER A 2 6.71 -14.37 -18.99
CA SER A 2 6.68 -13.89 -17.63
C SER A 2 7.94 -14.31 -16.89
N LEU A 3 8.04 -13.94 -15.61
CA LEU A 3 9.24 -14.21 -14.83
C LEU A 3 9.21 -15.65 -14.30
N ALA A 4 8.24 -15.93 -13.44
CA ALA A 4 8.12 -17.24 -12.81
C ALA A 4 6.67 -17.51 -12.43
N THR A 5 5.77 -17.00 -13.26
CA THR A 5 4.33 -17.04 -12.98
C THR A 5 4.00 -16.01 -11.91
N GLU A 6 3.54 -14.85 -12.37
CA GLU A 6 3.28 -13.72 -11.49
C GLU A 6 2.19 -14.07 -10.47
N GLY A 7 2.45 -13.76 -9.21
CA GLY A 7 1.59 -14.22 -8.14
C GLY A 7 0.68 -13.15 -7.57
N ASN A 8 -0.57 -13.52 -7.34
CA ASN A 8 -1.49 -12.67 -6.61
C ASN A 8 -1.48 -13.09 -5.14
N GLY A 9 -2.01 -12.27 -4.26
CA GLY A 9 -1.89 -12.54 -2.84
C GLY A 9 -0.44 -12.54 -2.42
N LYS A 10 0.28 -11.54 -2.89
CA LYS A 10 1.71 -11.46 -2.69
C LYS A 10 2.14 -9.99 -2.68
N VAL A 11 3.28 -9.72 -2.07
CA VAL A 11 3.83 -8.38 -2.04
C VAL A 11 5.07 -8.28 -2.94
N ILE A 12 5.11 -7.26 -3.77
CA ILE A 12 6.25 -7.02 -4.63
C ILE A 12 6.83 -5.62 -4.36
N HIS A 13 8.13 -5.53 -4.10
CA HIS A 13 8.75 -4.25 -3.85
C HIS A 13 9.16 -3.60 -5.17
N LEU A 14 9.03 -2.30 -5.26
CA LEU A 14 9.34 -1.59 -6.49
C LEU A 14 10.10 -0.29 -6.23
N THR A 15 10.61 0.30 -7.30
CA THR A 15 11.26 1.59 -7.23
C THR A 15 10.26 2.71 -7.52
N LYS A 16 10.70 3.97 -7.41
CA LYS A 16 9.82 5.10 -7.68
C LYS A 16 9.38 5.14 -9.14
N ALA A 17 10.25 4.67 -10.02
CA ALA A 17 9.93 4.61 -11.44
C ALA A 17 8.79 3.63 -11.67
N GLU A 18 8.85 2.53 -10.94
CA GLU A 18 7.81 1.51 -11.02
C GLU A 18 6.55 2.00 -10.33
N PHE A 19 6.73 2.76 -9.26
CA PHE A 19 5.61 3.38 -8.57
C PHE A 19 4.82 4.19 -9.56
N LEU A 20 5.54 5.04 -10.24
CA LEU A 20 4.97 5.96 -11.17
C LEU A 20 4.20 5.25 -12.29
N ALA A 21 4.89 4.41 -13.05
CA ALA A 21 4.32 3.86 -14.28
C ALA A 21 3.51 2.58 -14.04
N LYS A 22 3.74 1.93 -12.93
CA LYS A 22 3.10 0.64 -12.65
C LYS A 22 2.04 0.78 -11.53
N VAL A 23 1.98 1.93 -10.90
CA VAL A 23 1.04 2.12 -9.78
C VAL A 23 0.29 3.44 -9.87
N TYR A 24 1.00 4.54 -10.07
CA TYR A 24 0.41 5.87 -9.91
C TYR A 24 1.43 6.96 -10.25
N ASN A 25 1.05 7.84 -11.16
CA ASN A 25 1.97 8.83 -11.70
C ASN A 25 1.87 10.14 -10.90
N PHE A 26 2.64 10.25 -9.82
CA PHE A 26 2.61 11.45 -8.94
C PHE A 26 3.33 12.64 -9.55
N GLU A 27 3.65 12.54 -10.82
CA GLU A 27 4.30 13.63 -11.52
C GLU A 27 3.22 14.55 -12.08
N LYS A 28 2.30 13.94 -12.82
CA LYS A 28 1.12 14.63 -13.27
C LYS A 28 -0.03 14.43 -12.28
N ASN A 29 0.11 13.50 -11.33
CA ASN A 29 -0.98 13.25 -10.36
C ASN A 29 -0.64 13.67 -8.93
N PRO A 30 -0.22 14.92 -8.71
CA PRO A 30 -0.17 15.48 -7.38
C PRO A 30 -1.57 15.83 -6.87
N GLU A 31 -2.43 16.28 -7.79
CA GLU A 31 -3.78 16.65 -7.46
C GLU A 31 -4.76 15.54 -7.82
N GLU A 32 -4.47 14.83 -8.91
CA GLU A 32 -5.34 13.77 -9.39
C GLU A 32 -4.82 12.42 -8.91
N TRP A 33 -5.55 11.36 -9.22
CA TRP A 33 -5.21 10.05 -8.71
C TRP A 33 -5.59 8.96 -9.72
N LYS A 34 -4.66 8.66 -10.60
CA LYS A 34 -4.83 7.59 -11.56
C LYS A 34 -4.02 6.38 -11.11
N TYR A 35 -4.71 5.39 -10.57
CA TYR A 35 -4.08 4.19 -10.04
C TYR A 35 -4.08 3.07 -11.07
N GLU A 36 -2.89 2.56 -11.36
CA GLU A 36 -2.74 1.44 -12.29
C GLU A 36 -2.85 0.13 -11.52
N GLY A 37 -4.05 -0.42 -11.47
CA GLY A 37 -4.26 -1.65 -10.75
C GLY A 37 -5.69 -2.12 -10.83
N ASP A 38 -5.89 -3.38 -11.21
CA ASP A 38 -7.22 -3.97 -11.29
C ASP A 38 -7.75 -4.29 -9.90
N LYS A 39 -6.84 -4.53 -8.98
CA LYS A 39 -7.19 -4.87 -7.61
C LYS A 39 -6.67 -3.81 -6.66
N PRO A 40 -7.30 -3.66 -5.47
CA PRO A 40 -6.85 -2.71 -4.44
C PRO A 40 -5.42 -2.97 -4.02
N ALA A 41 -4.72 -1.91 -3.61
CA ALA A 41 -3.30 -2.03 -3.31
C ALA A 41 -2.99 -1.64 -1.88
N ILE A 42 -1.98 -2.29 -1.33
CA ILE A 42 -1.43 -1.94 -0.03
C ILE A 42 0.07 -1.67 -0.20
N VAL A 43 0.48 -0.43 -0.02
CA VAL A 43 1.86 -0.05 -0.28
C VAL A 43 2.60 0.25 1.01
N ASP A 44 3.55 -0.60 1.40
CA ASP A 44 4.33 -0.34 2.60
C ASP A 44 5.71 0.23 2.27
N PHE A 45 5.92 1.44 2.73
CA PHE A 45 7.22 2.08 2.70
C PHE A 45 8.07 1.53 3.84
N TYR A 46 9.13 0.80 3.49
CA TYR A 46 9.97 0.16 4.50
C TYR A 46 11.44 0.47 4.29
N ALA A 47 12.20 0.25 5.36
CA ALA A 47 13.65 0.28 5.34
C ALA A 47 14.14 -0.89 6.16
N ASP A 48 15.16 -1.60 5.68
CA ASP A 48 15.57 -2.85 6.31
C ASP A 48 16.01 -2.65 7.76
N TRP A 49 16.76 -1.59 8.03
CA TRP A 49 17.30 -1.36 9.37
C TRP A 49 16.19 -1.04 10.38
N CYS A 50 15.00 -0.75 9.87
CA CYS A 50 13.88 -0.40 10.72
C CYS A 50 13.17 -1.66 11.21
N GLY A 51 13.23 -1.88 12.52
CA GLY A 51 12.56 -3.02 13.13
C GLY A 51 11.12 -3.19 12.72
N PRO A 52 10.26 -2.16 12.94
CA PRO A 52 8.86 -2.17 12.52
C PRO A 52 8.67 -2.62 11.06
N CYS A 53 9.54 -2.17 10.17
CA CYS A 53 9.46 -2.56 8.77
C CYS A 53 9.67 -4.07 8.60
N LYS A 54 10.69 -4.59 9.29
CA LYS A 54 10.95 -6.02 9.33
C LYS A 54 9.75 -6.78 9.88
N MET A 55 8.98 -6.14 10.75
CA MET A 55 7.77 -6.73 11.32
C MET A 55 6.64 -6.77 10.31
N VAL A 56 6.35 -5.63 9.72
CA VAL A 56 5.18 -5.47 8.88
C VAL A 56 5.28 -6.22 7.55
N ALA A 57 6.47 -6.23 6.96
CA ALA A 57 6.67 -6.86 5.65
C ALA A 57 6.17 -8.31 5.59
N PRO A 58 6.60 -9.21 6.52
CA PRO A 58 6.11 -10.59 6.56
C PRO A 58 4.61 -10.66 6.83
N ILE A 59 4.16 -9.93 7.86
CA ILE A 59 2.73 -9.91 8.22
C ILE A 59 1.89 -9.45 7.04
N LEU A 60 2.38 -8.46 6.32
CA LEU A 60 1.70 -7.95 5.14
C LEU A 60 1.69 -8.97 4.01
N ASP A 61 2.76 -9.74 3.89
CA ASP A 61 2.82 -10.80 2.88
C ASP A 61 1.85 -11.92 3.25
N GLU A 62 1.81 -12.24 4.53
CA GLU A 62 0.82 -13.18 5.06
C GLU A 62 -0.58 -12.73 4.69
N LEU A 63 -0.88 -11.49 5.07
CA LEU A 63 -2.19 -10.91 4.88
C LEU A 63 -2.56 -10.84 3.41
N ALA A 64 -1.54 -10.66 2.58
CA ALA A 64 -1.73 -10.64 1.13
C ALA A 64 -2.32 -11.96 0.66
N LYS A 65 -1.75 -13.06 1.14
CA LYS A 65 -2.20 -14.38 0.74
C LYS A 65 -3.52 -14.73 1.45
N GLU A 66 -3.61 -14.36 2.72
CA GLU A 66 -4.83 -14.53 3.50
C GLU A 66 -6.02 -13.84 2.81
N TYR A 67 -5.75 -12.77 2.11
CA TYR A 67 -6.76 -12.06 1.34
C TYR A 67 -6.51 -12.21 -0.17
N ASP A 68 -5.83 -13.31 -0.53
CA ASP A 68 -5.45 -13.59 -1.91
C ASP A 68 -6.65 -13.56 -2.85
N GLY A 69 -6.40 -13.15 -4.09
CA GLY A 69 -7.47 -13.06 -5.05
C GLY A 69 -8.16 -11.71 -5.02
N GLN A 70 -8.07 -11.01 -3.90
CA GLN A 70 -8.78 -9.76 -3.73
C GLN A 70 -7.89 -8.57 -4.07
N ILE A 71 -6.75 -8.48 -3.40
CA ILE A 71 -5.91 -7.30 -3.47
C ILE A 71 -4.49 -7.64 -3.94
N VAL A 72 -3.69 -6.61 -4.14
CA VAL A 72 -2.28 -6.76 -4.47
C VAL A 72 -1.45 -5.85 -3.58
N ILE A 73 -0.44 -6.38 -2.93
CA ILE A 73 0.35 -5.58 -2.01
C ILE A 73 1.71 -5.25 -2.61
N TYR A 74 2.10 -4.00 -2.47
CA TYR A 74 3.39 -3.53 -2.95
C TYR A 74 4.16 -2.95 -1.78
N LYS A 75 5.44 -2.77 -1.97
CA LYS A 75 6.26 -2.11 -0.98
C LYS A 75 7.37 -1.37 -1.69
N VAL A 76 7.87 -0.32 -1.08
CA VAL A 76 8.85 0.51 -1.74
C VAL A 76 10.01 0.83 -0.81
N ASP A 77 11.20 0.89 -1.37
CA ASP A 77 12.41 1.07 -0.59
C ASP A 77 12.65 2.55 -0.36
N THR A 78 12.07 3.07 0.71
CA THR A 78 12.01 4.51 0.94
C THR A 78 13.39 5.16 1.03
N GLU A 79 14.35 4.42 1.56
CA GLU A 79 15.72 4.91 1.68
C GLU A 79 16.29 5.39 0.34
N LYS A 80 15.85 4.80 -0.76
CA LYS A 80 16.28 5.25 -2.08
C LYS A 80 15.14 5.97 -2.79
N GLU A 81 13.94 5.75 -2.28
CA GLU A 81 12.76 6.42 -2.75
C GLU A 81 12.46 7.66 -1.89
N GLN A 82 13.51 8.37 -1.50
CA GLN A 82 13.37 9.55 -0.65
C GLN A 82 12.62 10.67 -1.36
N GLU A 83 12.87 10.80 -2.66
CA GLU A 83 12.17 11.80 -3.46
C GLU A 83 10.68 11.48 -3.51
N LEU A 84 10.38 10.19 -3.51
CA LEU A 84 9.00 9.71 -3.49
C LEU A 84 8.37 9.98 -2.12
N ALA A 85 9.12 9.68 -1.06
CA ALA A 85 8.70 9.99 0.30
C ALA A 85 8.42 11.48 0.46
N GLY A 86 9.37 12.30 0.02
CA GLY A 86 9.24 13.75 0.15
C GLY A 86 8.01 14.29 -0.55
N ALA A 87 7.59 13.63 -1.63
CA ALA A 87 6.45 14.06 -2.41
C ALA A 87 5.16 13.98 -1.59
N PHE A 88 5.09 13.00 -0.69
CA PHE A 88 3.91 12.82 0.15
C PHE A 88 4.17 13.36 1.55
N GLY A 89 5.29 14.05 1.73
CA GLY A 89 5.66 14.56 3.04
C GLY A 89 5.97 13.45 4.01
N ILE A 90 6.52 12.36 3.49
CA ILE A 90 6.83 11.19 4.29
C ILE A 90 8.18 11.38 4.98
N ARG A 91 8.24 10.99 6.24
CA ARG A 91 9.47 11.04 7.01
C ARG A 91 10.45 10.03 6.44
N SER A 92 9.94 8.81 6.27
CA SER A 92 10.64 7.70 5.65
C SER A 92 9.83 6.44 5.87
N ILE A 93 10.08 5.75 6.99
CA ILE A 93 9.40 4.52 7.30
C ILE A 93 9.09 4.43 8.80
N PRO A 94 8.06 3.67 9.18
CA PRO A 94 7.15 2.95 8.27
C PRO A 94 5.99 3.84 7.82
N SER A 95 5.58 3.68 6.57
CA SER A 95 4.39 4.36 6.07
C SER A 95 3.62 3.45 5.14
N ILE A 96 2.31 3.33 5.33
CA ILE A 96 1.54 2.34 4.59
C ILE A 96 0.33 2.98 3.91
N LEU A 97 0.31 2.90 2.60
CA LEU A 97 -0.74 3.50 1.81
C LEU A 97 -1.78 2.45 1.42
N PHE A 98 -3.00 2.62 1.92
CA PHE A 98 -4.09 1.71 1.61
C PHE A 98 -4.90 2.25 0.45
N ILE A 99 -4.70 1.70 -0.73
CA ILE A 99 -5.33 2.20 -1.94
C ILE A 99 -6.60 1.43 -2.28
N PRO A 100 -7.77 2.09 -2.15
CA PRO A 100 -9.05 1.52 -2.54
C PRO A 100 -9.32 1.70 -4.03
N MET A 101 -10.34 1.04 -4.54
CA MET A 101 -10.70 1.15 -5.96
C MET A 101 -11.69 2.29 -6.17
N GLU A 102 -12.08 2.92 -5.08
CA GLU A 102 -13.01 4.03 -5.13
C GLU A 102 -12.76 4.96 -3.95
N GLY A 103 -12.35 6.19 -4.26
CA GLY A 103 -12.06 7.17 -3.24
C GLY A 103 -10.60 7.57 -3.24
N LYS A 104 -10.05 7.82 -2.07
CA LYS A 104 -8.64 8.15 -1.93
C LYS A 104 -7.99 7.22 -0.92
N PRO A 105 -6.68 6.96 -1.07
CA PRO A 105 -5.94 6.02 -0.23
C PRO A 105 -5.66 6.54 1.17
N GLU A 106 -5.63 5.64 2.14
CA GLU A 106 -5.33 5.98 3.52
C GLU A 106 -3.85 5.79 3.80
N MET A 107 -3.39 6.30 4.92
CA MET A 107 -1.98 6.23 5.29
C MET A 107 -1.80 6.03 6.78
N ALA A 108 -1.38 4.82 7.14
CA ALA A 108 -1.05 4.50 8.52
C ALA A 108 0.46 4.40 8.66
N GLN A 109 0.98 4.58 9.86
CA GLN A 109 2.41 4.56 10.07
C GLN A 109 2.81 3.56 11.15
N GLY A 110 3.84 2.80 10.87
CA GLY A 110 4.36 1.87 11.85
C GLY A 110 4.06 0.42 11.52
N ALA A 111 4.36 -0.46 12.47
CA ALA A 111 4.15 -1.88 12.26
C ALA A 111 3.00 -2.38 13.11
N MET A 112 1.81 -2.16 12.60
CA MET A 112 0.61 -2.71 13.21
C MET A 112 0.62 -4.24 13.10
N PRO A 113 0.02 -4.93 14.08
CA PRO A 113 -0.09 -6.39 14.04
C PRO A 113 -1.14 -6.81 13.02
N LYS A 114 -1.24 -8.11 12.79
CA LYS A 114 -2.27 -8.63 11.90
C LYS A 114 -3.65 -8.28 12.44
N ALA A 115 -3.72 -8.06 13.75
CA ALA A 115 -4.95 -7.66 14.41
C ALA A 115 -5.40 -6.27 13.95
N SER A 116 -4.50 -5.28 14.04
CA SER A 116 -4.86 -3.93 13.63
C SER A 116 -4.97 -3.84 12.12
N PHE A 117 -4.21 -4.68 11.43
CA PHE A 117 -4.29 -4.76 9.97
C PHE A 117 -5.63 -5.32 9.53
N LYS A 118 -6.11 -6.33 10.24
CA LYS A 118 -7.42 -6.91 9.95
C LYS A 118 -8.50 -5.84 10.03
N LYS A 119 -8.35 -4.94 11.00
CA LYS A 119 -9.28 -3.83 11.15
C LYS A 119 -9.17 -2.85 9.99
N ALA A 120 -7.95 -2.41 9.69
CA ALA A 120 -7.73 -1.44 8.63
C ALA A 120 -8.18 -1.99 7.27
N ILE A 121 -7.80 -3.22 6.99
CA ILE A 121 -8.14 -3.84 5.72
C ILE A 121 -9.65 -4.10 5.62
N ASP A 122 -10.25 -4.59 6.69
CA ASP A 122 -11.67 -4.92 6.63
C ASP A 122 -12.52 -3.64 6.63
N GLU A 123 -12.32 -2.79 7.62
CA GLU A 123 -13.18 -1.66 7.87
C GLU A 123 -12.94 -0.50 6.91
N PHE A 124 -11.90 -0.58 6.10
CA PHE A 124 -11.62 0.46 5.12
C PHE A 124 -11.45 -0.11 3.72
N LEU A 125 -10.60 -1.12 3.58
CA LEU A 125 -10.24 -1.63 2.26
C LEU A 125 -11.34 -2.55 1.71
N LEU A 126 -12.07 -3.22 2.59
CA LEU A 126 -13.13 -4.12 2.16
C LEU A 126 -14.47 -3.41 2.21
N LYS A 127 -14.77 -2.87 3.37
CA LYS A 127 -16.02 -2.15 3.59
C LYS A 127 -15.74 -0.86 4.35
N LYS A 128 -15.33 0.18 3.64
CA LYS A 128 -15.06 1.46 4.28
C LYS A 128 -16.29 1.98 5.01
N GLU A 129 -16.26 1.86 6.34
CA GLU A 129 -17.39 2.23 7.17
C GLU A 129 -17.50 3.74 7.38
N GLY A 130 -17.38 4.49 6.29
CA GLY A 130 -17.64 5.91 6.33
C GLY A 130 -19.13 6.17 6.28
N HIS A 131 -19.83 5.69 7.29
CA HIS A 131 -21.28 5.74 7.34
C HIS A 131 -21.74 5.92 8.79
N HIS A 132 -22.98 5.54 9.08
CA HIS A 132 -23.55 5.73 10.41
C HIS A 132 -23.08 4.64 11.39
N HIS A 133 -21.85 4.18 11.19
CA HIS A 133 -21.22 3.22 12.10
C HIS A 133 -19.75 3.05 11.74
N HIS A 134 -18.90 3.05 12.76
CA HIS A 134 -17.46 2.83 12.58
C HIS A 134 -16.90 2.34 13.90
N HIS A 135 -15.98 1.39 13.86
CA HIS A 135 -15.43 0.82 15.09
C HIS A 135 -14.56 1.86 15.80
N HIS A 136 -13.63 2.44 15.06
CA HIS A 136 -12.79 3.50 15.57
C HIS A 136 -11.90 4.03 14.46
N MET A 1 2.35 -11.29 -17.38
CA MET A 1 3.15 -10.99 -18.59
C MET A 1 4.59 -11.47 -18.39
N SER A 2 5.39 -10.68 -17.67
CA SER A 2 6.81 -11.00 -17.49
C SER A 2 7.50 -9.99 -16.58
N LEU A 3 7.91 -8.86 -17.17
CA LEU A 3 8.70 -7.86 -16.46
C LEU A 3 7.86 -7.11 -15.43
N ALA A 4 6.56 -7.06 -15.66
CA ALA A 4 5.65 -6.33 -14.78
C ALA A 4 5.71 -6.84 -13.35
N THR A 5 6.01 -8.12 -13.19
CA THR A 5 6.05 -8.76 -11.88
C THR A 5 4.69 -8.61 -11.20
N GLU A 6 3.69 -9.23 -11.79
CA GLU A 6 2.32 -9.11 -11.34
C GLU A 6 2.01 -10.13 -10.25
N GLY A 7 2.43 -9.82 -9.04
CA GLY A 7 2.20 -10.71 -7.92
C GLY A 7 0.83 -10.52 -7.32
N ASN A 8 -0.15 -11.19 -7.90
CA ASN A 8 -1.52 -11.16 -7.39
C ASN A 8 -1.56 -11.70 -5.97
N GLY A 9 -2.18 -10.95 -5.06
CA GLY A 9 -2.31 -11.37 -3.67
C GLY A 9 -0.97 -11.63 -3.03
N LYS A 10 0.00 -10.81 -3.38
CA LYS A 10 1.36 -11.02 -2.90
C LYS A 10 2.03 -9.67 -2.73
N VAL A 11 3.14 -9.64 -1.99
CA VAL A 11 3.89 -8.40 -1.83
C VAL A 11 4.93 -8.25 -2.92
N ILE A 12 4.80 -7.18 -3.69
CA ILE A 12 5.74 -6.90 -4.76
C ILE A 12 6.57 -5.67 -4.45
N HIS A 13 7.83 -5.88 -4.09
CA HIS A 13 8.74 -4.77 -3.86
C HIS A 13 9.25 -4.25 -5.20
N LEU A 14 9.17 -2.95 -5.38
CA LEU A 14 9.50 -2.35 -6.66
C LEU A 14 10.18 -1.00 -6.48
N THR A 15 10.73 -0.49 -7.57
CA THR A 15 11.37 0.81 -7.56
C THR A 15 10.35 1.92 -7.84
N LYS A 16 10.76 3.17 -7.62
CA LYS A 16 9.91 4.32 -7.88
C LYS A 16 9.40 4.34 -9.32
N ALA A 17 10.24 3.86 -10.25
CA ALA A 17 9.86 3.84 -11.66
C ALA A 17 8.77 2.79 -11.89
N GLU A 18 8.86 1.70 -11.17
CA GLU A 18 7.84 0.66 -11.23
C GLU A 18 6.57 1.12 -10.54
N PHE A 19 6.73 1.92 -9.49
CA PHE A 19 5.58 2.51 -8.81
C PHE A 19 4.84 3.39 -9.77
N LEU A 20 5.60 4.23 -10.42
CA LEU A 20 5.12 5.15 -11.38
C LEU A 20 4.15 4.49 -12.38
N ALA A 21 4.65 3.49 -13.09
CA ALA A 21 3.91 2.91 -14.22
C ALA A 21 2.89 1.86 -13.77
N LYS A 22 3.12 1.23 -12.63
CA LYS A 22 2.27 0.12 -12.22
C LYS A 22 1.37 0.48 -11.05
N VAL A 23 1.45 1.72 -10.57
CA VAL A 23 0.69 2.12 -9.40
C VAL A 23 0.16 3.56 -9.51
N TYR A 24 1.03 4.51 -9.86
CA TYR A 24 0.71 5.92 -9.68
C TYR A 24 1.62 6.82 -10.49
N ASN A 25 1.06 7.54 -11.44
CA ASN A 25 1.84 8.43 -12.30
C ASN A 25 2.14 9.74 -11.59
N PHE A 26 3.27 9.82 -10.89
CA PHE A 26 3.63 11.04 -10.17
C PHE A 26 4.32 12.06 -11.07
N GLU A 27 4.32 11.79 -12.38
CA GLU A 27 4.85 12.74 -13.36
C GLU A 27 3.77 13.74 -13.70
N LYS A 28 2.64 13.18 -14.13
CA LYS A 28 1.51 13.99 -14.55
C LYS A 28 0.50 14.13 -13.42
N ASN A 29 0.67 13.34 -12.35
CA ASN A 29 -0.10 13.54 -11.13
C ASN A 29 0.81 13.74 -9.93
N PRO A 30 1.52 14.87 -9.93
CA PRO A 30 2.30 15.31 -8.77
C PRO A 30 1.43 15.50 -7.53
N GLU A 31 0.27 16.13 -7.73
CA GLU A 31 -0.60 16.49 -6.63
C GLU A 31 -1.91 15.70 -6.65
N GLU A 32 -2.31 15.23 -7.84
CA GLU A 32 -3.56 14.53 -7.98
C GLU A 32 -3.38 13.03 -7.79
N TRP A 33 -4.44 12.38 -7.39
CA TRP A 33 -4.40 10.95 -7.10
C TRP A 33 -4.89 10.15 -8.30
N LYS A 34 -3.97 9.43 -8.93
CA LYS A 34 -4.32 8.59 -10.04
C LYS A 34 -3.68 7.22 -9.87
N TYR A 35 -4.50 6.20 -9.71
CA TYR A 35 -4.02 4.86 -9.45
C TYR A 35 -4.11 4.00 -10.70
N GLU A 36 -2.96 3.73 -11.28
CA GLU A 36 -2.87 2.91 -12.48
C GLU A 36 -2.55 1.47 -12.10
N GLY A 37 -3.57 0.75 -11.62
CA GLY A 37 -3.34 -0.59 -11.10
C GLY A 37 -4.34 -1.61 -11.60
N ASP A 38 -4.82 -2.44 -10.68
CA ASP A 38 -5.68 -3.56 -11.03
C ASP A 38 -6.65 -3.88 -9.90
N LYS A 39 -6.10 -4.20 -8.73
CA LYS A 39 -6.90 -4.53 -7.56
C LYS A 39 -6.49 -3.64 -6.38
N PRO A 40 -7.37 -3.49 -5.36
CA PRO A 40 -7.08 -2.68 -4.19
C PRO A 40 -5.65 -2.90 -3.69
N ALA A 41 -4.94 -1.83 -3.44
CA ALA A 41 -3.50 -1.92 -3.23
C ALA A 41 -3.11 -1.48 -1.82
N ILE A 42 -2.03 -2.07 -1.34
CA ILE A 42 -1.44 -1.67 -0.08
C ILE A 42 0.04 -1.41 -0.30
N VAL A 43 0.47 -0.18 -0.09
CA VAL A 43 1.86 0.18 -0.29
C VAL A 43 2.61 0.19 1.03
N ASP A 44 3.58 -0.71 1.13
CA ASP A 44 4.43 -0.80 2.31
C ASP A 44 5.67 0.07 2.14
N PHE A 45 5.75 1.15 2.90
CA PHE A 45 6.93 1.98 2.93
C PHE A 45 7.81 1.53 4.08
N TYR A 46 8.95 0.96 3.74
CA TYR A 46 9.84 0.39 4.75
C TYR A 46 11.28 0.82 4.52
N ALA A 47 12.12 0.44 5.46
CA ALA A 47 13.55 0.62 5.37
C ALA A 47 14.23 -0.47 6.17
N ASP A 48 15.35 -0.97 5.70
CA ASP A 48 16.01 -2.12 6.32
C ASP A 48 16.46 -1.81 7.75
N TRP A 49 16.75 -0.55 8.04
CA TRP A 49 17.22 -0.17 9.38
C TRP A 49 16.06 0.04 10.34
N CYS A 50 14.84 -0.13 9.85
CA CYS A 50 13.66 0.08 10.68
C CYS A 50 13.11 -1.25 11.19
N GLY A 51 13.20 -1.44 12.50
CA GLY A 51 12.72 -2.66 13.15
C GLY A 51 11.24 -2.92 12.89
N PRO A 52 10.35 -1.93 13.15
CA PRO A 52 8.92 -2.05 12.86
C PRO A 52 8.63 -2.60 11.47
N CYS A 53 9.29 -2.04 10.46
CA CYS A 53 9.09 -2.47 9.08
C CYS A 53 9.51 -3.94 8.89
N LYS A 54 10.57 -4.33 9.57
CA LYS A 54 11.06 -5.71 9.51
C LYS A 54 9.99 -6.70 9.92
N MET A 55 9.14 -6.33 10.86
CA MET A 55 8.13 -7.26 11.37
C MET A 55 6.82 -7.15 10.60
N VAL A 56 6.53 -5.99 10.03
CA VAL A 56 5.29 -5.83 9.28
C VAL A 56 5.39 -6.49 7.92
N ALA A 57 6.61 -6.52 7.36
CA ALA A 57 6.87 -7.13 6.06
C ALA A 57 6.27 -8.55 5.93
N PRO A 58 6.62 -9.51 6.82
CA PRO A 58 6.09 -10.87 6.72
C PRO A 58 4.59 -10.93 6.97
N ILE A 59 4.12 -10.14 7.92
CA ILE A 59 2.70 -10.08 8.23
C ILE A 59 1.92 -9.52 7.04
N LEU A 60 2.47 -8.48 6.44
CA LEU A 60 1.87 -7.86 5.26
C LEU A 60 1.73 -8.88 4.13
N ASP A 61 2.75 -9.69 3.91
CA ASP A 61 2.68 -10.73 2.90
C ASP A 61 1.69 -11.81 3.30
N GLU A 62 1.65 -12.11 4.59
CA GLU A 62 0.75 -13.12 5.12
C GLU A 62 -0.70 -12.75 4.83
N LEU A 63 -1.04 -11.47 4.99
CA LEU A 63 -2.37 -10.98 4.67
C LEU A 63 -2.58 -10.97 3.16
N ALA A 64 -1.50 -10.72 2.41
CA ALA A 64 -1.58 -10.61 0.97
C ALA A 64 -2.18 -11.85 0.33
N LYS A 65 -1.59 -13.02 0.59
CA LYS A 65 -2.10 -14.26 0.00
C LYS A 65 -3.37 -14.74 0.69
N GLU A 66 -3.57 -14.33 1.93
CA GLU A 66 -4.82 -14.62 2.62
C GLU A 66 -5.97 -13.88 1.95
N TYR A 67 -5.65 -12.70 1.44
CA TYR A 67 -6.60 -11.90 0.68
C TYR A 67 -6.27 -11.98 -0.81
N ASP A 68 -5.63 -13.08 -1.22
CA ASP A 68 -5.19 -13.24 -2.61
C ASP A 68 -6.39 -13.17 -3.54
N GLY A 69 -6.24 -12.41 -4.62
CA GLY A 69 -7.33 -12.22 -5.54
C GLY A 69 -8.15 -10.99 -5.19
N GLN A 70 -8.06 -10.57 -3.94
CA GLN A 70 -8.81 -9.42 -3.46
C GLN A 70 -7.95 -8.16 -3.54
N ILE A 71 -6.77 -8.23 -2.94
CA ILE A 71 -5.88 -7.08 -2.87
C ILE A 71 -4.48 -7.42 -3.39
N VAL A 72 -3.71 -6.38 -3.69
CA VAL A 72 -2.31 -6.53 -4.10
C VAL A 72 -1.44 -5.59 -3.28
N ILE A 73 -0.36 -6.10 -2.72
CA ILE A 73 0.49 -5.29 -1.86
C ILE A 73 1.84 -5.02 -2.52
N TYR A 74 2.26 -3.77 -2.48
CA TYR A 74 3.54 -3.38 -3.06
C TYR A 74 4.47 -2.91 -1.96
N LYS A 75 5.76 -2.89 -2.25
CA LYS A 75 6.76 -2.47 -1.29
C LYS A 75 7.69 -1.42 -1.87
N VAL A 76 7.96 -0.39 -1.09
CA VAL A 76 8.81 0.71 -1.52
C VAL A 76 9.75 1.14 -0.39
N ASP A 77 11.01 1.37 -0.75
CA ASP A 77 12.02 1.76 0.23
C ASP A 77 12.18 3.26 0.23
N THR A 78 11.66 3.93 1.26
CA THR A 78 11.66 5.39 1.32
C THR A 78 13.06 5.98 1.20
N GLU A 79 14.06 5.21 1.60
CA GLU A 79 15.44 5.68 1.60
C GLU A 79 15.97 5.88 0.17
N LYS A 80 15.32 5.23 -0.79
CA LYS A 80 15.65 5.41 -2.20
C LYS A 80 14.50 6.07 -2.94
N GLU A 81 13.29 5.74 -2.49
CA GLU A 81 12.07 6.34 -2.97
C GLU A 81 11.79 7.66 -2.25
N GLN A 82 12.85 8.42 -1.96
CA GLN A 82 12.74 9.69 -1.26
C GLN A 82 11.82 10.64 -2.01
N GLU A 83 12.04 10.76 -3.30
CA GLU A 83 11.24 11.62 -4.16
C GLU A 83 9.78 11.16 -4.17
N LEU A 84 9.60 9.85 -4.12
CA LEU A 84 8.28 9.25 -4.16
C LEU A 84 7.53 9.52 -2.86
N ALA A 85 8.18 9.24 -1.73
CA ALA A 85 7.56 9.43 -0.42
C ALA A 85 7.25 10.91 -0.18
N GLY A 86 8.14 11.78 -0.64
CA GLY A 86 7.96 13.21 -0.44
C GLY A 86 6.72 13.74 -1.11
N ALA A 87 6.32 13.12 -2.23
CA ALA A 87 5.13 13.54 -2.96
C ALA A 87 3.88 13.34 -2.12
N PHE A 88 3.88 12.30 -1.29
CA PHE A 88 2.74 12.00 -0.45
C PHE A 88 2.87 12.70 0.91
N GLY A 89 3.97 13.41 1.09
CA GLY A 89 4.22 14.09 2.36
C GLY A 89 4.68 13.12 3.43
N ILE A 90 5.20 11.99 3.00
CA ILE A 90 5.68 10.96 3.91
C ILE A 90 7.09 11.29 4.40
N ARG A 91 7.26 11.30 5.72
CA ARG A 91 8.58 11.49 6.32
C ARG A 91 9.51 10.36 5.90
N SER A 92 9.19 9.16 6.34
CA SER A 92 9.92 7.98 5.93
C SER A 92 9.12 6.72 6.26
N ILE A 93 9.47 6.04 7.34
CA ILE A 93 8.86 4.76 7.68
C ILE A 93 8.64 4.62 9.18
N PRO A 94 7.72 3.74 9.59
CA PRO A 94 6.86 2.95 8.68
C PRO A 94 5.69 3.76 8.15
N SER A 95 5.32 3.51 6.91
CA SER A 95 4.15 4.13 6.31
C SER A 95 3.42 3.11 5.45
N ILE A 96 2.11 3.06 5.52
CA ILE A 96 1.35 2.06 4.78
C ILE A 96 0.19 2.70 4.07
N LEU A 97 0.23 2.68 2.75
CA LEU A 97 -0.78 3.35 1.94
C LEU A 97 -1.87 2.38 1.49
N PHE A 98 -3.08 2.61 1.97
CA PHE A 98 -4.22 1.78 1.62
C PHE A 98 -4.98 2.40 0.45
N ILE A 99 -4.85 1.82 -0.72
CA ILE A 99 -5.47 2.34 -1.93
C ILE A 99 -6.77 1.59 -2.25
N PRO A 100 -7.92 2.23 -1.99
CA PRO A 100 -9.22 1.65 -2.28
C PRO A 100 -9.68 1.95 -3.70
N MET A 101 -10.71 1.24 -4.15
CA MET A 101 -11.29 1.50 -5.46
C MET A 101 -12.41 2.52 -5.35
N GLU A 102 -12.74 2.89 -4.11
CA GLU A 102 -13.81 3.83 -3.86
C GLU A 102 -13.37 4.83 -2.79
N GLY A 103 -13.05 6.05 -3.21
CA GLY A 103 -12.65 7.08 -2.28
C GLY A 103 -11.21 7.48 -2.45
N LYS A 104 -10.58 7.92 -1.37
CA LYS A 104 -9.18 8.33 -1.40
C LYS A 104 -8.39 7.48 -0.40
N PRO A 105 -7.07 7.31 -0.63
CA PRO A 105 -6.23 6.37 0.13
C PRO A 105 -6.01 6.77 1.59
N GLU A 106 -5.81 5.75 2.43
CA GLU A 106 -5.47 5.94 3.83
C GLU A 106 -4.00 5.62 4.05
N MET A 107 -3.50 5.95 5.22
CA MET A 107 -2.13 5.60 5.59
C MET A 107 -2.05 5.25 7.07
N ALA A 108 -1.44 4.12 7.35
CA ALA A 108 -1.20 3.70 8.72
C ALA A 108 0.31 3.58 8.94
N GLN A 109 0.78 4.00 10.09
CA GLN A 109 2.21 4.01 10.34
C GLN A 109 2.58 3.13 11.53
N GLY A 110 3.66 2.38 11.37
CA GLY A 110 4.24 1.66 12.49
C GLY A 110 3.99 0.17 12.49
N ALA A 111 4.48 -0.49 13.51
CA ALA A 111 4.44 -1.94 13.61
C ALA A 111 3.18 -2.42 14.29
N MET A 112 2.13 -2.58 13.51
CA MET A 112 0.89 -3.17 14.01
C MET A 112 0.90 -4.68 13.76
N PRO A 113 0.20 -5.48 14.60
CA PRO A 113 0.17 -6.93 14.46
C PRO A 113 -0.73 -7.37 13.32
N LYS A 114 -0.77 -8.68 13.09
CA LYS A 114 -1.62 -9.26 12.04
C LYS A 114 -3.08 -8.88 12.26
N ALA A 115 -3.47 -8.82 13.53
CA ALA A 115 -4.84 -8.45 13.89
C ALA A 115 -5.12 -6.98 13.62
N SER A 116 -4.22 -6.08 14.04
CA SER A 116 -4.44 -4.66 13.80
C SER A 116 -4.36 -4.36 12.32
N PHE A 117 -3.56 -5.13 11.59
CA PHE A 117 -3.51 -5.03 10.13
C PHE A 117 -4.90 -5.28 9.55
N LYS A 118 -5.48 -6.41 9.92
CA LYS A 118 -6.80 -6.76 9.43
C LYS A 118 -7.82 -5.67 9.76
N LYS A 119 -7.73 -5.15 10.97
CA LYS A 119 -8.63 -4.10 11.43
C LYS A 119 -8.60 -2.90 10.47
N ALA A 120 -7.40 -2.46 10.10
CA ALA A 120 -7.25 -1.33 9.21
C ALA A 120 -7.67 -1.66 7.79
N ILE A 121 -7.27 -2.85 7.32
CA ILE A 121 -7.56 -3.28 5.96
C ILE A 121 -9.07 -3.50 5.77
N ASP A 122 -9.65 -4.34 6.61
CA ASP A 122 -11.08 -4.68 6.54
C ASP A 122 -11.94 -3.43 6.52
N GLU A 123 -11.92 -2.68 7.63
CA GLU A 123 -12.81 -1.54 7.84
C GLU A 123 -12.85 -0.58 6.66
N PHE A 124 -11.70 -0.29 6.06
CA PHE A 124 -11.64 0.75 5.05
C PHE A 124 -11.53 0.20 3.63
N LEU A 125 -10.65 -0.76 3.43
CA LEU A 125 -10.32 -1.23 2.08
C LEU A 125 -11.40 -2.15 1.51
N LEU A 126 -11.96 -3.00 2.36
CA LEU A 126 -12.96 -3.97 1.88
C LEU A 126 -14.35 -3.57 2.33
N LYS A 127 -14.47 -3.14 3.57
CA LYS A 127 -15.75 -2.80 4.17
C LYS A 127 -16.19 -1.41 3.75
N LYS A 128 -15.20 -0.63 3.31
CA LYS A 128 -15.35 0.79 2.93
C LYS A 128 -16.32 1.54 3.85
N GLU A 129 -16.35 1.15 5.10
CA GLU A 129 -17.19 1.77 6.09
C GLU A 129 -16.48 1.68 7.44
N GLY A 130 -15.94 2.80 7.89
CA GLY A 130 -15.15 2.78 9.10
C GLY A 130 -15.97 3.11 10.31
N HIS A 131 -16.34 2.07 11.06
CA HIS A 131 -17.09 2.27 12.30
C HIS A 131 -16.16 2.89 13.34
N HIS A 132 -14.90 2.47 13.29
CA HIS A 132 -13.87 3.07 14.14
C HIS A 132 -12.67 3.51 13.31
N HIS A 133 -12.48 2.91 12.15
CA HIS A 133 -11.43 3.33 11.24
C HIS A 133 -12.01 4.17 10.10
N HIS A 134 -12.18 5.46 10.36
CA HIS A 134 -12.73 6.38 9.36
C HIS A 134 -11.90 7.66 9.31
N HIS A 135 -11.58 8.09 8.09
CA HIS A 135 -10.76 9.29 7.89
C HIS A 135 -11.54 10.54 8.26
N HIS A 136 -12.86 10.42 8.23
CA HIS A 136 -13.74 11.51 8.61
C HIS A 136 -15.05 10.93 9.14
N MET A 1 -7.94 -8.84 -13.41
CA MET A 1 -8.57 -8.93 -12.08
C MET A 1 -8.51 -10.36 -11.57
N SER A 2 -8.66 -10.50 -10.25
CA SER A 2 -8.62 -11.80 -9.56
C SER A 2 -7.49 -12.72 -10.08
N LEU A 3 -7.87 -13.81 -10.72
CA LEU A 3 -6.89 -14.81 -11.16
C LEU A 3 -6.59 -14.67 -12.66
N ALA A 4 -7.22 -13.71 -13.29
CA ALA A 4 -7.03 -13.50 -14.73
C ALA A 4 -5.77 -12.68 -15.00
N THR A 5 -5.20 -12.15 -13.93
CA THR A 5 -4.01 -11.34 -14.03
C THR A 5 -3.05 -11.66 -12.88
N GLU A 6 -1.81 -12.02 -13.23
CA GLU A 6 -0.80 -12.30 -12.23
C GLU A 6 -0.58 -11.06 -11.37
N GLY A 7 -0.28 -11.27 -10.11
CA GLY A 7 -0.16 -10.18 -9.20
C GLY A 7 -1.22 -10.23 -8.13
N ASN A 8 -1.09 -11.21 -7.23
CA ASN A 8 -1.94 -11.30 -6.05
C ASN A 8 -1.37 -12.37 -5.13
N GLY A 9 -1.81 -12.35 -3.87
CA GLY A 9 -1.32 -13.31 -2.90
C GLY A 9 0.17 -13.14 -2.67
N LYS A 10 0.64 -11.93 -2.85
CA LYS A 10 2.05 -11.63 -2.78
C LYS A 10 2.29 -10.17 -2.44
N VAL A 11 3.45 -9.89 -1.87
CA VAL A 11 3.87 -8.54 -1.60
C VAL A 11 5.05 -8.17 -2.48
N ILE A 12 4.84 -7.18 -3.34
CA ILE A 12 5.84 -6.78 -4.31
C ILE A 12 6.55 -5.50 -3.89
N HIS A 13 7.84 -5.60 -3.61
CA HIS A 13 8.62 -4.40 -3.32
C HIS A 13 9.07 -3.78 -4.62
N LEU A 14 8.76 -2.52 -4.81
CA LEU A 14 9.02 -1.86 -6.08
C LEU A 14 9.61 -0.48 -5.86
N THR A 15 10.10 0.11 -6.95
CA THR A 15 10.67 1.44 -6.92
C THR A 15 9.67 2.44 -7.49
N LYS A 16 10.04 3.72 -7.47
CA LYS A 16 9.18 4.78 -7.97
C LYS A 16 8.84 4.57 -9.44
N ALA A 17 9.72 3.91 -10.18
CA ALA A 17 9.47 3.62 -11.59
C ALA A 17 8.26 2.71 -11.74
N GLU A 18 8.18 1.70 -10.88
CA GLU A 18 7.09 0.75 -10.89
C GLU A 18 5.82 1.42 -10.36
N PHE A 19 6.01 2.29 -9.39
CA PHE A 19 4.92 3.06 -8.82
C PHE A 19 4.29 3.91 -9.89
N LEU A 20 5.13 4.67 -10.54
CA LEU A 20 4.72 5.60 -11.54
C LEU A 20 3.82 4.97 -12.60
N ALA A 21 4.35 3.97 -13.28
CA ALA A 21 3.73 3.44 -14.50
C ALA A 21 2.51 2.56 -14.20
N LYS A 22 2.52 1.87 -13.06
CA LYS A 22 1.47 0.90 -12.79
C LYS A 22 0.53 1.38 -11.68
N VAL A 23 0.98 2.32 -10.87
CA VAL A 23 0.22 2.70 -9.68
C VAL A 23 -0.20 4.18 -9.68
N TYR A 24 0.72 5.09 -10.03
CA TYR A 24 0.49 6.51 -9.79
C TYR A 24 1.55 7.36 -10.48
N ASN A 25 1.11 8.18 -11.42
CA ASN A 25 2.02 9.02 -12.18
C ASN A 25 2.21 10.36 -11.49
N PHE A 26 3.21 10.46 -10.61
CA PHE A 26 3.44 11.70 -9.88
C PHE A 26 4.26 12.70 -10.71
N GLU A 27 4.66 12.30 -11.91
CA GLU A 27 5.32 13.23 -12.82
C GLU A 27 4.31 14.24 -13.31
N LYS A 28 3.23 13.69 -13.84
CA LYS A 28 2.22 14.48 -14.52
C LYS A 28 1.04 14.75 -13.61
N ASN A 29 0.95 14.01 -12.51
CA ASN A 29 -0.12 14.20 -11.53
C ASN A 29 0.42 14.41 -10.12
N PRO A 30 1.24 15.45 -9.94
CA PRO A 30 1.63 15.94 -8.62
C PRO A 30 0.42 16.39 -7.82
N GLU A 31 -0.59 16.86 -8.52
CA GLU A 31 -1.77 17.45 -7.90
C GLU A 31 -2.89 16.43 -7.81
N GLU A 32 -3.07 15.64 -8.87
CA GLU A 32 -4.19 14.74 -8.95
C GLU A 32 -3.81 13.34 -8.47
N TRP A 33 -4.78 12.63 -7.92
CA TRP A 33 -4.57 11.26 -7.50
C TRP A 33 -5.30 10.31 -8.44
N LYS A 34 -4.54 9.58 -9.24
CA LYS A 34 -5.11 8.58 -10.12
C LYS A 34 -4.35 7.27 -9.99
N TYR A 35 -4.95 6.34 -9.28
CA TYR A 35 -4.38 5.01 -9.11
C TYR A 35 -4.76 4.11 -10.26
N GLU A 36 -3.79 3.43 -10.83
CA GLU A 36 -4.02 2.46 -11.89
C GLU A 36 -3.72 1.06 -11.37
N GLY A 37 -3.63 0.09 -12.27
CA GLY A 37 -3.25 -1.24 -11.86
C GLY A 37 -4.22 -2.30 -12.31
N ASP A 38 -4.79 -3.00 -11.35
CA ASP A 38 -5.69 -4.12 -11.61
C ASP A 38 -6.57 -4.37 -10.41
N LYS A 39 -5.95 -4.49 -9.25
CA LYS A 39 -6.66 -4.69 -8.00
C LYS A 39 -6.34 -3.57 -7.02
N PRO A 40 -7.09 -3.47 -5.90
CA PRO A 40 -6.76 -2.52 -4.82
C PRO A 40 -5.39 -2.80 -4.21
N ALA A 41 -4.80 -1.79 -3.56
CA ALA A 41 -3.40 -1.88 -3.16
C ALA A 41 -3.18 -1.60 -1.68
N ILE A 42 -2.25 -2.34 -1.10
CA ILE A 42 -1.71 -2.06 0.22
C ILE A 42 -0.22 -1.77 0.08
N VAL A 43 0.19 -0.52 0.28
CA VAL A 43 1.58 -0.15 0.07
C VAL A 43 2.28 0.17 1.39
N ASP A 44 3.24 -0.65 1.78
CA ASP A 44 4.01 -0.38 2.98
C ASP A 44 5.36 0.23 2.64
N PHE A 45 5.55 1.43 3.15
CA PHE A 45 6.83 2.11 3.11
C PHE A 45 7.74 1.51 4.17
N TYR A 46 8.81 0.85 3.75
CA TYR A 46 9.69 0.17 4.70
C TYR A 46 11.16 0.52 4.43
N ALA A 47 12.00 0.15 5.38
CA ALA A 47 13.43 0.28 5.27
C ALA A 47 14.09 -0.84 6.05
N ASP A 48 15.11 -1.47 5.47
CA ASP A 48 15.71 -2.65 6.09
C ASP A 48 16.42 -2.31 7.40
N TRP A 49 16.99 -1.12 7.47
CA TRP A 49 17.71 -0.69 8.66
C TRP A 49 16.75 -0.39 9.81
N CYS A 50 15.46 -0.44 9.53
CA CYS A 50 14.45 -0.19 10.54
C CYS A 50 13.66 -1.46 10.81
N GLY A 51 13.81 -1.99 12.02
CA GLY A 51 13.12 -3.21 12.40
C GLY A 51 11.60 -3.16 12.22
N PRO A 52 10.91 -2.14 12.78
CA PRO A 52 9.45 -2.00 12.64
C PRO A 52 8.94 -2.16 11.20
N CYS A 53 9.75 -1.78 10.22
CA CYS A 53 9.35 -1.89 8.83
C CYS A 53 9.39 -3.34 8.36
N LYS A 54 10.46 -4.06 8.71
CA LYS A 54 10.60 -5.45 8.30
C LYS A 54 9.72 -6.32 9.17
N MET A 55 9.49 -5.85 10.38
CA MET A 55 8.63 -6.52 11.36
C MET A 55 7.27 -6.85 10.75
N VAL A 56 6.74 -5.95 9.95
CA VAL A 56 5.39 -6.11 9.41
C VAL A 56 5.40 -6.89 8.09
N ALA A 57 6.57 -7.01 7.48
CA ALA A 57 6.73 -7.78 6.24
C ALA A 57 6.13 -9.19 6.33
N PRO A 58 6.48 -10.02 7.35
CA PRO A 58 5.91 -11.37 7.48
C PRO A 58 4.42 -11.34 7.78
N ILE A 59 3.99 -10.33 8.53
CA ILE A 59 2.58 -10.12 8.81
C ILE A 59 1.84 -9.78 7.52
N LEU A 60 2.44 -8.91 6.75
CA LEU A 60 1.89 -8.50 5.45
C LEU A 60 1.93 -9.66 4.46
N ASP A 61 2.92 -10.52 4.58
CA ASP A 61 2.97 -11.77 3.83
C ASP A 61 1.74 -12.63 4.16
N GLU A 62 1.48 -12.78 5.45
CA GLU A 62 0.30 -13.48 5.93
C GLU A 62 -0.97 -12.88 5.33
N LEU A 63 -1.05 -11.55 5.36
CA LEU A 63 -2.21 -10.84 4.83
C LEU A 63 -2.31 -10.99 3.32
N ALA A 64 -1.18 -11.12 2.65
CA ALA A 64 -1.17 -11.32 1.21
C ALA A 64 -1.93 -12.60 0.84
N LYS A 65 -1.72 -13.65 1.62
CA LYS A 65 -2.42 -14.91 1.43
C LYS A 65 -3.87 -14.76 1.86
N GLU A 66 -4.04 -14.23 3.07
CA GLU A 66 -5.36 -14.03 3.66
C GLU A 66 -6.29 -13.25 2.73
N TYR A 67 -5.72 -12.31 2.00
CA TYR A 67 -6.49 -11.47 1.11
C TYR A 67 -6.23 -11.83 -0.35
N ASP A 68 -5.87 -13.08 -0.60
CA ASP A 68 -5.60 -13.52 -1.96
C ASP A 68 -6.89 -13.54 -2.80
N GLY A 69 -6.72 -13.39 -4.12
CA GLY A 69 -7.83 -13.37 -5.03
C GLY A 69 -8.45 -12.00 -5.19
N GLN A 70 -8.20 -11.09 -4.25
CA GLN A 70 -8.89 -9.82 -4.23
C GLN A 70 -7.95 -8.61 -4.31
N ILE A 71 -6.96 -8.53 -3.42
CA ILE A 71 -6.11 -7.34 -3.36
C ILE A 71 -4.62 -7.70 -3.41
N VAL A 72 -3.81 -6.74 -3.85
CA VAL A 72 -2.37 -6.94 -3.97
C VAL A 72 -1.64 -6.08 -2.95
N ILE A 73 -0.54 -6.58 -2.41
CA ILE A 73 0.23 -5.81 -1.47
C ILE A 73 1.58 -5.43 -2.08
N TYR A 74 1.91 -4.16 -2.01
CA TYR A 74 3.18 -3.67 -2.49
C TYR A 74 3.95 -3.06 -1.32
N LYS A 75 5.24 -2.96 -1.47
CA LYS A 75 6.04 -2.24 -0.50
C LYS A 75 7.11 -1.45 -1.25
N VAL A 76 7.43 -0.28 -0.75
CA VAL A 76 8.34 0.60 -1.46
C VAL A 76 9.55 0.93 -0.61
N ASP A 77 10.71 0.89 -1.24
CA ASP A 77 11.97 1.17 -0.58
C ASP A 77 12.10 2.68 -0.33
N THR A 78 11.57 3.12 0.79
CA THR A 78 11.37 4.55 1.06
C THR A 78 12.67 5.34 1.17
N GLU A 79 13.74 4.72 1.66
CA GLU A 79 15.00 5.40 1.83
C GLU A 79 15.66 5.73 0.48
N LYS A 80 15.22 5.06 -0.58
CA LYS A 80 15.70 5.37 -1.92
C LYS A 80 14.59 6.02 -2.74
N GLU A 81 13.35 5.68 -2.37
CA GLU A 81 12.16 6.31 -2.91
C GLU A 81 11.77 7.53 -2.09
N GLN A 82 12.78 8.33 -1.72
CA GLN A 82 12.57 9.48 -0.84
C GLN A 82 11.68 10.55 -1.48
N GLU A 83 11.89 10.80 -2.76
CA GLU A 83 11.09 11.81 -3.46
C GLU A 83 9.66 11.31 -3.66
N LEU A 84 9.53 10.00 -3.81
CA LEU A 84 8.23 9.37 -3.90
C LEU A 84 7.49 9.50 -2.57
N ALA A 85 8.19 9.21 -1.48
CA ALA A 85 7.62 9.35 -0.14
C ALA A 85 7.29 10.81 0.16
N GLY A 86 8.21 11.70 -0.22
CA GLY A 86 8.02 13.12 0.01
C GLY A 86 6.79 13.66 -0.71
N ALA A 87 6.43 13.04 -1.83
CA ALA A 87 5.25 13.45 -2.59
C ALA A 87 3.98 13.23 -1.78
N PHE A 88 3.98 12.19 -0.94
CA PHE A 88 2.83 11.90 -0.09
C PHE A 88 2.94 12.63 1.23
N GLY A 89 4.14 13.11 1.55
CA GLY A 89 4.35 13.82 2.80
C GLY A 89 4.88 12.90 3.88
N ILE A 90 5.44 11.78 3.47
CA ILE A 90 6.00 10.81 4.41
C ILE A 90 7.38 11.24 4.86
N ARG A 91 7.63 11.12 6.17
CA ARG A 91 8.94 11.45 6.71
C ARG A 91 9.97 10.42 6.25
N SER A 92 9.76 9.18 6.66
CA SER A 92 10.62 8.07 6.26
C SER A 92 9.84 6.77 6.36
N ILE A 93 9.89 6.15 7.53
CA ILE A 93 9.33 4.81 7.71
C ILE A 93 9.05 4.51 9.18
N PRO A 94 8.11 3.59 9.47
CA PRO A 94 7.29 2.90 8.47
C PRO A 94 5.91 3.57 8.29
N SER A 95 5.41 3.57 7.07
CA SER A 95 4.11 4.15 6.79
C SER A 95 3.38 3.28 5.77
N ILE A 96 2.08 3.14 5.90
CA ILE A 96 1.34 2.24 5.02
C ILE A 96 0.16 2.96 4.37
N LEU A 97 0.16 2.96 3.06
CA LEU A 97 -0.87 3.63 2.29
C LEU A 97 -1.91 2.61 1.84
N PHE A 98 -3.11 2.73 2.38
CA PHE A 98 -4.21 1.83 2.03
C PHE A 98 -4.97 2.43 0.85
N ILE A 99 -4.75 1.87 -0.34
CA ILE A 99 -5.23 2.48 -1.57
C ILE A 99 -6.49 1.81 -2.10
N PRO A 100 -7.62 2.53 -2.10
CA PRO A 100 -8.86 2.08 -2.74
C PRO A 100 -8.91 2.48 -4.21
N MET A 101 -9.94 2.04 -4.90
CA MET A 101 -10.12 2.37 -6.32
C MET A 101 -11.09 3.52 -6.47
N GLU A 102 -11.96 3.68 -5.48
CA GLU A 102 -13.05 4.63 -5.57
C GLU A 102 -12.82 5.87 -4.70
N GLY A 103 -11.57 6.14 -4.37
CA GLY A 103 -11.28 7.32 -3.57
C GLY A 103 -9.80 7.47 -3.27
N LYS A 104 -9.48 8.48 -2.46
CA LYS A 104 -8.10 8.72 -2.03
C LYS A 104 -7.72 7.74 -0.92
N PRO A 105 -6.43 7.39 -0.84
CA PRO A 105 -5.92 6.42 0.13
C PRO A 105 -5.66 7.02 1.51
N GLU A 106 -5.71 6.17 2.52
CA GLU A 106 -5.40 6.59 3.88
C GLU A 106 -4.02 6.09 4.28
N MET A 107 -3.51 6.61 5.38
CA MET A 107 -2.16 6.32 5.81
C MET A 107 -2.11 5.94 7.29
N ALA A 108 -1.55 4.78 7.56
CA ALA A 108 -1.33 4.32 8.92
C ALA A 108 0.11 3.84 9.06
N GLN A 109 0.80 4.32 10.07
CA GLN A 109 2.21 3.98 10.26
C GLN A 109 2.35 2.56 10.79
N GLY A 110 3.47 1.93 10.46
CA GLY A 110 3.64 0.50 10.67
C GLY A 110 3.87 0.09 12.11
N ALA A 111 4.54 -1.06 12.28
CA ALA A 111 4.76 -1.69 13.58
C ALA A 111 3.45 -2.26 14.14
N MET A 112 2.49 -2.45 13.25
CA MET A 112 1.20 -3.05 13.62
C MET A 112 1.26 -4.57 13.48
N PRO A 113 0.53 -5.31 14.34
CA PRO A 113 0.43 -6.76 14.25
C PRO A 113 -0.49 -7.16 13.10
N LYS A 114 -0.76 -8.46 12.96
CA LYS A 114 -1.74 -8.90 11.98
C LYS A 114 -3.08 -8.23 12.26
N ALA A 115 -3.42 -8.15 13.53
CA ALA A 115 -4.73 -7.63 13.94
C ALA A 115 -4.96 -6.20 13.48
N SER A 116 -4.03 -5.28 13.78
CA SER A 116 -4.25 -3.88 13.45
C SER A 116 -4.19 -3.67 11.94
N PHE A 117 -3.31 -4.39 11.26
CA PHE A 117 -3.25 -4.34 9.80
C PHE A 117 -4.52 -4.90 9.20
N LYS A 118 -4.87 -6.09 9.62
CA LYS A 118 -6.06 -6.79 9.14
C LYS A 118 -7.30 -5.92 9.34
N LYS A 119 -7.38 -5.32 10.52
CA LYS A 119 -8.48 -4.42 10.86
C LYS A 119 -8.58 -3.29 9.83
N ALA A 120 -7.48 -2.55 9.68
CA ALA A 120 -7.45 -1.39 8.79
C ALA A 120 -7.65 -1.77 7.33
N ILE A 121 -7.09 -2.89 6.91
CA ILE A 121 -7.22 -3.35 5.54
C ILE A 121 -8.66 -3.75 5.25
N ASP A 122 -9.22 -4.59 6.10
CA ASP A 122 -10.56 -5.11 5.88
C ASP A 122 -11.59 -3.98 5.94
N GLU A 123 -11.60 -3.27 7.07
CA GLU A 123 -12.67 -2.31 7.37
C GLU A 123 -12.54 -1.00 6.57
N PHE A 124 -11.60 -0.96 5.63
CA PHE A 124 -11.46 0.21 4.78
C PHE A 124 -11.36 -0.18 3.31
N LEU A 125 -10.51 -1.15 3.00
CA LEU A 125 -10.25 -1.51 1.62
C LEU A 125 -11.32 -2.46 1.09
N LEU A 126 -11.65 -3.50 1.87
CA LEU A 126 -12.63 -4.48 1.44
C LEU A 126 -14.02 -3.93 1.68
N LYS A 127 -14.29 -3.65 2.94
CA LYS A 127 -15.51 -3.00 3.32
C LYS A 127 -15.20 -1.56 3.67
N LYS A 128 -15.47 -0.65 2.76
CA LYS A 128 -15.19 0.75 3.00
C LYS A 128 -16.16 1.33 4.03
N GLU A 129 -15.98 0.89 5.28
CA GLU A 129 -16.71 1.37 6.43
C GLU A 129 -18.15 0.84 6.42
N GLY A 130 -18.71 0.68 7.61
CA GLY A 130 -20.10 0.30 7.73
C GLY A 130 -21.01 1.48 7.42
N HIS A 131 -21.04 1.85 6.14
CA HIS A 131 -21.83 2.99 5.69
C HIS A 131 -23.32 2.68 5.70
N HIS A 132 -23.85 2.52 6.91
CA HIS A 132 -25.27 2.33 7.11
C HIS A 132 -25.80 3.50 7.94
N HIS A 133 -25.27 4.69 7.63
CA HIS A 133 -25.61 5.89 8.39
C HIS A 133 -26.99 6.41 8.00
N HIS A 134 -27.66 5.69 7.12
CA HIS A 134 -29.01 6.03 6.71
C HIS A 134 -30.00 5.50 7.73
N HIS A 135 -30.23 6.28 8.78
CA HIS A 135 -31.08 5.87 9.88
C HIS A 135 -32.47 6.48 9.74
N HIS A 136 -33.45 5.80 10.30
CA HIS A 136 -34.78 6.37 10.45
C HIS A 136 -35.09 6.49 11.93
N MET A 1 -3.99 -9.76 -15.09
CA MET A 1 -4.05 -10.89 -16.04
C MET A 1 -3.62 -10.44 -17.43
N SER A 2 -2.31 -10.47 -17.66
CA SER A 2 -1.75 -10.12 -18.96
C SER A 2 -0.52 -10.97 -19.26
N LEU A 3 0.34 -11.11 -18.27
CA LEU A 3 1.51 -11.96 -18.40
C LEU A 3 1.24 -13.31 -17.74
N ALA A 4 0.70 -13.24 -16.52
CA ALA A 4 0.33 -14.43 -15.78
C ALA A 4 -0.62 -14.06 -14.65
N THR A 5 -0.09 -13.32 -13.68
CA THR A 5 -0.87 -12.92 -12.52
C THR A 5 -0.68 -11.43 -12.21
N GLU A 6 0.56 -10.96 -12.41
CA GLU A 6 0.96 -9.60 -12.05
C GLU A 6 0.69 -9.33 -10.58
N GLY A 7 -0.50 -8.82 -10.30
CA GLY A 7 -0.89 -8.54 -8.93
C GLY A 7 -1.95 -9.50 -8.45
N ASN A 8 -1.52 -10.63 -7.92
CA ASN A 8 -2.43 -11.66 -7.44
C ASN A 8 -1.67 -12.64 -6.56
N GLY A 9 -1.83 -12.49 -5.25
CA GLY A 9 -1.20 -13.39 -4.31
C GLY A 9 0.25 -13.06 -4.02
N LYS A 10 0.59 -11.77 -3.96
CA LYS A 10 1.95 -11.38 -3.65
C LYS A 10 2.08 -9.91 -3.27
N VAL A 11 3.25 -9.61 -2.71
CA VAL A 11 3.66 -8.24 -2.44
C VAL A 11 4.80 -7.85 -3.38
N ILE A 12 4.54 -6.91 -4.25
CA ILE A 12 5.55 -6.47 -5.19
C ILE A 12 6.52 -5.50 -4.53
N HIS A 13 7.67 -6.00 -4.13
CA HIS A 13 8.75 -5.16 -3.63
C HIS A 13 9.40 -4.45 -4.81
N LEU A 14 9.22 -3.14 -4.87
CA LEU A 14 9.55 -2.39 -6.06
C LEU A 14 10.23 -1.06 -5.75
N THR A 15 10.56 -0.32 -6.81
CA THR A 15 11.09 1.04 -6.68
C THR A 15 10.04 2.04 -7.14
N LYS A 16 10.34 3.34 -7.06
CA LYS A 16 9.38 4.37 -7.47
C LYS A 16 9.00 4.22 -8.93
N ALA A 17 9.90 3.65 -9.73
CA ALA A 17 9.64 3.43 -11.15
C ALA A 17 8.58 2.35 -11.34
N GLU A 18 8.67 1.31 -10.53
CA GLU A 18 7.66 0.26 -10.54
C GLU A 18 6.36 0.75 -9.94
N PHE A 19 6.46 1.60 -8.92
CA PHE A 19 5.30 2.23 -8.32
C PHE A 19 4.61 3.06 -9.37
N LEU A 20 5.43 3.79 -10.08
CA LEU A 20 5.04 4.65 -11.13
C LEU A 20 4.07 3.98 -12.09
N ALA A 21 4.52 2.89 -12.72
CA ALA A 21 3.78 2.28 -13.81
C ALA A 21 2.71 1.30 -13.34
N LYS A 22 2.75 0.92 -12.08
CA LYS A 22 1.81 -0.07 -11.57
C LYS A 22 0.78 0.55 -10.61
N VAL A 23 1.09 1.72 -10.09
CA VAL A 23 0.26 2.30 -9.04
C VAL A 23 -0.05 3.78 -9.29
N TYR A 24 0.96 4.56 -9.67
CA TYR A 24 0.82 6.01 -9.68
C TYR A 24 1.88 6.68 -10.56
N ASN A 25 1.41 7.31 -11.62
CA ASN A 25 2.28 8.00 -12.56
C ASN A 25 2.44 9.46 -12.15
N PHE A 26 3.49 9.80 -11.41
CA PHE A 26 3.63 11.14 -10.86
C PHE A 26 4.01 12.17 -11.93
N GLU A 27 4.01 11.74 -13.19
CA GLU A 27 4.15 12.66 -14.31
C GLU A 27 2.77 13.02 -14.89
N LYS A 28 1.77 12.19 -14.56
CA LYS A 28 0.39 12.47 -15.00
C LYS A 28 -0.33 13.31 -13.96
N ASN A 29 0.00 13.08 -12.70
CA ASN A 29 -0.67 13.74 -11.57
C ASN A 29 0.29 13.96 -10.41
N PRO A 30 1.35 14.75 -10.64
CA PRO A 30 2.26 15.24 -9.62
C PRO A 30 1.54 15.74 -8.37
N GLU A 31 0.37 16.33 -8.57
CA GLU A 31 -0.39 16.93 -7.50
C GLU A 31 -1.58 16.04 -7.10
N GLU A 32 -2.12 15.31 -8.06
CA GLU A 32 -3.30 14.49 -7.83
C GLU A 32 -2.96 13.04 -7.56
N TRP A 33 -3.98 12.25 -7.31
CA TRP A 33 -3.82 10.81 -7.12
C TRP A 33 -4.68 10.03 -8.12
N LYS A 34 -4.02 9.49 -9.12
CA LYS A 34 -4.64 8.61 -10.08
C LYS A 34 -3.97 7.24 -10.04
N TYR A 35 -4.67 6.28 -9.46
CA TYR A 35 -4.17 4.92 -9.36
C TYR A 35 -4.20 4.23 -10.72
N GLU A 36 -3.05 3.75 -11.17
CA GLU A 36 -2.89 3.17 -12.50
C GLU A 36 -3.01 1.64 -12.45
N GLY A 37 -3.52 1.11 -11.35
CA GLY A 37 -3.54 -0.33 -11.16
C GLY A 37 -4.86 -0.98 -11.49
N ASP A 38 -5.14 -2.10 -10.84
CA ASP A 38 -6.30 -2.93 -11.15
C ASP A 38 -7.17 -3.16 -9.92
N LYS A 39 -6.55 -3.62 -8.84
CA LYS A 39 -7.29 -3.94 -7.61
C LYS A 39 -6.89 -2.98 -6.50
N PRO A 40 -7.66 -2.91 -5.40
CA PRO A 40 -7.26 -2.15 -4.20
C PRO A 40 -5.83 -2.46 -3.80
N ALA A 41 -5.04 -1.43 -3.57
CA ALA A 41 -3.61 -1.60 -3.37
C ALA A 41 -3.20 -1.29 -1.95
N ILE A 42 -2.24 -2.05 -1.46
CA ILE A 42 -1.68 -1.84 -0.13
C ILE A 42 -0.16 -1.81 -0.24
N VAL A 43 0.46 -0.66 -0.04
CA VAL A 43 1.91 -0.59 -0.19
C VAL A 43 2.59 -0.34 1.16
N ASP A 44 3.63 -1.11 1.39
CA ASP A 44 4.42 -1.03 2.61
C ASP A 44 5.70 -0.24 2.37
N PHE A 45 5.85 0.86 3.09
CA PHE A 45 7.05 1.66 3.01
C PHE A 45 7.98 1.25 4.14
N TYR A 46 9.11 0.65 3.80
CA TYR A 46 10.00 0.15 4.81
C TYR A 46 11.42 0.66 4.62
N ALA A 47 12.25 0.32 5.59
CA ALA A 47 13.67 0.56 5.58
C ALA A 47 14.31 -0.49 6.47
N ASP A 48 15.20 -1.30 5.91
CA ASP A 48 15.71 -2.48 6.61
C ASP A 48 16.36 -2.14 7.95
N TRP A 49 17.02 -0.99 8.02
CA TRP A 49 17.73 -0.60 9.25
C TRP A 49 16.75 -0.31 10.39
N CYS A 50 15.47 -0.19 10.06
CA CYS A 50 14.44 0.09 11.05
C CYS A 50 13.74 -1.19 11.46
N GLY A 51 13.86 -1.53 12.74
CA GLY A 51 13.24 -2.74 13.28
C GLY A 51 11.76 -2.87 12.96
N PRO A 52 10.92 -1.86 13.30
CA PRO A 52 9.48 -1.87 13.00
C PRO A 52 9.15 -2.28 11.55
N CYS A 53 9.98 -1.86 10.60
CA CYS A 53 9.75 -2.17 9.19
C CYS A 53 9.92 -3.67 8.91
N LYS A 54 10.82 -4.29 9.66
CA LYS A 54 11.03 -5.72 9.59
C LYS A 54 9.78 -6.48 10.03
N MET A 55 9.00 -5.88 10.91
CA MET A 55 7.77 -6.48 11.41
C MET A 55 6.64 -6.43 10.39
N VAL A 56 6.48 -5.29 9.73
CA VAL A 56 5.35 -5.07 8.84
C VAL A 56 5.50 -5.83 7.52
N ALA A 57 6.72 -5.86 6.98
CA ALA A 57 7.01 -6.51 5.70
C ALA A 57 6.43 -7.94 5.58
N PRO A 58 6.74 -8.87 6.51
CA PRO A 58 6.21 -10.24 6.44
C PRO A 58 4.70 -10.29 6.61
N ILE A 59 4.18 -9.57 7.60
CA ILE A 59 2.73 -9.48 7.84
C ILE A 59 2.02 -9.01 6.58
N LEU A 60 2.61 -8.02 5.92
CA LEU A 60 2.10 -7.51 4.67
C LEU A 60 2.03 -8.60 3.61
N ASP A 61 3.02 -9.48 3.58
CA ASP A 61 3.02 -10.59 2.63
C ASP A 61 1.93 -11.59 3.00
N GLU A 62 1.82 -11.87 4.30
CA GLU A 62 0.82 -12.80 4.80
C GLU A 62 -0.56 -12.38 4.33
N LEU A 63 -0.94 -11.14 4.62
CA LEU A 63 -2.25 -10.62 4.26
C LEU A 63 -2.46 -10.64 2.76
N ALA A 64 -1.38 -10.47 2.01
CA ALA A 64 -1.45 -10.52 0.56
C ALA A 64 -2.12 -11.80 0.08
N LYS A 65 -1.58 -12.95 0.48
CA LYS A 65 -2.19 -14.23 0.08
C LYS A 65 -3.44 -14.55 0.91
N GLU A 66 -3.49 -14.08 2.16
CA GLU A 66 -4.63 -14.36 3.03
C GLU A 66 -5.89 -13.69 2.52
N TYR A 67 -5.76 -12.48 1.99
CA TYR A 67 -6.89 -11.75 1.44
C TYR A 67 -6.87 -11.74 -0.08
N ASP A 68 -6.13 -12.69 -0.66
CA ASP A 68 -5.84 -12.68 -2.09
C ASP A 68 -7.10 -12.72 -2.94
N GLY A 69 -6.97 -12.25 -4.18
CA GLY A 69 -8.07 -12.23 -5.10
C GLY A 69 -8.66 -10.84 -5.26
N GLN A 70 -8.64 -10.07 -4.18
CA GLN A 70 -9.29 -8.77 -4.18
C GLN A 70 -8.29 -7.61 -4.11
N ILE A 71 -7.19 -7.79 -3.38
CA ILE A 71 -6.20 -6.70 -3.26
C ILE A 71 -4.85 -7.12 -3.81
N VAL A 72 -4.01 -6.13 -4.08
CA VAL A 72 -2.63 -6.36 -4.49
C VAL A 72 -1.72 -5.59 -3.56
N ILE A 73 -0.70 -6.25 -3.00
CA ILE A 73 0.14 -5.57 -2.05
C ILE A 73 1.51 -5.28 -2.64
N TYR A 74 2.05 -4.11 -2.30
CA TYR A 74 3.34 -3.66 -2.77
C TYR A 74 4.20 -3.28 -1.58
N LYS A 75 5.49 -3.10 -1.79
CA LYS A 75 6.36 -2.56 -0.76
C LYS A 75 7.57 -1.90 -1.38
N VAL A 76 8.05 -0.84 -0.75
CA VAL A 76 9.08 -0.01 -1.33
C VAL A 76 9.90 0.66 -0.22
N ASP A 77 11.11 1.10 -0.54
CA ASP A 77 12.02 1.68 0.45
C ASP A 77 11.98 3.19 0.40
N THR A 78 11.44 3.81 1.44
CA THR A 78 11.35 5.26 1.51
C THR A 78 12.73 5.93 1.38
N GLU A 79 13.76 5.23 1.86
CA GLU A 79 15.13 5.73 1.83
C GLU A 79 15.61 6.01 0.40
N LYS A 80 15.13 5.21 -0.55
CA LYS A 80 15.49 5.39 -1.95
C LYS A 80 14.35 6.08 -2.70
N GLU A 81 13.15 5.89 -2.19
CA GLU A 81 11.94 6.45 -2.73
C GLU A 81 11.59 7.76 -2.04
N GLN A 82 12.59 8.61 -1.88
CA GLN A 82 12.43 9.89 -1.21
C GLN A 82 11.45 10.79 -1.94
N GLU A 83 11.45 10.73 -3.27
CA GLU A 83 10.54 11.53 -4.07
C GLU A 83 9.11 11.05 -3.86
N LEU A 84 8.97 9.74 -3.79
CA LEU A 84 7.68 9.10 -3.58
C LEU A 84 7.11 9.52 -2.23
N ALA A 85 7.96 9.44 -1.21
CA ALA A 85 7.57 9.82 0.15
C ALA A 85 7.28 11.31 0.25
N GLY A 86 8.18 12.12 -0.32
CA GLY A 86 8.05 13.57 -0.24
C GLY A 86 6.78 14.09 -0.87
N ALA A 87 6.28 13.39 -1.88
CA ALA A 87 5.06 13.79 -2.58
C ALA A 87 3.84 13.69 -1.67
N PHE A 88 3.83 12.69 -0.80
CA PHE A 88 2.70 12.46 0.08
C PHE A 88 2.95 12.99 1.48
N GLY A 89 4.05 13.72 1.64
CA GLY A 89 4.41 14.25 2.94
C GLY A 89 4.72 13.14 3.94
N ILE A 90 5.27 12.04 3.44
CA ILE A 90 5.60 10.90 4.27
C ILE A 90 6.83 11.20 5.10
N ARG A 91 6.73 10.98 6.41
CA ARG A 91 7.86 11.14 7.33
C ARG A 91 9.06 10.34 6.83
N SER A 92 8.88 9.03 6.79
CA SER A 92 9.88 8.11 6.29
C SER A 92 9.35 6.67 6.39
N ILE A 93 9.55 6.07 7.56
CA ILE A 93 9.18 4.68 7.79
C ILE A 93 8.95 4.44 9.28
N PRO A 94 8.03 3.52 9.65
CA PRO A 94 7.18 2.76 8.72
C PRO A 94 5.99 3.57 8.21
N SER A 95 5.57 3.31 6.98
CA SER A 95 4.35 3.90 6.44
C SER A 95 3.62 2.88 5.57
N ILE A 96 2.31 2.82 5.67
CA ILE A 96 1.53 1.87 4.89
C ILE A 96 0.38 2.58 4.19
N LEU A 97 0.28 2.38 2.89
CA LEU A 97 -0.77 3.01 2.10
C LEU A 97 -1.94 2.06 1.90
N PHE A 98 -3.12 2.53 2.23
CA PHE A 98 -4.34 1.78 1.99
C PHE A 98 -5.10 2.44 0.86
N ILE A 99 -4.97 1.89 -0.34
CA ILE A 99 -5.51 2.51 -1.53
C ILE A 99 -6.82 1.84 -1.95
N PRO A 100 -7.95 2.49 -1.71
CA PRO A 100 -9.25 2.02 -2.19
C PRO A 100 -9.46 2.38 -3.64
N MET A 101 -10.36 1.66 -4.30
CA MET A 101 -10.70 1.99 -5.68
C MET A 101 -11.64 3.19 -5.68
N GLU A 102 -12.37 3.35 -4.58
CA GLU A 102 -13.26 4.46 -4.40
C GLU A 102 -12.66 5.51 -3.50
N GLY A 103 -12.20 6.58 -4.10
CA GLY A 103 -11.68 7.70 -3.33
C GLY A 103 -10.17 7.84 -3.42
N LYS A 104 -9.57 8.20 -2.30
CA LYS A 104 -8.12 8.44 -2.22
C LYS A 104 -7.54 7.54 -1.12
N PRO A 105 -6.20 7.34 -1.09
CA PRO A 105 -5.58 6.39 -0.17
C PRO A 105 -5.34 6.94 1.24
N GLU A 106 -5.59 6.09 2.23
CA GLU A 106 -5.27 6.39 3.62
C GLU A 106 -3.88 5.86 3.98
N MET A 107 -3.41 6.24 5.15
CA MET A 107 -2.08 5.83 5.60
C MET A 107 -2.04 5.54 7.09
N ALA A 108 -1.40 4.42 7.43
CA ALA A 108 -1.08 4.11 8.82
C ALA A 108 0.42 3.97 8.95
N GLN A 109 0.98 4.13 10.13
CA GLN A 109 2.43 4.10 10.28
C GLN A 109 2.88 3.31 11.50
N GLY A 110 3.82 2.41 11.29
CA GLY A 110 4.50 1.75 12.38
C GLY A 110 4.30 0.25 12.40
N ALA A 111 4.85 -0.38 13.43
CA ALA A 111 4.77 -1.83 13.57
C ALA A 111 3.46 -2.25 14.20
N MET A 112 2.46 -2.41 13.37
CA MET A 112 1.16 -2.90 13.81
C MET A 112 1.00 -4.37 13.41
N PRO A 113 0.38 -5.20 14.27
CA PRO A 113 0.31 -6.65 14.07
C PRO A 113 -0.71 -7.03 13.00
N LYS A 114 -0.80 -8.32 12.72
CA LYS A 114 -1.80 -8.84 11.79
C LYS A 114 -3.20 -8.48 12.26
N ALA A 115 -3.37 -8.38 13.57
CA ALA A 115 -4.65 -7.99 14.15
C ALA A 115 -5.01 -6.55 13.78
N SER A 116 -4.07 -5.62 13.98
CA SER A 116 -4.31 -4.23 13.64
C SER A 116 -4.44 -4.07 12.12
N PHE A 117 -3.69 -4.88 11.39
CA PHE A 117 -3.77 -4.88 9.93
C PHE A 117 -5.07 -5.53 9.46
N LYS A 118 -5.59 -6.47 10.23
CA LYS A 118 -6.87 -7.08 9.92
C LYS A 118 -7.93 -6.00 9.81
N LYS A 119 -7.99 -5.14 10.80
CA LYS A 119 -8.98 -4.07 10.80
C LYS A 119 -8.71 -3.06 9.68
N ALA A 120 -7.44 -2.78 9.45
CA ALA A 120 -7.06 -1.81 8.42
C ALA A 120 -7.40 -2.31 7.02
N ILE A 121 -7.07 -3.57 6.75
CA ILE A 121 -7.34 -4.17 5.46
C ILE A 121 -8.83 -4.53 5.31
N ASP A 122 -9.32 -5.31 6.24
CA ASP A 122 -10.69 -5.83 6.15
C ASP A 122 -11.72 -4.74 6.43
N GLU A 123 -11.67 -4.17 7.62
CA GLU A 123 -12.71 -3.27 8.10
C GLU A 123 -12.57 -1.85 7.52
N PHE A 124 -11.70 -1.70 6.53
CA PHE A 124 -11.51 -0.40 5.89
C PHE A 124 -11.39 -0.53 4.36
N LEU A 125 -10.66 -1.52 3.89
CA LEU A 125 -10.47 -1.70 2.45
C LEU A 125 -11.56 -2.62 1.88
N LEU A 126 -11.94 -3.65 2.63
CA LEU A 126 -13.05 -4.51 2.22
C LEU A 126 -14.35 -3.80 2.54
N LYS A 127 -14.44 -3.29 3.75
CA LYS A 127 -15.50 -2.37 4.13
C LYS A 127 -15.05 -0.95 3.79
N LYS A 128 -15.00 -0.63 2.50
CA LYS A 128 -14.45 0.63 2.06
C LYS A 128 -15.41 1.79 2.28
N GLU A 129 -15.41 2.32 3.49
CA GLU A 129 -16.10 3.55 3.78
C GLU A 129 -15.09 4.63 4.09
N GLY A 130 -13.90 4.46 3.49
CA GLY A 130 -12.77 5.37 3.70
C GLY A 130 -13.16 6.83 3.68
N HIS A 131 -12.54 7.60 4.56
CA HIS A 131 -12.93 8.97 4.83
C HIS A 131 -14.34 8.99 5.39
N HIS A 132 -15.33 9.16 4.50
CA HIS A 132 -16.76 8.99 4.81
C HIS A 132 -17.63 9.70 3.78
N HIS A 133 -17.09 9.96 2.60
CA HIS A 133 -17.82 10.66 1.55
C HIS A 133 -18.81 9.71 0.87
N HIS A 134 -19.97 9.54 1.49
CA HIS A 134 -21.02 8.69 0.95
C HIS A 134 -22.39 9.32 1.15
N HIS A 135 -22.80 10.12 0.17
CA HIS A 135 -24.09 10.80 0.19
C HIS A 135 -24.22 11.65 -1.06
N HIS A 136 -23.14 12.36 -1.37
CA HIS A 136 -22.98 13.09 -2.62
C HIS A 136 -21.58 13.69 -2.65
N MET A 1 2.81 -14.75 -14.83
CA MET A 1 3.17 -15.58 -16.02
C MET A 1 1.97 -16.43 -16.44
N SER A 2 1.62 -16.33 -17.72
CA SER A 2 0.51 -17.09 -18.30
C SER A 2 -0.84 -16.66 -17.69
N LEU A 3 -1.15 -17.17 -16.50
CA LEU A 3 -2.39 -16.82 -15.83
C LEU A 3 -2.13 -15.77 -14.75
N ALA A 4 -1.53 -16.21 -13.65
CA ALA A 4 -1.27 -15.33 -12.53
C ALA A 4 0.10 -14.68 -12.67
N THR A 5 0.14 -13.36 -12.60
CA THR A 5 1.39 -12.63 -12.68
C THR A 5 1.57 -11.77 -11.43
N GLU A 6 0.85 -10.66 -11.36
CA GLU A 6 0.89 -9.79 -10.20
C GLU A 6 -0.44 -9.06 -10.07
N GLY A 7 -0.50 -8.07 -9.19
CA GLY A 7 -1.75 -7.37 -8.94
C GLY A 7 -2.80 -8.31 -8.38
N ASN A 8 -2.37 -9.20 -7.51
CA ASN A 8 -3.23 -10.24 -6.95
C ASN A 8 -2.51 -11.05 -5.89
N GLY A 9 -2.94 -10.91 -4.63
CA GLY A 9 -2.55 -11.85 -3.58
C GLY A 9 -1.07 -12.02 -3.38
N LYS A 10 -0.32 -10.95 -3.54
CA LYS A 10 1.10 -10.98 -3.28
C LYS A 10 1.66 -9.58 -3.28
N VAL A 11 2.92 -9.48 -2.92
CA VAL A 11 3.56 -8.20 -2.74
C VAL A 11 4.56 -7.93 -3.84
N ILE A 12 4.49 -6.73 -4.38
CA ILE A 12 5.46 -6.30 -5.36
C ILE A 12 6.46 -5.35 -4.71
N HIS A 13 7.61 -5.90 -4.33
CA HIS A 13 8.70 -5.07 -3.83
C HIS A 13 9.28 -4.31 -5.02
N LEU A 14 9.09 -3.00 -5.04
CA LEU A 14 9.38 -2.21 -6.23
C LEU A 14 10.03 -0.87 -5.88
N THR A 15 10.34 -0.09 -6.92
CA THR A 15 10.84 1.26 -6.75
C THR A 15 9.78 2.25 -7.21
N LYS A 16 10.06 3.55 -7.07
CA LYS A 16 9.14 4.59 -7.51
C LYS A 16 8.84 4.47 -9.00
N ALA A 17 9.74 3.84 -9.74
CA ALA A 17 9.52 3.61 -11.16
C ALA A 17 8.32 2.67 -11.37
N GLU A 18 8.33 1.56 -10.63
CA GLU A 18 7.24 0.60 -10.67
C GLU A 18 6.02 1.18 -9.99
N PHE A 19 6.26 1.97 -8.96
CA PHE A 19 5.21 2.70 -8.26
C PHE A 19 4.43 3.52 -9.25
N LEU A 20 5.19 4.22 -10.05
CA LEU A 20 4.67 5.09 -11.06
C LEU A 20 3.67 4.35 -11.95
N ALA A 21 4.14 3.29 -12.60
CA ALA A 21 3.36 2.62 -13.63
C ALA A 21 2.29 1.70 -13.06
N LYS A 22 2.50 1.17 -11.86
CA LYS A 22 1.59 0.17 -11.31
C LYS A 22 0.67 0.74 -10.23
N VAL A 23 0.99 1.93 -9.73
CA VAL A 23 0.25 2.48 -8.62
C VAL A 23 -0.26 3.88 -8.91
N TYR A 24 0.60 4.76 -9.40
CA TYR A 24 0.25 6.16 -9.51
C TYR A 24 1.21 6.88 -10.44
N ASN A 25 0.69 7.37 -11.56
CA ASN A 25 1.52 8.01 -12.56
C ASN A 25 1.62 9.52 -12.29
N PHE A 26 2.62 9.92 -11.52
CA PHE A 26 2.76 11.32 -11.12
C PHE A 26 3.61 12.14 -12.10
N GLU A 27 3.74 11.67 -13.34
CA GLU A 27 4.38 12.49 -14.37
C GLU A 27 3.32 13.01 -15.33
N LYS A 28 2.27 12.23 -15.49
CA LYS A 28 1.16 12.61 -16.33
C LYS A 28 -0.04 12.99 -15.45
N ASN A 29 0.02 12.59 -14.18
CA ASN A 29 -0.99 12.97 -13.17
C ASN A 29 -0.36 13.73 -12.01
N PRO A 30 0.23 14.89 -12.27
CA PRO A 30 0.75 15.76 -11.22
C PRO A 30 -0.35 16.31 -10.32
N GLU A 31 -1.44 16.78 -10.92
CA GLU A 31 -2.56 17.34 -10.16
C GLU A 31 -3.54 16.25 -9.76
N GLU A 32 -3.59 15.18 -10.55
CA GLU A 32 -4.54 14.12 -10.31
C GLU A 32 -3.97 13.04 -9.41
N TRP A 33 -4.84 12.43 -8.63
CA TRP A 33 -4.50 11.18 -7.98
C TRP A 33 -5.28 10.05 -8.62
N LYS A 34 -4.60 9.29 -9.45
CA LYS A 34 -5.18 8.10 -10.03
C LYS A 34 -4.39 6.88 -9.61
N TYR A 35 -5.07 5.92 -9.02
CA TYR A 35 -4.47 4.63 -8.74
C TYR A 35 -4.61 3.77 -9.98
N GLU A 36 -3.49 3.53 -10.65
CA GLU A 36 -3.48 2.88 -11.95
C GLU A 36 -3.60 1.36 -11.81
N GLY A 37 -3.71 0.89 -10.57
CA GLY A 37 -3.91 -0.52 -10.30
C GLY A 37 -5.39 -0.87 -10.35
N ASP A 38 -5.71 -2.16 -10.49
CA ASP A 38 -7.10 -2.56 -10.65
C ASP A 38 -7.76 -2.90 -9.31
N LYS A 39 -7.03 -3.62 -8.45
CA LYS A 39 -7.57 -4.01 -7.15
C LYS A 39 -7.01 -3.12 -6.05
N PRO A 40 -7.80 -2.87 -4.99
CA PRO A 40 -7.38 -2.09 -3.81
C PRO A 40 -5.97 -2.45 -3.34
N ALA A 41 -5.18 -1.45 -3.01
CA ALA A 41 -3.76 -1.65 -2.75
C ALA A 41 -3.35 -1.26 -1.34
N ILE A 42 -2.34 -1.97 -0.85
CA ILE A 42 -1.68 -1.65 0.39
C ILE A 42 -0.21 -1.40 0.11
N VAL A 43 0.26 -0.19 0.32
CA VAL A 43 1.67 0.10 0.09
C VAL A 43 2.45 0.09 1.41
N ASP A 44 3.38 -0.84 1.50
CA ASP A 44 4.23 -1.00 2.67
C ASP A 44 5.56 -0.29 2.46
N PHE A 45 5.72 0.84 3.15
CA PHE A 45 6.95 1.61 3.08
C PHE A 45 7.86 1.22 4.23
N TYR A 46 8.97 0.57 3.93
CA TYR A 46 9.86 0.11 4.98
C TYR A 46 11.32 0.43 4.65
N ALA A 47 12.17 0.10 5.61
CA ALA A 47 13.60 0.13 5.44
C ALA A 47 14.21 -0.94 6.34
N ASP A 48 15.03 -1.80 5.76
CA ASP A 48 15.48 -3.01 6.46
C ASP A 48 16.25 -2.70 7.74
N TRP A 49 16.86 -1.53 7.82
CA TRP A 49 17.67 -1.18 8.99
C TRP A 49 16.81 -0.92 10.22
N CYS A 50 15.50 -0.83 10.03
CA CYS A 50 14.60 -0.47 11.11
C CYS A 50 13.82 -1.67 11.62
N GLY A 51 13.70 -1.76 12.95
CA GLY A 51 13.01 -2.86 13.60
C GLY A 51 11.56 -3.04 13.17
N PRO A 52 10.71 -2.04 13.41
CA PRO A 52 9.28 -2.10 13.08
C PRO A 52 9.03 -2.42 11.60
N CYS A 53 9.99 -2.05 10.75
CA CYS A 53 9.94 -2.41 9.34
C CYS A 53 10.07 -3.91 9.17
N LYS A 54 11.09 -4.48 9.79
CA LYS A 54 11.31 -5.92 9.80
C LYS A 54 10.12 -6.65 10.41
N MET A 55 9.43 -5.98 11.33
CA MET A 55 8.25 -6.55 11.96
C MET A 55 7.11 -6.72 10.95
N VAL A 56 6.77 -5.64 10.26
CA VAL A 56 5.57 -5.64 9.42
C VAL A 56 5.81 -6.26 8.05
N ALA A 57 7.01 -6.08 7.50
CA ALA A 57 7.33 -6.53 6.15
C ALA A 57 6.88 -7.99 5.89
N PRO A 58 7.39 -8.99 6.64
CA PRO A 58 7.08 -10.39 6.35
C PRO A 58 5.60 -10.70 6.61
N ILE A 59 5.02 -10.04 7.60
CA ILE A 59 3.60 -10.19 7.90
C ILE A 59 2.77 -9.62 6.75
N LEU A 60 3.24 -8.53 6.19
CA LEU A 60 2.61 -7.89 5.05
C LEU A 60 2.72 -8.76 3.78
N ASP A 61 3.87 -9.39 3.59
CA ASP A 61 4.06 -10.31 2.47
C ASP A 61 3.06 -11.48 2.59
N GLU A 62 3.03 -12.06 3.77
CA GLU A 62 2.12 -13.16 4.06
C GLU A 62 0.66 -12.73 3.94
N LEU A 63 0.34 -11.59 4.53
CA LEU A 63 -1.02 -11.10 4.54
C LEU A 63 -1.53 -10.86 3.12
N ALA A 64 -0.60 -10.50 2.23
CA ALA A 64 -0.94 -10.29 0.83
C ALA A 64 -1.49 -11.57 0.21
N LYS A 65 -0.74 -12.67 0.32
CA LYS A 65 -1.20 -13.94 -0.25
C LYS A 65 -2.33 -14.55 0.56
N GLU A 66 -2.41 -14.22 1.85
CA GLU A 66 -3.52 -14.65 2.67
C GLU A 66 -4.86 -14.17 2.08
N TYR A 67 -4.84 -12.96 1.54
CA TYR A 67 -6.02 -12.37 0.94
C TYR A 67 -5.94 -12.42 -0.59
N ASP A 68 -5.21 -13.39 -1.11
CA ASP A 68 -5.05 -13.55 -2.56
C ASP A 68 -6.42 -13.58 -3.24
N GLY A 69 -6.54 -12.76 -4.27
CA GLY A 69 -7.79 -12.66 -5.00
C GLY A 69 -8.41 -11.29 -4.91
N GLN A 70 -8.39 -10.70 -3.72
CA GLN A 70 -9.07 -9.43 -3.48
C GLN A 70 -8.13 -8.24 -3.49
N ILE A 71 -7.01 -8.32 -2.78
CA ILE A 71 -6.16 -7.15 -2.59
C ILE A 71 -4.78 -7.32 -3.18
N VAL A 72 -4.08 -6.19 -3.33
CA VAL A 72 -2.70 -6.17 -3.82
C VAL A 72 -1.85 -5.37 -2.84
N ILE A 73 -0.65 -5.82 -2.57
CA ILE A 73 0.23 -5.09 -1.68
C ILE A 73 1.55 -4.76 -2.36
N TYR A 74 1.86 -3.49 -2.46
CA TYR A 74 3.11 -3.04 -3.03
C TYR A 74 4.06 -2.66 -1.91
N LYS A 75 5.34 -2.65 -2.21
CA LYS A 75 6.35 -2.39 -1.19
C LYS A 75 7.49 -1.58 -1.78
N VAL A 76 8.07 -0.71 -0.96
CA VAL A 76 9.13 0.15 -1.43
C VAL A 76 10.00 0.60 -0.25
N ASP A 77 11.25 0.96 -0.53
CA ASP A 77 12.17 1.42 0.50
C ASP A 77 12.19 2.95 0.52
N THR A 78 11.78 3.55 1.62
CA THR A 78 11.73 5.01 1.73
C THR A 78 13.11 5.64 1.65
N GLU A 79 14.11 4.95 2.20
CA GLU A 79 15.48 5.46 2.20
C GLU A 79 16.01 5.48 0.78
N LYS A 80 15.53 4.52 -0.01
CA LYS A 80 15.82 4.51 -1.44
C LYS A 80 14.97 5.58 -2.11
N GLU A 81 13.68 5.46 -1.87
CA GLU A 81 12.65 6.28 -2.47
C GLU A 81 12.40 7.57 -1.69
N GLN A 82 13.46 8.36 -1.52
CA GLN A 82 13.38 9.61 -0.79
C GLN A 82 12.31 10.55 -1.38
N GLU A 83 12.32 10.68 -2.71
CA GLU A 83 11.39 11.59 -3.38
C GLU A 83 9.96 11.09 -3.26
N LEU A 84 9.81 9.78 -3.36
CA LEU A 84 8.49 9.15 -3.30
C LEU A 84 7.88 9.33 -1.91
N ALA A 85 8.70 9.12 -0.88
CA ALA A 85 8.26 9.30 0.49
C ALA A 85 7.91 10.77 0.77
N GLY A 86 8.79 11.66 0.36
CA GLY A 86 8.57 13.08 0.57
C GLY A 86 7.30 13.59 -0.11
N ALA A 87 6.97 13.00 -1.26
CA ALA A 87 5.81 13.41 -2.03
C ALA A 87 4.50 13.13 -1.27
N PHE A 88 4.52 12.13 -0.41
CA PHE A 88 3.33 11.77 0.34
C PHE A 88 3.42 12.24 1.80
N GLY A 89 4.45 13.03 2.09
CA GLY A 89 4.63 13.54 3.45
C GLY A 89 5.07 12.47 4.42
N ILE A 90 5.65 11.41 3.89
CA ILE A 90 6.13 10.30 4.72
C ILE A 90 7.38 10.72 5.48
N ARG A 91 7.29 10.68 6.81
CA ARG A 91 8.43 11.00 7.65
C ARG A 91 9.58 10.04 7.40
N SER A 92 9.26 8.75 7.37
CA SER A 92 10.24 7.71 7.11
C SER A 92 9.57 6.34 7.12
N ILE A 93 9.58 5.68 8.27
CA ILE A 93 9.21 4.27 8.35
C ILE A 93 8.66 3.90 9.72
N PRO A 94 7.71 2.95 9.78
CA PRO A 94 7.12 2.32 8.60
C PRO A 94 5.82 3.00 8.20
N SER A 95 5.65 3.26 6.91
CA SER A 95 4.46 3.95 6.43
C SER A 95 3.57 2.97 5.67
N ILE A 96 2.26 3.15 5.76
CA ILE A 96 1.32 2.24 5.14
C ILE A 96 0.22 3.02 4.45
N LEU A 97 0.15 2.92 3.14
CA LEU A 97 -0.83 3.65 2.36
C LEU A 97 -1.96 2.71 1.93
N PHE A 98 -3.16 3.00 2.41
CA PHE A 98 -4.34 2.22 2.07
C PHE A 98 -5.05 2.86 0.89
N ILE A 99 -4.89 2.26 -0.29
CA ILE A 99 -5.40 2.88 -1.51
C ILE A 99 -6.68 2.21 -2.00
N PRO A 100 -7.83 2.89 -1.84
CA PRO A 100 -9.10 2.43 -2.39
C PRO A 100 -9.27 2.84 -3.85
N MET A 101 -9.97 2.00 -4.60
CA MET A 101 -10.27 2.32 -5.99
C MET A 101 -11.14 3.57 -6.09
N GLU A 102 -12.12 3.67 -5.20
CA GLU A 102 -13.03 4.80 -5.21
C GLU A 102 -12.62 5.82 -4.15
N GLY A 103 -12.05 6.92 -4.62
CA GLY A 103 -11.67 7.98 -3.71
C GLY A 103 -10.16 8.18 -3.67
N LYS A 104 -9.67 8.57 -2.51
CA LYS A 104 -8.23 8.77 -2.31
C LYS A 104 -7.78 7.98 -1.08
N PRO A 105 -6.47 7.69 -0.98
CA PRO A 105 -5.94 6.79 0.05
C PRO A 105 -5.75 7.45 1.42
N GLU A 106 -5.84 6.63 2.45
CA GLU A 106 -5.53 7.05 3.80
C GLU A 106 -4.25 6.37 4.24
N MET A 107 -3.66 6.82 5.34
CA MET A 107 -2.35 6.34 5.74
C MET A 107 -2.26 6.06 7.23
N ALA A 108 -1.58 4.98 7.57
CA ALA A 108 -1.26 4.66 8.95
C ALA A 108 0.20 4.26 9.03
N GLN A 109 0.79 4.37 10.21
CA GLN A 109 2.16 3.95 10.40
C GLN A 109 2.18 2.53 10.98
N GLY A 110 3.24 1.79 10.66
CA GLY A 110 3.29 0.37 10.99
C GLY A 110 3.59 0.08 12.45
N ALA A 111 4.37 -0.99 12.67
CA ALA A 111 4.71 -1.48 14.01
C ALA A 111 3.51 -2.15 14.69
N MET A 112 2.53 -2.53 13.87
CA MET A 112 1.33 -3.19 14.37
C MET A 112 1.21 -4.61 13.79
N PRO A 113 0.53 -5.53 14.48
CA PRO A 113 0.44 -6.94 14.08
C PRO A 113 -0.53 -7.16 12.92
N LYS A 114 -0.63 -8.41 12.48
CA LYS A 114 -1.60 -8.81 11.48
C LYS A 114 -3.02 -8.50 11.98
N ALA A 115 -3.18 -8.53 13.30
CA ALA A 115 -4.46 -8.22 13.93
C ALA A 115 -4.88 -6.79 13.65
N SER A 116 -4.01 -5.83 13.92
CA SER A 116 -4.32 -4.42 13.67
C SER A 116 -4.47 -4.16 12.17
N PHE A 117 -3.63 -4.83 11.38
CA PHE A 117 -3.70 -4.72 9.93
C PHE A 117 -5.04 -5.20 9.41
N LYS A 118 -5.47 -6.38 9.87
CA LYS A 118 -6.72 -6.97 9.40
C LYS A 118 -7.89 -6.01 9.63
N LYS A 119 -7.86 -5.33 10.78
CA LYS A 119 -8.87 -4.34 11.11
C LYS A 119 -8.98 -3.27 10.03
N ALA A 120 -7.84 -2.64 9.74
CA ALA A 120 -7.80 -1.53 8.79
C ALA A 120 -8.06 -2.00 7.36
N ILE A 121 -7.45 -3.12 6.99
CA ILE A 121 -7.58 -3.64 5.64
C ILE A 121 -9.02 -4.05 5.33
N ASP A 122 -9.60 -4.87 6.18
CA ASP A 122 -10.91 -5.43 5.93
C ASP A 122 -11.99 -4.35 5.91
N GLU A 123 -12.12 -3.63 7.02
CA GLU A 123 -13.26 -2.74 7.23
C GLU A 123 -13.08 -1.36 6.57
N PHE A 124 -12.06 -1.23 5.74
CA PHE A 124 -11.88 0.00 4.98
C PHE A 124 -11.55 -0.30 3.52
N LEU A 125 -10.56 -1.14 3.29
CA LEU A 125 -10.12 -1.42 1.94
C LEU A 125 -11.11 -2.34 1.23
N LEU A 126 -11.67 -3.31 1.96
CA LEU A 126 -12.65 -4.20 1.38
C LEU A 126 -14.03 -3.57 1.37
N LYS A 127 -14.52 -3.22 2.56
CA LYS A 127 -15.78 -2.52 2.64
C LYS A 127 -15.54 -1.06 2.97
N LYS A 128 -15.56 -0.24 1.93
CA LYS A 128 -15.45 1.21 2.09
C LYS A 128 -16.76 1.77 2.63
N GLU A 129 -16.98 1.48 3.92
CA GLU A 129 -18.24 1.76 4.61
C GLU A 129 -18.79 3.16 4.29
N GLY A 130 -18.20 4.18 4.89
CA GLY A 130 -18.68 5.53 4.67
C GLY A 130 -17.58 6.57 4.72
N HIS A 131 -16.33 6.12 4.69
CA HIS A 131 -15.18 7.04 4.75
C HIS A 131 -15.22 8.06 3.62
N HIS A 132 -15.81 7.67 2.50
CA HIS A 132 -15.94 8.57 1.36
C HIS A 132 -17.31 8.38 0.73
N HIS A 133 -18.36 8.46 1.55
CA HIS A 133 -19.73 8.28 1.07
C HIS A 133 -20.20 9.55 0.36
N HIS A 134 -21.10 9.41 -0.61
CA HIS A 134 -21.54 10.55 -1.41
C HIS A 134 -22.89 10.29 -2.08
N HIS A 135 -23.95 10.36 -1.28
CA HIS A 135 -25.31 10.20 -1.78
C HIS A 135 -26.30 10.40 -0.63
N HIS A 136 -27.39 11.09 -0.90
CA HIS A 136 -28.43 11.29 0.10
C HIS A 136 -29.79 11.33 -0.58
N MET A 1 4.89 -20.00 -19.39
CA MET A 1 5.54 -19.76 -18.09
C MET A 1 6.57 -18.65 -18.23
N SER A 2 6.68 -17.81 -17.22
CA SER A 2 7.59 -16.68 -17.25
C SER A 2 8.21 -16.48 -15.87
N LEU A 3 9.19 -15.58 -15.78
CA LEU A 3 9.79 -15.24 -14.50
C LEU A 3 8.74 -14.64 -13.57
N ALA A 4 8.00 -13.69 -14.10
CA ALA A 4 6.90 -13.09 -13.35
C ALA A 4 5.64 -13.91 -13.54
N THR A 5 5.58 -15.04 -12.85
CA THR A 5 4.43 -15.92 -12.92
C THR A 5 3.70 -15.92 -11.58
N GLU A 6 4.15 -15.05 -10.69
CA GLU A 6 3.58 -14.94 -9.34
C GLU A 6 3.67 -13.47 -8.90
N GLY A 7 2.94 -13.14 -7.85
CA GLY A 7 2.91 -11.77 -7.38
C GLY A 7 1.52 -11.35 -6.96
N ASN A 8 0.56 -12.25 -7.14
CA ASN A 8 -0.82 -11.98 -6.78
C ASN A 8 -1.04 -12.36 -5.33
N GLY A 9 -1.77 -11.51 -4.58
CA GLY A 9 -2.01 -11.78 -3.17
C GLY A 9 -0.71 -11.89 -2.41
N LYS A 10 0.27 -11.12 -2.82
CA LYS A 10 1.62 -11.27 -2.32
C LYS A 10 2.23 -9.90 -2.08
N VAL A 11 3.33 -9.84 -1.34
CA VAL A 11 3.97 -8.55 -1.07
C VAL A 11 5.23 -8.37 -1.93
N ILE A 12 5.25 -7.28 -2.70
CA ILE A 12 6.38 -6.98 -3.57
C ILE A 12 6.82 -5.52 -3.42
N HIS A 13 8.10 -5.30 -3.10
CA HIS A 13 8.61 -3.93 -2.99
C HIS A 13 9.18 -3.48 -4.32
N LEU A 14 8.91 -2.24 -4.69
CA LEU A 14 9.33 -1.71 -5.97
C LEU A 14 9.84 -0.28 -5.84
N THR A 15 10.45 0.22 -6.90
CA THR A 15 11.00 1.57 -6.91
C THR A 15 10.01 2.56 -7.52
N LYS A 16 10.38 3.83 -7.54
CA LYS A 16 9.53 4.90 -8.06
C LYS A 16 9.09 4.62 -9.50
N ALA A 17 9.95 4.00 -10.28
CA ALA A 17 9.64 3.70 -11.67
C ALA A 17 8.47 2.72 -11.74
N GLU A 18 8.54 1.70 -10.90
CA GLU A 18 7.49 0.70 -10.81
C GLU A 18 6.25 1.29 -10.17
N PHE A 19 6.47 2.20 -9.24
CA PHE A 19 5.38 2.91 -8.57
C PHE A 19 4.59 3.67 -9.59
N LEU A 20 5.32 4.43 -10.37
CA LEU A 20 4.77 5.25 -11.40
C LEU A 20 3.79 4.48 -12.28
N ALA A 21 4.29 3.44 -12.92
CA ALA A 21 3.54 2.74 -13.97
C ALA A 21 2.53 1.73 -13.42
N LYS A 22 2.71 1.29 -12.18
CA LYS A 22 1.83 0.27 -11.62
C LYS A 22 0.91 0.81 -10.56
N VAL A 23 1.16 2.02 -10.09
CA VAL A 23 0.43 2.56 -8.94
C VAL A 23 0.01 4.02 -9.15
N TYR A 24 0.93 4.88 -9.54
CA TYR A 24 0.70 6.32 -9.42
C TYR A 24 1.51 7.11 -10.43
N ASN A 25 0.81 7.79 -11.32
CA ASN A 25 1.44 8.60 -12.34
C ASN A 25 1.82 9.97 -11.77
N PHE A 26 3.01 10.09 -11.18
CA PHE A 26 3.42 11.35 -10.56
C PHE A 26 4.11 12.26 -11.57
N GLU A 27 4.01 11.89 -12.84
CA GLU A 27 4.52 12.74 -13.91
C GLU A 27 3.40 13.61 -14.44
N LYS A 28 2.27 12.98 -14.71
CA LYS A 28 1.10 13.67 -15.20
C LYS A 28 0.24 14.15 -14.05
N ASN A 29 0.38 13.47 -12.91
CA ASN A 29 -0.38 13.83 -11.71
C ASN A 29 0.57 14.18 -10.56
N PRO A 30 1.30 15.29 -10.70
CA PRO A 30 2.15 15.82 -9.64
C PRO A 30 1.36 16.13 -8.37
N GLU A 31 0.20 16.75 -8.53
CA GLU A 31 -0.64 17.12 -7.41
C GLU A 31 -1.82 16.17 -7.25
N GLU A 32 -2.15 15.51 -8.35
CA GLU A 32 -3.34 14.67 -8.38
C GLU A 32 -2.99 13.24 -7.99
N TRP A 33 -3.99 12.39 -7.95
CA TRP A 33 -3.78 10.98 -7.63
C TRP A 33 -4.43 10.10 -8.69
N LYS A 34 -3.60 9.50 -9.53
CA LYS A 34 -4.09 8.55 -10.51
C LYS A 34 -3.55 7.16 -10.19
N TYR A 35 -4.45 6.27 -9.82
CA TYR A 35 -4.08 4.90 -9.50
C TYR A 35 -4.22 4.03 -10.75
N GLU A 36 -3.11 3.43 -11.17
CA GLU A 36 -3.08 2.63 -12.39
C GLU A 36 -3.11 1.14 -12.06
N GLY A 37 -3.70 0.79 -10.93
CA GLY A 37 -3.76 -0.61 -10.53
C GLY A 37 -5.12 -1.23 -10.77
N ASP A 38 -5.16 -2.54 -10.90
CA ASP A 38 -6.41 -3.24 -11.19
C ASP A 38 -7.12 -3.66 -9.91
N LYS A 39 -6.35 -4.12 -8.92
CA LYS A 39 -6.91 -4.52 -7.63
C LYS A 39 -6.55 -3.51 -6.57
N PRO A 40 -7.31 -3.46 -5.46
CA PRO A 40 -6.98 -2.63 -4.30
C PRO A 40 -5.61 -3.01 -3.73
N ALA A 41 -4.84 -2.02 -3.31
CA ALA A 41 -3.45 -2.28 -2.93
C ALA A 41 -3.09 -1.66 -1.59
N ILE A 42 -2.06 -2.22 -0.99
CA ILE A 42 -1.48 -1.71 0.24
C ILE A 42 -0.03 -1.35 -0.02
N VAL A 43 0.33 -0.09 0.10
CA VAL A 43 1.70 0.34 -0.15
C VAL A 43 2.46 0.54 1.15
N ASP A 44 3.43 -0.33 1.38
CA ASP A 44 4.24 -0.28 2.58
C ASP A 44 5.53 0.49 2.36
N PHE A 45 5.61 1.66 2.98
CA PHE A 45 6.83 2.46 2.99
C PHE A 45 7.74 1.96 4.11
N TYR A 46 8.86 1.36 3.75
CA TYR A 46 9.72 0.73 4.73
C TYR A 46 11.19 0.96 4.41
N ALA A 47 12.05 0.59 5.35
CA ALA A 47 13.49 0.61 5.16
C ALA A 47 14.10 -0.73 5.56
N ASP A 48 15.15 -1.11 4.87
CA ASP A 48 15.81 -2.41 5.11
C ASP A 48 16.44 -2.45 6.49
N TRP A 49 17.02 -1.35 6.93
CA TRP A 49 17.75 -1.31 8.19
C TRP A 49 16.82 -1.17 9.39
N CYS A 50 15.53 -0.97 9.14
CA CYS A 50 14.58 -0.73 10.22
C CYS A 50 13.84 -2.01 10.61
N GLY A 51 13.73 -2.22 11.92
CA GLY A 51 13.03 -3.37 12.46
C GLY A 51 11.55 -3.38 12.13
N PRO A 52 10.77 -2.39 12.63
CA PRO A 52 9.33 -2.29 12.34
C PRO A 52 8.99 -2.46 10.86
N CYS A 53 9.88 -1.96 10.01
CA CYS A 53 9.74 -2.08 8.57
C CYS A 53 9.76 -3.54 8.10
N LYS A 54 10.72 -4.30 8.58
CA LYS A 54 10.84 -5.71 8.23
C LYS A 54 9.81 -6.52 9.01
N MET A 55 9.48 -6.00 10.19
CA MET A 55 8.51 -6.61 11.09
C MET A 55 7.16 -6.82 10.40
N VAL A 56 6.72 -5.82 9.65
CA VAL A 56 5.40 -5.86 9.04
C VAL A 56 5.41 -6.63 7.71
N ALA A 57 6.60 -6.85 7.15
CA ALA A 57 6.75 -7.58 5.90
C ALA A 57 6.00 -8.93 5.91
N PRO A 58 6.26 -9.83 6.89
CA PRO A 58 5.59 -11.13 6.94
C PRO A 58 4.11 -10.99 7.26
N ILE A 59 3.80 -10.09 8.20
CA ILE A 59 2.42 -9.80 8.55
C ILE A 59 1.64 -9.31 7.33
N LEU A 60 2.26 -8.45 6.56
CA LEU A 60 1.67 -7.89 5.36
C LEU A 60 1.39 -8.97 4.32
N ASP A 61 2.37 -9.85 4.10
CA ASP A 61 2.18 -10.94 3.15
C ASP A 61 1.11 -11.90 3.66
N GLU A 62 1.05 -12.07 4.97
CA GLU A 62 0.02 -12.88 5.61
C GLU A 62 -1.38 -12.45 5.16
N LEU A 63 -1.67 -11.16 5.30
CA LEU A 63 -2.98 -10.64 4.90
C LEU A 63 -3.16 -10.70 3.39
N ALA A 64 -2.11 -10.34 2.66
CA ALA A 64 -2.15 -10.34 1.20
C ALA A 64 -2.53 -11.72 0.67
N LYS A 65 -1.83 -12.73 1.18
CA LYS A 65 -2.04 -14.11 0.76
C LYS A 65 -3.37 -14.66 1.28
N GLU A 66 -3.80 -14.18 2.44
CA GLU A 66 -5.07 -14.61 3.01
C GLU A 66 -6.23 -14.13 2.16
N TYR A 67 -6.01 -13.00 1.51
CA TYR A 67 -6.99 -12.43 0.62
C TYR A 67 -6.50 -12.50 -0.82
N ASP A 68 -5.64 -13.48 -1.09
CA ASP A 68 -5.05 -13.66 -2.42
C ASP A 68 -6.14 -13.74 -3.48
N GLY A 69 -5.98 -12.98 -4.54
CA GLY A 69 -6.96 -12.95 -5.60
C GLY A 69 -7.62 -11.60 -5.73
N GLN A 70 -7.98 -11.01 -4.60
CA GLN A 70 -8.72 -9.75 -4.60
C GLN A 70 -7.82 -8.55 -4.30
N ILE A 71 -6.80 -8.74 -3.47
CA ILE A 71 -5.93 -7.63 -3.10
C ILE A 71 -4.46 -7.94 -3.40
N VAL A 72 -3.65 -6.89 -3.52
CA VAL A 72 -2.22 -7.02 -3.73
C VAL A 72 -1.48 -5.99 -2.86
N ILE A 73 -0.39 -6.42 -2.22
CA ILE A 73 0.36 -5.53 -1.33
C ILE A 73 1.75 -5.26 -1.89
N TYR A 74 2.13 -3.99 -1.92
CA TYR A 74 3.43 -3.59 -2.40
C TYR A 74 4.23 -2.95 -1.27
N LYS A 75 5.52 -2.81 -1.50
CA LYS A 75 6.38 -2.06 -0.60
C LYS A 75 7.17 -1.05 -1.43
N VAL A 76 7.72 -0.06 -0.77
CA VAL A 76 8.58 0.89 -1.44
C VAL A 76 9.77 1.23 -0.55
N ASP A 77 10.94 1.29 -1.15
CA ASP A 77 12.17 1.52 -0.42
C ASP A 77 12.39 3.02 -0.18
N THR A 78 11.82 3.54 0.90
CA THR A 78 11.86 4.97 1.21
C THR A 78 13.28 5.54 1.17
N GLU A 79 14.22 4.78 1.72
CA GLU A 79 15.63 5.18 1.77
C GLU A 79 16.20 5.54 0.40
N LYS A 80 15.60 5.03 -0.67
CA LYS A 80 16.04 5.39 -2.02
C LYS A 80 14.95 6.16 -2.75
N GLU A 81 13.71 5.80 -2.46
CA GLU A 81 12.54 6.50 -2.93
C GLU A 81 12.24 7.74 -2.06
N GLN A 82 13.31 8.44 -1.66
CA GLN A 82 13.18 9.60 -0.79
C GLN A 82 12.33 10.69 -1.45
N GLU A 83 12.56 10.88 -2.74
CA GLU A 83 11.79 11.84 -3.51
C GLU A 83 10.32 11.46 -3.52
N LEU A 84 10.08 10.18 -3.80
CA LEU A 84 8.73 9.64 -3.88
C LEU A 84 8.01 9.75 -2.53
N ALA A 85 8.68 9.33 -1.46
CA ALA A 85 8.08 9.37 -0.13
C ALA A 85 7.84 10.81 0.33
N GLY A 86 8.79 11.69 0.04
CA GLY A 86 8.67 13.08 0.43
C GLY A 86 7.50 13.78 -0.25
N ALA A 87 7.15 13.32 -1.45
CA ALA A 87 6.05 13.90 -2.20
C ALA A 87 4.72 13.68 -1.48
N PHE A 88 4.63 12.62 -0.69
CA PHE A 88 3.42 12.32 0.07
C PHE A 88 3.45 12.99 1.44
N GLY A 89 4.64 13.40 1.85
CA GLY A 89 4.79 14.02 3.16
C GLY A 89 5.32 13.03 4.19
N ILE A 90 5.63 11.82 3.73
CA ILE A 90 6.14 10.77 4.61
C ILE A 90 7.53 11.16 5.12
N ARG A 91 7.70 11.15 6.43
CA ARG A 91 8.98 11.47 7.03
C ARG A 91 10.03 10.44 6.62
N SER A 92 9.79 9.19 6.98
CA SER A 92 10.66 8.09 6.62
C SER A 92 9.89 6.77 6.68
N ILE A 93 9.81 6.21 7.88
CA ILE A 93 9.33 4.83 8.04
C ILE A 93 8.71 4.59 9.41
N PRO A 94 7.68 3.73 9.49
CA PRO A 94 7.04 3.10 8.35
C PRO A 94 5.67 3.73 8.07
N SER A 95 5.28 3.77 6.81
CA SER A 95 3.99 4.34 6.45
C SER A 95 3.26 3.40 5.51
N ILE A 96 1.97 3.22 5.71
CA ILE A 96 1.24 2.27 4.87
C ILE A 96 0.05 2.94 4.23
N LEU A 97 0.09 3.00 2.90
CA LEU A 97 -0.95 3.62 2.12
C LEU A 97 -1.97 2.58 1.67
N PHE A 98 -3.17 2.66 2.22
CA PHE A 98 -4.25 1.77 1.86
C PHE A 98 -5.03 2.35 0.71
N ILE A 99 -4.88 1.76 -0.48
CA ILE A 99 -5.49 2.29 -1.68
C ILE A 99 -6.79 1.57 -2.00
N PRO A 100 -7.92 2.28 -1.84
CA PRO A 100 -9.24 1.75 -2.14
C PRO A 100 -9.65 1.96 -3.59
N MET A 101 -10.73 1.32 -3.99
CA MET A 101 -11.31 1.54 -5.31
C MET A 101 -12.44 2.56 -5.20
N GLU A 102 -12.63 3.06 -3.98
CA GLU A 102 -13.65 4.05 -3.68
C GLU A 102 -13.08 5.10 -2.73
N GLY A 103 -13.04 6.34 -3.18
CA GLY A 103 -12.59 7.41 -2.33
C GLY A 103 -11.13 7.73 -2.53
N LYS A 104 -10.44 8.03 -1.44
CA LYS A 104 -9.03 8.36 -1.49
C LYS A 104 -8.25 7.38 -0.63
N PRO A 105 -6.98 7.13 -0.98
CA PRO A 105 -6.12 6.23 -0.20
C PRO A 105 -5.78 6.81 1.16
N GLU A 106 -6.11 6.06 2.19
CA GLU A 106 -5.82 6.46 3.55
C GLU A 106 -4.45 5.91 3.94
N MET A 107 -3.82 6.45 4.97
CA MET A 107 -2.51 5.96 5.36
C MET A 107 -2.36 5.94 6.87
N ALA A 108 -1.66 4.93 7.37
CA ALA A 108 -1.34 4.83 8.78
C ALA A 108 0.13 4.47 8.93
N GLN A 109 0.77 4.97 9.97
CA GLN A 109 2.15 4.59 10.24
C GLN A 109 2.17 3.15 10.76
N GLY A 110 3.12 2.36 10.27
CA GLY A 110 3.07 0.93 10.47
C GLY A 110 3.58 0.43 11.82
N ALA A 111 4.26 -0.73 11.77
CA ALA A 111 4.69 -1.46 12.96
C ALA A 111 3.48 -2.09 13.65
N MET A 112 2.40 -2.22 12.90
CA MET A 112 1.15 -2.81 13.40
C MET A 112 1.20 -4.32 13.30
N PRO A 113 0.49 -5.03 14.21
CA PRO A 113 0.39 -6.49 14.17
C PRO A 113 -0.55 -6.95 13.08
N LYS A 114 -0.69 -8.26 12.92
CA LYS A 114 -1.62 -8.81 11.95
C LYS A 114 -3.04 -8.38 12.28
N ALA A 115 -3.27 -8.11 13.56
CA ALA A 115 -4.58 -7.70 14.04
C ALA A 115 -4.94 -6.29 13.59
N SER A 116 -4.06 -5.31 13.84
CA SER A 116 -4.38 -3.94 13.49
C SER A 116 -4.41 -3.77 11.97
N PHE A 117 -3.54 -4.49 11.27
CA PHE A 117 -3.54 -4.47 9.82
C PHE A 117 -4.82 -5.07 9.28
N LYS A 118 -5.25 -6.18 9.86
CA LYS A 118 -6.49 -6.82 9.43
C LYS A 118 -7.66 -5.88 9.56
N LYS A 119 -7.78 -5.23 10.73
CA LYS A 119 -8.91 -4.34 10.99
C LYS A 119 -8.98 -3.23 9.94
N ALA A 120 -7.82 -2.75 9.51
CA ALA A 120 -7.76 -1.72 8.49
C ALA A 120 -8.14 -2.28 7.12
N ILE A 121 -7.54 -3.41 6.76
CA ILE A 121 -7.77 -4.03 5.45
C ILE A 121 -9.21 -4.50 5.29
N ASP A 122 -9.69 -5.27 6.25
CA ASP A 122 -11.06 -5.78 6.23
C ASP A 122 -12.06 -4.63 6.16
N GLU A 123 -12.05 -3.80 7.19
CA GLU A 123 -13.05 -2.75 7.33
C GLU A 123 -13.00 -1.69 6.22
N PHE A 124 -11.83 -1.22 5.87
CA PHE A 124 -11.72 -0.10 4.94
C PHE A 124 -11.52 -0.57 3.50
N LEU A 125 -10.81 -1.66 3.31
CA LEU A 125 -10.49 -2.10 1.96
C LEU A 125 -11.58 -3.04 1.44
N LEU A 126 -11.97 -4.02 2.25
CA LEU A 126 -13.00 -4.98 1.84
C LEU A 126 -14.38 -4.35 2.03
N LYS A 127 -14.68 -3.96 3.26
CA LYS A 127 -15.84 -3.16 3.54
C LYS A 127 -15.51 -1.75 3.11
N LYS A 128 -16.52 -0.98 2.89
CA LYS A 128 -16.32 0.38 2.43
C LYS A 128 -17.26 1.33 3.14
N GLU A 129 -16.69 2.26 3.91
CA GLU A 129 -17.47 3.28 4.61
C GLU A 129 -18.16 4.23 3.63
N GLY A 130 -17.85 4.09 2.34
CA GLY A 130 -18.37 5.01 1.36
C GLY A 130 -17.85 6.41 1.59
N HIS A 131 -16.57 6.59 1.33
CA HIS A 131 -15.88 7.83 1.68
C HIS A 131 -16.42 8.98 0.86
N HIS A 132 -16.14 8.97 -0.44
CA HIS A 132 -16.68 9.93 -1.41
C HIS A 132 -16.40 11.39 -1.05
N HIS A 133 -17.17 11.95 -0.12
CA HIS A 133 -17.05 13.36 0.23
C HIS A 133 -16.45 13.52 1.64
N HIS A 134 -17.30 13.78 2.62
CA HIS A 134 -16.84 13.93 4.00
C HIS A 134 -17.66 13.05 4.94
N HIS A 135 -18.79 12.52 4.41
CA HIS A 135 -19.86 11.93 5.24
C HIS A 135 -20.61 13.05 5.93
N HIS A 136 -20.45 14.25 5.38
CA HIS A 136 -21.04 15.45 5.93
C HIS A 136 -21.18 16.49 4.82
N MET A 1 2.34 -11.64 -17.77
CA MET A 1 2.36 -10.32 -17.08
C MET A 1 2.72 -10.52 -15.62
N SER A 2 3.94 -10.11 -15.25
CA SER A 2 4.49 -10.36 -13.93
C SER A 2 4.56 -11.87 -13.66
N LEU A 3 3.50 -12.42 -13.07
CA LEU A 3 3.41 -13.85 -12.86
C LEU A 3 2.51 -14.44 -13.94
N ALA A 4 1.22 -14.21 -13.81
CA ALA A 4 0.26 -14.63 -14.81
C ALA A 4 -0.24 -13.42 -15.58
N THR A 5 -1.21 -12.71 -15.01
CA THR A 5 -1.71 -11.49 -15.61
C THR A 5 -1.78 -10.39 -14.55
N GLU A 6 -1.30 -10.71 -13.35
CA GLU A 6 -1.38 -9.81 -12.21
C GLU A 6 -0.55 -10.39 -11.07
N GLY A 7 -0.54 -9.70 -9.93
CA GLY A 7 0.20 -10.17 -8.77
C GLY A 7 -0.74 -10.54 -7.64
N ASN A 8 -1.80 -11.27 -7.98
CA ASN A 8 -2.81 -11.68 -7.01
C ASN A 8 -2.20 -12.36 -5.80
N GLY A 9 -2.42 -11.79 -4.62
CA GLY A 9 -2.01 -12.42 -3.38
C GLY A 9 -0.52 -12.47 -3.19
N LYS A 10 0.19 -11.64 -3.90
CA LYS A 10 1.63 -11.62 -3.80
C LYS A 10 2.09 -10.22 -3.46
N VAL A 11 3.37 -10.07 -3.18
CA VAL A 11 3.91 -8.78 -2.80
C VAL A 11 5.31 -8.58 -3.40
N ILE A 12 5.52 -7.41 -4.00
CA ILE A 12 6.80 -7.09 -4.63
C ILE A 12 7.27 -5.70 -4.19
N HIS A 13 8.48 -5.61 -3.65
CA HIS A 13 9.05 -4.29 -3.35
C HIS A 13 9.68 -3.73 -4.62
N LEU A 14 9.13 -2.63 -5.09
CA LEU A 14 9.49 -2.09 -6.38
C LEU A 14 10.13 -0.72 -6.26
N THR A 15 10.49 -0.14 -7.39
CA THR A 15 11.04 1.20 -7.41
C THR A 15 9.92 2.21 -7.57
N LYS A 16 10.22 3.47 -7.27
CA LYS A 16 9.26 4.55 -7.47
C LYS A 16 8.91 4.68 -8.96
N ALA A 17 9.80 4.22 -9.82
CA ALA A 17 9.54 4.18 -11.25
C ALA A 17 8.50 3.11 -11.58
N GLU A 18 8.63 1.99 -10.89
CA GLU A 18 7.66 0.90 -11.00
C GLU A 18 6.31 1.34 -10.46
N PHE A 19 6.36 2.11 -9.37
CA PHE A 19 5.17 2.69 -8.77
C PHE A 19 4.53 3.62 -9.77
N LEU A 20 5.37 4.49 -10.28
CA LEU A 20 4.96 5.54 -11.18
C LEU A 20 4.15 4.99 -12.35
N ALA A 21 4.79 4.10 -13.12
CA ALA A 21 4.25 3.68 -14.40
C ALA A 21 3.14 2.64 -14.27
N LYS A 22 3.11 1.91 -13.17
CA LYS A 22 2.16 0.82 -13.03
C LYS A 22 1.06 1.13 -12.01
N VAL A 23 1.33 2.02 -11.08
CA VAL A 23 0.41 2.26 -9.97
C VAL A 23 -0.09 3.71 -9.91
N TYR A 24 0.81 4.67 -10.12
CA TYR A 24 0.47 6.06 -9.84
C TYR A 24 1.41 7.00 -10.58
N ASN A 25 0.86 7.76 -11.51
CA ASN A 25 1.67 8.62 -12.35
C ASN A 25 1.82 10.00 -11.71
N PHE A 26 2.86 10.19 -10.90
CA PHE A 26 3.11 11.51 -10.29
C PHE A 26 3.90 12.41 -11.23
N GLU A 27 3.87 12.07 -12.51
CA GLU A 27 4.40 12.94 -13.55
C GLU A 27 3.28 13.82 -14.07
N LYS A 28 2.15 13.18 -14.36
CA LYS A 28 0.97 13.87 -14.83
C LYS A 28 0.00 14.13 -13.68
N ASN A 29 0.27 13.50 -12.54
CA ASN A 29 -0.47 13.79 -11.30
C ASN A 29 0.49 14.08 -10.16
N PRO A 30 1.09 15.27 -10.22
CA PRO A 30 1.90 15.81 -9.15
C PRO A 30 1.12 15.92 -7.84
N GLU A 31 -0.11 16.40 -7.94
CA GLU A 31 -0.93 16.68 -6.78
C GLU A 31 -2.11 15.71 -6.66
N GLU A 32 -2.62 15.24 -7.80
CA GLU A 32 -3.81 14.42 -7.81
C GLU A 32 -3.44 12.95 -7.72
N TRP A 33 -4.38 12.15 -7.27
CA TRP A 33 -4.16 10.72 -7.09
C TRP A 33 -5.01 9.92 -8.07
N LYS A 34 -4.34 9.27 -9.00
CA LYS A 34 -5.00 8.40 -9.95
C LYS A 34 -4.26 7.07 -10.03
N TYR A 35 -4.89 6.04 -9.53
CA TYR A 35 -4.31 4.71 -9.48
C TYR A 35 -4.60 3.93 -10.77
N GLU A 36 -3.56 3.31 -11.30
CA GLU A 36 -3.72 2.39 -12.43
C GLU A 36 -3.53 0.96 -11.93
N GLY A 37 -4.26 0.03 -12.50
CA GLY A 37 -4.22 -1.34 -12.03
C GLY A 37 -5.54 -2.05 -12.21
N ASP A 38 -6.10 -2.55 -11.12
CA ASP A 38 -7.35 -3.28 -11.16
C ASP A 38 -7.92 -3.43 -9.75
N LYS A 39 -7.17 -4.10 -8.89
CA LYS A 39 -7.65 -4.42 -7.54
C LYS A 39 -6.99 -3.56 -6.48
N PRO A 40 -7.66 -3.39 -5.32
CA PRO A 40 -7.14 -2.63 -4.19
C PRO A 40 -5.71 -3.03 -3.84
N ALA A 41 -4.87 -2.04 -3.64
CA ALA A 41 -3.45 -2.28 -3.43
C ALA A 41 -2.99 -1.80 -2.07
N ILE A 42 -2.04 -2.51 -1.50
CA ILE A 42 -1.43 -2.12 -0.24
C ILE A 42 0.04 -1.82 -0.50
N VAL A 43 0.55 -0.74 0.09
CA VAL A 43 1.95 -0.37 -0.12
C VAL A 43 2.70 -0.33 1.19
N ASP A 44 3.74 -1.15 1.29
CA ASP A 44 4.56 -1.26 2.50
C ASP A 44 5.78 -0.35 2.39
N PHE A 45 5.75 0.79 3.07
CA PHE A 45 6.91 1.69 3.10
C PHE A 45 7.81 1.28 4.25
N TYR A 46 8.97 0.76 3.92
CA TYR A 46 9.85 0.18 4.93
C TYR A 46 11.33 0.40 4.58
N ALA A 47 12.17 -0.06 5.49
CA ALA A 47 13.61 -0.12 5.29
C ALA A 47 14.19 -1.15 6.25
N ASP A 48 15.30 -1.76 5.87
CA ASP A 48 15.87 -2.88 6.64
C ASP A 48 16.24 -2.47 8.07
N TRP A 49 16.87 -1.32 8.22
CA TRP A 49 17.44 -0.93 9.51
C TRP A 49 16.35 -0.59 10.54
N CYS A 50 15.11 -0.49 10.09
CA CYS A 50 14.03 -0.14 10.99
C CYS A 50 13.35 -1.40 11.52
N GLY A 51 13.20 -1.47 12.84
CA GLY A 51 12.55 -2.60 13.48
C GLY A 51 11.10 -2.74 13.07
N PRO A 52 10.25 -1.72 13.35
CA PRO A 52 8.83 -1.71 12.94
C PRO A 52 8.62 -2.10 11.47
N CYS A 53 9.55 -1.71 10.61
CA CYS A 53 9.50 -2.08 9.20
C CYS A 53 9.64 -3.59 9.04
N LYS A 54 10.66 -4.15 9.65
CA LYS A 54 10.87 -5.60 9.65
C LYS A 54 9.71 -6.33 10.30
N MET A 55 9.04 -5.65 11.23
CA MET A 55 7.86 -6.22 11.89
C MET A 55 6.70 -6.37 10.91
N VAL A 56 6.38 -5.30 10.20
CA VAL A 56 5.17 -5.27 9.37
C VAL A 56 5.35 -6.03 8.06
N ALA A 57 6.56 -6.01 7.51
CA ALA A 57 6.84 -6.66 6.23
C ALA A 57 6.30 -8.10 6.15
N PRO A 58 6.68 -9.02 7.07
CA PRO A 58 6.22 -10.41 7.03
C PRO A 58 4.71 -10.51 7.27
N ILE A 59 4.19 -9.65 8.15
CA ILE A 59 2.77 -9.61 8.42
C ILE A 59 2.02 -9.19 7.15
N LEU A 60 2.59 -8.22 6.45
CA LEU A 60 2.02 -7.74 5.21
C LEU A 60 2.12 -8.79 4.10
N ASP A 61 3.18 -9.59 4.12
CA ASP A 61 3.31 -10.72 3.22
C ASP A 61 2.20 -11.73 3.51
N GLU A 62 1.97 -11.95 4.80
CA GLU A 62 0.92 -12.83 5.29
C GLU A 62 -0.44 -12.38 4.75
N LEU A 63 -0.77 -11.12 4.97
CA LEU A 63 -2.05 -10.57 4.54
C LEU A 63 -2.22 -10.62 3.03
N ALA A 64 -1.11 -10.51 2.30
CA ALA A 64 -1.14 -10.57 0.84
C ALA A 64 -1.74 -11.89 0.36
N LYS A 65 -1.11 -12.99 0.73
CA LYS A 65 -1.57 -14.31 0.32
C LYS A 65 -2.81 -14.77 1.09
N GLU A 66 -3.03 -14.23 2.29
CA GLU A 66 -4.25 -14.51 3.02
C GLU A 66 -5.47 -14.02 2.23
N TYR A 67 -5.33 -12.88 1.58
CA TYR A 67 -6.37 -12.31 0.75
C TYR A 67 -6.06 -12.53 -0.72
N ASP A 68 -5.31 -13.59 -0.99
CA ASP A 68 -4.84 -13.93 -2.35
C ASP A 68 -6.00 -13.88 -3.35
N GLY A 69 -5.75 -13.26 -4.50
CA GLY A 69 -6.78 -13.14 -5.51
C GLY A 69 -7.57 -11.86 -5.39
N GLN A 70 -7.76 -11.39 -4.17
CA GLN A 70 -8.59 -10.20 -3.93
C GLN A 70 -7.77 -8.93 -4.05
N ILE A 71 -6.61 -8.91 -3.40
CA ILE A 71 -5.79 -7.70 -3.36
C ILE A 71 -4.38 -7.97 -3.87
N VAL A 72 -3.67 -6.90 -4.19
CA VAL A 72 -2.27 -6.97 -4.59
C VAL A 72 -1.45 -6.00 -3.74
N ILE A 73 -0.38 -6.49 -3.14
CA ILE A 73 0.43 -5.66 -2.27
C ILE A 73 1.81 -5.40 -2.89
N TYR A 74 2.27 -4.17 -2.77
CA TYR A 74 3.60 -3.79 -3.22
C TYR A 74 4.38 -3.23 -2.04
N LYS A 75 5.68 -3.18 -2.17
CA LYS A 75 6.51 -2.60 -1.13
C LYS A 75 7.37 -1.50 -1.71
N VAL A 76 7.69 -0.55 -0.87
CA VAL A 76 8.47 0.60 -1.27
C VAL A 76 9.64 0.78 -0.33
N ASP A 77 10.83 0.85 -0.90
CA ASP A 77 12.04 1.04 -0.11
C ASP A 77 12.28 2.54 0.00
N THR A 78 11.70 3.15 1.04
CA THR A 78 11.68 4.61 1.18
C THR A 78 13.08 5.22 1.05
N GLU A 79 14.08 4.46 1.44
CA GLU A 79 15.48 4.86 1.32
C GLU A 79 15.81 5.31 -0.11
N LYS A 80 15.19 4.68 -1.11
CA LYS A 80 15.41 5.06 -2.49
C LYS A 80 14.18 5.78 -3.05
N GLU A 81 13.04 5.56 -2.41
CA GLU A 81 11.79 6.21 -2.73
C GLU A 81 11.60 7.50 -1.94
N GLN A 82 12.67 8.27 -1.79
CA GLN A 82 12.65 9.51 -1.01
C GLN A 82 11.56 10.47 -1.52
N GLU A 83 11.59 10.74 -2.82
CA GLU A 83 10.66 11.67 -3.43
C GLU A 83 9.23 11.14 -3.31
N LEU A 84 9.10 9.82 -3.43
CA LEU A 84 7.80 9.17 -3.34
C LEU A 84 7.20 9.36 -1.95
N ALA A 85 8.02 9.20 -0.92
CA ALA A 85 7.60 9.44 0.45
C ALA A 85 7.27 10.91 0.66
N GLY A 86 8.16 11.79 0.18
CA GLY A 86 7.97 13.22 0.35
C GLY A 86 6.69 13.73 -0.31
N ALA A 87 6.32 13.10 -1.42
CA ALA A 87 5.10 13.48 -2.15
C ALA A 87 3.86 13.30 -1.29
N PHE A 88 3.87 12.26 -0.46
CA PHE A 88 2.73 11.97 0.41
C PHE A 88 2.95 12.58 1.79
N GLY A 89 4.05 13.30 1.96
CA GLY A 89 4.33 13.94 3.22
C GLY A 89 4.94 13.00 4.25
N ILE A 90 5.31 11.80 3.79
CA ILE A 90 5.87 10.79 4.68
C ILE A 90 7.25 11.22 5.13
N ARG A 91 7.60 10.94 6.38
CA ARG A 91 8.93 11.23 6.87
C ARG A 91 9.93 10.26 6.24
N SER A 92 9.57 8.98 6.29
CA SER A 92 10.40 7.91 5.76
C SER A 92 9.71 6.57 5.99
N ILE A 93 9.84 6.05 7.19
CA ILE A 93 9.37 4.71 7.51
C ILE A 93 8.93 4.62 8.97
N PRO A 94 7.95 3.75 9.28
CA PRO A 94 7.23 2.94 8.32
C PRO A 94 5.84 3.52 8.00
N SER A 95 5.36 3.30 6.80
CA SER A 95 4.05 3.76 6.41
C SER A 95 3.34 2.70 5.59
N ILE A 96 2.07 2.49 5.88
CA ILE A 96 1.30 1.49 5.15
C ILE A 96 0.21 2.19 4.36
N LEU A 97 0.32 2.12 3.05
CA LEU A 97 -0.61 2.82 2.16
C LEU A 97 -1.73 1.89 1.73
N PHE A 98 -2.96 2.28 2.08
CA PHE A 98 -4.15 1.53 1.72
C PHE A 98 -4.82 2.19 0.52
N ILE A 99 -4.71 1.55 -0.64
CA ILE A 99 -5.25 2.10 -1.88
C ILE A 99 -6.59 1.48 -2.24
N PRO A 100 -7.69 2.25 -2.09
CA PRO A 100 -9.02 1.80 -2.46
C PRO A 100 -9.31 2.03 -3.94
N MET A 101 -10.40 1.45 -4.43
CA MET A 101 -10.82 1.63 -5.81
C MET A 101 -11.68 2.87 -5.95
N GLU A 102 -12.10 3.38 -4.79
CA GLU A 102 -12.96 4.55 -4.73
C GLU A 102 -12.53 5.44 -3.59
N GLY A 103 -12.31 6.72 -3.90
CA GLY A 103 -11.91 7.67 -2.89
C GLY A 103 -10.43 7.98 -2.95
N LYS A 104 -9.86 8.35 -1.81
CA LYS A 104 -8.45 8.64 -1.74
C LYS A 104 -7.76 7.61 -0.83
N PRO A 105 -6.46 7.38 -1.02
CA PRO A 105 -5.72 6.40 -0.23
C PRO A 105 -5.28 6.97 1.12
N GLU A 106 -5.29 6.12 2.13
CA GLU A 106 -4.83 6.51 3.46
C GLU A 106 -3.58 5.75 3.83
N MET A 107 -2.97 6.16 4.91
CA MET A 107 -1.74 5.53 5.35
C MET A 107 -1.67 5.43 6.87
N ALA A 108 -1.55 4.21 7.35
CA ALA A 108 -1.35 3.96 8.76
C ALA A 108 0.12 3.64 8.98
N GLN A 109 0.75 4.33 9.91
CA GLN A 109 2.16 4.10 10.17
C GLN A 109 2.38 2.72 10.76
N GLY A 110 3.56 2.16 10.48
CA GLY A 110 3.82 0.76 10.77
C GLY A 110 3.86 0.42 12.26
N ALA A 111 4.43 -0.76 12.53
CA ALA A 111 4.53 -1.34 13.86
C ALA A 111 3.18 -1.93 14.31
N MET A 112 2.29 -2.14 13.35
CA MET A 112 1.00 -2.75 13.63
C MET A 112 1.09 -4.27 13.60
N PRO A 113 0.33 -4.96 14.48
CA PRO A 113 0.21 -6.40 14.44
C PRO A 113 -0.69 -6.83 13.30
N LYS A 114 -0.87 -8.14 13.13
CA LYS A 114 -1.76 -8.65 12.09
C LYS A 114 -3.19 -8.17 12.35
N ALA A 115 -3.49 -7.92 13.62
CA ALA A 115 -4.82 -7.47 14.01
C ALA A 115 -5.08 -6.03 13.57
N SER A 116 -4.12 -5.11 13.79
CA SER A 116 -4.34 -3.72 13.41
C SER A 116 -4.33 -3.59 11.89
N PHE A 117 -3.56 -4.47 11.23
CA PHE A 117 -3.59 -4.54 9.78
C PHE A 117 -4.96 -4.99 9.30
N LYS A 118 -5.43 -6.09 9.86
CA LYS A 118 -6.73 -6.63 9.50
C LYS A 118 -7.82 -5.59 9.79
N LYS A 119 -7.66 -4.86 10.88
CA LYS A 119 -8.58 -3.78 11.24
C LYS A 119 -8.67 -2.75 10.11
N ALA A 120 -7.52 -2.26 9.67
CA ALA A 120 -7.47 -1.22 8.65
C ALA A 120 -7.88 -1.75 7.28
N ILE A 121 -7.39 -2.93 6.93
CA ILE A 121 -7.70 -3.54 5.64
C ILE A 121 -9.21 -3.83 5.56
N ASP A 122 -9.75 -4.36 6.64
CA ASP A 122 -11.17 -4.65 6.73
C ASP A 122 -11.99 -3.36 6.65
N GLU A 123 -11.85 -2.55 7.69
CA GLU A 123 -12.76 -1.47 7.98
C GLU A 123 -12.49 -0.22 7.13
N PHE A 124 -11.65 -0.36 6.12
CA PHE A 124 -11.37 0.76 5.22
C PHE A 124 -11.20 0.30 3.78
N LEU A 125 -10.40 -0.73 3.58
CA LEU A 125 -10.07 -1.19 2.24
C LEU A 125 -11.20 -2.03 1.65
N LEU A 126 -11.81 -2.87 2.48
CA LEU A 126 -12.88 -3.73 2.03
C LEU A 126 -14.23 -3.12 2.37
N LYS A 127 -14.35 -2.68 3.61
CA LYS A 127 -15.56 -2.08 4.12
C LYS A 127 -15.45 -0.56 4.03
N LYS A 128 -15.76 -0.01 2.88
CA LYS A 128 -15.63 1.42 2.65
C LYS A 128 -16.64 2.20 3.49
N GLU A 129 -16.11 2.90 4.50
CA GLU A 129 -16.88 3.80 5.35
C GLU A 129 -17.71 3.01 6.38
N GLY A 130 -17.84 3.57 7.57
CA GLY A 130 -18.56 2.89 8.63
C GLY A 130 -20.07 2.93 8.43
N HIS A 131 -20.51 3.88 7.60
CA HIS A 131 -21.92 4.05 7.27
C HIS A 131 -22.68 4.60 8.47
N HIS A 132 -22.71 5.91 8.56
CA HIS A 132 -23.24 6.59 9.74
C HIS A 132 -24.76 6.63 9.72
N HIS A 133 -25.37 5.63 10.34
CA HIS A 133 -26.82 5.55 10.43
C HIS A 133 -27.35 6.56 11.45
N HIS A 134 -27.83 7.68 10.95
CA HIS A 134 -28.36 8.73 11.80
C HIS A 134 -29.85 8.50 12.05
N HIS A 135 -30.34 8.94 13.19
CA HIS A 135 -31.76 8.84 13.51
C HIS A 135 -32.50 10.07 13.01
N HIS A 136 -33.76 9.92 12.66
CA HIS A 136 -34.61 11.05 12.38
C HIS A 136 -35.47 11.33 13.61
N MET A 1 -8.07 -13.24 -22.49
CA MET A 1 -8.19 -13.37 -21.02
C MET A 1 -6.80 -13.39 -20.38
N SER A 2 -6.69 -12.74 -19.24
CA SER A 2 -5.45 -12.75 -18.48
C SER A 2 -5.48 -13.90 -17.48
N LEU A 3 -4.62 -14.88 -17.68
CA LEU A 3 -4.59 -16.05 -16.83
C LEU A 3 -3.71 -15.83 -15.59
N ALA A 4 -3.06 -14.67 -15.53
CA ALA A 4 -2.20 -14.34 -14.41
C ALA A 4 -1.90 -12.84 -14.38
N THR A 5 -2.13 -12.23 -13.23
CA THR A 5 -1.82 -10.82 -13.04
C THR A 5 -0.63 -10.68 -12.10
N GLU A 6 0.25 -9.72 -12.39
CA GLU A 6 1.43 -9.50 -11.57
C GLU A 6 1.06 -8.73 -10.30
N GLY A 7 0.47 -9.46 -9.38
CA GLY A 7 -0.03 -8.88 -8.16
C GLY A 7 -1.29 -9.60 -7.72
N ASN A 8 -1.13 -10.64 -6.93
CA ASN A 8 -2.26 -11.45 -6.50
C ASN A 8 -1.94 -12.16 -5.19
N GLY A 9 -2.55 -11.68 -4.11
CA GLY A 9 -2.43 -12.35 -2.82
C GLY A 9 -1.03 -12.30 -2.25
N LYS A 10 -0.28 -11.27 -2.59
CA LYS A 10 1.07 -11.12 -2.05
C LYS A 10 1.55 -9.68 -2.24
N VAL A 11 2.64 -9.33 -1.57
CA VAL A 11 3.21 -8.01 -1.68
C VAL A 11 4.40 -8.00 -2.65
N ILE A 12 4.40 -7.02 -3.53
CA ILE A 12 5.48 -6.85 -4.50
C ILE A 12 6.27 -5.58 -4.16
N HIS A 13 7.56 -5.73 -3.95
CA HIS A 13 8.40 -4.55 -3.68
C HIS A 13 8.97 -4.04 -4.99
N LEU A 14 8.62 -2.81 -5.32
CA LEU A 14 9.07 -2.18 -6.56
C LEU A 14 9.46 -0.74 -6.29
N THR A 15 10.11 -0.10 -7.25
CA THR A 15 10.62 1.25 -7.03
C THR A 15 9.62 2.28 -7.52
N LYS A 16 9.94 3.56 -7.32
CA LYS A 16 9.10 4.66 -7.78
C LYS A 16 8.85 4.61 -9.27
N ALA A 17 9.75 4.00 -10.01
CA ALA A 17 9.56 3.84 -11.44
C ALA A 17 8.39 2.91 -11.71
N GLU A 18 8.38 1.78 -11.02
CA GLU A 18 7.29 0.83 -11.11
C GLU A 18 6.05 1.39 -10.43
N PHE A 19 6.26 2.16 -9.38
CA PHE A 19 5.18 2.82 -8.66
C PHE A 19 4.46 3.74 -9.60
N LEU A 20 5.26 4.50 -10.31
CA LEU A 20 4.82 5.45 -11.27
C LEU A 20 3.81 4.82 -12.24
N ALA A 21 4.26 3.79 -12.95
CA ALA A 21 3.43 3.15 -13.99
C ALA A 21 2.34 2.26 -13.41
N LYS A 22 2.71 1.46 -12.43
CA LYS A 22 1.85 0.39 -11.94
C LYS A 22 0.92 0.86 -10.82
N VAL A 23 1.13 2.08 -10.34
CA VAL A 23 0.34 2.58 -9.23
C VAL A 23 -0.17 3.99 -9.45
N TYR A 24 0.72 4.93 -9.76
CA TYR A 24 0.37 6.34 -9.67
C TYR A 24 1.43 7.24 -10.30
N ASN A 25 0.99 8.09 -11.23
CA ASN A 25 1.88 9.01 -11.91
C ASN A 25 2.11 10.25 -11.04
N PHE A 26 3.13 10.21 -10.18
CA PHE A 26 3.44 11.33 -9.26
C PHE A 26 4.23 12.42 -9.98
N GLU A 27 4.32 12.29 -11.29
CA GLU A 27 5.09 13.20 -12.10
C GLU A 27 4.14 14.08 -12.88
N LYS A 28 3.17 13.43 -13.49
CA LYS A 28 2.20 14.08 -14.29
C LYS A 28 1.02 14.52 -13.44
N ASN A 29 0.78 13.77 -12.35
CA ASN A 29 -0.32 14.09 -11.43
C ASN A 29 0.20 14.34 -10.02
N PRO A 30 1.01 15.38 -9.85
CA PRO A 30 1.51 15.78 -8.54
C PRO A 30 0.37 16.13 -7.58
N GLU A 31 -0.68 16.73 -8.12
CA GLU A 31 -1.81 17.17 -7.31
C GLU A 31 -2.95 16.17 -7.34
N GLU A 32 -3.00 15.35 -8.39
CA GLU A 32 -4.10 14.43 -8.59
C GLU A 32 -3.72 13.02 -8.18
N TRP A 33 -4.70 12.21 -7.83
CA TRP A 33 -4.45 10.83 -7.52
C TRP A 33 -4.94 9.94 -8.65
N LYS A 34 -4.05 9.64 -9.57
CA LYS A 34 -4.37 8.75 -10.66
C LYS A 34 -3.80 7.37 -10.37
N TYR A 35 -4.66 6.45 -9.99
CA TYR A 35 -4.26 5.10 -9.63
C TYR A 35 -4.67 4.11 -10.70
N GLU A 36 -3.68 3.45 -11.29
CA GLU A 36 -3.95 2.41 -12.27
C GLU A 36 -4.14 1.09 -11.53
N GLY A 37 -5.38 0.82 -11.12
CA GLY A 37 -5.63 -0.28 -10.22
C GLY A 37 -6.29 -1.47 -10.87
N ASP A 38 -5.70 -2.64 -10.65
CA ASP A 38 -6.31 -3.90 -11.03
C ASP A 38 -7.19 -4.39 -9.89
N LYS A 39 -6.60 -4.47 -8.70
CA LYS A 39 -7.34 -4.76 -7.48
C LYS A 39 -7.03 -3.66 -6.46
N PRO A 40 -7.74 -3.63 -5.30
CA PRO A 40 -7.38 -2.75 -4.17
C PRO A 40 -5.93 -2.95 -3.75
N ALA A 41 -5.27 -1.88 -3.33
CA ALA A 41 -3.83 -1.95 -3.09
C ALA A 41 -3.43 -1.43 -1.72
N ILE A 42 -2.27 -1.92 -1.27
CA ILE A 42 -1.62 -1.47 -0.05
C ILE A 42 -0.19 -1.06 -0.42
N VAL A 43 0.38 -0.07 0.24
CA VAL A 43 1.75 0.31 -0.02
C VAL A 43 2.55 0.48 1.27
N ASP A 44 3.59 -0.31 1.43
CA ASP A 44 4.43 -0.24 2.62
C ASP A 44 5.72 0.52 2.31
N PHE A 45 5.88 1.67 2.91
CA PHE A 45 7.12 2.41 2.84
C PHE A 45 7.98 2.03 4.04
N TYR A 46 9.07 1.33 3.80
CA TYR A 46 9.88 0.79 4.89
C TYR A 46 11.36 0.89 4.57
N ALA A 47 12.16 0.37 5.49
CA ALA A 47 13.59 0.19 5.29
C ALA A 47 14.02 -1.06 6.02
N ASP A 48 14.89 -1.84 5.39
CA ASP A 48 15.30 -3.13 5.96
C ASP A 48 15.98 -2.97 7.32
N TRP A 49 16.78 -1.92 7.47
CA TRP A 49 17.54 -1.72 8.71
C TRP A 49 16.59 -1.41 9.88
N CYS A 50 15.36 -1.06 9.57
CA CYS A 50 14.40 -0.70 10.59
C CYS A 50 13.65 -1.93 11.08
N GLY A 51 13.84 -2.25 12.36
CA GLY A 51 13.17 -3.38 12.96
C GLY A 51 11.65 -3.38 12.82
N PRO A 52 10.96 -2.29 13.22
CA PRO A 52 9.51 -2.15 13.02
C PRO A 52 9.06 -2.46 11.59
N CYS A 53 9.87 -2.08 10.61
CA CYS A 53 9.59 -2.37 9.22
C CYS A 53 9.68 -3.88 8.96
N LYS A 54 10.76 -4.46 9.46
CA LYS A 54 10.96 -5.91 9.42
C LYS A 54 9.78 -6.66 10.06
N MET A 55 9.14 -6.04 11.03
CA MET A 55 8.01 -6.66 11.72
C MET A 55 6.83 -6.86 10.78
N VAL A 56 6.48 -5.83 10.04
CA VAL A 56 5.26 -5.85 9.23
C VAL A 56 5.47 -6.62 7.92
N ALA A 57 6.70 -6.64 7.43
CA ALA A 57 7.02 -7.23 6.14
C ALA A 57 6.45 -8.65 5.98
N PRO A 58 6.84 -9.62 6.85
CA PRO A 58 6.36 -11.01 6.72
C PRO A 58 4.89 -11.15 7.09
N ILE A 59 4.49 -10.46 8.15
CA ILE A 59 3.13 -10.56 8.66
C ILE A 59 2.12 -10.03 7.66
N LEU A 60 2.33 -8.82 7.17
CA LEU A 60 1.39 -8.20 6.25
C LEU A 60 1.37 -8.93 4.91
N ASP A 61 2.51 -9.52 4.54
CA ASP A 61 2.58 -10.38 3.36
C ASP A 61 1.65 -11.58 3.53
N GLU A 62 1.64 -12.12 4.75
CA GLU A 62 0.77 -13.22 5.11
C GLU A 62 -0.70 -12.78 5.01
N LEU A 63 -1.00 -11.55 5.46
CA LEU A 63 -2.34 -10.98 5.31
C LEU A 63 -2.74 -10.93 3.84
N ALA A 64 -1.77 -10.63 2.98
CA ALA A 64 -2.03 -10.60 1.55
C ALA A 64 -2.48 -11.96 1.06
N LYS A 65 -1.89 -13.01 1.62
CA LYS A 65 -2.24 -14.38 1.25
C LYS A 65 -3.59 -14.78 1.86
N GLU A 66 -3.88 -14.26 3.05
CA GLU A 66 -5.19 -14.42 3.66
C GLU A 66 -6.27 -13.92 2.70
N TYR A 67 -6.02 -12.77 2.11
CA TYR A 67 -6.94 -12.14 1.17
C TYR A 67 -6.50 -12.41 -0.27
N ASP A 68 -5.80 -13.53 -0.45
CA ASP A 68 -5.25 -13.92 -1.75
C ASP A 68 -6.29 -13.84 -2.85
N GLY A 69 -5.94 -13.18 -3.94
CA GLY A 69 -6.82 -13.10 -5.09
C GLY A 69 -7.56 -11.80 -5.19
N GLN A 70 -7.86 -11.16 -4.05
CA GLN A 70 -8.70 -9.98 -4.08
C GLN A 70 -7.91 -8.69 -3.82
N ILE A 71 -6.73 -8.80 -3.20
CA ILE A 71 -5.93 -7.61 -2.93
C ILE A 71 -4.51 -7.72 -3.50
N VAL A 72 -3.91 -6.57 -3.74
CA VAL A 72 -2.52 -6.49 -4.18
C VAL A 72 -1.75 -5.54 -3.28
N ILE A 73 -0.62 -5.97 -2.77
CA ILE A 73 0.18 -5.11 -1.90
C ILE A 73 1.53 -4.79 -2.53
N TYR A 74 1.99 -3.57 -2.34
CA TYR A 74 3.29 -3.15 -2.82
C TYR A 74 4.08 -2.59 -1.64
N LYS A 75 5.39 -2.57 -1.77
CA LYS A 75 6.24 -1.97 -0.76
C LYS A 75 7.48 -1.38 -1.41
N VAL A 76 8.02 -0.33 -0.82
CA VAL A 76 9.13 0.41 -1.41
C VAL A 76 10.14 0.83 -0.35
N ASP A 77 11.38 1.06 -0.77
CA ASP A 77 12.45 1.38 0.17
C ASP A 77 12.64 2.90 0.26
N THR A 78 11.94 3.52 1.20
CA THR A 78 11.90 4.98 1.34
C THR A 78 13.29 5.64 1.35
N GLU A 79 14.27 4.95 1.94
CA GLU A 79 15.64 5.46 2.02
C GLU A 79 16.18 5.84 0.64
N LYS A 80 15.89 5.04 -0.37
CA LYS A 80 16.34 5.32 -1.72
C LYS A 80 15.24 6.06 -2.48
N GLU A 81 14.04 5.92 -1.95
CA GLU A 81 12.84 6.43 -2.54
C GLU A 81 12.43 7.76 -1.91
N GLN A 82 13.42 8.59 -1.63
CA GLN A 82 13.19 9.88 -0.97
C GLN A 82 12.40 10.83 -1.87
N GLU A 83 12.58 10.71 -3.18
CA GLU A 83 11.85 11.55 -4.12
C GLU A 83 10.39 11.12 -4.15
N LEU A 84 10.19 9.81 -4.10
CA LEU A 84 8.86 9.23 -4.06
C LEU A 84 8.20 9.55 -2.72
N ALA A 85 9.00 9.53 -1.66
CA ALA A 85 8.53 9.91 -0.33
C ALA A 85 8.10 11.37 -0.29
N GLY A 86 8.93 12.23 -0.88
CA GLY A 86 8.64 13.66 -0.91
C GLY A 86 7.33 13.98 -1.59
N ALA A 87 6.94 13.14 -2.55
CA ALA A 87 5.70 13.36 -3.31
C ALA A 87 4.48 13.25 -2.40
N PHE A 88 4.56 12.40 -1.40
CA PHE A 88 3.43 12.23 -0.47
C PHE A 88 3.72 12.94 0.85
N GLY A 89 4.82 13.69 0.89
CA GLY A 89 5.24 14.34 2.11
C GLY A 89 5.57 13.35 3.21
N ILE A 90 6.12 12.21 2.79
CA ILE A 90 6.43 11.12 3.72
C ILE A 90 7.62 11.50 4.59
N ARG A 91 7.48 11.26 5.89
CA ARG A 91 8.55 11.54 6.84
C ARG A 91 9.69 10.56 6.64
N SER A 92 9.36 9.27 6.63
CA SER A 92 10.31 8.20 6.38
C SER A 92 9.63 6.84 6.55
N ILE A 93 9.83 6.23 7.71
CA ILE A 93 9.38 4.86 7.94
C ILE A 93 8.99 4.67 9.40
N PRO A 94 7.94 3.88 9.68
CA PRO A 94 7.08 3.22 8.67
C PRO A 94 6.02 4.16 8.12
N SER A 95 5.64 3.95 6.88
CA SER A 95 4.53 4.69 6.28
C SER A 95 3.73 3.72 5.42
N ILE A 96 2.42 3.66 5.61
CA ILE A 96 1.61 2.69 4.92
C ILE A 96 0.42 3.37 4.24
N LEU A 97 0.33 3.20 2.93
CA LEU A 97 -0.71 3.83 2.14
C LEU A 97 -1.78 2.82 1.75
N PHE A 98 -3.02 3.11 2.15
CA PHE A 98 -4.14 2.22 1.84
C PHE A 98 -4.91 2.77 0.64
N ILE A 99 -4.84 2.05 -0.47
CA ILE A 99 -5.35 2.56 -1.73
C ILE A 99 -6.62 1.83 -2.18
N PRO A 100 -7.76 2.54 -2.21
CA PRO A 100 -9.00 2.02 -2.78
C PRO A 100 -9.07 2.25 -4.28
N MET A 101 -9.93 1.49 -4.96
CA MET A 101 -10.14 1.70 -6.38
C MET A 101 -11.08 2.87 -6.59
N GLU A 102 -12.06 2.98 -5.68
CA GLU A 102 -12.94 4.13 -5.69
C GLU A 102 -12.82 4.89 -4.37
N GLY A 103 -12.48 6.16 -4.47
CA GLY A 103 -12.19 6.96 -3.29
C GLY A 103 -10.74 7.37 -3.25
N LYS A 104 -10.30 7.95 -2.14
CA LYS A 104 -8.92 8.43 -2.03
C LYS A 104 -8.20 7.68 -0.91
N PRO A 105 -6.87 7.50 -1.02
CA PRO A 105 -6.08 6.68 -0.10
C PRO A 105 -5.75 7.36 1.22
N GLU A 106 -5.66 6.57 2.28
CA GLU A 106 -5.26 7.06 3.60
C GLU A 106 -3.89 6.50 3.95
N MET A 107 -3.29 7.03 5.03
CA MET A 107 -1.94 6.62 5.42
C MET A 107 -1.86 6.36 6.92
N ALA A 108 -1.40 5.17 7.27
CA ALA A 108 -1.11 4.82 8.66
C ALA A 108 0.39 4.64 8.81
N GLN A 109 0.92 4.76 10.02
CA GLN A 109 2.35 4.58 10.22
C GLN A 109 2.65 3.65 11.39
N GLY A 110 3.66 2.82 11.22
CA GLY A 110 4.14 1.99 12.30
C GLY A 110 3.97 0.50 12.06
N ALA A 111 4.45 -0.28 13.01
CA ALA A 111 4.45 -1.73 12.90
C ALA A 111 3.13 -2.31 13.41
N MET A 112 2.15 -2.38 12.53
CA MET A 112 0.88 -3.00 12.85
C MET A 112 0.98 -4.52 12.76
N PRO A 113 0.40 -5.24 13.73
CA PRO A 113 0.38 -6.71 13.73
C PRO A 113 -0.64 -7.26 12.73
N LYS A 114 -0.86 -8.57 12.77
CA LYS A 114 -1.87 -9.19 11.94
C LYS A 114 -3.23 -8.57 12.23
N ALA A 115 -3.46 -8.26 13.49
CA ALA A 115 -4.74 -7.74 13.94
C ALA A 115 -5.05 -6.36 13.37
N SER A 116 -4.11 -5.42 13.49
CA SER A 116 -4.35 -4.08 13.01
C SER A 116 -4.40 -4.03 11.49
N PHE A 117 -3.55 -4.83 10.84
CA PHE A 117 -3.57 -4.92 9.39
C PHE A 117 -4.87 -5.52 8.90
N LYS A 118 -5.32 -6.59 9.55
CA LYS A 118 -6.56 -7.26 9.17
C LYS A 118 -7.71 -6.27 9.13
N LYS A 119 -7.83 -5.45 10.17
CA LYS A 119 -8.93 -4.51 10.26
C LYS A 119 -8.84 -3.47 9.16
N ALA A 120 -7.62 -3.05 8.85
CA ALA A 120 -7.39 -2.06 7.81
C ALA A 120 -7.71 -2.63 6.42
N ILE A 121 -7.29 -3.86 6.17
CA ILE A 121 -7.51 -4.49 4.88
C ILE A 121 -8.97 -4.90 4.71
N ASP A 122 -9.46 -5.69 5.65
CA ASP A 122 -10.82 -6.20 5.55
C ASP A 122 -11.86 -5.10 5.79
N GLU A 123 -11.87 -4.58 7.00
CA GLU A 123 -12.98 -3.74 7.46
C GLU A 123 -12.94 -2.33 6.87
N PHE A 124 -11.88 -2.01 6.12
CA PHE A 124 -11.76 -0.68 5.53
C PHE A 124 -11.49 -0.74 4.03
N LEU A 125 -10.68 -1.69 3.58
CA LEU A 125 -10.37 -1.80 2.15
C LEU A 125 -11.39 -2.68 1.45
N LEU A 126 -11.74 -3.79 2.06
CA LEU A 126 -12.72 -4.72 1.48
C LEU A 126 -14.12 -4.24 1.81
N LYS A 127 -14.39 -4.12 3.10
CA LYS A 127 -15.67 -3.63 3.58
C LYS A 127 -15.60 -2.11 3.73
N LYS A 128 -15.06 -1.46 2.71
CA LYS A 128 -14.93 -0.01 2.71
C LYS A 128 -16.30 0.64 2.85
N GLU A 129 -16.49 1.36 3.93
CA GLU A 129 -17.78 1.98 4.21
C GLU A 129 -18.06 3.19 3.34
N GLY A 130 -18.15 2.93 2.05
CA GLY A 130 -18.69 3.90 1.12
C GLY A 130 -19.97 3.38 0.54
N HIS A 131 -20.60 2.50 1.32
CA HIS A 131 -21.78 1.76 0.88
C HIS A 131 -23.01 2.69 0.77
N HIS A 132 -22.89 3.89 1.30
CA HIS A 132 -23.96 4.88 1.20
C HIS A 132 -23.37 6.26 0.97
N HIS A 133 -23.27 6.67 -0.28
CA HIS A 133 -22.70 7.97 -0.62
C HIS A 133 -23.79 9.04 -0.61
N HIS A 134 -24.94 8.73 -1.20
CA HIS A 134 -26.02 9.69 -1.28
C HIS A 134 -27.16 9.31 -0.34
N HIS A 135 -27.53 10.25 0.52
CA HIS A 135 -28.67 10.08 1.41
C HIS A 135 -29.29 11.44 1.73
N HIS A 136 -28.44 12.34 2.19
CA HIS A 136 -28.87 13.62 2.74
C HIS A 136 -29.77 13.37 3.95
N MET A 1 4.95 -11.08 -17.39
CA MET A 1 3.73 -11.16 -18.22
C MET A 1 3.23 -12.60 -18.25
N SER A 2 3.59 -13.35 -17.22
CA SER A 2 3.25 -14.76 -17.14
C SER A 2 1.83 -14.94 -16.63
N LEU A 3 1.21 -16.05 -17.02
CA LEU A 3 -0.15 -16.36 -16.60
C LEU A 3 -0.14 -16.99 -15.21
N ALA A 4 0.94 -17.70 -14.92
CA ALA A 4 1.10 -18.36 -13.63
C ALA A 4 1.99 -17.53 -12.70
N THR A 5 2.11 -16.24 -12.99
CA THR A 5 2.92 -15.36 -12.16
C THR A 5 2.39 -13.93 -12.21
N GLU A 6 1.75 -13.51 -11.14
CA GLU A 6 1.16 -12.19 -11.03
C GLU A 6 1.45 -11.64 -9.64
N GLY A 7 0.73 -10.61 -9.21
CA GLY A 7 0.83 -10.13 -7.85
C GLY A 7 0.02 -11.00 -6.92
N ASN A 8 0.32 -12.29 -6.93
CA ASN A 8 -0.50 -13.31 -6.30
C ASN A 8 0.07 -13.71 -4.94
N GLY A 9 -0.69 -13.42 -3.89
CA GLY A 9 -0.31 -13.81 -2.55
C GLY A 9 1.05 -13.28 -2.16
N LYS A 10 1.35 -12.05 -2.54
CA LYS A 10 2.68 -11.52 -2.37
C LYS A 10 2.68 -9.99 -2.21
N VAL A 11 3.69 -9.51 -1.49
CA VAL A 11 3.99 -8.10 -1.43
C VAL A 11 5.22 -7.79 -2.30
N ILE A 12 4.99 -7.14 -3.42
CA ILE A 12 6.07 -6.84 -4.36
C ILE A 12 6.72 -5.50 -4.03
N HIS A 13 8.02 -5.50 -3.82
CA HIS A 13 8.74 -4.25 -3.56
C HIS A 13 9.17 -3.62 -4.87
N LEU A 14 8.94 -2.34 -5.01
CA LEU A 14 9.20 -1.64 -6.25
C LEU A 14 9.77 -0.25 -6.02
N THR A 15 10.18 0.39 -7.11
CA THR A 15 10.74 1.74 -7.07
C THR A 15 9.72 2.75 -7.61
N LYS A 16 10.08 4.03 -7.60
CA LYS A 16 9.19 5.09 -8.05
C LYS A 16 8.69 4.87 -9.47
N ALA A 17 9.52 4.31 -10.33
CA ALA A 17 9.14 4.08 -11.72
C ALA A 17 8.07 3.00 -11.80
N GLU A 18 8.23 1.99 -10.96
CA GLU A 18 7.25 0.91 -10.87
C GLU A 18 5.98 1.41 -10.21
N PHE A 19 6.13 2.31 -9.25
CA PHE A 19 4.98 2.90 -8.56
C PHE A 19 4.17 3.69 -9.56
N LEU A 20 4.89 4.51 -10.29
CA LEU A 20 4.33 5.38 -11.26
C LEU A 20 3.39 4.64 -12.23
N ALA A 21 3.92 3.67 -12.94
CA ALA A 21 3.22 3.06 -14.06
C ALA A 21 2.25 1.97 -13.61
N LYS A 22 2.44 1.46 -12.41
CA LYS A 22 1.65 0.34 -11.94
C LYS A 22 0.65 0.76 -10.86
N VAL A 23 0.83 1.97 -10.35
CA VAL A 23 0.01 2.44 -9.23
C VAL A 23 -0.47 3.88 -9.44
N TYR A 24 0.47 4.81 -9.66
CA TYR A 24 0.15 6.23 -9.53
C TYR A 24 1.26 7.11 -10.12
N ASN A 25 0.87 7.94 -11.08
CA ASN A 25 1.80 8.86 -11.73
C ASN A 25 1.90 10.16 -10.93
N PHE A 26 2.82 10.20 -9.99
CA PHE A 26 2.96 11.32 -9.06
C PHE A 26 3.89 12.40 -9.59
N GLU A 27 4.42 12.20 -10.78
CA GLU A 27 5.39 13.13 -11.33
C GLU A 27 4.72 13.97 -12.40
N LYS A 28 3.64 13.44 -12.95
CA LYS A 28 2.79 14.24 -13.77
C LYS A 28 1.50 14.58 -13.05
N ASN A 29 1.10 13.74 -12.10
CA ASN A 29 -0.15 13.96 -11.36
C ASN A 29 0.09 14.14 -9.88
N PRO A 30 0.73 15.26 -9.51
CA PRO A 30 0.81 15.70 -8.13
C PRO A 30 -0.56 16.08 -7.57
N GLU A 31 -1.39 16.64 -8.45
CA GLU A 31 -2.71 17.12 -8.08
C GLU A 31 -3.78 16.08 -8.42
N GLU A 32 -3.53 15.30 -9.47
CA GLU A 32 -4.47 14.28 -9.90
C GLU A 32 -4.15 12.96 -9.22
N TRP A 33 -5.14 12.33 -8.60
CA TRP A 33 -4.93 10.99 -8.09
C TRP A 33 -5.32 9.97 -9.13
N LYS A 34 -4.31 9.38 -9.76
CA LYS A 34 -4.52 8.36 -10.75
C LYS A 34 -4.10 7.02 -10.19
N TYR A 35 -4.92 6.01 -10.38
CA TYR A 35 -4.64 4.68 -9.88
C TYR A 35 -4.87 3.66 -10.97
N GLU A 36 -3.79 3.27 -11.64
CA GLU A 36 -3.87 2.38 -12.78
C GLU A 36 -3.74 0.92 -12.34
N GLY A 37 -4.22 0.65 -11.14
CA GLY A 37 -4.10 -0.69 -10.58
C GLY A 37 -5.31 -1.55 -10.90
N ASP A 38 -5.03 -2.78 -11.29
CA ASP A 38 -6.08 -3.75 -11.64
C ASP A 38 -6.92 -4.12 -10.41
N LYS A 39 -6.24 -4.30 -9.29
CA LYS A 39 -6.89 -4.65 -8.03
C LYS A 39 -6.49 -3.64 -6.96
N PRO A 40 -7.29 -3.51 -5.88
CA PRO A 40 -6.92 -2.68 -4.73
C PRO A 40 -5.55 -3.08 -4.17
N ALA A 41 -4.76 -2.10 -3.78
CA ALA A 41 -3.38 -2.36 -3.40
C ALA A 41 -3.06 -1.86 -2.01
N ILE A 42 -2.10 -2.52 -1.39
CA ILE A 42 -1.59 -2.12 -0.09
C ILE A 42 -0.11 -1.78 -0.22
N VAL A 43 0.24 -0.51 -0.02
CA VAL A 43 1.61 -0.08 -0.21
C VAL A 43 2.36 0.02 1.11
N ASP A 44 3.44 -0.74 1.23
CA ASP A 44 4.25 -0.75 2.44
C ASP A 44 5.54 0.03 2.26
N PHE A 45 5.64 1.16 2.94
CA PHE A 45 6.87 1.93 2.98
C PHE A 45 7.81 1.35 4.05
N TYR A 46 8.92 0.75 3.62
CA TYR A 46 9.84 0.11 4.56
C TYR A 46 11.29 0.51 4.31
N ALA A 47 12.08 0.35 5.35
CA ALA A 47 13.53 0.41 5.27
C ALA A 47 14.09 -0.78 6.03
N ASP A 48 14.63 -1.74 5.31
CA ASP A 48 14.98 -3.05 5.88
C ASP A 48 15.89 -2.96 7.10
N TRP A 49 16.74 -1.95 7.13
CA TRP A 49 17.68 -1.78 8.24
C TRP A 49 16.97 -1.37 9.54
N CYS A 50 15.65 -1.21 9.47
CA CYS A 50 14.88 -0.81 10.63
C CYS A 50 13.93 -1.93 11.07
N GLY A 51 13.86 -2.16 12.38
CA GLY A 51 13.06 -3.24 12.93
C GLY A 51 11.60 -3.22 12.52
N PRO A 52 10.86 -2.13 12.80
CA PRO A 52 9.43 -2.01 12.45
C PRO A 52 9.11 -2.43 11.01
N CYS A 53 10.01 -2.12 10.08
CA CYS A 53 9.86 -2.51 8.69
C CYS A 53 9.89 -4.03 8.54
N LYS A 54 10.91 -4.64 9.13
CA LYS A 54 11.03 -6.09 9.17
C LYS A 54 9.81 -6.73 9.84
N MET A 55 9.19 -6.00 10.76
CA MET A 55 7.96 -6.46 11.41
C MET A 55 6.79 -6.46 10.45
N VAL A 56 6.57 -5.34 9.77
CA VAL A 56 5.39 -5.15 8.94
C VAL A 56 5.44 -5.96 7.64
N ALA A 57 6.62 -6.04 7.03
CA ALA A 57 6.79 -6.73 5.75
C ALA A 57 6.18 -8.15 5.72
N PRO A 58 6.53 -9.05 6.67
CA PRO A 58 5.97 -10.40 6.71
C PRO A 58 4.50 -10.41 7.07
N ILE A 59 4.13 -9.58 8.05
CA ILE A 59 2.74 -9.44 8.48
C ILE A 59 1.88 -9.02 7.29
N LEU A 60 2.38 -8.06 6.53
CA LEU A 60 1.67 -7.56 5.37
C LEU A 60 1.61 -8.60 4.26
N ASP A 61 2.65 -9.41 4.12
CA ASP A 61 2.65 -10.49 3.12
C ASP A 61 1.63 -11.55 3.53
N GLU A 62 1.51 -11.77 4.84
CA GLU A 62 0.48 -12.63 5.40
C GLU A 62 -0.90 -12.19 4.92
N LEU A 63 -1.16 -10.90 4.94
CA LEU A 63 -2.42 -10.36 4.45
C LEU A 63 -2.57 -10.59 2.95
N ALA A 64 -1.44 -10.60 2.25
CA ALA A 64 -1.42 -10.76 0.80
C ALA A 64 -2.00 -12.10 0.38
N LYS A 65 -1.49 -13.20 0.95
CA LYS A 65 -1.99 -14.52 0.60
C LYS A 65 -3.34 -14.82 1.26
N GLU A 66 -3.62 -14.15 2.38
CA GLU A 66 -4.89 -14.33 3.07
C GLU A 66 -6.04 -13.66 2.33
N TYR A 67 -5.79 -12.46 1.83
CA TYR A 67 -6.79 -11.70 1.09
C TYR A 67 -6.45 -11.66 -0.38
N ASP A 68 -5.74 -12.69 -0.83
CA ASP A 68 -5.28 -12.79 -2.22
C ASP A 68 -6.45 -12.79 -3.22
N GLY A 69 -6.14 -12.45 -4.47
CA GLY A 69 -7.14 -12.44 -5.52
C GLY A 69 -7.85 -11.11 -5.62
N GLN A 70 -8.37 -10.65 -4.50
CA GLN A 70 -9.08 -9.38 -4.46
C GLN A 70 -8.10 -8.22 -4.36
N ILE A 71 -6.98 -8.42 -3.67
CA ILE A 71 -6.00 -7.35 -3.51
C ILE A 71 -4.58 -7.84 -3.82
N VAL A 72 -3.73 -6.90 -4.18
CA VAL A 72 -2.30 -7.16 -4.40
C VAL A 72 -1.50 -6.23 -3.50
N ILE A 73 -0.45 -6.75 -2.86
CA ILE A 73 0.28 -5.92 -1.92
C ILE A 73 1.65 -5.55 -2.47
N TYR A 74 2.04 -4.31 -2.26
CA TYR A 74 3.32 -3.80 -2.72
C TYR A 74 4.08 -3.19 -1.54
N LYS A 75 5.36 -2.94 -1.75
CA LYS A 75 6.13 -2.20 -0.79
C LYS A 75 7.20 -1.40 -1.54
N VAL A 76 7.56 -0.26 -1.00
CA VAL A 76 8.49 0.62 -1.69
C VAL A 76 9.72 0.86 -0.83
N ASP A 77 10.88 0.85 -1.48
CA ASP A 77 12.14 1.07 -0.81
C ASP A 77 12.27 2.55 -0.46
N THR A 78 11.72 2.92 0.68
CA THR A 78 11.53 4.32 1.04
C THR A 78 12.84 5.08 1.25
N GLU A 79 13.87 4.40 1.73
CA GLU A 79 15.15 5.03 1.98
C GLU A 79 15.79 5.52 0.68
N LYS A 80 15.48 4.86 -0.43
CA LYS A 80 15.95 5.31 -1.74
C LYS A 80 14.85 6.10 -2.45
N GLU A 81 13.62 5.65 -2.28
CA GLU A 81 12.44 6.34 -2.78
C GLU A 81 12.06 7.51 -1.88
N GLN A 82 13.08 8.22 -1.39
CA GLN A 82 12.88 9.34 -0.49
C GLN A 82 12.01 10.42 -1.13
N GLU A 83 12.29 10.73 -2.39
CA GLU A 83 11.56 11.78 -3.09
C GLU A 83 10.10 11.37 -3.27
N LEU A 84 9.89 10.08 -3.47
CA LEU A 84 8.55 9.53 -3.59
C LEU A 84 7.81 9.62 -2.26
N ALA A 85 8.47 9.19 -1.19
CA ALA A 85 7.88 9.26 0.15
C ALA A 85 7.64 10.71 0.57
N GLY A 86 8.55 11.59 0.16
CA GLY A 86 8.45 13.00 0.50
C GLY A 86 7.22 13.66 -0.09
N ALA A 87 6.75 13.12 -1.21
CA ALA A 87 5.55 13.65 -1.87
C ALA A 87 4.32 13.42 -1.01
N PHE A 88 4.40 12.44 -0.12
CA PHE A 88 3.30 12.14 0.80
C PHE A 88 3.58 12.73 2.19
N GLY A 89 4.72 13.40 2.31
CA GLY A 89 5.09 14.02 3.57
C GLY A 89 5.66 13.04 4.58
N ILE A 90 5.87 11.81 4.14
CA ILE A 90 6.39 10.76 5.01
C ILE A 90 7.83 11.03 5.39
N ARG A 91 8.12 10.96 6.69
CA ARG A 91 9.48 11.13 7.19
C ARG A 91 10.41 10.09 6.56
N SER A 92 10.03 8.83 6.75
CA SER A 92 10.79 7.71 6.24
C SER A 92 9.95 6.45 6.35
N ILE A 93 10.01 5.78 7.49
CA ILE A 93 9.36 4.49 7.66
C ILE A 93 8.98 4.23 9.10
N PRO A 94 7.99 3.33 9.32
CA PRO A 94 7.22 2.67 8.27
C PRO A 94 5.87 3.33 8.05
N SER A 95 5.39 3.31 6.82
CA SER A 95 4.09 3.90 6.50
C SER A 95 3.35 2.99 5.52
N ILE A 96 2.05 2.87 5.66
CA ILE A 96 1.29 1.99 4.79
C ILE A 96 0.15 2.75 4.13
N LEU A 97 0.08 2.65 2.81
CA LEU A 97 -0.92 3.35 2.02
C LEU A 97 -1.98 2.37 1.53
N PHE A 98 -3.20 2.58 1.98
CA PHE A 98 -4.32 1.73 1.61
C PHE A 98 -5.04 2.33 0.40
N ILE A 99 -4.88 1.73 -0.77
CA ILE A 99 -5.40 2.32 -1.99
C ILE A 99 -6.58 1.53 -2.55
N PRO A 100 -7.80 2.09 -2.47
CA PRO A 100 -8.98 1.56 -3.13
C PRO A 100 -9.05 2.02 -4.58
N MET A 101 -9.91 1.39 -5.37
CA MET A 101 -10.06 1.75 -6.77
C MET A 101 -11.25 2.68 -6.92
N GLU A 102 -12.24 2.43 -6.08
CA GLU A 102 -13.50 3.16 -6.12
C GLU A 102 -13.49 4.28 -5.10
N GLY A 103 -12.37 4.43 -4.44
CA GLY A 103 -12.21 5.43 -3.42
C GLY A 103 -10.87 6.14 -3.51
N LYS A 104 -10.43 6.71 -2.40
CA LYS A 104 -9.14 7.39 -2.34
C LYS A 104 -8.32 6.80 -1.20
N PRO A 105 -6.99 6.89 -1.29
CA PRO A 105 -6.08 6.19 -0.37
C PRO A 105 -5.93 6.86 1.00
N GLU A 106 -5.72 6.04 2.01
CA GLU A 106 -5.42 6.50 3.36
C GLU A 106 -4.04 5.97 3.75
N MET A 107 -3.45 6.55 4.77
CA MET A 107 -2.13 6.13 5.20
C MET A 107 -1.98 6.16 6.71
N ALA A 108 -1.35 5.14 7.24
CA ALA A 108 -1.03 5.07 8.65
C ALA A 108 0.42 4.64 8.83
N GLN A 109 1.01 4.96 9.97
CA GLN A 109 2.36 4.50 10.28
C GLN A 109 2.29 3.03 10.67
N GLY A 110 3.35 2.28 10.38
CA GLY A 110 3.33 0.84 10.57
C GLY A 110 3.69 0.41 11.98
N ALA A 111 4.40 -0.73 12.07
CA ALA A 111 4.82 -1.31 13.35
C ALA A 111 3.65 -1.91 14.13
N MET A 112 2.58 -2.21 13.42
CA MET A 112 1.40 -2.83 14.05
C MET A 112 1.22 -4.27 13.54
N PRO A 113 0.59 -5.16 14.33
CA PRO A 113 0.47 -6.58 14.01
C PRO A 113 -0.58 -6.88 12.95
N LYS A 114 -0.77 -8.16 12.66
CA LYS A 114 -1.83 -8.58 11.74
C LYS A 114 -3.19 -8.19 12.30
N ALA A 115 -3.29 -8.13 13.61
CA ALA A 115 -4.55 -7.78 14.26
C ALA A 115 -4.93 -6.34 13.94
N SER A 116 -3.98 -5.41 14.06
CA SER A 116 -4.26 -4.02 13.73
C SER A 116 -4.41 -3.83 12.23
N PHE A 117 -3.60 -4.54 11.45
CA PHE A 117 -3.69 -4.49 9.99
C PHE A 117 -5.02 -5.05 9.50
N LYS A 118 -5.45 -6.15 10.10
CA LYS A 118 -6.74 -6.75 9.76
C LYS A 118 -7.84 -5.71 9.97
N LYS A 119 -7.70 -4.89 11.01
CA LYS A 119 -8.64 -3.81 11.25
C LYS A 119 -8.55 -2.78 10.13
N ALA A 120 -7.36 -2.22 9.94
CA ALA A 120 -7.15 -1.12 8.99
C ALA A 120 -7.55 -1.51 7.56
N ILE A 121 -7.11 -2.68 7.13
CA ILE A 121 -7.40 -3.15 5.78
C ILE A 121 -8.89 -3.36 5.59
N ASP A 122 -9.52 -4.05 6.53
CA ASP A 122 -10.94 -4.34 6.42
C ASP A 122 -11.73 -3.05 6.51
N GLU A 123 -11.44 -2.26 7.54
CA GLU A 123 -12.17 -1.04 7.87
C GLU A 123 -12.25 -0.03 6.72
N PHE A 124 -11.25 -0.03 5.86
CA PHE A 124 -11.17 0.99 4.81
C PHE A 124 -11.29 0.39 3.41
N LEU A 125 -10.73 -0.80 3.23
CA LEU A 125 -10.67 -1.42 1.91
C LEU A 125 -11.91 -2.29 1.66
N LEU A 126 -12.25 -3.12 2.64
CA LEU A 126 -13.41 -4.00 2.53
C LEU A 126 -14.67 -3.30 2.99
N LYS A 127 -14.62 -2.76 4.20
CA LYS A 127 -15.69 -1.97 4.74
C LYS A 127 -15.65 -0.60 4.10
N LYS A 128 -16.56 -0.36 3.20
CA LYS A 128 -16.65 0.94 2.56
C LYS A 128 -17.22 1.95 3.56
N GLU A 129 -16.33 2.40 4.46
CA GLU A 129 -16.65 3.37 5.50
C GLU A 129 -17.34 2.72 6.68
N GLY A 130 -16.67 1.73 7.27
CA GLY A 130 -17.19 1.09 8.47
C GLY A 130 -17.17 2.05 9.64
N HIS A 131 -16.03 2.71 9.83
CA HIS A 131 -15.91 3.80 10.79
C HIS A 131 -17.02 4.81 10.62
N HIS A 132 -17.97 4.76 11.54
CA HIS A 132 -19.18 5.57 11.47
C HIS A 132 -18.85 7.04 11.71
N HIS A 133 -19.28 7.87 10.78
CA HIS A 133 -19.05 9.31 10.87
C HIS A 133 -19.79 9.88 12.06
N HIS A 134 -19.11 10.73 12.82
CA HIS A 134 -19.67 11.24 14.08
C HIS A 134 -20.34 12.59 13.90
N HIS A 135 -20.74 12.89 12.67
CA HIS A 135 -21.50 14.10 12.40
C HIS A 135 -22.17 13.97 11.04
N HIS A 136 -23.31 14.63 10.89
CA HIS A 136 -24.02 14.65 9.63
C HIS A 136 -24.08 16.06 9.08
N MET A 1 -3.76 -22.17 -16.88
CA MET A 1 -3.89 -20.70 -17.04
C MET A 1 -3.52 -20.01 -15.73
N SER A 2 -2.91 -18.84 -15.85
CA SER A 2 -2.49 -18.07 -14.70
C SER A 2 -2.18 -16.64 -15.10
N LEU A 3 -3.19 -15.78 -15.03
CA LEU A 3 -3.04 -14.38 -15.38
C LEU A 3 -2.78 -13.59 -14.11
N ALA A 4 -3.45 -13.98 -13.03
CA ALA A 4 -3.32 -13.30 -11.74
C ALA A 4 -2.08 -13.79 -10.98
N THR A 5 -1.07 -14.21 -11.72
CA THR A 5 0.17 -14.67 -11.11
C THR A 5 1.04 -13.49 -10.69
N GLU A 6 0.66 -12.30 -11.13
CA GLU A 6 1.34 -11.08 -10.73
C GLU A 6 0.42 -10.26 -9.84
N GLY A 7 0.68 -10.33 -8.54
CA GLY A 7 -0.22 -9.72 -7.59
C GLY A 7 -1.17 -10.75 -7.02
N ASN A 8 -2.15 -10.31 -6.23
CA ASN A 8 -3.14 -11.20 -5.63
C ASN A 8 -2.50 -12.19 -4.67
N GLY A 9 -2.53 -11.86 -3.39
CA GLY A 9 -1.90 -12.71 -2.40
C GLY A 9 -0.40 -12.70 -2.55
N LYS A 10 0.13 -11.54 -2.93
CA LYS A 10 1.53 -11.41 -3.26
C LYS A 10 2.00 -9.99 -2.96
N VAL A 11 3.19 -9.86 -2.40
CA VAL A 11 3.77 -8.56 -2.12
C VAL A 11 4.97 -8.30 -3.03
N ILE A 12 4.99 -7.11 -3.64
CA ILE A 12 6.06 -6.74 -4.55
C ILE A 12 6.77 -5.48 -4.07
N HIS A 13 8.06 -5.59 -3.77
CA HIS A 13 8.85 -4.40 -3.49
C HIS A 13 9.34 -3.84 -4.81
N LEU A 14 8.98 -2.60 -5.10
CA LEU A 14 9.22 -2.04 -6.41
C LEU A 14 10.10 -0.81 -6.35
N THR A 15 10.39 -0.25 -7.52
CA THR A 15 11.13 0.99 -7.61
C THR A 15 10.18 2.10 -8.05
N LYS A 16 10.66 3.34 -8.04
CA LYS A 16 9.85 4.48 -8.44
C LYS A 16 9.25 4.29 -9.83
N ALA A 17 10.00 3.69 -10.73
CA ALA A 17 9.52 3.46 -12.09
C ALA A 17 8.32 2.52 -12.09
N GLU A 18 8.35 1.54 -11.22
CA GLU A 18 7.26 0.59 -11.07
C GLU A 18 6.06 1.27 -10.41
N PHE A 19 6.33 2.11 -9.42
CA PHE A 19 5.28 2.84 -8.72
C PHE A 19 4.58 3.76 -9.70
N LEU A 20 5.42 4.50 -10.38
CA LEU A 20 5.01 5.46 -11.35
C LEU A 20 3.96 4.91 -12.31
N ALA A 21 4.34 3.88 -13.04
CA ALA A 21 3.54 3.37 -14.15
C ALA A 21 2.43 2.42 -13.68
N LYS A 22 2.66 1.73 -12.58
CA LYS A 22 1.77 0.66 -12.17
C LYS A 22 0.98 1.03 -10.91
N VAL A 23 1.19 2.26 -10.42
CA VAL A 23 0.51 2.69 -9.20
C VAL A 23 0.08 4.15 -9.26
N TYR A 24 0.97 5.06 -9.68
CA TYR A 24 0.73 6.48 -9.50
C TYR A 24 1.70 7.32 -10.32
N ASN A 25 1.16 8.12 -11.22
CA ASN A 25 1.96 8.95 -12.11
C ASN A 25 2.11 10.36 -11.51
N PHE A 26 3.17 10.58 -10.74
CA PHE A 26 3.37 11.88 -10.08
C PHE A 26 3.96 12.91 -11.04
N GLU A 27 4.01 12.55 -12.31
CA GLU A 27 4.46 13.43 -13.37
C GLU A 27 3.27 14.18 -13.96
N LYS A 28 2.24 13.43 -14.32
CA LYS A 28 1.02 14.03 -14.81
C LYS A 28 0.09 14.31 -13.64
N ASN A 29 0.38 13.69 -12.50
CA ASN A 29 -0.36 13.95 -11.24
C ASN A 29 0.59 14.40 -10.15
N PRO A 30 1.16 15.59 -10.29
CA PRO A 30 1.97 16.21 -9.25
C PRO A 30 1.20 16.41 -7.95
N GLU A 31 -0.07 16.76 -8.07
CA GLU A 31 -0.89 17.11 -6.93
C GLU A 31 -2.05 16.13 -6.69
N GLU A 32 -2.63 15.61 -7.76
CA GLU A 32 -3.78 14.73 -7.63
C GLU A 32 -3.32 13.28 -7.53
N TRP A 33 -4.13 12.45 -6.90
CA TRP A 33 -3.84 11.04 -6.75
C TRP A 33 -4.67 10.22 -7.73
N LYS A 34 -4.00 9.59 -8.69
CA LYS A 34 -4.64 8.66 -9.59
C LYS A 34 -3.92 7.32 -9.54
N TYR A 35 -4.60 6.33 -8.99
CA TYR A 35 -4.07 4.97 -8.92
C TYR A 35 -4.17 4.30 -10.29
N GLU A 36 -3.02 4.01 -10.87
CA GLU A 36 -2.95 3.39 -12.19
C GLU A 36 -2.82 1.87 -12.04
N GLY A 37 -3.91 1.23 -11.61
CA GLY A 37 -3.84 -0.20 -11.34
C GLY A 37 -5.12 -0.94 -11.72
N ASP A 38 -5.51 -1.89 -10.86
CA ASP A 38 -6.64 -2.77 -11.17
C ASP A 38 -7.38 -3.20 -9.91
N LYS A 39 -6.65 -3.54 -8.86
CA LYS A 39 -7.23 -4.06 -7.63
C LYS A 39 -6.78 -3.26 -6.42
N PRO A 40 -7.46 -3.43 -5.26
CA PRO A 40 -7.07 -2.74 -4.02
C PRO A 40 -5.61 -2.98 -3.69
N ALA A 41 -4.92 -1.91 -3.37
CA ALA A 41 -3.47 -1.98 -3.20
C ALA A 41 -3.06 -1.47 -1.83
N ILE A 42 -1.96 -2.02 -1.34
CA ILE A 42 -1.37 -1.58 -0.08
C ILE A 42 0.09 -1.27 -0.32
N VAL A 43 0.57 -0.15 0.17
CA VAL A 43 1.97 0.22 -0.02
C VAL A 43 2.65 0.49 1.32
N ASP A 44 3.60 -0.37 1.69
CA ASP A 44 4.36 -0.16 2.90
C ASP A 44 5.74 0.40 2.60
N PHE A 45 5.96 1.62 3.04
CA PHE A 45 7.27 2.26 2.97
C PHE A 45 8.11 1.76 4.14
N TYR A 46 9.16 1.01 3.83
CA TYR A 46 9.99 0.43 4.86
C TYR A 46 11.46 0.77 4.62
N ALA A 47 12.23 0.65 5.68
CA ALA A 47 13.67 0.73 5.62
C ALA A 47 14.22 -0.46 6.38
N ASP A 48 15.04 -1.28 5.73
CA ASP A 48 15.43 -2.56 6.31
C ASP A 48 16.28 -2.39 7.57
N TRP A 49 16.98 -1.26 7.65
CA TRP A 49 17.81 -0.97 8.83
C TRP A 49 16.95 -0.55 10.03
N CYS A 50 15.64 -0.46 9.81
CA CYS A 50 14.73 -0.06 10.86
C CYS A 50 13.90 -1.26 11.33
N GLY A 51 13.99 -1.55 12.62
CA GLY A 51 13.30 -2.70 13.20
C GLY A 51 11.80 -2.77 12.92
N PRO A 52 11.02 -1.71 13.25
CA PRO A 52 9.56 -1.68 13.03
C PRO A 52 9.14 -2.15 11.63
N CYS A 53 9.88 -1.74 10.61
CA CYS A 53 9.53 -2.10 9.24
C CYS A 53 9.61 -3.61 9.02
N LYS A 54 10.61 -4.22 9.65
CA LYS A 54 10.78 -5.67 9.61
C LYS A 54 9.58 -6.38 10.22
N MET A 55 8.90 -5.73 11.16
CA MET A 55 7.72 -6.29 11.80
C MET A 55 6.57 -6.45 10.81
N VAL A 56 6.29 -5.40 10.05
CA VAL A 56 5.10 -5.35 9.22
C VAL A 56 5.24 -6.18 7.94
N ALA A 57 6.45 -6.26 7.41
CA ALA A 57 6.72 -6.99 6.17
C ALA A 57 6.08 -8.40 6.16
N PRO A 58 6.41 -9.29 7.13
CA PRO A 58 5.86 -10.66 7.15
C PRO A 58 4.36 -10.69 7.45
N ILE A 59 3.92 -9.78 8.31
CA ILE A 59 2.50 -9.68 8.64
C ILE A 59 1.71 -9.30 7.38
N LEU A 60 2.16 -8.23 6.74
CA LEU A 60 1.54 -7.75 5.51
C LEU A 60 1.58 -8.81 4.41
N ASP A 61 2.65 -9.59 4.36
CA ASP A 61 2.79 -10.67 3.39
C ASP A 61 1.71 -11.71 3.60
N GLU A 62 1.57 -12.16 4.85
CA GLU A 62 0.56 -13.15 5.19
C GLU A 62 -0.84 -12.62 4.89
N LEU A 63 -1.09 -11.37 5.26
CA LEU A 63 -2.38 -10.74 5.02
C LEU A 63 -2.67 -10.64 3.53
N ALA A 64 -1.63 -10.47 2.72
CA ALA A 64 -1.78 -10.44 1.28
C ALA A 64 -2.29 -11.78 0.78
N LYS A 65 -1.59 -12.85 1.15
CA LYS A 65 -1.95 -14.20 0.71
C LYS A 65 -3.28 -14.63 1.31
N GLU A 66 -3.55 -14.20 2.53
CA GLU A 66 -4.82 -14.49 3.19
C GLU A 66 -5.98 -13.95 2.36
N TYR A 67 -5.84 -12.71 1.91
CA TYR A 67 -6.86 -12.04 1.12
C TYR A 67 -6.56 -12.17 -0.38
N ASP A 68 -5.83 -13.23 -0.72
CA ASP A 68 -5.52 -13.58 -2.12
C ASP A 68 -6.75 -13.52 -3.01
N GLY A 69 -6.58 -12.94 -4.19
CA GLY A 69 -7.66 -12.88 -5.15
C GLY A 69 -8.20 -11.48 -5.36
N GLN A 70 -8.01 -10.61 -4.38
CA GLN A 70 -8.52 -9.26 -4.48
C GLN A 70 -7.45 -8.20 -4.26
N ILE A 71 -6.66 -8.32 -3.21
CA ILE A 71 -5.69 -7.28 -2.87
C ILE A 71 -4.31 -7.56 -3.43
N VAL A 72 -3.59 -6.49 -3.75
CA VAL A 72 -2.20 -6.58 -4.20
C VAL A 72 -1.35 -5.63 -3.36
N ILE A 73 -0.30 -6.15 -2.74
CA ILE A 73 0.51 -5.32 -1.87
C ILE A 73 1.88 -5.03 -2.48
N TYR A 74 2.25 -3.77 -2.46
CA TYR A 74 3.57 -3.34 -2.89
C TYR A 74 4.28 -2.72 -1.70
N LYS A 75 5.59 -2.70 -1.73
CA LYS A 75 6.34 -2.04 -0.68
C LYS A 75 7.47 -1.21 -1.27
N VAL A 76 7.77 -0.12 -0.60
CA VAL A 76 8.69 0.88 -1.11
C VAL A 76 9.94 1.01 -0.24
N ASP A 77 11.08 0.88 -0.88
CA ASP A 77 12.36 1.07 -0.21
C ASP A 77 12.69 2.55 -0.16
N THR A 78 12.34 3.21 0.95
CA THR A 78 12.43 4.67 1.05
C THR A 78 13.83 5.21 0.73
N GLU A 79 14.85 4.46 1.12
CA GLU A 79 16.24 4.82 0.88
C GLU A 79 16.52 5.10 -0.60
N LYS A 80 15.79 4.43 -1.49
CA LYS A 80 15.96 4.66 -2.92
C LYS A 80 14.82 5.53 -3.45
N GLU A 81 13.66 5.35 -2.84
CA GLU A 81 12.46 6.07 -3.20
C GLU A 81 12.35 7.38 -2.45
N GLN A 82 13.47 8.08 -2.32
CA GLN A 82 13.55 9.31 -1.56
C GLN A 82 12.58 10.37 -2.07
N GLU A 83 12.61 10.61 -3.39
CA GLU A 83 11.72 11.61 -3.99
C GLU A 83 10.28 11.17 -3.90
N LEU A 84 10.07 9.86 -4.04
CA LEU A 84 8.73 9.28 -4.02
C LEU A 84 8.09 9.51 -2.65
N ALA A 85 8.80 9.11 -1.59
CA ALA A 85 8.32 9.31 -0.23
C ALA A 85 8.22 10.80 0.10
N GLY A 86 9.22 11.55 -0.36
CA GLY A 86 9.25 12.98 -0.09
C GLY A 86 8.10 13.72 -0.72
N ALA A 87 7.58 13.19 -1.83
CA ALA A 87 6.45 13.81 -2.51
C ALA A 87 5.20 13.79 -1.65
N PHE A 88 5.06 12.76 -0.83
CA PHE A 88 3.90 12.63 0.05
C PHE A 88 4.16 13.31 1.38
N GLY A 89 5.35 13.91 1.52
CA GLY A 89 5.72 14.56 2.76
C GLY A 89 6.26 13.58 3.79
N ILE A 90 6.48 12.35 3.34
CA ILE A 90 6.97 11.30 4.21
C ILE A 90 8.46 11.49 4.50
N ARG A 91 8.84 11.43 5.77
CA ARG A 91 10.24 11.48 6.14
C ARG A 91 10.97 10.24 5.65
N SER A 92 10.57 9.10 6.18
CA SER A 92 11.14 7.82 5.78
C SER A 92 10.13 6.70 6.08
N ILE A 93 10.22 6.13 7.26
CA ILE A 93 9.41 4.97 7.61
C ILE A 93 9.02 4.97 9.08
N PRO A 94 7.99 4.19 9.46
CA PRO A 94 7.15 3.41 8.53
C PRO A 94 5.98 4.23 8.00
N SER A 95 5.57 3.96 6.78
CA SER A 95 4.41 4.62 6.19
C SER A 95 3.60 3.61 5.38
N ILE A 96 2.33 3.44 5.70
CA ILE A 96 1.53 2.42 5.03
C ILE A 96 0.29 3.02 4.40
N LEU A 97 0.22 2.94 3.09
CA LEU A 97 -0.87 3.53 2.32
C LEU A 97 -1.89 2.46 1.93
N PHE A 98 -3.14 2.70 2.31
CA PHE A 98 -4.25 1.80 1.99
C PHE A 98 -5.02 2.35 0.80
N ILE A 99 -4.85 1.74 -0.36
CA ILE A 99 -5.45 2.23 -1.59
C ILE A 99 -6.70 1.41 -1.95
N PRO A 100 -7.89 2.02 -1.81
CA PRO A 100 -9.14 1.38 -2.17
C PRO A 100 -9.50 1.59 -3.63
N MET A 101 -10.51 0.87 -4.10
CA MET A 101 -11.01 1.05 -5.46
C MET A 101 -12.18 2.02 -5.44
N GLU A 102 -12.47 2.50 -4.24
CA GLU A 102 -13.58 3.40 -4.01
C GLU A 102 -13.17 4.49 -3.02
N GLY A 103 -12.91 5.68 -3.54
CA GLY A 103 -12.54 6.80 -2.70
C GLY A 103 -11.08 7.15 -2.79
N LYS A 104 -10.55 7.75 -1.74
CA LYS A 104 -9.14 8.13 -1.68
C LYS A 104 -8.43 7.27 -0.64
N PRO A 105 -7.12 7.06 -0.78
CA PRO A 105 -6.35 6.19 0.10
C PRO A 105 -5.99 6.86 1.42
N GLU A 106 -5.98 6.07 2.49
CA GLU A 106 -5.59 6.54 3.80
C GLU A 106 -4.23 5.98 4.16
N MET A 107 -3.63 6.50 5.21
CA MET A 107 -2.27 6.11 5.56
C MET A 107 -2.09 6.02 7.07
N ALA A 108 -1.37 4.98 7.50
CA ALA A 108 -1.03 4.81 8.90
C ALA A 108 0.47 4.62 9.04
N GLN A 109 1.06 5.26 10.03
CA GLN A 109 2.50 5.20 10.22
C GLN A 109 2.86 4.20 11.31
N GLY A 110 3.69 3.24 10.95
CA GLY A 110 4.15 2.25 11.89
C GLY A 110 3.92 0.83 11.44
N ALA A 111 4.11 -0.11 12.35
CA ALA A 111 3.98 -1.52 12.03
C ALA A 111 2.84 -2.13 12.81
N MET A 112 1.64 -1.90 12.30
CA MET A 112 0.43 -2.51 12.85
C MET A 112 0.51 -4.04 12.82
N PRO A 113 -0.06 -4.71 13.85
CA PRO A 113 -0.09 -6.17 13.93
C PRO A 113 -1.12 -6.78 12.99
N LYS A 114 -1.26 -8.11 13.07
CA LYS A 114 -2.29 -8.81 12.32
C LYS A 114 -3.67 -8.25 12.64
N ALA A 115 -3.88 -7.95 13.92
CA ALA A 115 -5.17 -7.47 14.39
C ALA A 115 -5.55 -6.13 13.77
N SER A 116 -4.65 -5.14 13.82
CA SER A 116 -4.96 -3.83 13.28
C SER A 116 -5.09 -3.88 11.76
N PHE A 117 -4.36 -4.80 11.14
CA PHE A 117 -4.46 -4.99 9.70
C PHE A 117 -5.75 -5.72 9.33
N LYS A 118 -6.13 -6.70 10.12
CA LYS A 118 -7.39 -7.41 9.91
C LYS A 118 -8.54 -6.42 9.84
N LYS A 119 -8.47 -5.38 10.66
CA LYS A 119 -9.50 -4.35 10.66
C LYS A 119 -9.45 -3.54 9.37
N ALA A 120 -8.25 -3.14 8.98
CA ALA A 120 -8.07 -2.31 7.80
C ALA A 120 -8.42 -3.05 6.51
N ILE A 121 -7.99 -4.29 6.39
CA ILE A 121 -8.18 -5.05 5.15
C ILE A 121 -9.63 -5.49 5.01
N ASP A 122 -10.17 -6.11 6.04
CA ASP A 122 -11.55 -6.62 5.99
C ASP A 122 -12.53 -5.46 5.93
N GLU A 123 -12.52 -4.65 6.98
CA GLU A 123 -13.56 -3.65 7.23
C GLU A 123 -13.47 -2.43 6.30
N PHE A 124 -12.38 -2.31 5.55
CA PHE A 124 -12.23 -1.17 4.65
C PHE A 124 -11.90 -1.61 3.23
N LEU A 125 -11.05 -2.62 3.07
CA LEU A 125 -10.60 -3.03 1.76
C LEU A 125 -11.50 -4.11 1.15
N LEU A 126 -12.06 -4.98 1.99
CA LEU A 126 -12.92 -6.06 1.52
C LEU A 126 -14.34 -5.53 1.34
N LYS A 127 -14.97 -5.14 2.42
CA LYS A 127 -16.21 -4.39 2.36
C LYS A 127 -15.87 -2.93 2.60
N LYS A 128 -16.82 -2.15 3.04
CA LYS A 128 -16.55 -0.73 3.22
C LYS A 128 -17.36 -0.16 4.37
N GLU A 129 -16.75 -0.14 5.56
CA GLU A 129 -17.38 0.46 6.72
C GLU A 129 -16.74 1.81 7.02
N GLY A 130 -17.15 2.43 8.12
CA GLY A 130 -16.55 3.67 8.54
C GLY A 130 -16.89 4.83 7.63
N HIS A 131 -16.11 5.00 6.58
CA HIS A 131 -16.30 6.10 5.64
C HIS A 131 -17.57 5.89 4.81
N HIS A 132 -17.95 4.64 4.64
CA HIS A 132 -19.14 4.30 3.88
C HIS A 132 -20.34 4.13 4.80
N HIS A 133 -20.06 3.68 6.02
CA HIS A 133 -21.10 3.49 7.02
C HIS A 133 -20.68 4.09 8.35
N HIS A 134 -21.04 5.35 8.55
CA HIS A 134 -20.78 6.01 9.83
C HIS A 134 -21.81 5.55 10.84
N HIS A 135 -23.05 5.87 10.57
CA HIS A 135 -24.16 5.46 11.41
C HIS A 135 -24.71 4.14 10.89
N HIS A 136 -24.80 3.15 11.76
CA HIS A 136 -25.32 1.84 11.40
C HIS A 136 -26.34 1.38 12.43
N MET A 1 -1.10 -10.26 -15.61
CA MET A 1 -1.09 -10.55 -17.06
C MET A 1 -1.65 -11.95 -17.29
N SER A 2 -1.60 -12.42 -18.52
CA SER A 2 -2.05 -13.78 -18.82
C SER A 2 -0.96 -14.79 -18.47
N LEU A 3 0.27 -14.47 -18.86
CA LEU A 3 1.40 -15.35 -18.64
C LEU A 3 2.22 -14.90 -17.43
N ALA A 4 1.67 -13.96 -16.67
CA ALA A 4 2.36 -13.41 -15.52
C ALA A 4 1.37 -12.98 -14.46
N THR A 5 1.76 -13.09 -13.19
CA THR A 5 0.90 -12.72 -12.09
C THR A 5 1.49 -11.55 -11.32
N GLU A 6 1.03 -10.36 -11.63
CA GLU A 6 1.48 -9.16 -10.94
C GLU A 6 0.77 -9.01 -9.59
N GLY A 7 -0.40 -8.40 -9.62
CA GLY A 7 -1.10 -8.09 -8.38
C GLY A 7 -1.93 -9.24 -7.84
N ASN A 8 -1.27 -10.32 -7.45
CA ASN A 8 -1.94 -11.46 -6.88
C ASN A 8 -1.10 -12.18 -5.84
N GLY A 9 -1.67 -12.29 -4.65
CA GLY A 9 -1.16 -13.17 -3.61
C GLY A 9 0.27 -12.90 -3.18
N LYS A 10 0.68 -11.64 -3.11
CA LYS A 10 2.03 -11.33 -2.65
C LYS A 10 2.25 -9.85 -2.39
N VAL A 11 3.42 -9.58 -1.84
CA VAL A 11 3.91 -8.23 -1.65
C VAL A 11 4.92 -7.89 -2.75
N ILE A 12 4.53 -6.99 -3.64
CA ILE A 12 5.35 -6.66 -4.79
C ILE A 12 6.40 -5.61 -4.43
N HIS A 13 7.64 -6.06 -4.26
CA HIS A 13 8.74 -5.15 -4.00
C HIS A 13 9.11 -4.44 -5.30
N LEU A 14 8.87 -3.14 -5.39
CA LEU A 14 9.15 -2.43 -6.62
C LEU A 14 9.74 -1.06 -6.35
N THR A 15 10.43 -0.53 -7.34
CA THR A 15 11.06 0.78 -7.24
C THR A 15 10.05 1.88 -7.53
N LYS A 16 10.42 3.11 -7.19
CA LYS A 16 9.58 4.27 -7.45
C LYS A 16 9.21 4.38 -8.92
N ALA A 17 10.13 3.98 -9.80
CA ALA A 17 9.86 4.02 -11.24
C ALA A 17 8.79 3.00 -11.62
N GLU A 18 8.82 1.86 -10.94
CA GLU A 18 7.83 0.82 -11.16
C GLU A 18 6.50 1.25 -10.55
N PHE A 19 6.55 1.96 -9.43
CA PHE A 19 5.34 2.50 -8.80
C PHE A 19 4.71 3.49 -9.75
N LEU A 20 5.56 4.36 -10.24
CA LEU A 20 5.22 5.41 -11.14
C LEU A 20 4.33 4.93 -12.28
N ALA A 21 4.86 4.00 -13.08
CA ALA A 21 4.21 3.59 -14.32
C ALA A 21 3.07 2.61 -14.08
N LYS A 22 3.14 1.88 -12.98
CA LYS A 22 2.17 0.83 -12.71
C LYS A 22 1.01 1.34 -11.87
N VAL A 23 1.30 2.21 -10.91
CA VAL A 23 0.33 2.56 -9.88
C VAL A 23 -0.03 4.06 -9.87
N TYR A 24 0.94 4.94 -10.07
CA TYR A 24 0.73 6.36 -9.76
C TYR A 24 1.85 7.23 -10.34
N ASN A 25 1.47 8.12 -11.24
CA ASN A 25 2.44 9.01 -11.89
C ASN A 25 2.70 10.24 -11.02
N PHE A 26 3.70 10.18 -10.16
CA PHE A 26 4.01 11.28 -9.24
C PHE A 26 4.93 12.33 -9.88
N GLU A 27 5.00 12.32 -11.21
CA GLU A 27 5.78 13.32 -11.92
C GLU A 27 4.82 14.35 -12.49
N LYS A 28 3.87 13.86 -13.25
CA LYS A 28 2.88 14.71 -13.91
C LYS A 28 1.66 14.88 -13.03
N ASN A 29 1.48 13.97 -12.08
CA ASN A 29 0.34 14.05 -11.16
C ASN A 29 0.82 14.17 -9.71
N PRO A 30 1.48 15.29 -9.39
CA PRO A 30 1.86 15.61 -8.01
C PRO A 30 0.65 15.79 -7.10
N GLU A 31 -0.34 16.53 -7.58
CA GLU A 31 -1.54 16.78 -6.81
C GLU A 31 -2.72 15.97 -7.33
N GLU A 32 -2.55 15.40 -8.51
CA GLU A 32 -3.60 14.59 -9.09
C GLU A 32 -3.41 13.15 -8.66
N TRP A 33 -4.46 12.54 -8.18
CA TRP A 33 -4.37 11.17 -7.74
C TRP A 33 -4.78 10.22 -8.85
N LYS A 34 -3.79 9.84 -9.66
CA LYS A 34 -3.99 8.85 -10.68
C LYS A 34 -3.54 7.50 -10.18
N TYR A 35 -4.50 6.64 -9.86
CA TYR A 35 -4.20 5.33 -9.36
C TYR A 35 -4.52 4.27 -10.40
N GLU A 36 -3.53 3.47 -10.72
CA GLU A 36 -3.69 2.42 -11.71
C GLU A 36 -3.44 1.06 -11.07
N GLY A 37 -4.35 0.12 -11.32
CA GLY A 37 -4.20 -1.21 -10.77
C GLY A 37 -5.48 -2.02 -10.91
N ASP A 38 -5.37 -3.33 -10.79
CA ASP A 38 -6.52 -4.23 -10.93
C ASP A 38 -7.09 -4.59 -9.57
N LYS A 39 -6.32 -4.33 -8.52
CA LYS A 39 -6.74 -4.68 -7.16
C LYS A 39 -6.65 -3.47 -6.25
N PRO A 40 -7.35 -3.54 -5.10
CA PRO A 40 -7.14 -2.59 -4.00
C PRO A 40 -5.74 -2.77 -3.41
N ALA A 41 -5.03 -1.68 -3.22
CA ALA A 41 -3.60 -1.75 -2.90
C ALA A 41 -3.30 -1.40 -1.46
N ILE A 42 -2.40 -2.18 -0.88
CA ILE A 42 -1.76 -1.83 0.38
C ILE A 42 -0.29 -1.58 0.10
N VAL A 43 0.13 -0.34 0.25
CA VAL A 43 1.52 0.01 -0.04
C VAL A 43 2.32 0.06 1.24
N ASP A 44 3.23 -0.88 1.37
CA ASP A 44 4.10 -0.98 2.53
C ASP A 44 5.39 -0.20 2.29
N PHE A 45 5.53 0.91 2.99
CA PHE A 45 6.76 1.69 2.93
C PHE A 45 7.65 1.25 4.09
N TYR A 46 8.75 0.61 3.77
CA TYR A 46 9.60 0.05 4.80
C TYR A 46 11.06 0.41 4.53
N ALA A 47 11.86 0.17 5.54
CA ALA A 47 13.30 0.28 5.47
C ALA A 47 13.90 -0.87 6.25
N ASP A 48 14.77 -1.64 5.61
CA ASP A 48 15.32 -2.84 6.23
C ASP A 48 16.00 -2.55 7.56
N TRP A 49 16.72 -1.45 7.62
CA TRP A 49 17.45 -1.07 8.84
C TRP A 49 16.50 -0.70 9.98
N CYS A 50 15.22 -0.59 9.68
CA CYS A 50 14.23 -0.21 10.67
C CYS A 50 13.52 -1.45 11.22
N GLY A 51 13.53 -1.56 12.54
CA GLY A 51 12.91 -2.69 13.22
C GLY A 51 11.45 -2.87 12.86
N PRO A 52 10.58 -1.89 13.17
CA PRO A 52 9.16 -1.93 12.80
C PRO A 52 8.92 -2.33 11.34
N CYS A 53 9.74 -1.80 10.45
CA CYS A 53 9.61 -2.06 9.03
C CYS A 53 9.89 -3.51 8.67
N LYS A 54 10.95 -4.09 9.24
CA LYS A 54 11.29 -5.47 8.96
C LYS A 54 10.30 -6.39 9.70
N MET A 55 9.77 -5.87 10.80
CA MET A 55 8.81 -6.60 11.62
C MET A 55 7.54 -6.92 10.84
N VAL A 56 7.05 -5.94 10.08
CA VAL A 56 5.78 -6.11 9.38
C VAL A 56 5.96 -6.81 8.03
N ALA A 57 7.18 -6.78 7.51
CA ALA A 57 7.50 -7.44 6.24
C ALA A 57 6.84 -8.82 6.08
N PRO A 58 7.01 -9.76 7.06
CA PRO A 58 6.39 -11.08 6.97
C PRO A 58 4.87 -11.03 7.12
N ILE A 59 4.40 -10.19 8.04
CA ILE A 59 2.96 -10.01 8.26
C ILE A 59 2.29 -9.48 7.00
N LEU A 60 2.95 -8.53 6.36
CA LEU A 60 2.50 -7.97 5.10
C LEU A 60 2.33 -9.05 4.03
N ASP A 61 3.28 -9.98 3.97
CA ASP A 61 3.17 -11.11 3.05
C ASP A 61 1.95 -11.96 3.39
N GLU A 62 1.76 -12.20 4.68
CA GLU A 62 0.68 -13.04 5.17
C GLU A 62 -0.67 -12.58 4.63
N LEU A 63 -1.01 -11.32 4.88
CA LEU A 63 -2.33 -10.80 4.49
C LEU A 63 -2.46 -10.74 2.97
N ALA A 64 -1.35 -10.49 2.29
CA ALA A 64 -1.34 -10.39 0.84
C ALA A 64 -1.83 -11.68 0.19
N LYS A 65 -1.16 -12.78 0.49
CA LYS A 65 -1.52 -14.07 -0.09
C LYS A 65 -2.77 -14.68 0.57
N GLU A 66 -3.04 -14.30 1.81
CA GLU A 66 -4.24 -14.77 2.51
C GLU A 66 -5.50 -14.18 1.89
N TYR A 67 -5.49 -12.88 1.66
CA TYR A 67 -6.66 -12.19 1.17
C TYR A 67 -6.54 -11.90 -0.32
N ASP A 68 -5.74 -12.70 -1.02
CA ASP A 68 -5.56 -12.51 -2.46
C ASP A 68 -6.89 -12.53 -3.20
N GLY A 69 -6.98 -11.69 -4.22
CA GLY A 69 -8.21 -11.59 -4.98
C GLY A 69 -8.97 -10.34 -4.63
N GLN A 70 -8.96 -9.97 -3.35
CA GLN A 70 -9.67 -8.79 -2.90
C GLN A 70 -8.71 -7.68 -2.50
N ILE A 71 -7.43 -8.02 -2.36
CA ILE A 71 -6.40 -7.02 -2.11
C ILE A 71 -5.07 -7.41 -2.77
N VAL A 72 -4.15 -6.46 -2.82
CA VAL A 72 -2.80 -6.72 -3.28
C VAL A 72 -1.84 -5.83 -2.48
N ILE A 73 -0.64 -6.32 -2.18
CA ILE A 73 0.26 -5.51 -1.37
C ILE A 73 1.57 -5.23 -2.11
N TYR A 74 2.05 -4.01 -1.98
CA TYR A 74 3.31 -3.62 -2.59
C TYR A 74 4.31 -3.27 -1.51
N LYS A 75 5.58 -3.24 -1.87
CA LYS A 75 6.64 -2.85 -0.95
C LYS A 75 7.60 -1.90 -1.61
N VAL A 76 7.90 -0.82 -0.90
CA VAL A 76 8.76 0.22 -1.42
C VAL A 76 9.84 0.59 -0.41
N ASP A 77 11.06 0.76 -0.88
CA ASP A 77 12.17 1.13 0.00
C ASP A 77 12.26 2.65 0.04
N THR A 78 11.66 3.24 1.06
CA THR A 78 11.46 4.67 1.11
C THR A 78 12.78 5.46 1.06
N GLU A 79 13.87 4.84 1.50
CA GLU A 79 15.19 5.46 1.42
C GLU A 79 15.52 5.88 -0.01
N LYS A 80 15.16 5.04 -0.98
CA LYS A 80 15.43 5.35 -2.38
C LYS A 80 14.17 5.91 -3.04
N GLU A 81 13.03 5.60 -2.44
CA GLU A 81 11.76 6.11 -2.87
C GLU A 81 11.43 7.42 -2.14
N GLN A 82 12.45 8.24 -1.89
CA GLN A 82 12.26 9.50 -1.16
C GLN A 82 11.39 10.47 -1.94
N GLU A 83 11.62 10.56 -3.24
CA GLU A 83 10.81 11.41 -4.10
C GLU A 83 9.37 10.91 -4.13
N LEU A 84 9.22 9.60 -4.08
CA LEU A 84 7.92 8.97 -4.03
C LEU A 84 7.21 9.36 -2.73
N ALA A 85 7.93 9.25 -1.62
CA ALA A 85 7.40 9.67 -0.32
C ALA A 85 7.05 11.16 -0.32
N GLY A 86 7.93 11.96 -0.92
CA GLY A 86 7.71 13.40 -0.98
C GLY A 86 6.45 13.77 -1.74
N ALA A 87 6.09 12.95 -2.72
CA ALA A 87 4.88 13.19 -3.50
C ALA A 87 3.63 13.09 -2.62
N PHE A 88 3.61 12.10 -1.73
CA PHE A 88 2.48 11.92 -0.82
C PHE A 88 2.61 12.84 0.39
N GLY A 89 3.84 13.27 0.67
CA GLY A 89 4.10 14.08 1.84
C GLY A 89 4.46 13.22 3.03
N ILE A 90 5.10 12.09 2.76
CA ILE A 90 5.44 11.14 3.80
C ILE A 90 6.77 11.52 4.46
N ARG A 91 6.95 11.08 5.70
CA ARG A 91 8.22 11.21 6.37
C ARG A 91 9.24 10.27 5.72
N SER A 92 9.18 9.01 6.12
CA SER A 92 9.97 7.94 5.52
C SER A 92 9.31 6.61 5.84
N ILE A 93 9.56 6.10 7.02
CA ILE A 93 9.11 4.77 7.42
C ILE A 93 8.86 4.69 8.92
N PRO A 94 7.92 3.85 9.37
CA PRO A 94 7.04 3.05 8.51
C PRO A 94 5.83 3.83 8.01
N SER A 95 5.36 3.48 6.82
CA SER A 95 4.15 4.08 6.28
C SER A 95 3.34 3.02 5.56
N ILE A 96 2.05 2.94 5.85
CA ILE A 96 1.19 1.95 5.22
C ILE A 96 0.07 2.68 4.49
N LEU A 97 0.06 2.60 3.17
CA LEU A 97 -0.90 3.32 2.36
C LEU A 97 -2.01 2.39 1.88
N PHE A 98 -3.23 2.65 2.34
CA PHE A 98 -4.39 1.85 1.94
C PHE A 98 -5.14 2.54 0.81
N ILE A 99 -5.00 2.00 -0.38
CA ILE A 99 -5.57 2.62 -1.56
C ILE A 99 -6.82 1.89 -2.05
N PRO A 100 -7.99 2.55 -1.96
CA PRO A 100 -9.22 2.03 -2.52
C PRO A 100 -9.31 2.31 -4.03
N MET A 101 -10.08 1.50 -4.74
CA MET A 101 -10.23 1.67 -6.18
C MET A 101 -11.26 2.75 -6.50
N GLU A 102 -11.74 3.38 -5.45
CA GLU A 102 -12.68 4.48 -5.53
C GLU A 102 -12.50 5.40 -4.34
N GLY A 103 -12.11 6.63 -4.61
CA GLY A 103 -11.86 7.58 -3.54
C GLY A 103 -10.40 7.95 -3.43
N LYS A 104 -9.95 8.21 -2.21
CA LYS A 104 -8.55 8.58 -1.98
C LYS A 104 -7.97 7.70 -0.88
N PRO A 105 -6.65 7.47 -0.91
CA PRO A 105 -5.99 6.51 0.00
C PRO A 105 -5.75 7.05 1.41
N GLU A 106 -5.80 6.16 2.38
CA GLU A 106 -5.50 6.49 3.76
C GLU A 106 -4.12 5.98 4.12
N MET A 107 -3.59 6.41 5.27
CA MET A 107 -2.25 6.01 5.67
C MET A 107 -2.15 5.76 7.17
N ALA A 108 -1.60 4.60 7.51
CA ALA A 108 -1.32 4.27 8.90
C ALA A 108 0.18 4.06 9.07
N GLN A 109 0.79 4.74 10.02
CA GLN A 109 2.23 4.66 10.19
C GLN A 109 2.62 3.70 11.31
N GLY A 110 3.64 2.89 11.06
CA GLY A 110 4.21 2.06 12.10
C GLY A 110 3.88 0.59 11.99
N ALA A 111 4.51 -0.18 12.86
CA ALA A 111 4.38 -1.64 12.85
C ALA A 111 3.27 -2.10 13.76
N MET A 112 2.07 -2.14 13.23
CA MET A 112 0.94 -2.74 13.92
C MET A 112 0.89 -4.25 13.61
N PRO A 113 0.23 -5.04 14.47
CA PRO A 113 0.25 -6.50 14.35
C PRO A 113 -0.64 -7.01 13.21
N LYS A 114 -0.64 -8.32 13.02
CA LYS A 114 -1.49 -8.96 12.02
C LYS A 114 -2.96 -8.68 12.31
N ALA A 115 -3.27 -8.50 13.58
CA ALA A 115 -4.62 -8.20 14.02
C ALA A 115 -5.04 -6.78 13.61
N SER A 116 -4.23 -5.78 13.95
CA SER A 116 -4.56 -4.41 13.61
C SER A 116 -4.49 -4.20 12.10
N PHE A 117 -3.59 -4.92 11.44
CA PHE A 117 -3.51 -4.88 9.98
C PHE A 117 -4.80 -5.41 9.37
N LYS A 118 -5.27 -6.54 9.88
CA LYS A 118 -6.52 -7.12 9.39
C LYS A 118 -7.66 -6.12 9.51
N LYS A 119 -7.72 -5.44 10.65
CA LYS A 119 -8.76 -4.45 10.89
C LYS A 119 -8.64 -3.30 9.89
N ALA A 120 -7.44 -2.74 9.77
CA ALA A 120 -7.22 -1.62 8.87
C ALA A 120 -7.54 -1.99 7.42
N ILE A 121 -7.25 -3.24 7.06
CA ILE A 121 -7.54 -3.73 5.71
C ILE A 121 -9.04 -3.97 5.53
N ASP A 122 -9.62 -4.77 6.40
CA ASP A 122 -11.01 -5.19 6.24
C ASP A 122 -11.96 -4.02 6.47
N GLU A 123 -11.90 -3.42 7.66
CA GLU A 123 -12.89 -2.43 8.09
C GLU A 123 -13.00 -1.23 7.14
N PHE A 124 -11.96 -0.96 6.37
CA PHE A 124 -11.97 0.18 5.47
C PHE A 124 -11.90 -0.23 3.99
N LEU A 125 -10.96 -1.11 3.67
CA LEU A 125 -10.70 -1.44 2.27
C LEU A 125 -11.59 -2.57 1.77
N LEU A 126 -11.83 -3.56 2.63
CA LEU A 126 -12.69 -4.68 2.25
C LEU A 126 -14.14 -4.31 2.45
N LYS A 127 -14.46 -3.85 3.65
CA LYS A 127 -15.72 -3.20 3.90
C LYS A 127 -15.58 -1.77 3.41
N LYS A 128 -15.74 -1.58 2.12
CA LYS A 128 -15.34 -0.33 1.48
C LYS A 128 -16.16 0.86 1.96
N GLU A 129 -15.73 1.39 3.09
CA GLU A 129 -16.16 2.70 3.53
C GLU A 129 -15.92 3.69 2.39
N GLY A 130 -16.89 4.54 2.11
CA GLY A 130 -16.81 5.40 0.94
C GLY A 130 -16.08 6.69 1.21
N HIS A 131 -15.13 6.63 2.14
CA HIS A 131 -14.37 7.80 2.57
C HIS A 131 -15.34 8.89 3.00
N HIS A 132 -16.21 8.51 3.95
CA HIS A 132 -17.35 9.30 4.44
C HIS A 132 -17.27 10.79 4.13
N HIS A 133 -18.18 11.22 3.27
CA HIS A 133 -18.28 12.62 2.87
C HIS A 133 -19.09 13.37 3.91
N HIS A 134 -18.79 14.64 4.11
CA HIS A 134 -19.51 15.45 5.09
C HIS A 134 -20.91 15.78 4.56
N HIS A 135 -20.97 16.17 3.29
CA HIS A 135 -22.23 16.47 2.64
C HIS A 135 -22.19 15.95 1.21
N HIS A 136 -21.12 16.29 0.51
CA HIS A 136 -20.84 15.74 -0.82
C HIS A 136 -19.36 15.87 -1.09
N MET A 1 -0.19 -8.62 -21.45
CA MET A 1 -0.23 -8.70 -19.97
C MET A 1 -1.44 -9.51 -19.52
N SER A 2 -1.61 -9.60 -18.22
CA SER A 2 -2.77 -10.26 -17.64
C SER A 2 -3.50 -9.28 -16.72
N LEU A 3 -4.81 -9.46 -16.57
CA LEU A 3 -5.62 -8.51 -15.80
C LEU A 3 -5.57 -8.82 -14.31
N ALA A 4 -4.91 -9.91 -13.94
CA ALA A 4 -4.72 -10.27 -12.54
C ALA A 4 -3.43 -9.63 -12.00
N THR A 5 -3.14 -8.42 -12.51
CA THR A 5 -1.90 -7.70 -12.20
C THR A 5 -0.67 -8.60 -12.35
N GLU A 6 -0.19 -9.14 -11.22
CA GLU A 6 0.98 -10.01 -11.22
C GLU A 6 1.25 -10.55 -9.82
N GLY A 7 1.74 -9.68 -8.95
CA GLY A 7 2.12 -10.08 -7.61
C GLY A 7 0.95 -10.15 -6.66
N ASN A 8 -0.17 -10.71 -7.12
CA ASN A 8 -1.34 -10.86 -6.27
C ASN A 8 -1.11 -12.02 -5.32
N GLY A 9 -1.33 -11.78 -4.03
CA GLY A 9 -1.18 -12.84 -3.05
C GLY A 9 0.15 -12.81 -2.36
N LYS A 10 0.82 -11.66 -2.42
CA LYS A 10 2.11 -11.50 -1.78
C LYS A 10 2.41 -10.01 -1.60
N VAL A 11 3.51 -9.71 -0.89
CA VAL A 11 3.97 -8.34 -0.74
C VAL A 11 5.31 -8.15 -1.47
N ILE A 12 5.29 -7.35 -2.51
CA ILE A 12 6.47 -7.13 -3.33
C ILE A 12 7.02 -5.72 -3.13
N HIS A 13 8.33 -5.61 -2.90
CA HIS A 13 8.94 -4.30 -2.81
C HIS A 13 9.33 -3.83 -4.22
N LEU A 14 8.72 -2.74 -4.64
CA LEU A 14 8.93 -2.24 -5.98
C LEU A 14 9.72 -0.93 -5.97
N THR A 15 9.97 -0.41 -7.14
CA THR A 15 10.66 0.86 -7.28
C THR A 15 9.64 1.97 -7.56
N LYS A 16 10.06 3.23 -7.39
CA LYS A 16 9.19 4.36 -7.70
C LYS A 16 8.82 4.36 -9.18
N ALA A 17 9.69 3.78 -10.00
CA ALA A 17 9.41 3.61 -11.42
C ALA A 17 8.18 2.72 -11.62
N GLU A 18 8.08 1.67 -10.81
CA GLU A 18 6.94 0.76 -10.86
C GLU A 18 5.71 1.44 -10.29
N PHE A 19 5.92 2.22 -9.25
CA PHE A 19 4.86 3.00 -8.64
C PHE A 19 4.21 3.86 -9.69
N LEU A 20 5.06 4.60 -10.35
CA LEU A 20 4.65 5.52 -11.37
C LEU A 20 3.72 4.87 -12.40
N ALA A 21 4.23 3.83 -13.07
CA ALA A 21 3.53 3.25 -14.22
C ALA A 21 2.40 2.31 -13.81
N LYS A 22 2.60 1.57 -12.72
CA LYS A 22 1.68 0.51 -12.36
C LYS A 22 0.76 0.92 -11.21
N VAL A 23 0.97 2.11 -10.65
CA VAL A 23 0.17 2.57 -9.52
C VAL A 23 -0.33 4.00 -9.70
N TYR A 24 0.58 4.94 -10.00
CA TYR A 24 0.25 6.37 -9.93
C TYR A 24 1.46 7.21 -10.34
N ASN A 25 1.24 8.16 -11.23
CA ASN A 25 2.31 9.04 -11.69
C ASN A 25 2.39 10.29 -10.82
N PHE A 26 3.59 10.69 -10.45
CA PHE A 26 3.80 11.93 -9.70
C PHE A 26 4.78 12.85 -10.43
N GLU A 27 4.92 12.61 -11.72
CA GLU A 27 5.79 13.43 -12.55
C GLU A 27 4.95 14.37 -13.42
N LYS A 28 4.02 13.75 -14.15
CA LYS A 28 3.09 14.47 -14.99
C LYS A 28 1.77 14.65 -14.24
N ASN A 29 1.63 13.93 -13.12
CA ASN A 29 0.46 14.08 -12.23
C ASN A 29 0.89 14.58 -10.84
N PRO A 30 1.47 15.78 -10.77
CA PRO A 30 1.82 16.40 -9.50
C PRO A 30 0.59 16.70 -8.65
N GLU A 31 -0.47 17.22 -9.28
CA GLU A 31 -1.65 17.63 -8.56
C GLU A 31 -2.77 16.58 -8.67
N GLU A 32 -2.77 15.81 -9.74
CA GLU A 32 -3.82 14.82 -9.95
C GLU A 32 -3.39 13.47 -9.39
N TRP A 33 -4.25 12.89 -8.57
CA TRP A 33 -4.04 11.54 -8.10
C TRP A 33 -4.75 10.58 -9.04
N LYS A 34 -4.02 10.08 -10.01
CA LYS A 34 -4.55 9.10 -10.93
C LYS A 34 -3.98 7.72 -10.60
N TYR A 35 -4.73 6.94 -9.84
CA TYR A 35 -4.35 5.57 -9.54
C TYR A 35 -4.68 4.69 -10.73
N GLU A 36 -3.65 4.31 -11.46
CA GLU A 36 -3.80 3.41 -12.60
C GLU A 36 -3.42 2.00 -12.18
N GLY A 37 -4.38 1.30 -11.60
CA GLY A 37 -4.09 -0.03 -11.08
C GLY A 37 -5.09 -1.06 -11.54
N ASP A 38 -5.40 -1.98 -10.66
CA ASP A 38 -6.25 -3.12 -11.00
C ASP A 38 -7.06 -3.54 -9.78
N LYS A 39 -6.37 -4.00 -8.76
CA LYS A 39 -7.03 -4.45 -7.54
C LYS A 39 -6.54 -3.62 -6.35
N PRO A 40 -7.30 -3.60 -5.23
CA PRO A 40 -6.93 -2.86 -4.02
C PRO A 40 -5.47 -3.08 -3.64
N ALA A 41 -4.76 -2.00 -3.37
CA ALA A 41 -3.33 -2.06 -3.16
C ALA A 41 -2.95 -1.51 -1.79
N ILE A 42 -2.01 -2.18 -1.15
CA ILE A 42 -1.49 -1.76 0.13
C ILE A 42 0.00 -1.46 -0.01
N VAL A 43 0.37 -0.20 0.17
CA VAL A 43 1.77 0.20 -0.02
C VAL A 43 2.47 0.37 1.32
N ASP A 44 3.44 -0.51 1.58
CA ASP A 44 4.25 -0.43 2.78
C ASP A 44 5.52 0.36 2.53
N PHE A 45 5.63 1.52 3.15
CA PHE A 45 6.84 2.30 3.09
C PHE A 45 7.76 1.85 4.22
N TYR A 46 8.85 1.19 3.88
CA TYR A 46 9.73 0.63 4.88
C TYR A 46 11.17 0.98 4.60
N ALA A 47 12.00 0.81 5.61
CA ALA A 47 13.44 0.90 5.44
C ALA A 47 14.03 -0.45 5.76
N ASP A 48 14.98 -0.89 4.96
CA ASP A 48 15.54 -2.23 5.10
C ASP A 48 16.23 -2.43 6.44
N TRP A 49 16.78 -1.35 7.00
CA TRP A 49 17.45 -1.43 8.29
C TRP A 49 16.46 -1.28 9.44
N CYS A 50 15.21 -0.97 9.11
CA CYS A 50 14.20 -0.70 10.12
C CYS A 50 13.57 -2.01 10.62
N GLY A 51 13.93 -2.38 11.85
CA GLY A 51 13.38 -3.57 12.48
C GLY A 51 11.85 -3.60 12.51
N PRO A 52 11.19 -2.52 12.99
CA PRO A 52 9.73 -2.42 12.97
C PRO A 52 9.11 -2.81 11.64
N CYS A 53 9.64 -2.27 10.54
CA CYS A 53 9.09 -2.54 9.22
C CYS A 53 9.28 -4.01 8.83
N LYS A 54 10.38 -4.60 9.29
CA LYS A 54 10.63 -6.02 9.08
C LYS A 54 9.52 -6.89 9.65
N MET A 55 8.86 -6.40 10.72
CA MET A 55 7.79 -7.17 11.36
C MET A 55 6.57 -7.29 10.45
N VAL A 56 6.25 -6.21 9.74
CA VAL A 56 5.02 -6.16 8.97
C VAL A 56 5.14 -6.93 7.65
N ALA A 57 6.36 -7.06 7.13
CA ALA A 57 6.60 -7.80 5.89
C ALA A 57 5.99 -9.22 5.92
N PRO A 58 6.30 -10.08 6.93
CA PRO A 58 5.69 -11.41 7.03
C PRO A 58 4.17 -11.34 7.19
N ILE A 59 3.70 -10.43 8.04
CA ILE A 59 2.28 -10.22 8.27
C ILE A 59 1.59 -9.85 6.95
N LEU A 60 2.16 -8.88 6.27
CA LEU A 60 1.65 -8.41 5.00
C LEU A 60 1.68 -9.51 3.95
N ASP A 61 2.74 -10.30 3.93
CA ASP A 61 2.86 -11.41 3.00
C ASP A 61 1.79 -12.47 3.27
N GLU A 62 1.63 -12.80 4.55
CA GLU A 62 0.69 -13.83 4.97
C GLU A 62 -0.75 -13.44 4.62
N LEU A 63 -1.14 -12.24 4.99
CA LEU A 63 -2.50 -11.77 4.75
C LEU A 63 -2.74 -11.56 3.26
N ALA A 64 -1.71 -11.16 2.54
CA ALA A 64 -1.82 -11.02 1.10
C ALA A 64 -2.11 -12.37 0.48
N LYS A 65 -1.54 -13.41 1.07
CA LYS A 65 -1.79 -14.76 0.62
C LYS A 65 -3.19 -15.21 1.01
N GLU A 66 -3.63 -14.82 2.20
CA GLU A 66 -4.98 -15.13 2.66
C GLU A 66 -6.01 -14.47 1.74
N TYR A 67 -5.81 -13.19 1.46
CA TYR A 67 -6.70 -12.43 0.61
C TYR A 67 -6.25 -12.50 -0.85
N ASP A 68 -5.54 -13.56 -1.19
CA ASP A 68 -5.08 -13.78 -2.56
C ASP A 68 -6.26 -13.77 -3.52
N GLY A 69 -6.06 -13.17 -4.68
CA GLY A 69 -7.12 -13.08 -5.68
C GLY A 69 -7.83 -11.75 -5.67
N GLN A 70 -7.84 -11.05 -4.52
CA GLN A 70 -8.56 -9.80 -4.43
C GLN A 70 -7.63 -8.60 -4.17
N ILE A 71 -6.67 -8.73 -3.26
CA ILE A 71 -5.81 -7.60 -2.93
C ILE A 71 -4.35 -7.89 -3.27
N VAL A 72 -3.62 -6.84 -3.60
CA VAL A 72 -2.19 -6.94 -3.88
C VAL A 72 -1.43 -6.03 -2.92
N ILE A 73 -0.44 -6.57 -2.22
CA ILE A 73 0.30 -5.77 -1.26
C ILE A 73 1.70 -5.51 -1.76
N TYR A 74 2.13 -4.27 -1.66
CA TYR A 74 3.47 -3.87 -2.05
C TYR A 74 4.19 -3.26 -0.87
N LYS A 75 5.47 -3.03 -1.08
CA LYS A 75 6.27 -2.25 -0.19
C LYS A 75 7.30 -1.51 -1.03
N VAL A 76 7.84 -0.44 -0.51
CA VAL A 76 8.74 0.37 -1.30
C VAL A 76 9.91 0.85 -0.46
N ASP A 77 11.09 0.92 -1.08
CA ASP A 77 12.30 1.25 -0.35
C ASP A 77 12.40 2.75 -0.23
N THR A 78 11.86 3.28 0.85
CA THR A 78 11.74 4.70 1.08
C THR A 78 13.10 5.41 1.04
N GLU A 79 14.16 4.66 1.33
CA GLU A 79 15.51 5.19 1.26
C GLU A 79 15.82 5.73 -0.14
N LYS A 80 15.39 5.01 -1.16
CA LYS A 80 15.64 5.42 -2.54
C LYS A 80 14.38 6.08 -3.13
N GLU A 81 13.23 5.75 -2.55
CA GLU A 81 11.96 6.32 -2.92
C GLU A 81 11.67 7.59 -2.12
N GLN A 82 12.69 8.43 -1.95
CA GLN A 82 12.54 9.66 -1.16
C GLN A 82 11.59 10.65 -1.82
N GLU A 83 11.63 10.74 -3.15
CA GLU A 83 10.73 11.64 -3.86
C GLU A 83 9.29 11.16 -3.70
N LEU A 84 9.14 9.85 -3.73
CA LEU A 84 7.84 9.22 -3.58
C LEU A 84 7.27 9.47 -2.17
N ALA A 85 8.07 9.21 -1.16
CA ALA A 85 7.65 9.44 0.22
C ALA A 85 7.44 10.92 0.49
N GLY A 86 8.33 11.74 -0.08
CA GLY A 86 8.26 13.18 0.11
C GLY A 86 7.00 13.78 -0.45
N ALA A 87 6.43 13.14 -1.46
CA ALA A 87 5.18 13.61 -2.05
C ALA A 87 4.06 13.60 -1.02
N PHE A 88 4.11 12.64 -0.10
CA PHE A 88 3.11 12.52 0.95
C PHE A 88 3.55 13.28 2.21
N GLY A 89 4.75 13.82 2.16
CA GLY A 89 5.30 14.52 3.32
C GLY A 89 5.96 13.56 4.29
N ILE A 90 6.18 12.34 3.85
CA ILE A 90 6.76 11.31 4.69
C ILE A 90 8.28 11.42 4.70
N ARG A 91 8.84 11.65 5.88
CA ARG A 91 10.30 11.70 6.04
C ARG A 91 10.93 10.38 5.62
N SER A 92 10.51 9.30 6.25
CA SER A 92 11.03 8.00 5.95
C SER A 92 9.98 6.92 6.22
N ILE A 93 10.07 6.28 7.39
CA ILE A 93 9.26 5.12 7.68
C ILE A 93 8.89 5.05 9.16
N PRO A 94 7.87 4.25 9.54
CA PRO A 94 7.04 3.48 8.61
C PRO A 94 5.81 4.27 8.13
N SER A 95 5.36 3.97 6.93
CA SER A 95 4.13 4.55 6.41
C SER A 95 3.38 3.48 5.62
N ILE A 96 2.07 3.49 5.68
CA ILE A 96 1.27 2.48 4.99
C ILE A 96 0.11 3.14 4.24
N LEU A 97 0.12 3.01 2.94
CA LEU A 97 -0.89 3.63 2.10
C LEU A 97 -1.90 2.59 1.62
N PHE A 98 -3.15 2.75 2.04
CA PHE A 98 -4.21 1.84 1.65
C PHE A 98 -5.01 2.42 0.49
N ILE A 99 -4.85 1.84 -0.69
CA ILE A 99 -5.47 2.38 -1.89
C ILE A 99 -6.69 1.57 -2.32
N PRO A 100 -7.89 2.16 -2.23
CA PRO A 100 -9.12 1.54 -2.71
C PRO A 100 -9.32 1.78 -4.21
N MET A 101 -10.27 1.08 -4.81
CA MET A 101 -10.59 1.25 -6.23
C MET A 101 -11.52 2.45 -6.40
N GLU A 102 -12.26 2.74 -5.35
CA GLU A 102 -13.16 3.88 -5.31
C GLU A 102 -12.93 4.66 -4.03
N GLY A 103 -12.91 5.98 -4.14
CA GLY A 103 -12.54 6.81 -3.02
C GLY A 103 -11.03 7.03 -2.98
N LYS A 104 -10.58 8.04 -2.27
CA LYS A 104 -9.16 8.34 -2.22
C LYS A 104 -8.51 7.63 -1.03
N PRO A 105 -7.27 7.17 -1.21
CA PRO A 105 -6.57 6.29 -0.25
C PRO A 105 -6.37 6.92 1.13
N GLU A 106 -6.14 6.05 2.12
CA GLU A 106 -5.84 6.47 3.48
C GLU A 106 -4.45 6.00 3.87
N MET A 107 -3.95 6.50 4.99
CA MET A 107 -2.58 6.19 5.41
C MET A 107 -2.48 6.00 6.92
N ALA A 108 -1.90 4.88 7.31
CA ALA A 108 -1.57 4.60 8.70
C ALA A 108 -0.07 4.42 8.82
N GLN A 109 0.54 4.93 9.87
CA GLN A 109 1.99 4.88 9.99
C GLN A 109 2.45 4.01 11.15
N GLY A 110 3.53 3.28 10.90
CA GLY A 110 4.14 2.48 11.94
C GLY A 110 3.91 0.99 11.78
N ALA A 111 4.63 0.21 12.57
CA ALA A 111 4.57 -1.24 12.46
C ALA A 111 3.46 -1.81 13.32
N MET A 112 2.27 -1.84 12.75
CA MET A 112 1.12 -2.45 13.41
C MET A 112 1.16 -3.97 13.25
N PRO A 113 0.58 -4.71 14.20
CA PRO A 113 0.58 -6.18 14.17
C PRO A 113 -0.41 -6.72 13.14
N LYS A 114 -0.50 -8.05 13.07
CA LYS A 114 -1.42 -8.69 12.15
C LYS A 114 -2.87 -8.33 12.50
N ALA A 115 -3.14 -8.20 13.79
CA ALA A 115 -4.47 -7.86 14.26
C ALA A 115 -4.85 -6.41 13.93
N SER A 116 -3.89 -5.49 14.02
CA SER A 116 -4.17 -4.12 13.61
C SER A 116 -4.26 -4.02 12.09
N PHE A 117 -3.45 -4.81 11.39
CA PHE A 117 -3.51 -4.85 9.94
C PHE A 117 -4.86 -5.36 9.46
N LYS A 118 -5.28 -6.51 9.98
CA LYS A 118 -6.57 -7.09 9.61
C LYS A 118 -7.69 -6.10 9.89
N LYS A 119 -7.55 -5.36 10.98
CA LYS A 119 -8.51 -4.35 11.35
C LYS A 119 -8.68 -3.34 10.22
N ALA A 120 -7.56 -2.94 9.63
CA ALA A 120 -7.57 -2.03 8.50
C ALA A 120 -8.09 -2.72 7.24
N ILE A 121 -7.78 -4.01 7.10
CA ILE A 121 -8.19 -4.77 5.93
C ILE A 121 -9.70 -4.90 5.88
N ASP A 122 -10.29 -5.43 6.94
CA ASP A 122 -11.73 -5.62 7.01
C ASP A 122 -12.45 -4.27 7.03
N GLU A 123 -12.21 -3.52 8.11
CA GLU A 123 -12.94 -2.30 8.40
C GLU A 123 -12.84 -1.26 7.28
N PHE A 124 -11.70 -1.20 6.59
CA PHE A 124 -11.51 -0.19 5.56
C PHE A 124 -11.52 -0.77 4.15
N LEU A 125 -10.75 -1.83 3.92
CA LEU A 125 -10.53 -2.31 2.57
C LEU A 125 -11.68 -3.20 2.10
N LEU A 126 -12.32 -3.91 3.03
CA LEU A 126 -13.47 -4.73 2.69
C LEU A 126 -14.73 -3.89 2.75
N LYS A 127 -14.91 -3.20 3.86
CA LYS A 127 -15.98 -2.23 3.98
C LYS A 127 -15.42 -0.84 3.68
N LYS A 128 -15.49 -0.45 2.42
CA LYS A 128 -14.92 0.81 1.95
C LYS A 128 -15.34 2.00 2.82
N GLU A 129 -14.46 2.35 3.75
CA GLU A 129 -14.71 3.42 4.70
C GLU A 129 -13.72 4.56 4.45
N GLY A 130 -13.56 4.91 3.18
CA GLY A 130 -12.57 5.91 2.78
C GLY A 130 -12.77 7.26 3.45
N HIS A 131 -11.95 7.52 4.47
CA HIS A 131 -11.95 8.80 5.20
C HIS A 131 -13.32 9.08 5.83
N HIS A 132 -13.62 8.37 6.90
CA HIS A 132 -14.86 8.57 7.64
C HIS A 132 -14.62 8.35 9.13
N HIS A 133 -14.12 7.16 9.48
CA HIS A 133 -13.87 6.81 10.88
C HIS A 133 -13.11 5.49 10.97
N HIS A 134 -12.03 5.48 11.75
CA HIS A 134 -11.29 4.25 12.02
C HIS A 134 -10.88 4.17 13.48
N HIS A 135 -11.39 5.11 14.28
CA HIS A 135 -11.03 5.15 15.70
C HIS A 135 -12.24 4.83 16.56
N HIS A 136 -13.40 4.74 15.92
CA HIS A 136 -14.65 4.45 16.60
C HIS A 136 -15.76 4.41 15.55
#